data_8YCP
#
_entry.id   8YCP
#
_cell.length_a   1.00
_cell.length_b   1.00
_cell.length_c   1.00
_cell.angle_alpha   90.00
_cell.angle_beta   90.00
_cell.angle_gamma   90.00
#
_symmetry.space_group_name_H-M   'P 1'
#
loop_
_entity.id
_entity.type
_entity.pdbx_description
1 polymer 'Transient receptor potential cation channel subfamily V member 1'
2 non-polymer (1~{R},2~{S})-1-butyl-~{N}-(2,6-dimethylphenyl)-1-[5-[(2~{S})-2-[(2,6-dimethylphenyl)carbamoyl]piperidin-1-yl]pentyl]piperidin-1-ium-2-carboxamide
3 non-polymer '[(2~{R})-1-[2-azanylethoxy(oxidanyl)phosphoryl]oxy-3-hexadecanoyloxy-propan-2-yl] (~{Z})-octadec-9-enoate'
4 non-polymer 'SODIUM ION'
#
_entity_poly.entity_id   1
_entity_poly.type   'polypeptide(L)'
_entity_poly.pdbx_seq_one_letter_code
;MRLYDRRSIFEAVAQNNCQDLESLLLFLQKSKKHLTDNEFKDPETGKTCLLKAMLNLHDGQNTTIPLLLEIARQTDSLKE
LVNASYTDSYYKGQTALHIAIERRNMALVTLLVENGADVQAAAHGDFFKKTKGRPGFYFGELPLSLAACTNQLGIVKFLL
QNSWQTADISARDSVGNTVLHALVEVADNTADNTKFVTSMYNEILMLGAKLHPTLKLEELTNKKGMTPLALAAGTGKIGV
LAYILQREIQEPECRHLSRKFTEWAYGPVHSSLYDLSCIDTCEKNSVLEVIAYSSSETPNRHDMLLVEPLNRLLQDKWDR
FVKRIFYFNFLVYCLYMIIFTMAAYYRPVDGLPPFKMEKTGDYFRVTGEILSVLGGVYFFFRGIQYFLQRRPSMKTLFVD
SYSEMLFFLQSLFMLATVVLYFSHLKEYVASMVFSLALGWTNMLYYTRGFQQMGIYAVMIEKMILRDLCRFMFVYIVFLF
GFSTAVVTLIEDGKNDSLPSESTSHRWRGPACRPPDSSYNSLYSTCLELFKFTIGMGDLEFTENYDFKAVFIILLLAYVI
LTYILLLNMLIALMGETVNKIAQESKNIWKLQRAITILDTEKSFLKCMRKAFRSGKLLQVGYTPDGKDDYRWCFRVDEVN
WTTWNTNVGIINEDPG
;
_entity_poly.pdbx_strand_id   A,B,C,D
#
loop_
_chem_comp.id
_chem_comp.type
_chem_comp.name
_chem_comp.formula
6OU non-polymer '[(2~{R})-1-[2-azanylethoxy(oxidanyl)phosphoryl]oxy-3-hexadecanoyloxy-propan-2-yl] (~{Z})-octadec-9-enoate' 'C39 H76 N O8 P'
A1LZ2 non-polymer (1~{R},2~{S})-1-butyl-~{N}-(2,6-dimethylphenyl)-1-[5-[(2~{S})-2-[(2,6-dimethylphenyl)carbamoyl]piperidin-1-yl]pentyl]piperidin-1-ium-2-carboxamide 'C37 H57 N4 O2 1'
NA non-polymer 'SODIUM ION' 'Na 1'
#
# COMPACT_ATOMS: atom_id res chain seq x y z
N ARG A 2 -61.44 43.78 25.30
CA ARG A 2 -60.22 44.03 24.53
C ARG A 2 -60.36 43.51 23.11
N LEU A 3 -59.38 43.83 22.27
CA LEU A 3 -59.36 43.42 20.88
C LEU A 3 -58.18 42.50 20.61
N TYR A 4 -58.31 41.67 19.58
CA TYR A 4 -57.29 40.71 19.20
C TYR A 4 -57.01 40.80 17.71
N ASP A 5 -55.74 40.71 17.34
CA ASP A 5 -55.32 40.73 15.95
C ASP A 5 -54.40 39.54 15.70
N ARG A 6 -54.17 39.25 14.41
CA ARG A 6 -53.28 38.16 14.04
C ARG A 6 -51.92 38.31 14.69
N ARG A 7 -51.36 39.51 14.68
CA ARG A 7 -50.04 39.73 15.26
C ARG A 7 -50.03 39.35 16.73
N SER A 8 -51.08 39.73 17.45
CA SER A 8 -51.13 39.48 18.89
C SER A 8 -51.12 37.98 19.18
N ILE A 9 -51.98 37.21 18.51
CA ILE A 9 -52.07 35.79 18.79
C ILE A 9 -50.81 35.07 18.33
N PHE A 10 -50.26 35.47 17.17
CA PHE A 10 -49.02 34.88 16.70
C PHE A 10 -47.89 35.11 17.70
N GLU A 11 -47.79 36.34 18.21
CA GLU A 11 -46.76 36.64 19.21
C GLU A 11 -47.00 35.82 20.48
N ALA A 12 -48.26 35.73 20.91
CA ALA A 12 -48.55 35.00 22.14
C ALA A 12 -48.15 33.53 22.02
N VAL A 13 -48.50 32.90 20.90
CA VAL A 13 -48.16 31.50 20.73
C VAL A 13 -46.68 31.31 20.43
N ALA A 14 -45.99 32.37 20.00
CA ALA A 14 -44.58 32.25 19.65
C ALA A 14 -43.74 31.82 20.85
N GLN A 15 -43.86 32.53 21.97
CA GLN A 15 -43.04 32.25 23.14
C GLN A 15 -43.82 31.50 24.23
N ASN A 16 -44.86 30.77 23.84
CA ASN A 16 -45.64 29.96 24.78
C ASN A 16 -46.25 30.83 25.87
N ASN A 17 -46.98 31.85 25.45
CA ASN A 17 -47.69 32.73 26.37
C ASN A 17 -49.17 32.38 26.35
N CYS A 18 -49.69 31.93 27.49
CA CYS A 18 -51.06 31.49 27.60
C CYS A 18 -51.99 32.57 28.16
N GLN A 19 -51.46 33.50 28.95
CA GLN A 19 -52.31 34.48 29.62
C GLN A 19 -53.02 35.37 28.60
N ASP A 20 -52.28 35.88 27.62
CA ASP A 20 -52.86 36.84 26.68
C ASP A 20 -53.99 36.23 25.86
N LEU A 21 -54.07 34.91 25.79
CA LEU A 21 -55.13 34.26 25.03
C LEU A 21 -56.38 33.98 25.87
N GLU A 22 -56.33 34.20 27.18
CA GLU A 22 -57.48 33.89 28.02
C GLU A 22 -58.69 34.72 27.61
N SER A 23 -58.49 35.99 27.32
CA SER A 23 -59.57 36.86 26.85
C SER A 23 -59.95 36.58 25.40
N LEU A 24 -59.20 35.73 24.70
CA LEU A 24 -59.48 35.50 23.28
C LEU A 24 -60.83 34.81 23.08
N LEU A 25 -61.06 33.70 23.79
CA LEU A 25 -62.14 32.79 23.41
C LEU A 25 -63.49 33.48 23.45
N LEU A 26 -63.82 34.13 24.57
CA LEU A 26 -65.11 34.82 24.65
C LEU A 26 -65.18 35.93 23.62
N PHE A 27 -64.06 36.58 23.32
CA PHE A 27 -64.05 37.59 22.27
C PHE A 27 -64.41 36.98 20.92
N LEU A 28 -63.90 35.77 20.65
CA LEU A 28 -64.00 35.22 19.30
C LEU A 28 -65.46 35.01 18.90
N GLN A 29 -66.28 34.46 19.81
CA GLN A 29 -67.71 34.41 19.52
C GLN A 29 -68.36 35.77 19.70
N LYS A 30 -67.82 36.62 20.56
CA LYS A 30 -68.31 37.99 20.66
C LYS A 30 -68.12 38.71 19.33
N SER A 31 -66.98 38.49 18.68
CA SER A 31 -66.73 39.02 17.35
C SER A 31 -67.46 38.23 16.26
N LYS A 32 -68.09 37.12 16.61
CA LYS A 32 -68.77 36.25 15.64
C LYS A 32 -67.79 35.78 14.57
N LYS A 33 -66.56 35.49 14.97
CA LYS A 33 -65.51 35.05 14.07
C LYS A 33 -65.07 33.64 14.42
N HIS A 34 -64.26 33.07 13.54
CA HIS A 34 -63.65 31.76 13.75
C HIS A 34 -62.16 31.85 13.51
N LEU A 35 -61.41 30.98 14.19
CA LEU A 35 -59.96 31.03 14.12
C LEU A 35 -59.45 30.87 12.70
N THR A 36 -60.23 30.21 11.84
CA THR A 36 -59.82 29.95 10.47
C THR A 36 -60.40 30.94 9.47
N ASP A 37 -61.01 32.02 9.95
CA ASP A 37 -61.52 33.03 9.03
C ASP A 37 -60.36 33.77 8.37
N ASN A 38 -60.67 34.43 7.25
CA ASN A 38 -59.63 34.97 6.39
C ASN A 38 -58.77 36.00 7.11
N GLU A 39 -59.32 36.70 8.10
CA GLU A 39 -58.58 37.78 8.74
C GLU A 39 -57.41 37.29 9.57
N PHE A 40 -57.40 36.01 9.96
CA PHE A 40 -56.26 35.43 10.65
C PHE A 40 -55.37 34.61 9.72
N LYS A 41 -55.73 34.49 8.45
CA LYS A 41 -54.94 33.77 7.48
C LYS A 41 -53.87 34.70 6.89
N ASP A 42 -52.66 34.19 6.79
CA ASP A 42 -51.58 34.97 6.20
C ASP A 42 -51.90 35.25 4.73
N PRO A 43 -51.87 36.50 4.29
CA PRO A 43 -52.19 36.79 2.88
C PRO A 43 -51.26 36.13 1.89
N GLU A 44 -49.98 35.95 2.25
CA GLU A 44 -49.00 35.41 1.32
C GLU A 44 -48.83 33.91 1.43
N THR A 45 -48.95 33.35 2.64
CA THR A 45 -48.81 31.91 2.83
C THR A 45 -50.12 31.24 3.21
N GLY A 46 -50.82 31.76 4.22
CA GLY A 46 -52.02 31.14 4.72
C GLY A 46 -51.88 30.38 6.01
N LYS A 47 -50.69 30.40 6.63
CA LYS A 47 -50.50 29.69 7.87
C LYS A 47 -51.41 30.24 8.95
N THR A 48 -52.05 29.35 9.70
CA THR A 48 -52.94 29.75 10.78
C THR A 48 -52.15 29.84 12.08
N CYS A 49 -52.83 30.29 13.13
CA CYS A 49 -52.20 30.32 14.45
C CYS A 49 -51.79 28.93 14.90
N LEU A 50 -52.54 27.91 14.49
CA LEU A 50 -52.19 26.54 14.84
C LEU A 50 -50.83 26.18 14.28
N LEU A 51 -50.58 26.50 13.01
CA LEU A 51 -49.27 26.20 12.41
C LEU A 51 -48.16 26.97 13.11
N LYS A 52 -48.39 28.25 13.38
CA LYS A 52 -47.36 29.06 14.01
C LYS A 52 -46.99 28.51 15.38
N ALA A 53 -47.99 28.16 16.18
CA ALA A 53 -47.69 27.51 17.45
C ALA A 53 -47.11 26.12 17.26
N MET A 54 -47.41 25.50 16.12
CA MET A 54 -46.94 24.14 15.85
C MET A 54 -45.47 24.14 15.50
N LEU A 55 -44.95 25.27 15.04
CA LEU A 55 -43.53 25.36 14.71
C LEU A 55 -42.71 25.68 15.95
N ASN A 56 -43.08 26.73 16.68
CA ASN A 56 -42.30 27.20 17.83
C ASN A 56 -42.55 26.26 19.01
N LEU A 57 -41.65 25.31 19.19
CA LEU A 57 -41.69 24.37 20.30
C LEU A 57 -40.51 24.60 21.22
N HIS A 58 -40.79 24.61 22.52
CA HIS A 58 -39.75 24.63 23.55
C HIS A 58 -39.72 23.27 24.22
N ASP A 59 -38.53 22.67 24.26
CA ASP A 59 -38.31 21.31 24.79
C ASP A 59 -39.36 20.33 24.29
N GLY A 60 -39.88 20.57 23.09
CA GLY A 60 -40.86 19.69 22.49
C GLY A 60 -42.28 19.90 22.95
N GLN A 61 -42.56 20.91 23.76
CA GLN A 61 -43.89 21.16 24.28
C GLN A 61 -44.26 22.61 24.04
N ASN A 62 -45.50 22.83 23.62
CA ASN A 62 -46.05 24.17 23.44
C ASN A 62 -47.40 24.22 24.13
N THR A 63 -47.42 24.74 25.36
CA THR A 63 -48.61 24.68 26.19
C THR A 63 -49.78 25.47 25.60
N THR A 64 -49.53 26.35 24.64
CA THR A 64 -50.63 27.05 24.01
C THR A 64 -51.41 26.16 23.05
N ILE A 65 -50.86 25.01 22.65
CA ILE A 65 -51.59 24.10 21.77
C ILE A 65 -52.88 23.60 22.40
N PRO A 66 -52.88 23.01 23.61
CA PRO A 66 -54.16 22.55 24.17
C PRO A 66 -55.16 23.67 24.34
N LEU A 67 -54.73 24.84 24.77
CA LEU A 67 -55.66 25.94 25.01
C LEU A 67 -56.27 26.43 23.70
N LEU A 68 -55.43 26.68 22.70
CA LEU A 68 -55.91 27.15 21.41
C LEU A 68 -56.82 26.12 20.77
N LEU A 69 -56.48 24.84 20.92
CA LEU A 69 -57.28 23.79 20.31
C LEU A 69 -58.62 23.64 21.02
N GLU A 70 -58.63 23.84 22.34
CA GLU A 70 -59.88 23.85 23.09
C GLU A 70 -60.77 25.00 22.65
N ILE A 71 -60.17 26.17 22.45
CA ILE A 71 -60.93 27.30 21.89
C ILE A 71 -61.51 26.92 20.54
N ALA A 72 -60.71 26.23 19.72
CA ALA A 72 -61.18 25.83 18.40
C ALA A 72 -62.38 24.89 18.50
N ARG A 73 -62.33 23.90 19.40
CA ARG A 73 -63.47 22.99 19.48
C ARG A 73 -64.69 23.70 20.05
N GLN A 74 -64.50 24.58 21.03
CA GLN A 74 -65.63 25.32 21.58
C GLN A 74 -66.19 26.32 20.59
N THR A 75 -65.46 26.64 19.53
CA THR A 75 -65.95 27.51 18.45
C THR A 75 -66.37 26.70 17.22
N ASP A 76 -66.57 25.40 17.38
CA ASP A 76 -66.95 24.48 16.29
C ASP A 76 -66.17 24.76 15.01
N SER A 77 -64.84 24.73 15.14
CA SER A 77 -63.96 25.03 14.02
C SER A 77 -62.83 24.01 13.89
N LEU A 78 -62.98 22.85 14.55
CA LEU A 78 -61.88 21.89 14.62
C LEU A 78 -61.48 21.36 13.25
N LYS A 79 -62.47 21.00 12.43
CA LYS A 79 -62.17 20.47 11.10
C LYS A 79 -61.45 21.49 10.24
N GLU A 80 -61.92 22.74 10.25
CA GLU A 80 -61.29 23.76 9.42
C GLU A 80 -59.94 24.18 9.99
N LEU A 81 -59.71 23.98 11.29
CA LEU A 81 -58.44 24.37 11.87
C LEU A 81 -57.37 23.31 11.63
N VAL A 82 -57.60 22.09 12.15
CA VAL A 82 -56.55 21.08 12.12
C VAL A 82 -56.23 20.65 10.70
N ASN A 83 -57.20 20.73 9.80
CA ASN A 83 -56.99 20.38 8.39
C ASN A 83 -56.77 21.60 7.53
N ALA A 84 -56.09 22.62 8.07
CA ALA A 84 -55.73 23.81 7.32
C ALA A 84 -54.29 23.72 6.86
N SER A 85 -54.02 24.21 5.65
CA SER A 85 -52.72 24.05 5.03
C SER A 85 -52.30 25.36 4.39
N TYR A 86 -51.02 25.47 4.07
CA TYR A 86 -50.49 26.63 3.37
C TYR A 86 -51.18 26.77 2.01
N THR A 87 -50.96 27.92 1.38
CA THR A 87 -51.53 28.21 0.09
C THR A 87 -50.53 28.69 -0.95
N ASP A 88 -49.33 29.11 -0.55
CA ASP A 88 -48.34 29.56 -1.50
C ASP A 88 -47.80 28.38 -2.31
N SER A 89 -47.20 28.70 -3.45
CA SER A 89 -46.68 27.68 -4.35
C SER A 89 -45.32 27.16 -3.92
N TYR A 90 -44.93 27.39 -2.67
CA TYR A 90 -43.69 26.86 -2.15
C TYR A 90 -43.87 25.98 -0.92
N TYR A 91 -45.04 25.97 -0.30
CA TYR A 91 -45.30 25.08 0.83
C TYR A 91 -46.68 24.46 0.75
N LYS A 92 -47.29 24.44 -0.44
CA LYS A 92 -48.70 24.12 -0.58
C LYS A 92 -49.01 22.74 -0.02
N GLY A 93 -50.07 22.66 0.78
CA GLY A 93 -50.59 21.41 1.27
C GLY A 93 -50.09 21.01 2.64
N GLN A 94 -48.98 21.56 3.10
CA GLN A 94 -48.42 21.14 4.37
C GLN A 94 -49.39 21.44 5.50
N THR A 95 -49.59 20.46 6.38
CA THR A 95 -50.52 20.57 7.50
C THR A 95 -49.76 20.40 8.80
N ALA A 96 -50.46 20.68 9.91
CA ALA A 96 -49.85 20.53 11.22
C ALA A 96 -49.43 19.10 11.50
N LEU A 97 -50.09 18.13 10.86
CA LEU A 97 -49.67 16.73 11.01
C LEU A 97 -48.26 16.54 10.46
N HIS A 98 -47.98 17.14 9.30
CA HIS A 98 -46.63 17.07 8.73
C HIS A 98 -45.61 17.62 9.72
N ILE A 99 -45.88 18.77 10.30
CA ILE A 99 -44.92 19.41 11.19
C ILE A 99 -44.75 18.58 12.46
N ALA A 100 -45.83 17.99 12.95
CA ALA A 100 -45.73 17.14 14.13
C ALA A 100 -44.87 15.92 13.84
N ILE A 101 -45.06 15.29 12.67
CA ILE A 101 -44.25 14.13 12.31
C ILE A 101 -42.79 14.53 12.15
N GLU A 102 -42.55 15.68 11.52
CA GLU A 102 -41.19 16.17 11.33
C GLU A 102 -40.45 16.34 12.64
N ARG A 103 -41.08 17.00 13.62
CA ARG A 103 -40.35 17.40 14.81
C ARG A 103 -40.03 16.23 15.72
N ARG A 104 -40.34 15.00 15.31
CA ARG A 104 -39.98 13.78 16.03
C ARG A 104 -40.55 13.81 17.46
N ASN A 105 -41.86 13.99 17.57
CA ASN A 105 -42.52 14.06 18.86
C ASN A 105 -43.86 13.36 18.75
N MET A 106 -44.04 12.29 19.54
CA MET A 106 -45.23 11.45 19.44
C MET A 106 -46.45 12.12 20.05
N ALA A 107 -46.25 12.92 21.10
CA ALA A 107 -47.37 13.45 21.86
C ALA A 107 -48.27 14.32 21.01
N LEU A 108 -47.70 15.31 20.33
CA LEU A 108 -48.56 16.25 19.64
C LEU A 108 -49.11 15.65 18.35
N VAL A 109 -48.41 14.70 17.73
CA VAL A 109 -48.99 14.07 16.56
C VAL A 109 -50.19 13.22 16.94
N THR A 110 -50.09 12.48 18.06
CA THR A 110 -51.26 11.72 18.49
C THR A 110 -52.40 12.65 18.90
N LEU A 111 -52.07 13.79 19.52
CA LEU A 111 -53.11 14.74 19.89
C LEU A 111 -53.82 15.30 18.66
N LEU A 112 -53.05 15.68 17.63
CA LEU A 112 -53.67 16.21 16.41
C LEU A 112 -54.53 15.15 15.72
N VAL A 113 -54.02 13.93 15.60
CA VAL A 113 -54.79 12.92 14.89
C VAL A 113 -56.04 12.54 15.68
N GLU A 114 -55.99 12.65 17.02
CA GLU A 114 -57.18 12.37 17.82
C GLU A 114 -58.32 13.31 17.47
N ASN A 115 -57.99 14.56 17.17
CA ASN A 115 -58.98 15.56 16.82
C ASN A 115 -59.34 15.54 15.35
N GLY A 116 -59.10 14.42 14.68
CA GLY A 116 -59.50 14.30 13.29
C GLY A 116 -58.54 14.91 12.29
N ALA A 117 -57.25 14.93 12.60
CA ALA A 117 -56.26 15.37 11.62
C ALA A 117 -56.25 14.41 10.45
N ASP A 118 -56.48 14.96 9.25
CA ASP A 118 -56.46 14.13 8.05
C ASP A 118 -55.08 13.51 7.87
N VAL A 119 -55.05 12.22 7.59
CA VAL A 119 -53.79 11.51 7.42
C VAL A 119 -53.62 11.19 5.94
N GLN A 120 -54.25 11.99 5.09
CA GLN A 120 -54.14 11.87 3.64
C GLN A 120 -53.90 13.23 3.02
N ALA A 121 -52.99 14.01 3.59
CA ALA A 121 -52.73 15.38 3.15
C ALA A 121 -51.63 15.36 2.10
N ALA A 122 -51.99 15.68 0.87
CA ALA A 122 -51.04 15.70 -0.24
C ALA A 122 -50.19 16.96 -0.14
N ALA A 123 -49.10 16.87 0.64
CA ALA A 123 -48.21 18.00 0.81
C ALA A 123 -47.38 18.22 -0.44
N HIS A 124 -48.02 18.65 -1.53
CA HIS A 124 -47.40 18.70 -2.84
C HIS A 124 -46.83 20.07 -3.15
N GLY A 125 -46.35 20.78 -2.14
CA GLY A 125 -45.69 22.04 -2.37
C GLY A 125 -44.38 21.87 -3.10
N ASP A 126 -44.00 22.92 -3.83
CA ASP A 126 -42.82 22.85 -4.68
C ASP A 126 -41.54 22.66 -3.88
N PHE A 127 -41.54 23.02 -2.60
CA PHE A 127 -40.39 22.71 -1.76
C PHE A 127 -40.24 21.21 -1.55
N PHE A 128 -41.36 20.48 -1.60
CA PHE A 128 -41.33 19.05 -1.31
C PHE A 128 -41.05 18.20 -2.53
N LYS A 129 -41.59 18.57 -3.69
CA LYS A 129 -41.21 17.90 -4.92
C LYS A 129 -39.70 18.06 -5.15
N LYS A 130 -39.09 17.02 -5.69
CA LYS A 130 -37.64 17.01 -5.84
C LYS A 130 -37.26 17.59 -7.19
N THR A 131 -36.60 18.74 -7.16
CA THR A 131 -36.03 19.36 -8.36
C THR A 131 -34.53 19.52 -8.14
N LYS A 132 -33.75 19.03 -9.10
CA LYS A 132 -32.30 19.07 -8.98
C LYS A 132 -31.80 20.51 -8.85
N GLY A 133 -30.85 20.71 -7.96
CA GLY A 133 -30.31 22.04 -7.69
C GLY A 133 -31.00 22.80 -6.59
N ARG A 134 -32.32 22.94 -6.68
CA ARG A 134 -33.06 23.69 -5.69
C ARG A 134 -33.08 22.94 -4.36
N PRO A 135 -33.11 23.66 -3.24
CA PRO A 135 -33.22 22.99 -1.94
C PRO A 135 -34.61 22.38 -1.77
N GLY A 136 -34.66 21.27 -1.04
CA GLY A 136 -35.92 20.62 -0.82
C GLY A 136 -35.73 19.27 -0.16
N PHE A 137 -36.85 18.55 -0.02
CA PHE A 137 -36.83 17.21 0.55
C PHE A 137 -38.04 16.47 0.02
N TYR A 138 -37.79 15.40 -0.74
CA TYR A 138 -38.86 14.58 -1.28
C TYR A 138 -39.01 13.32 -0.43
N PHE A 139 -40.17 13.17 0.18
CA PHE A 139 -40.45 12.00 0.99
C PHE A 139 -41.70 11.25 0.56
N GLY A 140 -42.42 11.75 -0.45
CA GLY A 140 -43.61 11.08 -0.94
C GLY A 140 -44.90 11.87 -0.77
N GLU A 141 -44.86 13.08 -0.24
CA GLU A 141 -46.01 13.97 -0.11
C GLU A 141 -47.08 13.46 0.84
N LEU A 142 -46.79 12.44 1.63
CA LEU A 142 -47.82 11.86 2.49
C LEU A 142 -47.31 11.74 3.91
N PRO A 143 -48.18 11.95 4.89
CA PRO A 143 -47.73 11.84 6.29
C PRO A 143 -47.20 10.46 6.64
N LEU A 144 -47.77 9.40 6.07
CA LEU A 144 -47.19 8.07 6.25
C LEU A 144 -45.82 7.99 5.58
N SER A 145 -45.74 8.50 4.35
CA SER A 145 -44.47 8.51 3.63
C SER A 145 -43.43 9.29 4.42
N LEU A 146 -43.80 10.48 4.90
CA LEU A 146 -42.85 11.31 5.63
C LEU A 146 -42.47 10.69 6.97
N ALA A 147 -43.40 9.98 7.60
CA ALA A 147 -43.07 9.27 8.83
C ALA A 147 -42.06 8.17 8.56
N ALA A 148 -42.21 7.45 7.45
CA ALA A 148 -41.28 6.38 7.14
C ALA A 148 -39.91 6.91 6.74
N CYS A 149 -39.90 7.91 5.86
CA CYS A 149 -38.64 8.45 5.33
C CYS A 149 -37.83 9.21 6.36
N THR A 150 -38.41 9.50 7.53
CA THR A 150 -37.72 10.22 8.58
C THR A 150 -37.23 9.27 9.68
N ASN A 151 -37.34 7.96 9.45
CA ASN A 151 -36.94 6.94 10.42
C ASN A 151 -37.70 7.12 11.73
N GLN A 152 -39.02 6.96 11.64
CA GLN A 152 -39.92 7.08 12.79
C GLN A 152 -40.83 5.86 12.78
N LEU A 153 -40.36 4.75 13.35
CA LEU A 153 -41.13 3.52 13.34
C LEU A 153 -42.42 3.65 14.12
N GLY A 154 -42.34 4.25 15.32
CA GLY A 154 -43.50 4.35 16.18
C GLY A 154 -44.65 5.10 15.54
N ILE A 155 -44.34 6.20 14.86
CA ILE A 155 -45.38 6.97 14.21
C ILE A 155 -45.99 6.19 13.05
N VAL A 156 -45.18 5.40 12.34
CA VAL A 156 -45.73 4.57 11.27
C VAL A 156 -46.70 3.55 11.84
N LYS A 157 -46.29 2.86 12.90
CA LYS A 157 -47.16 1.87 13.53
C LYS A 157 -48.45 2.53 13.99
N PHE A 158 -48.36 3.72 14.58
CA PHE A 158 -49.55 4.41 15.04
C PHE A 158 -50.45 4.78 13.87
N LEU A 159 -49.90 5.44 12.86
CA LEU A 159 -50.69 5.84 11.70
C LEU A 159 -51.34 4.67 11.00
N LEU A 160 -50.77 3.48 11.14
CA LEU A 160 -51.39 2.30 10.56
C LEU A 160 -52.34 1.58 11.52
N GLN A 161 -52.06 1.62 12.82
CA GLN A 161 -52.81 0.87 13.82
C GLN A 161 -53.32 1.78 14.93
N ASN A 162 -53.91 2.91 14.56
CA ASN A 162 -54.51 3.80 15.54
C ASN A 162 -55.96 3.41 15.76
N SER A 163 -56.70 4.26 16.46
CA SER A 163 -58.11 4.02 16.74
C SER A 163 -59.06 5.00 16.08
N TRP A 164 -58.56 6.18 15.68
CA TRP A 164 -59.44 7.21 15.14
C TRP A 164 -59.47 7.21 13.62
N GLN A 165 -58.31 7.09 12.97
CA GLN A 165 -58.26 7.09 11.52
C GLN A 165 -56.95 6.46 11.08
N THR A 166 -57.03 5.34 10.37
CA THR A 166 -55.85 4.62 9.91
C THR A 166 -55.39 5.20 8.57
N ALA A 167 -54.08 5.40 8.44
CA ALA A 167 -53.52 5.87 7.20
C ALA A 167 -53.45 4.74 6.19
N ASP A 168 -53.90 5.01 4.97
CA ASP A 168 -53.87 4.01 3.92
C ASP A 168 -52.42 3.67 3.57
N ILE A 169 -52.19 2.39 3.28
CA ILE A 169 -50.83 1.94 2.96
C ILE A 169 -50.56 1.86 1.47
N SER A 170 -51.61 1.86 0.64
CA SER A 170 -51.45 1.84 -0.80
C SER A 170 -51.72 3.19 -1.44
N ALA A 171 -51.84 4.24 -0.65
CA ALA A 171 -52.12 5.56 -1.18
C ALA A 171 -50.93 6.05 -2.01
N ARG A 172 -51.23 6.81 -3.07
CA ARG A 172 -50.22 7.29 -3.99
C ARG A 172 -50.23 8.80 -4.05
N ASP A 173 -49.05 9.38 -4.24
CA ASP A 173 -48.90 10.82 -4.36
C ASP A 173 -49.26 11.26 -5.78
N SER A 174 -48.95 12.52 -6.11
CA SER A 174 -49.19 13.00 -7.46
C SER A 174 -48.33 12.27 -8.48
N VAL A 175 -47.08 11.97 -8.11
CA VAL A 175 -46.22 11.20 -9.00
C VAL A 175 -46.68 9.76 -9.12
N GLY A 176 -47.56 9.32 -8.22
CA GLY A 176 -47.97 7.93 -8.16
C GLY A 176 -47.14 7.07 -7.25
N ASN A 177 -46.08 7.61 -6.68
CA ASN A 177 -45.25 6.83 -5.78
C ASN A 177 -46.03 6.44 -4.53
N THR A 178 -45.90 5.19 -4.12
CA THR A 178 -46.42 4.73 -2.85
C THR A 178 -45.37 4.99 -1.78
N VAL A 179 -45.57 4.46 -0.58
CA VAL A 179 -44.59 4.66 0.47
C VAL A 179 -43.30 3.91 0.16
N LEU A 180 -43.41 2.75 -0.49
CA LEU A 180 -42.20 1.99 -0.80
C LEU A 180 -41.37 2.68 -1.88
N HIS A 181 -42.02 3.26 -2.88
CA HIS A 181 -41.30 4.05 -3.86
C HIS A 181 -40.54 5.18 -3.17
N ALA A 182 -41.18 5.86 -2.23
CA ALA A 182 -40.54 6.96 -1.52
C ALA A 182 -39.35 6.46 -0.72
N LEU A 183 -39.53 5.35 -0.01
CA LEU A 183 -38.41 4.78 0.73
C LEU A 183 -37.24 4.46 -0.19
N VAL A 184 -37.52 4.02 -1.42
CA VAL A 184 -36.44 3.78 -2.36
C VAL A 184 -35.77 5.08 -2.76
N GLU A 185 -36.55 6.09 -3.15
CA GLU A 185 -35.97 7.34 -3.62
C GLU A 185 -35.23 8.09 -2.53
N VAL A 186 -35.51 7.81 -1.26
CA VAL A 186 -34.76 8.46 -0.20
C VAL A 186 -33.33 7.94 -0.10
N ALA A 187 -33.10 6.67 -0.38
CA ALA A 187 -31.79 6.08 -0.19
C ALA A 187 -30.75 6.75 -1.09
N ASP A 188 -29.52 6.83 -0.57
CA ASP A 188 -28.42 7.46 -1.29
C ASP A 188 -27.13 6.66 -1.13
N ASN A 189 -27.25 5.35 -0.89
CA ASN A 189 -26.16 4.38 -0.94
C ASN A 189 -25.16 4.53 0.19
N THR A 190 -25.36 5.46 1.11
CA THR A 190 -24.48 5.56 2.27
C THR A 190 -24.82 4.48 3.29
N ALA A 191 -23.99 4.39 4.33
CA ALA A 191 -24.10 3.27 5.25
C ALA A 191 -25.37 3.35 6.10
N ASP A 192 -25.47 4.40 6.92
CA ASP A 192 -26.59 4.51 7.84
C ASP A 192 -27.91 4.70 7.10
N ASN A 193 -27.88 5.43 5.99
CA ASN A 193 -29.10 5.65 5.22
C ASN A 193 -29.62 4.32 4.69
N THR A 194 -28.76 3.54 4.05
CA THR A 194 -29.15 2.22 3.59
C THR A 194 -29.63 1.37 4.75
N LYS A 195 -28.95 1.49 5.90
CA LYS A 195 -29.35 0.74 7.09
C LYS A 195 -30.81 0.98 7.43
N PHE A 196 -31.19 2.24 7.70
CA PHE A 196 -32.54 2.38 8.21
C PHE A 196 -33.55 2.23 7.07
N VAL A 197 -33.15 2.52 5.83
CA VAL A 197 -34.09 2.34 4.73
C VAL A 197 -34.45 0.86 4.57
N THR A 198 -33.45 -0.02 4.65
CA THR A 198 -33.72 -1.44 4.62
C THR A 198 -34.57 -1.86 5.80
N SER A 199 -34.23 -1.40 7.00
CA SER A 199 -34.98 -1.81 8.18
C SER A 199 -36.43 -1.35 8.08
N MET A 200 -36.64 -0.11 7.66
CA MET A 200 -37.98 0.44 7.58
C MET A 200 -38.78 -0.19 6.45
N TYR A 201 -38.12 -0.50 5.33
CA TYR A 201 -38.79 -1.26 4.27
C TYR A 201 -39.26 -2.60 4.78
N ASN A 202 -38.40 -3.29 5.54
CA ASN A 202 -38.79 -4.55 6.15
C ASN A 202 -40.01 -4.40 7.04
N GLU A 203 -39.96 -3.42 7.96
CA GLU A 203 -41.03 -3.27 8.93
C GLU A 203 -42.34 -2.91 8.25
N ILE A 204 -42.30 -1.99 7.30
CA ILE A 204 -43.53 -1.57 6.65
C ILE A 204 -44.07 -2.68 5.77
N LEU A 205 -43.20 -3.50 5.18
CA LEU A 205 -43.69 -4.61 4.37
C LEU A 205 -44.37 -5.65 5.25
N MET A 206 -43.77 -5.95 6.40
CA MET A 206 -44.38 -6.89 7.33
C MET A 206 -45.72 -6.36 7.82
N LEU A 207 -45.80 -5.07 8.14
CA LEU A 207 -47.06 -4.50 8.59
C LEU A 207 -48.11 -4.53 7.50
N GLY A 208 -47.72 -4.21 6.26
CA GLY A 208 -48.66 -4.31 5.16
C GLY A 208 -49.18 -5.72 4.97
N ALA A 209 -48.31 -6.72 5.16
CA ALA A 209 -48.76 -8.11 5.10
C ALA A 209 -49.75 -8.41 6.22
N LYS A 210 -49.44 -7.96 7.43
CA LYS A 210 -50.28 -8.29 8.58
C LYS A 210 -51.66 -7.64 8.45
N LEU A 211 -51.71 -6.34 8.18
CA LEU A 211 -52.99 -5.67 8.00
C LEU A 211 -53.70 -6.14 6.73
N HIS A 212 -52.96 -6.30 5.64
CA HIS A 212 -53.53 -6.65 4.35
C HIS A 212 -52.78 -7.85 3.77
N PRO A 213 -53.11 -9.05 4.23
CA PRO A 213 -52.49 -10.25 3.63
C PRO A 213 -52.85 -10.44 2.18
N THR A 214 -53.93 -9.83 1.71
CA THR A 214 -54.37 -9.97 0.33
C THR A 214 -53.79 -8.90 -0.58
N LEU A 215 -52.96 -8.01 -0.07
CA LEU A 215 -52.40 -6.91 -0.84
C LEU A 215 -50.95 -7.21 -1.19
N LYS A 216 -50.63 -7.17 -2.48
CA LYS A 216 -49.25 -7.29 -2.94
C LYS A 216 -48.65 -5.90 -3.01
N LEU A 217 -48.18 -5.42 -1.86
CA LEU A 217 -47.65 -4.07 -1.78
C LEU A 217 -46.41 -3.91 -2.65
N GLU A 218 -45.55 -4.92 -2.67
CA GLU A 218 -44.31 -4.86 -3.43
C GLU A 218 -44.53 -4.67 -4.92
N GLU A 219 -45.71 -5.02 -5.44
CA GLU A 219 -45.97 -5.02 -6.87
C GLU A 219 -46.64 -3.73 -7.36
N LEU A 220 -47.06 -2.87 -6.45
CA LEU A 220 -47.73 -1.64 -6.85
C LEU A 220 -46.79 -0.77 -7.70
N THR A 221 -47.34 -0.16 -8.73
CA THR A 221 -46.56 0.62 -9.68
C THR A 221 -46.99 2.08 -9.65
N ASN A 222 -46.01 2.97 -9.84
CA ASN A 222 -46.28 4.40 -9.90
C ASN A 222 -46.72 4.78 -11.32
N LYS A 223 -46.83 6.09 -11.58
CA LYS A 223 -47.30 6.54 -12.89
C LYS A 223 -46.28 6.28 -13.99
N LYS A 224 -45.05 5.94 -13.64
CA LYS A 224 -44.08 5.47 -14.62
C LYS A 224 -44.18 3.98 -14.85
N GLY A 225 -45.14 3.31 -14.24
CA GLY A 225 -45.24 1.86 -14.33
C GLY A 225 -44.00 1.19 -13.80
N MET A 226 -43.45 1.70 -12.71
CA MET A 226 -42.06 1.46 -12.37
C MET A 226 -42.06 0.95 -10.93
N THR A 227 -41.84 -0.35 -10.76
CA THR A 227 -42.05 -0.95 -9.45
C THR A 227 -40.93 -0.55 -8.49
N PRO A 228 -41.16 -0.69 -7.18
CA PRO A 228 -40.10 -0.35 -6.23
C PRO A 228 -38.78 -1.06 -6.47
N LEU A 229 -38.82 -2.35 -6.82
CA LEU A 229 -37.59 -3.03 -7.21
C LEU A 229 -37.06 -2.47 -8.51
N ALA A 230 -37.93 -2.27 -9.49
CA ALA A 230 -37.50 -1.68 -10.74
C ALA A 230 -36.95 -0.29 -10.51
N LEU A 231 -37.62 0.51 -9.68
CA LEU A 231 -37.14 1.85 -9.40
C LEU A 231 -35.78 1.84 -8.72
N ALA A 232 -35.59 0.94 -7.76
CA ALA A 232 -34.30 0.85 -7.09
C ALA A 232 -33.21 0.45 -8.07
N ALA A 233 -33.53 -0.43 -9.00
CA ALA A 233 -32.53 -0.82 -9.99
C ALA A 233 -32.21 0.32 -10.93
N GLY A 234 -33.24 0.98 -11.46
CA GLY A 234 -33.02 2.03 -12.44
C GLY A 234 -32.31 3.24 -11.86
N THR A 235 -32.76 3.70 -10.70
CA THR A 235 -32.20 4.90 -10.10
C THR A 235 -30.78 4.68 -9.59
N GLY A 236 -30.36 3.43 -9.45
CA GLY A 236 -29.00 3.14 -9.02
C GLY A 236 -28.82 2.91 -7.55
N LYS A 237 -29.90 2.78 -6.79
CA LYS A 237 -29.80 2.54 -5.35
C LYS A 237 -29.38 1.09 -5.14
N ILE A 238 -28.13 0.89 -4.73
CA ILE A 238 -27.60 -0.47 -4.70
C ILE A 238 -27.87 -1.17 -3.38
N GLY A 239 -27.82 -0.47 -2.26
CA GLY A 239 -28.08 -1.13 -0.98
C GLY A 239 -29.50 -1.65 -0.88
N VAL A 240 -30.46 -0.85 -1.35
CA VAL A 240 -31.85 -1.27 -1.36
C VAL A 240 -32.03 -2.48 -2.27
N LEU A 241 -31.37 -2.47 -3.43
CA LEU A 241 -31.47 -3.59 -4.35
C LEU A 241 -30.90 -4.85 -3.72
N ALA A 242 -29.75 -4.73 -3.06
CA ALA A 242 -29.13 -5.89 -2.41
C ALA A 242 -30.04 -6.45 -1.32
N TYR A 243 -30.67 -5.57 -0.54
CA TYR A 243 -31.64 -6.03 0.44
C TYR A 243 -32.80 -6.75 -0.23
N ILE A 244 -33.42 -6.12 -1.22
CA ILE A 244 -34.66 -6.65 -1.78
C ILE A 244 -34.42 -8.01 -2.41
N LEU A 245 -33.34 -8.15 -3.18
CA LEU A 245 -33.13 -9.40 -3.90
C LEU A 245 -32.77 -10.56 -2.99
N GLN A 246 -32.26 -10.29 -1.80
CA GLN A 246 -31.95 -11.33 -0.82
C GLN A 246 -32.83 -11.21 0.41
N ARG A 247 -34.04 -10.70 0.25
CA ARG A 247 -34.94 -10.50 1.38
C ARG A 247 -35.44 -11.84 1.87
N GLU A 248 -35.07 -12.20 3.11
CA GLU A 248 -35.49 -13.44 3.73
C GLU A 248 -36.16 -13.12 5.06
N ILE A 249 -37.38 -13.61 5.23
CA ILE A 249 -38.22 -13.26 6.37
C ILE A 249 -38.47 -14.53 7.18
N GLN A 250 -38.23 -14.44 8.49
CA GLN A 250 -38.35 -15.59 9.37
C GLN A 250 -39.78 -15.83 9.85
N GLU A 251 -40.60 -14.80 9.90
CA GLU A 251 -41.94 -14.93 10.46
C GLU A 251 -42.81 -15.81 9.58
N PRO A 252 -43.31 -16.95 10.08
CA PRO A 252 -44.11 -17.83 9.22
C PRO A 252 -45.43 -17.21 8.76
N GLU A 253 -45.96 -16.24 9.49
CA GLU A 253 -47.22 -15.62 9.11
C GLU A 253 -47.10 -14.76 7.85
N CYS A 254 -45.89 -14.28 7.54
CA CYS A 254 -45.67 -13.47 6.35
C CYS A 254 -44.45 -13.95 5.58
N ARG A 255 -44.03 -15.19 5.83
CA ARG A 255 -42.84 -15.75 5.19
C ARG A 255 -42.93 -15.74 3.68
N HIS A 256 -44.14 -15.72 3.13
CA HIS A 256 -44.30 -15.68 1.68
C HIS A 256 -43.74 -14.41 1.06
N LEU A 257 -43.51 -13.37 1.87
CA LEU A 257 -42.96 -12.14 1.32
C LEU A 257 -41.54 -12.31 0.83
N SER A 258 -40.75 -13.13 1.52
CA SER A 258 -39.32 -13.19 1.28
C SER A 258 -39.01 -13.65 -0.14
N ARG A 259 -37.75 -13.51 -0.52
CA ARG A 259 -37.31 -13.82 -1.87
C ARG A 259 -36.15 -14.80 -1.92
N LYS A 260 -35.61 -15.21 -0.77
CA LYS A 260 -34.52 -16.18 -0.74
C LYS A 260 -34.92 -17.28 0.22
N PHE A 261 -35.20 -18.46 -0.31
CA PHE A 261 -35.80 -19.57 0.42
C PHE A 261 -34.79 -20.69 0.58
N THR A 262 -34.43 -21.01 1.82
CA THR A 262 -33.67 -22.22 2.03
C THR A 262 -34.56 -23.42 1.70
N GLU A 263 -33.96 -24.46 1.12
CA GLU A 263 -34.72 -25.58 0.60
C GLU A 263 -34.41 -26.90 1.29
N TRP A 264 -33.17 -27.10 1.73
CA TRP A 264 -32.84 -28.21 2.59
C TRP A 264 -31.45 -27.95 3.16
N ALA A 265 -31.26 -28.33 4.42
CA ALA A 265 -30.07 -27.94 5.16
C ALA A 265 -29.43 -29.15 5.82
N TYR A 266 -29.24 -30.22 5.05
CA TYR A 266 -28.62 -31.42 5.59
C TYR A 266 -27.19 -31.11 6.01
N GLY A 267 -26.91 -31.23 7.30
CA GLY A 267 -25.59 -30.94 7.81
C GLY A 267 -25.20 -29.50 7.61
N PRO A 268 -24.03 -29.27 7.03
CA PRO A 268 -23.57 -27.89 6.77
C PRO A 268 -23.87 -27.36 5.37
N VAL A 269 -24.62 -28.08 4.53
CA VAL A 269 -24.91 -27.60 3.19
C VAL A 269 -26.33 -27.08 3.14
N HIS A 270 -26.55 -26.06 2.33
CA HIS A 270 -27.86 -25.45 2.14
C HIS A 270 -28.10 -25.28 0.66
N SER A 271 -29.24 -25.73 0.17
CA SER A 271 -29.72 -25.26 -1.12
C SER A 271 -30.60 -24.05 -0.88
N SER A 272 -30.52 -23.08 -1.78
CA SER A 272 -31.28 -21.86 -1.67
C SER A 272 -31.95 -21.59 -2.99
N LEU A 273 -33.13 -20.99 -2.95
CA LEU A 273 -33.86 -20.58 -4.13
C LEU A 273 -33.96 -19.07 -4.09
N TYR A 274 -33.51 -18.41 -5.14
CA TYR A 274 -33.69 -16.99 -5.31
C TYR A 274 -34.82 -16.76 -6.29
N ASP A 275 -35.84 -16.03 -5.87
CA ASP A 275 -36.96 -15.76 -6.75
C ASP A 275 -36.49 -14.95 -7.95
N LEU A 276 -36.91 -15.36 -9.14
CA LEU A 276 -36.54 -14.68 -10.37
C LEU A 276 -37.70 -13.91 -10.98
N SER A 277 -38.79 -13.75 -10.25
CA SER A 277 -39.91 -12.97 -10.76
C SER A 277 -39.51 -11.50 -10.85
N CYS A 278 -39.78 -10.90 -12.00
CA CYS A 278 -39.43 -9.51 -12.29
C CYS A 278 -37.93 -9.27 -12.24
N ILE A 279 -37.13 -10.31 -12.43
CA ILE A 279 -35.70 -10.18 -12.63
C ILE A 279 -35.28 -10.70 -14.00
N ASP A 280 -35.77 -11.88 -14.37
CA ASP A 280 -35.46 -12.44 -15.66
C ASP A 280 -36.04 -11.57 -16.77
N THR A 281 -35.47 -11.70 -17.96
CA THR A 281 -35.85 -10.86 -19.08
C THR A 281 -37.24 -11.18 -19.63
N CYS A 282 -37.86 -12.26 -19.18
CA CYS A 282 -39.17 -12.65 -19.74
C CYS A 282 -40.26 -11.63 -19.43
N GLU A 283 -40.14 -10.86 -18.36
CA GLU A 283 -41.12 -9.82 -18.06
C GLU A 283 -40.74 -8.54 -18.80
N LYS A 284 -41.46 -7.47 -18.52
CA LYS A 284 -41.09 -6.14 -18.97
C LYS A 284 -40.57 -5.34 -17.78
N ASN A 285 -39.67 -4.40 -18.06
CA ASN A 285 -39.00 -3.62 -17.02
C ASN A 285 -38.31 -4.54 -16.02
N SER A 286 -37.68 -5.59 -16.53
CA SER A 286 -36.95 -6.50 -15.66
C SER A 286 -35.74 -5.80 -15.08
N VAL A 287 -35.29 -6.31 -13.93
CA VAL A 287 -34.14 -5.69 -13.26
C VAL A 287 -32.89 -5.79 -14.12
N LEU A 288 -32.68 -6.93 -14.77
CA LEU A 288 -31.49 -7.10 -15.60
C LEU A 288 -31.51 -6.13 -16.76
N GLU A 289 -32.64 -6.04 -17.47
CA GLU A 289 -32.72 -5.12 -18.60
C GLU A 289 -32.53 -3.68 -18.16
N VAL A 290 -33.09 -3.32 -17.01
CA VAL A 290 -33.02 -1.94 -16.56
C VAL A 290 -31.60 -1.59 -16.14
N ILE A 291 -30.90 -2.51 -15.48
CA ILE A 291 -29.51 -2.25 -15.13
C ILE A 291 -28.65 -2.15 -16.38
N ALA A 292 -28.84 -3.09 -17.32
CA ALA A 292 -27.97 -3.12 -18.50
C ALA A 292 -28.15 -1.88 -19.36
N TYR A 293 -29.38 -1.54 -19.71
CA TYR A 293 -29.64 -0.42 -20.60
C TYR A 293 -29.71 0.91 -19.87
N SER A 294 -29.16 0.98 -18.66
CA SER A 294 -29.12 2.24 -17.93
C SER A 294 -28.13 3.19 -18.59
N SER A 295 -28.46 4.48 -18.52
CA SER A 295 -27.60 5.50 -19.10
C SER A 295 -26.35 5.69 -18.25
N SER A 296 -25.50 6.62 -18.69
CA SER A 296 -24.22 6.82 -18.02
C SER A 296 -24.38 7.50 -16.66
N GLU A 297 -25.39 8.35 -16.51
CA GLU A 297 -25.50 9.15 -15.31
C GLU A 297 -25.83 8.31 -14.07
N THR A 298 -26.58 7.24 -14.25
CA THR A 298 -27.04 6.47 -13.10
C THR A 298 -25.85 5.92 -12.32
N PRO A 299 -25.69 6.28 -11.06
CA PRO A 299 -24.51 5.85 -10.30
C PRO A 299 -24.57 4.37 -9.98
N ASN A 300 -23.40 3.83 -9.62
CA ASN A 300 -23.27 2.43 -9.24
C ASN A 300 -23.75 1.49 -10.33
N ARG A 301 -23.67 1.94 -11.58
CA ARG A 301 -24.31 1.21 -12.67
C ARG A 301 -23.71 -0.17 -12.85
N HIS A 302 -22.40 -0.29 -12.79
CA HIS A 302 -21.74 -1.57 -12.98
C HIS A 302 -21.42 -2.27 -11.67
N ASP A 303 -21.80 -1.69 -10.54
CA ASP A 303 -21.69 -2.37 -9.26
C ASP A 303 -23.01 -2.95 -8.79
N MET A 304 -24.13 -2.49 -9.35
CA MET A 304 -25.42 -3.10 -9.05
C MET A 304 -25.51 -4.53 -9.57
N LEU A 305 -24.60 -4.94 -10.43
CA LEU A 305 -24.69 -6.22 -11.10
C LEU A 305 -23.86 -7.28 -10.42
N LEU A 306 -23.26 -6.97 -9.28
CA LEU A 306 -22.56 -7.97 -8.46
C LEU A 306 -23.43 -8.54 -7.35
N VAL A 307 -24.65 -8.07 -7.19
CA VAL A 307 -25.50 -8.51 -6.10
C VAL A 307 -26.12 -9.86 -6.47
N GLU A 308 -26.24 -10.73 -5.49
CA GLU A 308 -26.87 -12.02 -5.72
C GLU A 308 -28.35 -11.84 -6.01
N PRO A 309 -28.91 -12.67 -6.90
CA PRO A 309 -28.25 -13.71 -7.67
C PRO A 309 -27.81 -13.25 -9.04
N LEU A 310 -27.72 -11.93 -9.25
CA LEU A 310 -27.64 -11.39 -10.60
C LEU A 310 -26.41 -11.90 -11.34
N ASN A 311 -25.24 -11.91 -10.70
CA ASN A 311 -24.04 -12.40 -11.37
C ASN A 311 -24.16 -13.88 -11.69
N ARG A 312 -24.67 -14.66 -10.74
CA ARG A 312 -24.83 -16.09 -10.97
C ARG A 312 -25.87 -16.36 -12.04
N LEU A 313 -26.95 -15.57 -12.05
CA LEU A 313 -27.96 -15.75 -13.07
C LEU A 313 -27.42 -15.46 -14.46
N LEU A 314 -26.66 -14.37 -14.60
CA LEU A 314 -26.07 -14.05 -15.89
C LEU A 314 -25.06 -15.09 -16.32
N GLN A 315 -24.21 -15.53 -15.40
CA GLN A 315 -23.24 -16.57 -15.73
C GLN A 315 -23.94 -17.86 -16.14
N ASP A 316 -25.07 -18.18 -15.51
CA ASP A 316 -25.82 -19.37 -15.91
C ASP A 316 -26.37 -19.22 -17.32
N LYS A 317 -26.95 -18.05 -17.63
CA LYS A 317 -27.41 -17.83 -19.00
C LYS A 317 -26.27 -18.00 -19.99
N TRP A 318 -25.12 -17.40 -19.68
CA TRP A 318 -23.94 -17.50 -20.54
C TRP A 318 -23.58 -18.95 -20.76
N ASP A 319 -23.15 -19.64 -19.70
CA ASP A 319 -22.68 -21.01 -19.79
C ASP A 319 -23.71 -21.95 -20.37
N ARG A 320 -24.99 -21.64 -20.25
CA ARG A 320 -25.99 -22.57 -20.71
C ARG A 320 -26.31 -22.41 -22.18
N PHE A 321 -26.53 -21.20 -22.69
CA PHE A 321 -26.75 -21.12 -24.13
C PHE A 321 -26.17 -19.92 -24.85
N VAL A 322 -25.47 -19.00 -24.19
CA VAL A 322 -25.12 -17.77 -24.88
C VAL A 322 -23.69 -17.85 -25.38
N LYS A 323 -22.86 -18.62 -24.70
CA LYS A 323 -21.47 -18.74 -25.10
C LYS A 323 -21.34 -19.29 -26.51
N ARG A 324 -22.15 -20.31 -26.83
CA ARG A 324 -22.08 -20.92 -28.16
C ARG A 324 -22.46 -19.92 -29.24
N ILE A 325 -23.54 -19.16 -29.01
CA ILE A 325 -23.98 -18.19 -30.02
C ILE A 325 -22.95 -17.10 -30.17
N PHE A 326 -22.34 -16.67 -29.07
CA PHE A 326 -21.32 -15.63 -29.16
C PHE A 326 -20.13 -16.12 -29.97
N TYR A 327 -19.70 -17.36 -29.74
CA TYR A 327 -18.57 -17.89 -30.50
C TYR A 327 -18.92 -18.02 -31.98
N PHE A 328 -20.14 -18.42 -32.28
CA PHE A 328 -20.54 -18.51 -33.68
C PHE A 328 -20.52 -17.13 -34.33
N ASN A 329 -20.98 -16.10 -33.62
CA ASN A 329 -20.91 -14.75 -34.16
C ASN A 329 -19.47 -14.31 -34.37
N PHE A 330 -18.59 -14.64 -33.42
CA PHE A 330 -17.17 -14.35 -33.57
C PHE A 330 -16.63 -14.98 -34.83
N LEU A 331 -16.94 -16.25 -35.05
CA LEU A 331 -16.44 -16.95 -36.23
C LEU A 331 -16.98 -16.33 -37.52
N VAL A 332 -18.26 -15.98 -37.54
CA VAL A 332 -18.82 -15.38 -38.75
C VAL A 332 -18.17 -14.04 -39.03
N TYR A 333 -17.93 -13.24 -38.00
CA TYR A 333 -17.26 -11.97 -38.23
C TYR A 333 -15.83 -12.17 -38.71
N CYS A 334 -15.14 -13.17 -38.18
CA CYS A 334 -13.80 -13.47 -38.67
C CYS A 334 -13.82 -13.83 -40.15
N LEU A 335 -14.77 -14.67 -40.55
CA LEU A 335 -14.87 -15.02 -41.96
C LEU A 335 -15.19 -13.81 -42.82
N TYR A 336 -16.07 -12.94 -42.34
CA TYR A 336 -16.38 -11.74 -43.08
C TYR A 336 -15.16 -10.87 -43.25
N MET A 337 -14.37 -10.71 -42.20
CA MET A 337 -13.16 -9.89 -42.31
C MET A 337 -12.13 -10.52 -43.22
N ILE A 338 -12.00 -11.84 -43.19
CA ILE A 338 -11.04 -12.49 -44.09
C ILE A 338 -11.46 -12.34 -45.54
N ILE A 339 -12.75 -12.51 -45.81
CA ILE A 339 -13.25 -12.31 -47.17
C ILE A 339 -13.01 -10.88 -47.62
N PHE A 340 -13.32 -9.93 -46.75
CA PHE A 340 -13.07 -8.52 -47.08
C PHE A 340 -11.61 -8.26 -47.34
N THR A 341 -10.73 -8.81 -46.49
CA THR A 341 -9.30 -8.57 -46.64
C THR A 341 -8.78 -9.14 -47.95
N MET A 342 -9.17 -10.36 -48.29
CA MET A 342 -8.65 -10.95 -49.52
C MET A 342 -9.34 -10.40 -50.76
N ALA A 343 -10.51 -9.78 -50.61
CA ALA A 343 -11.07 -9.06 -51.75
C ALA A 343 -10.38 -7.72 -51.94
N ALA A 344 -9.90 -7.13 -50.85
CA ALA A 344 -9.17 -5.87 -50.97
C ALA A 344 -7.75 -6.09 -51.46
N TYR A 345 -7.12 -7.18 -51.02
CA TYR A 345 -5.72 -7.41 -51.33
C TYR A 345 -5.50 -7.59 -52.83
N TYR A 346 -6.41 -8.29 -53.49
CA TYR A 346 -6.28 -8.60 -54.91
C TYR A 346 -7.09 -7.66 -55.79
N ARG A 347 -7.28 -6.41 -55.35
CA ARG A 347 -8.05 -5.48 -56.14
C ARG A 347 -7.31 -5.17 -57.44
N PRO A 348 -8.04 -4.93 -58.51
CA PRO A 348 -7.38 -4.52 -59.76
C PRO A 348 -6.77 -3.14 -59.61
N VAL A 349 -5.67 -2.93 -60.31
CA VAL A 349 -4.87 -1.72 -60.17
C VAL A 349 -4.82 -0.90 -61.45
N ASP A 350 -5.34 -1.42 -62.57
CA ASP A 350 -5.29 -0.74 -63.85
C ASP A 350 -6.65 -0.16 -64.18
N GLY A 351 -6.68 1.11 -64.55
CA GLY A 351 -7.89 1.74 -65.02
C GLY A 351 -8.72 2.34 -63.89
N LEU A 352 -9.88 2.80 -64.27
CA LEU A 352 -10.84 3.41 -63.35
C LEU A 352 -11.95 2.42 -63.02
N PRO A 353 -12.53 2.54 -61.83
CA PRO A 353 -13.64 1.65 -61.47
C PRO A 353 -14.91 2.05 -62.20
N PRO A 354 -15.85 1.13 -62.39
CA PRO A 354 -15.77 -0.29 -62.08
C PRO A 354 -14.88 -1.05 -63.04
N PHE A 355 -14.69 -2.34 -62.80
CA PHE A 355 -13.76 -3.14 -63.56
C PHE A 355 -14.48 -4.31 -64.24
N LYS A 356 -14.04 -4.62 -65.45
CA LYS A 356 -14.66 -5.68 -66.23
C LYS A 356 -14.20 -7.03 -65.68
N MET A 357 -15.18 -7.82 -65.22
CA MET A 357 -14.91 -9.12 -64.62
C MET A 357 -14.63 -10.11 -65.74
N GLU A 358 -13.36 -10.40 -65.97
CA GLU A 358 -12.94 -11.18 -67.14
C GLU A 358 -12.31 -12.52 -66.76
N LYS A 359 -11.26 -12.53 -65.95
CA LYS A 359 -10.58 -13.77 -65.64
C LYS A 359 -11.41 -14.62 -64.68
N THR A 360 -10.97 -15.86 -64.46
CA THR A 360 -11.64 -16.72 -63.51
C THR A 360 -11.59 -16.15 -62.11
N GLY A 361 -10.42 -15.66 -61.69
CA GLY A 361 -10.29 -15.09 -60.36
C GLY A 361 -11.17 -13.87 -60.16
N ASP A 362 -11.54 -13.19 -61.24
CA ASP A 362 -12.41 -12.03 -61.11
C ASP A 362 -13.77 -12.43 -60.57
N TYR A 363 -14.25 -13.64 -60.89
CA TYR A 363 -15.50 -14.11 -60.31
C TYR A 363 -15.38 -14.21 -58.79
N PHE A 364 -14.29 -14.81 -58.31
CA PHE A 364 -14.07 -14.90 -56.88
C PHE A 364 -13.99 -13.51 -56.26
N ARG A 365 -13.29 -12.59 -56.92
CA ARG A 365 -13.10 -11.27 -56.33
C ARG A 365 -14.40 -10.49 -56.27
N VAL A 366 -15.24 -10.59 -57.31
CA VAL A 366 -16.52 -9.88 -57.24
C VAL A 366 -17.43 -10.54 -56.22
N THR A 367 -17.33 -11.86 -56.05
CA THR A 367 -18.08 -12.51 -54.97
C THR A 367 -17.67 -11.95 -53.62
N GLY A 368 -16.36 -11.82 -53.39
CA GLY A 368 -15.89 -11.25 -52.15
C GLY A 368 -16.32 -9.81 -51.97
N GLU A 369 -16.29 -9.03 -53.05
CA GLU A 369 -16.74 -7.65 -52.99
C GLU A 369 -18.21 -7.58 -52.59
N ILE A 370 -19.03 -8.43 -53.18
CA ILE A 370 -20.46 -8.44 -52.87
C ILE A 370 -20.68 -8.83 -51.41
N LEU A 371 -19.96 -9.86 -50.94
CA LEU A 371 -20.13 -10.28 -49.55
C LEU A 371 -19.70 -9.18 -48.59
N SER A 372 -18.61 -8.48 -48.91
CA SER A 372 -18.18 -7.38 -48.05
C SER A 372 -19.22 -6.27 -48.02
N VAL A 373 -19.79 -5.94 -49.18
CA VAL A 373 -20.81 -4.90 -49.20
C VAL A 373 -22.04 -5.31 -48.39
N LEU A 374 -22.45 -6.58 -48.49
CA LEU A 374 -23.57 -7.04 -47.69
C LEU A 374 -23.26 -6.98 -46.20
N GLY A 375 -22.06 -7.37 -45.80
CA GLY A 375 -21.68 -7.22 -44.41
C GLY A 375 -21.74 -5.77 -43.96
N GLY A 376 -21.26 -4.86 -44.80
CA GLY A 376 -21.29 -3.46 -44.44
C GLY A 376 -22.69 -2.92 -44.30
N VAL A 377 -23.59 -3.28 -45.22
CA VAL A 377 -24.96 -2.78 -45.13
C VAL A 377 -25.67 -3.41 -43.94
N TYR A 378 -25.34 -4.66 -43.61
CA TYR A 378 -25.93 -5.27 -42.43
C TYR A 378 -25.50 -4.55 -41.17
N PHE A 379 -24.22 -4.21 -41.06
CA PHE A 379 -23.79 -3.47 -39.88
C PHE A 379 -24.38 -2.08 -39.85
N PHE A 380 -24.56 -1.45 -41.02
CA PHE A 380 -25.21 -0.15 -41.08
C PHE A 380 -26.63 -0.22 -40.54
N PHE A 381 -27.40 -1.21 -41.00
CA PHE A 381 -28.78 -1.33 -40.54
C PHE A 381 -28.84 -1.73 -39.08
N ARG A 382 -27.90 -2.54 -38.62
CA ARG A 382 -27.89 -2.90 -37.21
C ARG A 382 -27.58 -1.69 -36.34
N GLY A 383 -26.68 -0.82 -36.79
CA GLY A 383 -26.45 0.42 -36.07
C GLY A 383 -27.65 1.34 -36.06
N ILE A 384 -28.36 1.44 -37.18
CA ILE A 384 -29.58 2.23 -37.21
C ILE A 384 -30.62 1.65 -36.26
N GLN A 385 -30.77 0.34 -36.27
CA GLN A 385 -31.70 -0.32 -35.35
C GLN A 385 -31.33 -0.05 -33.91
N TYR A 386 -30.03 -0.05 -33.60
CA TYR A 386 -29.61 0.30 -32.25
C TYR A 386 -29.98 1.74 -31.91
N PHE A 387 -29.72 2.67 -32.83
CA PHE A 387 -30.03 4.07 -32.56
C PHE A 387 -31.52 4.30 -32.38
N LEU A 388 -32.35 3.45 -32.98
CA LEU A 388 -33.79 3.59 -32.78
C LEU A 388 -34.28 2.90 -31.53
N GLN A 389 -33.74 1.72 -31.22
CA GLN A 389 -34.22 0.94 -30.08
C GLN A 389 -33.95 1.67 -28.77
N ARG A 390 -32.70 2.08 -28.56
CA ARG A 390 -32.31 2.64 -27.28
C ARG A 390 -32.58 4.14 -27.18
N ARG A 391 -32.90 4.78 -28.30
CA ARG A 391 -33.10 6.22 -28.35
C ARG A 391 -32.10 7.01 -27.51
N PRO A 392 -30.81 6.70 -27.61
CA PRO A 392 -29.84 7.31 -26.70
C PRO A 392 -29.62 8.77 -27.00
N SER A 393 -29.24 9.52 -25.96
CA SER A 393 -28.95 10.93 -26.12
C SER A 393 -27.57 11.11 -26.75
N MET A 394 -27.28 12.34 -27.16
CA MET A 394 -26.01 12.63 -27.80
C MET A 394 -24.85 12.32 -26.86
N LYS A 395 -24.96 12.75 -25.60
CA LYS A 395 -23.91 12.48 -24.63
C LYS A 395 -23.73 10.98 -24.46
N THR A 396 -24.83 10.24 -24.37
CA THR A 396 -24.74 8.79 -24.22
C THR A 396 -24.08 8.16 -25.44
N LEU A 397 -24.43 8.64 -26.64
CA LEU A 397 -23.78 8.13 -27.84
C LEU A 397 -22.28 8.35 -27.79
N PHE A 398 -21.86 9.52 -27.33
CA PHE A 398 -20.44 9.85 -27.38
C PHE A 398 -19.66 9.39 -26.17
N VAL A 399 -20.31 8.82 -25.15
CA VAL A 399 -19.56 8.36 -23.99
C VAL A 399 -19.73 6.87 -23.69
N ASP A 400 -20.81 6.21 -24.13
CA ASP A 400 -21.01 4.84 -23.67
C ASP A 400 -21.55 3.92 -24.75
N SER A 401 -21.32 4.23 -26.02
CA SER A 401 -21.74 3.35 -27.10
C SER A 401 -20.62 3.22 -28.12
N TYR A 402 -19.40 2.99 -27.64
CA TYR A 402 -18.25 3.05 -28.52
C TYR A 402 -18.24 1.90 -29.53
N SER A 403 -18.65 0.70 -29.12
CA SER A 403 -18.64 -0.40 -30.07
C SER A 403 -19.69 -0.20 -31.15
N GLU A 404 -20.90 0.21 -30.75
CA GLU A 404 -21.92 0.47 -31.75
C GLU A 404 -21.50 1.60 -32.67
N MET A 405 -20.90 2.65 -32.10
CA MET A 405 -20.44 3.76 -32.91
C MET A 405 -19.34 3.32 -33.88
N LEU A 406 -18.43 2.47 -33.43
CA LEU A 406 -17.32 2.05 -34.28
C LEU A 406 -17.77 1.13 -35.40
N PHE A 407 -18.62 0.15 -35.08
CA PHE A 407 -19.15 -0.70 -36.13
C PHE A 407 -19.98 0.10 -37.12
N PHE A 408 -20.78 1.05 -36.62
CA PHE A 408 -21.53 1.91 -37.52
C PHE A 408 -20.60 2.72 -38.41
N LEU A 409 -19.51 3.24 -37.85
CA LEU A 409 -18.57 4.04 -38.62
C LEU A 409 -17.92 3.21 -39.73
N GLN A 410 -17.54 1.98 -39.41
CA GLN A 410 -16.98 1.12 -40.42
C GLN A 410 -17.98 0.83 -41.53
N SER A 411 -19.25 0.61 -41.17
CA SER A 411 -20.27 0.44 -42.19
C SER A 411 -20.41 1.68 -43.05
N LEU A 412 -20.31 2.86 -42.43
CA LEU A 412 -20.37 4.11 -43.19
C LEU A 412 -19.24 4.16 -44.20
N PHE A 413 -18.03 3.79 -43.77
CA PHE A 413 -16.90 3.80 -44.69
C PHE A 413 -17.11 2.83 -45.84
N MET A 414 -17.67 1.66 -45.56
CA MET A 414 -17.96 0.72 -46.64
C MET A 414 -18.95 1.30 -47.64
N LEU A 415 -20.02 1.93 -47.14
CA LEU A 415 -21.00 2.51 -48.04
C LEU A 415 -20.41 3.63 -48.88
N ALA A 416 -19.56 4.47 -48.26
CA ALA A 416 -18.87 5.50 -49.03
C ALA A 416 -17.98 4.87 -50.09
N THR A 417 -17.33 3.76 -49.76
CA THR A 417 -16.51 3.05 -50.73
C THR A 417 -17.34 2.61 -51.92
N VAL A 418 -18.53 2.06 -51.67
CA VAL A 418 -19.37 1.63 -52.78
C VAL A 418 -19.79 2.82 -53.63
N VAL A 419 -20.24 3.89 -52.97
CA VAL A 419 -20.68 5.08 -53.70
C VAL A 419 -19.58 5.59 -54.60
N LEU A 420 -18.36 5.69 -54.07
CA LEU A 420 -17.25 6.16 -54.88
C LEU A 420 -16.91 5.17 -56.00
N TYR A 421 -16.90 3.88 -55.67
CA TYR A 421 -16.51 2.87 -56.65
C TYR A 421 -17.42 2.88 -57.86
N PHE A 422 -18.70 3.14 -57.67
CA PHE A 422 -19.59 3.20 -58.82
C PHE A 422 -19.61 4.57 -59.47
N SER A 423 -18.82 5.52 -58.97
CA SER A 423 -18.72 6.85 -59.56
C SER A 423 -17.41 7.06 -60.32
N HIS A 424 -16.67 5.98 -60.60
CA HIS A 424 -15.41 6.06 -61.33
C HIS A 424 -14.40 6.98 -60.63
N LEU A 425 -14.02 6.59 -59.43
CA LEU A 425 -13.07 7.36 -58.65
C LEU A 425 -12.05 6.44 -57.99
N LYS A 426 -10.77 6.80 -58.13
CA LYS A 426 -9.74 6.07 -57.42
C LYS A 426 -9.88 6.20 -55.91
N GLU A 427 -10.43 7.33 -55.46
CA GLU A 427 -10.52 7.63 -54.05
C GLU A 427 -11.28 6.57 -53.27
N TYR A 428 -12.07 5.73 -53.95
CA TYR A 428 -12.76 4.66 -53.26
C TYR A 428 -11.78 3.85 -52.43
N VAL A 429 -10.58 3.59 -52.96
CA VAL A 429 -9.60 2.80 -52.23
C VAL A 429 -9.37 3.39 -50.87
N ALA A 430 -9.14 4.71 -50.82
CA ALA A 430 -8.95 5.39 -49.55
C ALA A 430 -10.01 4.99 -48.56
N SER A 431 -11.28 5.22 -48.91
CA SER A 431 -12.36 4.88 -47.99
C SER A 431 -12.30 3.41 -47.63
N MET A 432 -12.19 2.55 -48.64
CA MET A 432 -12.12 1.12 -48.40
C MET A 432 -11.05 0.80 -47.39
N VAL A 433 -9.87 1.41 -47.53
CA VAL A 433 -8.76 1.09 -46.67
C VAL A 433 -9.11 1.37 -45.22
N PHE A 434 -9.73 2.52 -44.95
CA PHE A 434 -10.11 2.79 -43.57
C PHE A 434 -11.07 1.73 -43.07
N SER A 435 -12.07 1.40 -43.88
CA SER A 435 -13.02 0.37 -43.47
C SER A 435 -12.32 -0.94 -43.18
N LEU A 436 -11.16 -1.17 -43.80
CA LEU A 436 -10.41 -2.36 -43.49
C LEU A 436 -9.81 -2.28 -42.09
N ALA A 437 -9.09 -1.21 -41.79
CA ALA A 437 -8.36 -1.14 -40.53
C ALA A 437 -9.33 -1.24 -39.36
N LEU A 438 -10.35 -0.37 -39.35
CA LEU A 438 -11.39 -0.45 -38.33
C LEU A 438 -11.89 -1.87 -38.21
N GLY A 439 -12.20 -2.51 -39.34
CA GLY A 439 -12.69 -3.86 -39.35
C GLY A 439 -11.89 -4.73 -38.42
N TRP A 440 -10.59 -4.82 -38.66
CA TRP A 440 -9.78 -5.73 -37.86
C TRP A 440 -9.75 -5.28 -36.41
N THR A 441 -9.62 -3.98 -36.20
CA THR A 441 -9.66 -3.45 -34.84
C THR A 441 -10.92 -3.87 -34.12
N ASN A 442 -12.05 -3.87 -34.82
CA ASN A 442 -13.31 -4.17 -34.17
C ASN A 442 -13.36 -5.58 -33.63
N MET A 443 -12.45 -6.46 -34.05
CA MET A 443 -12.42 -7.78 -33.46
C MET A 443 -12.16 -7.75 -31.97
N LEU A 444 -11.58 -6.68 -31.45
CA LEU A 444 -11.38 -6.63 -30.01
C LEU A 444 -12.70 -6.61 -29.26
N TYR A 445 -13.79 -6.24 -29.93
CA TYR A 445 -15.11 -6.40 -29.32
C TYR A 445 -15.28 -7.81 -28.78
N TYR A 446 -14.96 -8.81 -29.59
CA TYR A 446 -15.22 -10.17 -29.18
C TYR A 446 -14.35 -10.62 -28.03
N THR A 447 -13.33 -9.85 -27.67
CA THR A 447 -12.57 -10.21 -26.48
C THR A 447 -13.41 -10.17 -25.23
N ARG A 448 -14.58 -9.54 -25.26
CA ARG A 448 -15.42 -9.56 -24.07
C ARG A 448 -16.02 -10.92 -23.80
N GLY A 449 -15.94 -11.85 -24.75
CA GLY A 449 -16.41 -13.19 -24.48
C GLY A 449 -15.49 -13.95 -23.55
N PHE A 450 -14.27 -13.48 -23.39
CA PHE A 450 -13.24 -14.16 -22.63
C PHE A 450 -12.85 -13.28 -21.46
N GLN A 451 -12.64 -13.87 -20.29
CA GLN A 451 -12.49 -13.05 -19.10
C GLN A 451 -11.19 -12.26 -19.13
N GLN A 452 -10.06 -12.95 -19.27
CA GLN A 452 -8.78 -12.26 -19.25
C GLN A 452 -8.69 -11.21 -20.34
N MET A 453 -9.03 -11.60 -21.57
CA MET A 453 -8.93 -10.65 -22.67
C MET A 453 -9.98 -9.57 -22.56
N GLY A 454 -11.13 -9.87 -21.96
CA GLY A 454 -12.13 -8.83 -21.76
C GLY A 454 -11.64 -7.76 -20.81
N ILE A 455 -11.04 -8.17 -19.69
CA ILE A 455 -10.45 -7.19 -18.78
C ILE A 455 -9.36 -6.41 -19.49
N TYR A 456 -8.58 -7.09 -20.32
CA TYR A 456 -7.50 -6.41 -21.04
C TYR A 456 -8.05 -5.33 -21.95
N ALA A 457 -9.10 -5.64 -22.72
CA ALA A 457 -9.66 -4.66 -23.63
C ALA A 457 -10.31 -3.52 -22.88
N VAL A 458 -10.92 -3.80 -21.73
CA VAL A 458 -11.48 -2.72 -20.92
C VAL A 458 -10.38 -1.77 -20.46
N MET A 459 -9.25 -2.34 -20.01
CA MET A 459 -8.12 -1.49 -19.63
C MET A 459 -7.61 -0.68 -20.81
N ILE A 460 -7.56 -1.30 -21.99
CA ILE A 460 -7.13 -0.58 -23.19
C ILE A 460 -8.01 0.65 -23.39
N GLU A 461 -9.32 0.46 -23.31
CA GLU A 461 -10.21 1.59 -23.48
C GLU A 461 -9.99 2.65 -22.41
N LYS A 462 -9.83 2.23 -21.16
CA LYS A 462 -9.66 3.22 -20.10
C LYS A 462 -8.42 4.07 -20.33
N MET A 463 -7.32 3.44 -20.74
CA MET A 463 -6.13 4.21 -21.07
C MET A 463 -6.39 5.16 -22.23
N ILE A 464 -6.98 4.66 -23.32
CA ILE A 464 -7.23 5.52 -24.46
C ILE A 464 -8.04 6.73 -24.04
N LEU A 465 -9.04 6.52 -23.20
CA LEU A 465 -9.97 7.60 -22.86
C LEU A 465 -9.47 8.53 -21.77
N ARG A 466 -8.49 8.13 -20.97
CA ARG A 466 -8.10 9.03 -19.89
C ARG A 466 -6.62 9.39 -19.85
N ASP A 467 -5.71 8.51 -20.25
CA ASP A 467 -4.30 8.88 -20.24
C ASP A 467 -3.85 9.40 -21.61
N LEU A 468 -4.15 8.63 -22.65
CA LEU A 468 -3.67 8.97 -23.98
C LEU A 468 -4.21 10.30 -24.46
N CYS A 469 -5.47 10.62 -24.15
CA CYS A 469 -6.03 11.87 -24.65
C CYS A 469 -5.27 13.08 -24.12
N ARG A 470 -5.05 13.13 -22.81
CA ARG A 470 -4.36 14.29 -22.25
C ARG A 470 -2.90 14.29 -22.65
N PHE A 471 -2.28 13.11 -22.73
CA PHE A 471 -0.90 13.07 -23.20
C PHE A 471 -0.80 13.62 -24.61
N MET A 472 -1.74 13.24 -25.48
CA MET A 472 -1.70 13.74 -26.85
C MET A 472 -1.95 15.23 -26.90
N PHE A 473 -2.80 15.75 -26.03
CA PHE A 473 -3.00 17.20 -26.06
C PHE A 473 -1.69 17.92 -25.75
N VAL A 474 -1.04 17.55 -24.65
CA VAL A 474 0.21 18.20 -24.30
C VAL A 474 1.26 17.97 -25.38
N TYR A 475 1.32 16.76 -25.92
CA TYR A 475 2.32 16.43 -26.92
C TYR A 475 2.12 17.24 -28.18
N ILE A 476 0.87 17.40 -28.62
CA ILE A 476 0.62 18.22 -29.80
C ILE A 476 1.04 19.65 -29.56
N VAL A 477 0.75 20.18 -28.37
CA VAL A 477 1.19 21.55 -28.08
C VAL A 477 2.70 21.67 -28.24
N PHE A 478 3.45 20.77 -27.59
CA PHE A 478 4.91 20.86 -27.66
C PHE A 478 5.42 20.66 -29.08
N LEU A 479 4.91 19.63 -29.75
CA LEU A 479 5.40 19.30 -31.08
C LEU A 479 5.13 20.43 -32.06
N PHE A 480 3.94 21.01 -32.00
CA PHE A 480 3.63 22.10 -32.90
C PHE A 480 4.45 23.34 -32.59
N GLY A 481 4.67 23.62 -31.30
CA GLY A 481 5.47 24.77 -30.97
C GLY A 481 6.88 24.66 -31.51
N PHE A 482 7.53 23.54 -31.23
CA PHE A 482 8.91 23.40 -31.68
C PHE A 482 9.00 23.21 -33.17
N SER A 483 7.97 22.67 -33.81
CA SER A 483 7.98 22.56 -35.26
C SER A 483 7.90 23.93 -35.90
N THR A 484 7.05 24.80 -35.38
CA THR A 484 7.00 26.16 -35.90
C THR A 484 8.34 26.86 -35.69
N ALA A 485 8.95 26.69 -34.52
CA ALA A 485 10.25 27.30 -34.27
C ALA A 485 11.30 26.82 -35.26
N VAL A 486 11.36 25.51 -35.49
CA VAL A 486 12.38 24.96 -36.37
C VAL A 486 12.15 25.40 -37.80
N VAL A 487 10.89 25.40 -38.26
CA VAL A 487 10.62 25.88 -39.60
C VAL A 487 10.99 27.34 -39.73
N THR A 488 10.80 28.12 -38.68
CA THR A 488 11.22 29.50 -38.73
C THR A 488 12.73 29.63 -38.89
N LEU A 489 13.50 28.80 -38.19
CA LEU A 489 14.94 28.82 -38.42
C LEU A 489 15.29 28.47 -39.86
N ILE A 490 14.65 27.45 -40.40
CA ILE A 490 15.12 26.85 -41.63
C ILE A 490 14.90 27.79 -42.80
N GLU A 491 15.94 27.99 -43.60
CA GLU A 491 15.89 28.78 -44.82
C GLU A 491 15.24 27.97 -45.92
N ASP A 492 15.40 28.38 -47.17
CA ASP A 492 14.92 27.59 -48.29
C ASP A 492 15.31 26.12 -48.13
N GLY A 493 14.29 25.27 -47.97
CA GLY A 493 14.52 23.88 -47.62
C GLY A 493 15.22 23.07 -48.68
N SER A 517 14.23 16.29 -50.10
CA SER A 517 13.78 16.49 -48.72
C SER A 517 13.99 17.93 -48.28
N SER A 518 13.08 18.80 -48.70
CA SER A 518 13.11 20.20 -48.30
C SER A 518 12.30 20.35 -47.03
N TYR A 519 12.98 20.71 -45.93
CA TYR A 519 12.35 20.81 -44.63
C TYR A 519 11.88 22.21 -44.32
N ASN A 520 11.57 23.01 -45.33
CA ASN A 520 11.03 24.35 -45.13
C ASN A 520 9.52 24.36 -45.26
N SER A 521 8.87 23.29 -44.86
CA SER A 521 7.43 23.22 -44.77
C SER A 521 7.07 22.69 -43.40
N LEU A 522 5.93 23.15 -42.88
CA LEU A 522 5.54 22.75 -41.54
C LEU A 522 5.28 21.26 -41.46
N TYR A 523 4.76 20.66 -42.53
CA TYR A 523 4.46 19.24 -42.50
C TYR A 523 5.72 18.41 -42.37
N SER A 524 6.74 18.72 -43.17
CA SER A 524 7.97 17.92 -43.15
C SER A 524 8.66 18.00 -41.80
N THR A 525 8.69 19.20 -41.22
CA THR A 525 9.36 19.37 -39.94
C THR A 525 8.56 18.73 -38.81
N CYS A 526 7.24 18.83 -38.86
CA CYS A 526 6.45 18.08 -37.89
C CYS A 526 6.74 16.60 -38.00
N LEU A 527 6.90 16.10 -39.22
CA LEU A 527 7.18 14.68 -39.39
C LEU A 527 8.52 14.30 -38.79
N GLU A 528 9.54 15.15 -38.97
CA GLU A 528 10.85 14.87 -38.37
C GLU A 528 10.77 14.87 -36.85
N LEU A 529 10.18 15.92 -36.29
CA LEU A 529 10.08 15.99 -34.85
C LEU A 529 9.21 14.90 -34.27
N PHE A 530 8.36 14.28 -35.08
CA PHE A 530 7.62 13.12 -34.60
C PHE A 530 8.47 11.86 -34.69
N LYS A 531 9.29 11.75 -35.73
CA LYS A 531 10.26 10.67 -35.81
C LYS A 531 11.08 10.63 -34.54
N PHE A 532 11.36 11.79 -33.97
CA PHE A 532 12.07 11.80 -32.68
C PHE A 532 11.32 11.01 -31.62
N THR A 533 9.99 11.17 -31.57
CA THR A 533 9.21 10.43 -30.60
C THR A 533 9.21 8.94 -30.89
N ILE A 534 9.13 8.56 -32.16
CA ILE A 534 9.15 7.14 -32.50
C ILE A 534 10.38 6.45 -31.94
N GLY A 535 11.54 7.06 -32.09
CA GLY A 535 12.79 6.44 -31.71
C GLY A 535 13.69 6.38 -32.92
N MET A 536 13.33 7.17 -33.94
CA MET A 536 14.04 7.22 -35.20
C MET A 536 14.43 8.64 -35.53
N GLY A 537 14.69 9.46 -34.51
CA GLY A 537 14.88 10.88 -34.73
C GLY A 537 16.29 11.17 -35.17
N ASP A 538 16.42 11.99 -36.22
CA ASP A 538 17.71 12.38 -36.75
C ASP A 538 18.02 13.80 -36.31
N LEU A 539 19.19 14.01 -35.75
CA LEU A 539 19.63 15.34 -35.31
C LEU A 539 20.39 16.07 -36.39
N GLU A 540 20.43 15.55 -37.62
CA GLU A 540 21.31 16.09 -38.64
C GLU A 540 20.61 16.21 -39.98
N PHE A 541 19.36 16.67 -39.98
CA PHE A 541 18.76 17.14 -41.23
C PHE A 541 19.00 18.64 -41.33
N THR A 542 20.25 19.04 -41.13
CA THR A 542 20.56 20.33 -40.53
C THR A 542 21.64 21.08 -41.30
N GLU A 543 21.51 21.17 -42.61
CA GLU A 543 22.47 21.93 -43.37
C GLU A 543 21.90 23.24 -43.91
N ASN A 544 20.70 23.62 -43.50
CA ASN A 544 19.99 24.66 -44.21
C ASN A 544 19.46 25.78 -43.32
N TYR A 545 19.81 25.80 -42.06
CA TYR A 545 19.53 26.94 -41.20
C TYR A 545 20.67 27.95 -41.32
N ASP A 546 20.74 28.88 -40.39
CA ASP A 546 21.83 29.84 -40.34
C ASP A 546 22.52 29.90 -38.99
N PHE A 547 21.97 29.28 -37.95
CA PHE A 547 22.54 29.28 -36.61
C PHE A 547 22.51 27.85 -36.07
N LYS A 548 23.67 27.21 -36.04
CA LYS A 548 23.71 25.81 -35.60
C LYS A 548 23.37 25.70 -34.11
N ALA A 549 23.88 26.61 -33.30
CA ALA A 549 23.65 26.52 -31.86
C ALA A 549 22.17 26.63 -31.54
N VAL A 550 21.47 27.55 -32.19
CA VAL A 550 20.04 27.70 -31.93
C VAL A 550 19.29 26.43 -32.31
N PHE A 551 19.62 25.89 -33.48
CA PHE A 551 18.94 24.67 -33.94
C PHE A 551 19.15 23.53 -32.97
N ILE A 552 20.38 23.33 -32.53
CA ILE A 552 20.65 22.18 -31.67
C ILE A 552 20.06 22.38 -30.29
N ILE A 553 20.01 23.63 -29.80
CA ILE A 553 19.37 23.88 -28.52
C ILE A 553 17.89 23.59 -28.61
N LEU A 554 17.25 24.02 -29.71
CA LEU A 554 15.83 23.73 -29.88
C LEU A 554 15.59 22.23 -29.92
N LEU A 555 16.40 21.49 -30.66
CA LEU A 555 16.19 20.05 -30.76
C LEU A 555 16.40 19.37 -29.41
N LEU A 556 17.43 19.77 -28.67
CA LEU A 556 17.67 19.15 -27.37
C LEU A 556 16.54 19.45 -26.40
N ALA A 557 16.05 20.69 -26.41
CA ALA A 557 14.93 21.01 -25.55
C ALA A 557 13.71 20.18 -25.91
N TYR A 558 13.43 20.03 -27.20
CA TYR A 558 12.28 19.24 -27.61
C TYR A 558 12.44 17.78 -27.17
N VAL A 559 13.63 17.23 -27.37
CA VAL A 559 13.88 15.84 -26.97
C VAL A 559 13.67 15.66 -25.48
N ILE A 560 14.30 16.52 -24.69
CA ILE A 560 14.23 16.36 -23.24
C ILE A 560 12.79 16.49 -22.75
N LEU A 561 12.04 17.43 -23.31
CA LEU A 561 10.67 17.60 -22.86
C LEU A 561 9.77 16.44 -23.29
N THR A 562 9.83 16.05 -24.55
CA THR A 562 8.87 15.07 -25.03
C THR A 562 9.37 13.65 -24.87
N TYR A 563 10.53 13.33 -25.45
CA TYR A 563 10.98 11.95 -25.44
C TYR A 563 11.31 11.48 -24.04
N ILE A 564 12.08 12.28 -23.29
CA ILE A 564 12.56 11.83 -22.00
C ILE A 564 11.54 12.08 -20.90
N LEU A 565 10.86 13.23 -20.93
CA LEU A 565 9.95 13.55 -19.84
C LEU A 565 8.54 13.04 -20.11
N LEU A 566 7.92 13.48 -21.19
CA LEU A 566 6.51 13.16 -21.39
C LEU A 566 6.26 11.68 -21.58
N LEU A 567 7.10 11.00 -22.35
CA LEU A 567 6.84 9.59 -22.62
C LEU A 567 6.99 8.75 -21.36
N ASN A 568 8.06 8.97 -20.60
CA ASN A 568 8.24 8.24 -19.36
C ASN A 568 7.16 8.62 -18.36
N MET A 569 6.73 9.87 -18.36
CA MET A 569 5.62 10.28 -17.52
C MET A 569 4.34 9.55 -17.92
N LEU A 570 4.14 9.35 -19.21
CA LEU A 570 2.98 8.60 -19.68
C LEU A 570 3.02 7.16 -19.18
N ILE A 571 4.20 6.55 -19.22
CA ILE A 571 4.34 5.20 -18.70
C ILE A 571 3.99 5.16 -17.21
N ALA A 572 4.51 6.14 -16.46
CA ALA A 572 4.22 6.18 -15.03
C ALA A 572 2.73 6.36 -14.76
N LEU A 573 2.07 7.23 -15.53
CA LEU A 573 0.65 7.47 -15.33
C LEU A 573 -0.17 6.23 -15.69
N MET A 574 0.19 5.53 -16.75
CA MET A 574 -0.48 4.27 -17.04
C MET A 574 -0.29 3.27 -15.91
N GLY A 575 0.91 3.22 -15.32
CA GLY A 575 1.11 2.35 -14.18
C GLY A 575 0.17 2.68 -13.04
N GLU A 576 0.05 3.97 -12.74
CA GLU A 576 -0.84 4.39 -11.66
C GLU A 576 -2.29 4.05 -11.98
N THR A 577 -2.72 4.29 -13.21
CA THR A 577 -4.09 4.00 -13.59
C THR A 577 -4.39 2.51 -13.48
N VAL A 578 -3.45 1.67 -13.93
CA VAL A 578 -3.61 0.23 -13.77
C VAL A 578 -3.77 -0.12 -12.29
N ASN A 579 -2.91 0.42 -11.45
CA ASN A 579 -3.04 0.17 -10.03
C ASN A 579 -4.36 0.69 -9.48
N LYS A 580 -5.02 1.60 -10.19
CA LYS A 580 -6.23 2.22 -9.68
C LYS A 580 -7.53 1.59 -10.18
N ILE A 581 -7.51 0.88 -11.31
CA ILE A 581 -8.75 0.42 -11.91
C ILE A 581 -8.80 -1.10 -12.01
N ALA A 582 -8.17 -1.78 -11.06
CA ALA A 582 -8.17 -3.24 -11.09
C ALA A 582 -9.60 -3.80 -10.99
N GLN A 583 -10.42 -3.24 -10.11
CA GLN A 583 -11.75 -3.77 -9.88
C GLN A 583 -12.79 -3.16 -10.81
N GLU A 584 -12.69 -1.87 -11.08
CA GLU A 584 -13.63 -1.24 -12.00
C GLU A 584 -13.56 -1.88 -13.38
N SER A 585 -12.37 -2.29 -13.81
CA SER A 585 -12.24 -2.95 -15.10
C SER A 585 -13.03 -4.26 -15.13
N LYS A 586 -12.91 -5.05 -14.06
CA LYS A 586 -13.65 -6.30 -14.01
C LYS A 586 -15.15 -6.06 -14.00
N ASN A 587 -15.59 -5.06 -13.24
CA ASN A 587 -17.02 -4.75 -13.20
C ASN A 587 -17.52 -4.30 -14.57
N ILE A 588 -16.73 -3.47 -15.26
CA ILE A 588 -17.14 -3.01 -16.58
C ILE A 588 -17.22 -4.18 -17.54
N TRP A 589 -16.27 -5.11 -17.47
CA TRP A 589 -16.34 -6.27 -18.34
C TRP A 589 -17.58 -7.08 -18.06
N LYS A 590 -17.90 -7.27 -16.78
CA LYS A 590 -19.10 -8.02 -16.43
C LYS A 590 -20.33 -7.35 -17.02
N LEU A 591 -20.39 -6.03 -16.95
CA LEU A 591 -21.53 -5.32 -17.52
C LEU A 591 -21.56 -5.44 -19.03
N GLN A 592 -20.40 -5.43 -19.68
CA GLN A 592 -20.35 -5.60 -21.13
C GLN A 592 -20.89 -6.96 -21.53
N ARG A 593 -20.45 -8.00 -20.82
CA ARG A 593 -20.96 -9.35 -21.09
C ARG A 593 -22.45 -9.42 -20.81
N ALA A 594 -22.92 -8.70 -19.78
CA ALA A 594 -24.35 -8.69 -19.49
C ALA A 594 -25.13 -8.08 -20.63
N ILE A 595 -24.64 -6.99 -21.19
CA ILE A 595 -25.32 -6.39 -22.34
C ILE A 595 -25.32 -7.36 -23.51
N THR A 596 -24.20 -8.05 -23.71
CA THR A 596 -24.14 -9.05 -24.78
C THR A 596 -25.17 -10.15 -24.57
N ILE A 597 -25.30 -10.63 -23.32
CA ILE A 597 -26.23 -11.71 -23.03
C ILE A 597 -27.66 -11.25 -23.27
N LEU A 598 -28.01 -10.07 -22.77
CA LEU A 598 -29.37 -9.59 -22.95
C LEU A 598 -29.69 -9.36 -24.40
N ASP A 599 -28.76 -8.79 -25.16
CA ASP A 599 -29.01 -8.55 -26.57
C ASP A 599 -29.15 -9.86 -27.33
N THR A 600 -28.29 -10.84 -27.04
CA THR A 600 -28.39 -12.13 -27.71
C THR A 600 -29.72 -12.80 -27.41
N GLU A 601 -30.11 -12.83 -26.13
CA GLU A 601 -31.37 -13.47 -25.76
C GLU A 601 -32.55 -12.78 -26.44
N LYS A 602 -32.62 -11.46 -26.33
CA LYS A 602 -33.76 -10.73 -26.88
C LYS A 602 -33.76 -10.69 -28.40
N SER A 603 -32.84 -11.38 -29.06
CA SER A 603 -32.74 -11.34 -30.52
C SER A 603 -33.06 -12.69 -31.16
N PHE A 604 -33.81 -13.54 -30.48
CA PHE A 604 -34.22 -14.83 -31.02
C PHE A 604 -35.74 -14.95 -31.11
N LEU A 605 -36.17 -16.16 -31.47
CA LEU A 605 -37.56 -16.51 -31.63
C LEU A 605 -38.15 -16.97 -30.30
N LYS A 606 -39.47 -17.06 -30.27
CA LYS A 606 -40.16 -17.44 -29.03
C LYS A 606 -39.80 -18.85 -28.60
N CYS A 607 -39.67 -19.78 -29.55
CA CYS A 607 -39.46 -21.18 -29.21
C CYS A 607 -38.16 -21.38 -28.44
N MET A 608 -37.05 -20.87 -28.97
CA MET A 608 -35.78 -21.03 -28.29
C MET A 608 -35.73 -20.20 -27.01
N ARG A 609 -36.23 -18.97 -27.05
CA ARG A 609 -36.16 -18.10 -25.88
C ARG A 609 -36.88 -18.71 -24.69
N LYS A 610 -38.08 -19.27 -24.91
CA LYS A 610 -38.78 -19.95 -23.83
C LYS A 610 -38.23 -21.35 -23.59
N ALA A 611 -37.49 -21.89 -24.56
CA ALA A 611 -36.83 -23.18 -24.34
C ALA A 611 -35.63 -23.06 -23.42
N PHE A 612 -35.11 -21.85 -23.21
CA PHE A 612 -33.97 -21.61 -22.34
C PHE A 612 -34.28 -20.52 -21.32
N ARG A 613 -35.42 -20.64 -20.65
CA ARG A 613 -35.64 -19.87 -19.45
C ARG A 613 -34.73 -20.37 -18.33
N SER A 614 -34.50 -19.52 -17.34
CA SER A 614 -33.62 -19.85 -16.24
C SER A 614 -34.43 -20.21 -15.00
N GLY A 615 -33.93 -21.18 -14.24
CA GLY A 615 -34.59 -21.62 -13.03
C GLY A 615 -35.75 -22.56 -13.32
N LYS A 616 -36.25 -23.17 -12.26
CA LYS A 616 -37.36 -24.10 -12.35
C LYS A 616 -38.62 -23.43 -11.80
N LEU A 617 -39.77 -24.04 -12.12
CA LEU A 617 -41.05 -23.59 -11.58
C LEU A 617 -41.35 -24.41 -10.33
N LEU A 618 -40.64 -24.09 -9.27
CA LEU A 618 -40.67 -24.88 -8.04
C LEU A 618 -41.84 -24.48 -7.16
N GLN A 619 -42.07 -25.28 -6.12
CA GLN A 619 -43.09 -25.01 -5.11
C GLN A 619 -42.40 -24.38 -3.91
N VAL A 620 -42.69 -23.11 -3.65
CA VAL A 620 -42.07 -22.40 -2.54
C VAL A 620 -42.69 -22.80 -1.22
N GLY A 621 -44.01 -22.67 -1.13
CA GLY A 621 -44.73 -22.90 0.10
C GLY A 621 -46.19 -22.55 -0.08
N TYR A 622 -46.79 -21.97 0.95
CA TYR A 622 -48.21 -21.65 0.93
C TYR A 622 -48.41 -20.16 1.11
N THR A 623 -49.18 -19.57 0.21
CA THR A 623 -49.60 -18.19 0.39
C THR A 623 -50.54 -18.11 1.60
N PRO A 624 -50.61 -16.94 2.25
CA PRO A 624 -51.59 -16.80 3.34
C PRO A 624 -53.02 -17.08 2.91
N ASP A 625 -53.32 -16.95 1.61
CA ASP A 625 -54.61 -17.42 1.12
C ASP A 625 -54.78 -18.92 1.36
N GLY A 626 -53.69 -19.68 1.34
CA GLY A 626 -53.70 -21.11 1.65
C GLY A 626 -53.19 -21.98 0.51
N LYS A 627 -53.30 -21.51 -0.73
CA LYS A 627 -52.94 -22.34 -1.87
C LYS A 627 -51.43 -22.37 -2.05
N ASP A 628 -50.99 -23.21 -3.00
CA ASP A 628 -49.57 -23.34 -3.29
C ASP A 628 -49.02 -22.08 -3.93
N ASP A 629 -47.73 -21.84 -3.71
CA ASP A 629 -47.04 -20.70 -4.30
C ASP A 629 -45.94 -21.23 -5.22
N TYR A 630 -46.09 -20.98 -6.52
CA TYR A 630 -45.09 -21.34 -7.51
C TYR A 630 -44.29 -20.10 -7.90
N ARG A 631 -42.98 -20.19 -7.80
CA ARG A 631 -42.09 -19.11 -8.17
C ARG A 631 -40.96 -19.66 -9.02
N TRP A 632 -40.63 -18.94 -10.09
CA TRP A 632 -39.48 -19.30 -10.90
C TRP A 632 -38.23 -19.03 -10.08
N CYS A 633 -37.62 -20.08 -9.55
CA CYS A 633 -36.55 -19.94 -8.59
C CYS A 633 -35.23 -20.44 -9.18
N PHE A 634 -34.17 -19.71 -8.90
CA PHE A 634 -32.82 -20.08 -9.33
C PHE A 634 -32.09 -20.66 -8.13
N ARG A 635 -31.54 -21.86 -8.28
CA ARG A 635 -31.04 -22.62 -7.15
C ARG A 635 -29.53 -22.43 -6.99
N VAL A 636 -29.11 -22.17 -5.76
CA VAL A 636 -27.73 -21.90 -5.41
C VAL A 636 -27.35 -22.78 -4.22
N ASP A 637 -26.22 -23.47 -4.31
CA ASP A 637 -25.77 -24.36 -3.25
C ASP A 637 -24.68 -23.68 -2.44
N GLU A 638 -24.71 -23.85 -1.13
CA GLU A 638 -23.83 -23.15 -0.22
C GLU A 638 -23.42 -24.08 0.92
N VAL A 639 -22.31 -23.74 1.58
CA VAL A 639 -21.86 -24.47 2.76
C VAL A 639 -21.51 -23.47 3.84
N ASN A 640 -21.82 -23.82 5.09
CA ASN A 640 -21.50 -22.98 6.23
C ASN A 640 -21.00 -23.87 7.36
N TRP A 641 -19.89 -23.48 7.97
CA TRP A 641 -19.29 -24.25 9.05
C TRP A 641 -19.59 -23.68 10.42
N THR A 642 -20.54 -22.74 10.50
CA THR A 642 -21.16 -22.33 11.74
C THR A 642 -22.66 -22.32 11.52
N THR A 643 -23.42 -21.87 12.53
CA THR A 643 -24.87 -21.80 12.46
C THR A 643 -25.47 -23.14 12.03
N TRP A 644 -25.22 -24.15 12.85
CA TRP A 644 -25.68 -25.50 12.56
C TRP A 644 -27.20 -25.59 12.64
N ARG B 2 22.98 -52.78 54.52
CA ARG B 2 22.85 -52.82 53.08
C ARG B 2 24.17 -52.54 52.38
N LEU B 3 24.16 -52.65 51.06
CA LEU B 3 25.26 -52.22 50.22
C LEU B 3 24.75 -51.16 49.24
N TYR B 4 25.54 -50.10 49.06
CA TYR B 4 25.11 -48.95 48.28
C TYR B 4 26.11 -48.64 47.19
N ASP B 5 25.58 -48.40 45.99
CA ASP B 5 26.36 -47.97 44.83
C ASP B 5 25.63 -46.79 44.19
N ARG B 6 26.20 -46.27 43.10
CA ARG B 6 25.65 -45.08 42.49
C ARG B 6 24.26 -45.34 41.94
N ARG B 7 24.01 -46.55 41.42
CA ARG B 7 22.72 -46.83 40.78
C ARG B 7 21.59 -46.68 41.79
N SER B 8 21.78 -47.24 42.98
CA SER B 8 20.72 -47.23 43.99
C SER B 8 20.39 -45.81 44.41
N ILE B 9 21.40 -45.01 44.75
CA ILE B 9 21.13 -43.65 45.22
C ILE B 9 20.56 -42.80 44.11
N PHE B 10 21.08 -42.96 42.88
CA PHE B 10 20.57 -42.16 41.77
C PHE B 10 19.12 -42.48 41.47
N GLU B 11 18.77 -43.76 41.46
CA GLU B 11 17.37 -44.11 41.21
C GLU B 11 16.48 -43.70 42.38
N ALA B 12 17.02 -43.75 43.60
CA ALA B 12 16.24 -43.31 44.75
C ALA B 12 15.90 -41.83 44.65
N VAL B 13 16.89 -40.99 44.35
CA VAL B 13 16.62 -39.57 44.21
C VAL B 13 15.87 -39.27 42.92
N ALA B 14 15.83 -40.21 41.98
CA ALA B 14 15.17 -39.97 40.70
C ALA B 14 13.68 -39.74 40.89
N GLN B 15 13.00 -40.64 41.57
CA GLN B 15 11.55 -40.54 41.78
C GLN B 15 11.19 -40.01 43.17
N ASN B 16 12.11 -39.28 43.81
CA ASN B 16 11.88 -38.73 45.14
C ASN B 16 11.58 -39.84 46.15
N ASN B 17 12.37 -40.90 46.10
CA ASN B 17 12.28 -41.99 47.06
C ASN B 17 13.44 -41.86 48.04
N CYS B 18 13.12 -41.79 49.33
CA CYS B 18 14.10 -41.48 50.36
C CYS B 18 14.47 -42.67 51.23
N GLN B 19 13.78 -43.80 51.08
CA GLN B 19 13.86 -44.86 52.08
C GLN B 19 15.28 -45.42 52.22
N ASP B 20 15.95 -45.67 51.09
CA ASP B 20 17.30 -46.23 51.16
C ASP B 20 18.29 -45.26 51.80
N LEU B 21 18.01 -43.96 51.76
CA LEU B 21 18.92 -43.00 52.36
C LEU B 21 18.98 -43.15 53.88
N GLU B 22 17.91 -43.68 54.50
CA GLU B 22 17.97 -43.94 55.93
C GLU B 22 19.08 -44.92 56.26
N SER B 23 19.17 -46.01 55.49
CA SER B 23 20.25 -46.97 55.69
C SER B 23 21.59 -46.38 55.29
N LEU B 24 21.61 -45.56 54.22
CA LEU B 24 22.86 -44.91 53.82
C LEU B 24 23.39 -44.03 54.95
N LEU B 25 22.49 -43.45 55.73
CA LEU B 25 22.89 -42.53 56.81
C LEU B 25 23.87 -43.20 57.76
N LEU B 26 23.79 -44.52 57.90
CA LEU B 26 24.75 -45.30 58.66
C LEU B 26 25.80 -45.95 57.78
N PHE B 27 25.40 -46.35 56.56
CA PHE B 27 26.32 -47.01 55.63
C PHE B 27 27.56 -46.16 55.39
N LEU B 28 27.39 -44.85 55.21
CA LEU B 28 28.50 -44.02 54.75
C LEU B 28 29.64 -44.03 55.76
N GLN B 29 29.32 -43.88 57.05
CA GLN B 29 30.34 -43.96 58.08
C GLN B 29 30.72 -45.40 58.44
N LYS B 30 29.86 -46.37 58.11
CA LYS B 30 30.23 -47.77 58.30
C LYS B 30 31.45 -48.10 57.46
N SER B 31 31.45 -47.67 56.20
CA SER B 31 32.59 -47.84 55.31
C SER B 31 33.60 -46.70 55.43
N LYS B 32 33.33 -45.72 56.29
CA LYS B 32 34.20 -44.55 56.45
C LYS B 32 34.44 -43.84 55.12
N LYS B 33 33.39 -43.77 54.31
CA LYS B 33 33.45 -43.11 53.00
C LYS B 33 32.82 -41.74 53.08
N HIS B 34 33.03 -40.96 52.03
CA HIS B 34 32.40 -39.66 51.86
C HIS B 34 31.42 -39.71 50.70
N LEU B 35 30.35 -38.93 50.80
CA LEU B 35 29.33 -38.92 49.76
C LEU B 35 29.89 -38.40 48.44
N THR B 36 31.04 -37.74 48.46
CA THR B 36 31.67 -37.21 47.27
C THR B 36 32.82 -38.08 46.77
N ASP B 37 32.95 -39.29 47.27
CA ASP B 37 34.02 -40.17 46.82
C ASP B 37 33.77 -40.65 45.39
N ASN B 38 34.84 -41.12 44.76
CA ASN B 38 34.79 -41.45 43.33
C ASN B 38 33.76 -42.53 43.03
N GLU B 39 33.40 -43.35 44.02
CA GLU B 39 32.43 -44.40 43.78
C GLU B 39 31.05 -43.84 43.47
N PHE B 40 30.69 -42.69 44.06
CA PHE B 40 29.35 -42.16 43.96
C PHE B 40 29.20 -41.02 42.96
N LYS B 41 30.26 -40.67 42.23
CA LYS B 41 30.18 -39.66 41.18
C LYS B 41 30.61 -40.29 39.87
N ASP B 42 29.89 -39.97 38.79
CA ASP B 42 30.12 -40.66 37.53
C ASP B 42 31.50 -40.34 36.99
N PRO B 43 32.35 -41.35 36.74
CA PRO B 43 33.69 -41.05 36.21
C PRO B 43 33.66 -40.37 34.86
N GLU B 44 32.63 -40.61 34.06
CA GLU B 44 32.53 -39.99 32.75
C GLU B 44 32.13 -38.52 32.85
N THR B 45 30.94 -38.25 33.40
CA THR B 45 30.40 -36.89 33.42
C THR B 45 30.69 -36.13 34.70
N GLY B 46 31.26 -36.77 35.72
CA GLY B 46 31.60 -36.09 36.95
C GLY B 46 30.43 -35.77 37.86
N LYS B 47 29.21 -36.06 37.45
CA LYS B 47 28.03 -35.69 38.22
C LYS B 47 28.00 -36.42 39.56
N THR B 48 27.67 -35.69 40.62
CA THR B 48 27.50 -36.28 41.93
C THR B 48 26.01 -36.42 42.25
N CYS B 49 25.72 -37.06 43.39
CA CYS B 49 24.34 -37.40 43.71
C CYS B 49 23.49 -36.15 43.88
N LEU B 50 24.05 -35.11 44.50
CA LEU B 50 23.29 -33.88 44.67
C LEU B 50 22.90 -33.27 43.34
N LEU B 51 23.84 -33.24 42.39
CA LEU B 51 23.53 -32.70 41.07
C LEU B 51 22.44 -33.53 40.40
N LYS B 52 22.53 -34.85 40.48
CA LYS B 52 21.54 -35.70 39.84
C LYS B 52 20.16 -35.51 40.46
N ALA B 53 20.09 -35.41 41.78
CA ALA B 53 18.83 -35.09 42.43
C ALA B 53 18.34 -33.72 42.03
N MET B 54 19.26 -32.81 41.72
CA MET B 54 18.88 -31.45 41.36
C MET B 54 18.28 -31.38 39.97
N LEU B 55 18.82 -32.15 39.02
CA LEU B 55 18.38 -32.05 37.64
C LEU B 55 16.90 -32.35 37.49
N ASN B 56 16.33 -33.15 38.38
CA ASN B 56 14.93 -33.57 38.31
C ASN B 56 14.19 -33.12 39.56
N LEU B 57 13.06 -32.46 39.36
CA LEU B 57 12.23 -31.98 40.45
C LEU B 57 10.77 -32.31 40.14
N HIS B 58 9.96 -32.39 41.19
CA HIS B 58 8.55 -32.69 41.07
C HIS B 58 7.75 -31.51 41.59
N ASP B 59 7.05 -30.83 40.67
CA ASP B 59 6.32 -29.60 40.98
C ASP B 59 7.24 -28.55 41.60
N GLY B 60 8.53 -28.62 41.28
CA GLY B 60 9.48 -27.67 41.79
C GLY B 60 10.11 -28.02 43.12
N GLN B 61 10.02 -29.27 43.56
CA GLN B 61 10.65 -29.68 44.81
C GLN B 61 11.11 -31.12 44.70
N ASN B 62 12.11 -31.46 45.51
CA ASN B 62 12.65 -32.82 45.57
C ASN B 62 13.01 -33.07 47.03
N THR B 63 12.16 -33.82 47.74
CA THR B 63 12.29 -33.96 49.18
C THR B 63 13.55 -34.71 49.58
N THR B 64 14.22 -35.39 48.66
CA THR B 64 15.43 -36.11 49.02
C THR B 64 16.61 -35.18 49.27
N ILE B 65 16.62 -34.00 48.66
CA ILE B 65 17.75 -33.08 48.75
C ILE B 65 18.02 -32.67 50.20
N PRO B 66 17.02 -32.29 51.01
CA PRO B 66 17.32 -32.03 52.42
C PRO B 66 17.98 -33.21 53.10
N LEU B 67 17.55 -34.42 52.76
CA LEU B 67 18.15 -35.61 53.35
C LEU B 67 19.62 -35.76 52.95
N LEU B 68 19.94 -35.52 51.68
CA LEU B 68 21.34 -35.56 51.27
C LEU B 68 22.17 -34.50 51.99
N LEU B 69 21.61 -33.29 52.13
CA LEU B 69 22.34 -32.25 52.85
C LEU B 69 22.59 -32.65 54.30
N GLU B 70 21.58 -33.22 54.95
CA GLU B 70 21.77 -33.70 56.33
C GLU B 70 22.86 -34.77 56.38
N ILE B 71 22.83 -35.71 55.44
CA ILE B 71 23.78 -36.81 55.44
C ILE B 71 25.20 -36.27 55.25
N ALA B 72 25.37 -35.34 54.30
CA ALA B 72 26.69 -34.78 54.06
C ALA B 72 27.17 -33.99 55.27
N ARG B 73 26.27 -33.28 55.95
CA ARG B 73 26.66 -32.56 57.15
C ARG B 73 27.11 -33.51 58.24
N GLN B 74 26.41 -34.64 58.38
CA GLN B 74 26.84 -35.66 59.33
C GLN B 74 28.22 -36.19 58.99
N THR B 75 28.61 -36.17 57.73
CA THR B 75 29.94 -36.56 57.29
C THR B 75 30.88 -35.37 57.14
N ASP B 76 30.45 -34.18 57.57
CA ASP B 76 31.19 -32.92 57.44
C ASP B 76 31.85 -32.81 56.07
N SER B 77 30.99 -32.84 55.03
CA SER B 77 31.46 -32.85 53.65
C SER B 77 30.75 -31.81 52.79
N LEU B 78 30.21 -30.75 53.40
CA LEU B 78 29.49 -29.75 52.62
C LEU B 78 30.42 -28.98 51.69
N LYS B 79 31.65 -28.72 52.14
CA LYS B 79 32.58 -27.92 51.34
C LYS B 79 33.06 -28.66 50.10
N GLU B 80 32.54 -29.87 49.87
CA GLU B 80 32.88 -30.62 48.68
C GLU B 80 31.63 -31.06 47.93
N LEU B 81 30.56 -31.39 48.66
CA LEU B 81 29.34 -31.84 48.01
C LEU B 81 28.67 -30.72 47.23
N VAL B 82 28.50 -29.56 47.86
CA VAL B 82 27.83 -28.46 47.19
C VAL B 82 28.70 -27.91 46.06
N ASN B 83 30.00 -27.79 46.30
CA ASN B 83 30.93 -27.29 45.30
C ASN B 83 31.29 -28.34 44.27
N ALA B 84 30.54 -29.43 44.19
CA ALA B 84 30.79 -30.45 43.17
C ALA B 84 30.52 -29.87 41.79
N SER B 85 31.37 -30.23 40.84
CA SER B 85 31.28 -29.69 39.49
C SER B 85 31.53 -30.80 38.49
N TYR B 86 30.98 -30.62 37.29
CA TYR B 86 31.24 -31.55 36.21
C TYR B 86 32.73 -31.50 35.83
N THR B 87 33.14 -32.47 35.00
CA THR B 87 34.54 -32.55 34.63
C THR B 87 34.72 -32.63 33.12
N ASP B 88 33.70 -33.09 32.41
CA ASP B 88 33.76 -33.14 30.96
C ASP B 88 33.74 -31.73 30.38
N SER B 89 34.42 -31.57 29.24
CA SER B 89 34.52 -30.24 28.63
C SER B 89 33.17 -29.68 28.24
N TYR B 90 32.19 -30.55 27.96
CA TYR B 90 30.90 -30.08 27.48
C TYR B 90 30.03 -29.50 28.59
N TYR B 91 30.39 -29.71 29.85
CA TYR B 91 29.64 -29.11 30.95
C TYR B 91 30.57 -28.62 32.06
N LYS B 92 31.86 -28.46 31.76
CA LYS B 92 32.86 -28.22 32.80
C LYS B 92 32.52 -26.99 33.62
N GLY B 93 32.67 -27.12 34.94
CA GLY B 93 32.50 -26.02 35.86
C GLY B 93 31.10 -25.85 36.39
N GLN B 94 30.10 -26.46 35.76
CA GLN B 94 28.72 -26.30 36.21
C GLN B 94 28.58 -26.75 37.65
N THR B 95 27.69 -26.10 38.39
CA THR B 95 27.48 -26.38 39.80
C THR B 95 25.99 -26.38 40.09
N ALA B 96 25.61 -27.01 41.20
CA ALA B 96 24.21 -27.10 41.56
C ALA B 96 23.57 -25.72 41.71
N LEU B 97 24.36 -24.70 42.01
CA LEU B 97 23.82 -23.35 42.06
C LEU B 97 23.30 -22.92 40.71
N HIS B 98 24.06 -23.21 39.64
CA HIS B 98 23.59 -22.88 38.30
C HIS B 98 22.28 -23.58 37.98
N ILE B 99 22.18 -24.87 38.31
CA ILE B 99 20.97 -25.62 37.99
C ILE B 99 19.79 -25.09 38.78
N ALA B 100 20.02 -24.75 40.05
CA ALA B 100 18.97 -24.15 40.84
C ALA B 100 18.51 -22.83 40.25
N ILE B 101 19.45 -22.02 39.76
CA ILE B 101 19.09 -20.76 39.14
C ILE B 101 18.25 -20.99 37.89
N GLU B 102 18.67 -21.94 37.05
CA GLU B 102 17.96 -22.17 35.78
C GLU B 102 16.54 -22.63 36.03
N ARG B 103 16.34 -23.53 37.00
CA ARG B 103 15.00 -24.05 37.24
C ARG B 103 14.09 -23.03 37.91
N ARG B 104 14.54 -21.80 38.09
CA ARG B 104 13.74 -20.75 38.71
C ARG B 104 13.30 -21.14 40.11
N ASN B 105 14.20 -21.77 40.86
CA ASN B 105 13.92 -22.25 42.20
C ASN B 105 14.69 -21.38 43.19
N MET B 106 14.09 -20.24 43.54
CA MET B 106 14.77 -19.29 44.42
C MET B 106 14.99 -19.87 45.82
N ALA B 107 14.00 -20.58 46.34
CA ALA B 107 14.10 -21.11 47.70
C ALA B 107 15.27 -22.08 47.82
N LEU B 108 15.45 -22.93 46.81
CA LEU B 108 16.54 -23.88 46.86
C LEU B 108 17.88 -23.19 46.60
N VAL B 109 17.89 -22.06 45.90
CA VAL B 109 19.10 -21.25 45.81
C VAL B 109 19.48 -20.75 47.20
N THR B 110 18.48 -20.25 47.94
CA THR B 110 18.73 -19.85 49.31
C THR B 110 19.29 -21.02 50.10
N LEU B 111 18.69 -22.19 49.95
CA LEU B 111 19.14 -23.36 50.69
C LEU B 111 20.59 -23.71 50.38
N LEU B 112 20.96 -23.66 49.10
CA LEU B 112 22.35 -23.96 48.73
C LEU B 112 23.31 -22.93 49.32
N VAL B 113 22.98 -21.64 49.20
CA VAL B 113 23.90 -20.64 49.73
C VAL B 113 23.93 -20.64 51.24
N GLU B 114 22.93 -21.27 51.89
CA GLU B 114 23.01 -21.46 53.34
C GLU B 114 24.30 -22.19 53.72
N ASN B 115 24.61 -23.25 52.97
CA ASN B 115 25.71 -24.14 53.30
C ASN B 115 27.02 -23.70 52.66
N GLY B 116 27.19 -22.40 52.42
CA GLY B 116 28.41 -21.93 51.80
C GLY B 116 28.57 -22.32 50.35
N ALA B 117 27.49 -22.32 49.58
CA ALA B 117 27.61 -22.54 48.15
C ALA B 117 28.43 -21.43 47.52
N ASP B 118 29.40 -21.81 46.70
CA ASP B 118 30.25 -20.82 46.05
C ASP B 118 29.47 -20.08 44.99
N VAL B 119 29.67 -18.76 44.93
CA VAL B 119 29.00 -17.91 43.95
C VAL B 119 29.98 -17.41 42.90
N GLN B 120 31.13 -18.07 42.77
CA GLN B 120 32.13 -17.72 41.78
C GLN B 120 32.44 -18.90 40.88
N ALA B 121 31.42 -19.72 40.59
CA ALA B 121 31.60 -20.95 39.83
C ALA B 121 31.74 -20.60 38.35
N ALA B 122 32.98 -20.52 37.87
CA ALA B 122 33.23 -20.18 36.48
C ALA B 122 32.89 -21.35 35.58
N ALA B 123 31.62 -21.45 35.19
CA ALA B 123 31.15 -22.56 34.39
C ALA B 123 31.64 -22.44 32.95
N HIS B 124 32.94 -22.59 32.74
CA HIS B 124 33.52 -22.45 31.40
C HIS B 124 33.37 -23.72 30.56
N GLY B 125 32.16 -24.22 30.42
CA GLY B 125 31.94 -25.39 29.59
C GLY B 125 31.64 -25.02 28.15
N ASP B 126 31.86 -25.98 27.26
CA ASP B 126 31.65 -25.73 25.84
C ASP B 126 30.18 -25.48 25.54
N PHE B 127 29.28 -26.10 26.31
CA PHE B 127 27.87 -25.80 26.14
C PHE B 127 27.56 -24.36 26.56
N PHE B 128 28.44 -23.75 27.33
CA PHE B 128 28.19 -22.43 27.89
C PHE B 128 28.87 -21.33 27.10
N LYS B 129 30.03 -21.62 26.51
CA LYS B 129 30.67 -20.63 25.65
C LYS B 129 29.85 -20.45 24.38
N LYS B 130 30.18 -19.42 23.62
CA LYS B 130 29.44 -19.04 22.43
C LYS B 130 30.20 -19.51 21.20
N THR B 131 29.55 -20.31 20.37
CA THR B 131 30.13 -20.77 19.12
C THR B 131 29.03 -20.88 18.07
N LYS B 132 29.32 -20.40 16.86
CA LYS B 132 28.34 -20.40 15.80
C LYS B 132 28.05 -21.83 15.34
N GLY B 133 26.81 -22.07 14.93
CA GLY B 133 26.44 -23.37 14.41
C GLY B 133 26.38 -24.46 15.45
N ARG B 134 26.37 -24.11 16.74
CA ARG B 134 26.34 -25.09 17.81
C ARG B 134 25.20 -24.79 18.76
N PRO B 135 24.64 -25.82 19.39
CA PRO B 135 23.61 -25.57 20.42
C PRO B 135 24.28 -25.17 21.73
N GLY B 136 23.80 -24.07 22.31
CA GLY B 136 24.38 -23.60 23.55
C GLY B 136 23.64 -22.37 24.03
N PHE B 137 24.07 -21.87 25.18
CA PHE B 137 23.47 -20.67 25.74
C PHE B 137 24.57 -19.92 26.50
N TYR B 138 25.03 -18.81 25.93
CA TYR B 138 26.03 -17.99 26.59
C TYR B 138 25.34 -17.02 27.53
N PHE B 139 25.71 -17.06 28.80
CA PHE B 139 25.14 -16.17 29.79
C PHE B 139 26.20 -15.42 30.58
N GLY B 140 27.47 -15.60 30.28
CA GLY B 140 28.54 -14.96 31.03
C GLY B 140 29.22 -15.86 32.04
N GLU B 141 28.83 -17.14 32.12
CA GLU B 141 29.57 -18.14 32.88
C GLU B 141 29.76 -17.72 34.33
N LEU B 142 28.66 -17.39 35.00
CA LEU B 142 28.77 -16.93 36.38
C LEU B 142 27.38 -16.95 37.00
N PRO B 143 27.24 -17.32 38.27
CA PRO B 143 25.89 -17.43 38.85
C PRO B 143 25.11 -16.14 38.78
N LEU B 144 25.74 -15.00 39.08
CA LEU B 144 25.04 -13.71 38.96
C LEU B 144 24.69 -13.43 37.51
N SER B 145 25.61 -13.69 36.60
CA SER B 145 25.35 -13.50 35.19
C SER B 145 24.20 -14.38 34.72
N LEU B 146 24.18 -15.63 35.15
CA LEU B 146 23.08 -16.51 34.79
C LEU B 146 21.75 -16.02 35.37
N ALA B 147 21.78 -15.53 36.60
CA ALA B 147 20.55 -15.02 37.20
C ALA B 147 20.03 -13.82 36.42
N ALA B 148 20.93 -12.93 36.00
CA ALA B 148 20.50 -11.76 35.25
C ALA B 148 20.01 -12.14 33.85
N CYS B 149 20.78 -12.94 33.13
CA CYS B 149 20.47 -13.27 31.75
C CYS B 149 19.24 -14.15 31.60
N THR B 150 18.73 -14.72 32.69
CA THR B 150 17.52 -15.53 32.65
C THR B 150 16.30 -14.79 33.15
N ASN B 151 16.41 -13.48 33.37
CA ASN B 151 15.31 -12.65 33.83
C ASN B 151 14.79 -13.13 35.18
N GLN B 152 15.69 -13.13 36.16
CA GLN B 152 15.36 -13.52 37.54
C GLN B 152 15.88 -12.42 38.44
N LEU B 153 15.07 -11.38 38.63
CA LEU B 153 15.51 -10.25 39.44
C LEU B 153 15.66 -10.63 40.90
N GLY B 154 14.74 -11.42 41.42
CA GLY B 154 14.79 -11.83 42.82
C GLY B 154 16.08 -12.53 43.19
N ILE B 155 16.50 -13.48 42.35
CA ILE B 155 17.73 -14.19 42.62
C ILE B 155 18.92 -13.26 42.51
N VAL B 156 18.87 -12.27 41.61
CA VAL B 156 19.95 -11.30 41.52
C VAL B 156 20.08 -10.52 42.81
N LYS B 157 18.97 -9.98 43.30
CA LYS B 157 18.98 -9.24 44.54
C LYS B 157 19.49 -10.11 45.68
N PHE B 158 19.01 -11.36 45.74
CA PHE B 158 19.42 -12.26 46.80
C PHE B 158 20.92 -12.54 46.74
N LEU B 159 21.45 -12.77 45.54
CA LEU B 159 22.87 -13.03 45.39
C LEU B 159 23.69 -11.80 45.69
N LEU B 160 23.09 -10.61 45.65
CA LEU B 160 23.83 -9.40 45.96
C LEU B 160 23.63 -8.95 47.39
N GLN B 161 22.50 -9.30 48.01
CA GLN B 161 22.15 -8.78 49.34
C GLN B 161 21.79 -9.93 50.28
N ASN B 162 22.61 -10.98 50.31
CA ASN B 162 22.45 -12.01 51.30
C ASN B 162 23.44 -11.77 52.43
N SER B 163 23.49 -12.70 53.39
CA SER B 163 24.38 -12.58 54.54
C SER B 163 25.60 -13.49 54.45
N TRP B 164 25.39 -14.73 54.02
CA TRP B 164 26.47 -15.73 54.04
C TRP B 164 27.59 -15.35 53.07
N GLN B 165 27.24 -15.04 51.82
CA GLN B 165 28.23 -14.60 50.85
C GLN B 165 27.49 -13.96 49.68
N THR B 166 27.88 -12.74 49.32
CA THR B 166 27.23 -12.00 48.25
C THR B 166 28.10 -12.02 47.00
N ALA B 167 27.44 -12.03 45.85
CA ALA B 167 28.16 -12.07 44.58
C ALA B 167 28.88 -10.74 44.34
N ASP B 168 30.09 -10.83 43.77
CA ASP B 168 30.86 -9.64 43.44
C ASP B 168 30.38 -9.09 42.10
N ILE B 169 29.76 -7.92 42.13
CA ILE B 169 29.12 -7.38 40.93
C ILE B 169 30.13 -7.03 39.85
N SER B 170 31.39 -6.84 40.20
CA SER B 170 32.42 -6.50 39.23
C SER B 170 33.22 -7.73 38.78
N ALA B 171 32.77 -8.92 39.13
CA ALA B 171 33.49 -10.14 38.76
C ALA B 171 33.49 -10.32 37.25
N ARG B 172 34.65 -10.68 36.72
CA ARG B 172 34.84 -10.83 35.29
C ARG B 172 34.89 -12.30 34.91
N ASP B 173 34.27 -12.62 33.78
CA ASP B 173 34.27 -13.96 33.24
C ASP B 173 35.63 -14.29 32.64
N SER B 174 35.74 -15.48 32.04
CA SER B 174 36.97 -15.86 31.38
C SER B 174 37.29 -14.91 30.23
N VAL B 175 36.29 -14.56 29.42
CA VAL B 175 36.45 -13.54 28.39
C VAL B 175 36.67 -12.16 29.00
N GLY B 176 36.33 -12.00 30.27
CA GLY B 176 36.38 -10.70 30.92
C GLY B 176 35.05 -10.02 31.03
N ASN B 177 34.01 -10.57 30.41
CA ASN B 177 32.69 -9.98 30.46
C ASN B 177 32.19 -9.90 31.89
N THR B 178 31.70 -8.73 32.28
CA THR B 178 31.01 -8.57 33.55
C THR B 178 29.57 -9.01 33.37
N VAL B 179 28.72 -8.77 34.37
CA VAL B 179 27.31 -9.06 34.19
C VAL B 179 26.72 -8.16 33.12
N LEU B 180 27.27 -6.94 32.96
CA LEU B 180 26.72 -6.02 31.98
C LEU B 180 27.09 -6.45 30.56
N HIS B 181 28.33 -6.85 30.32
CA HIS B 181 28.70 -7.31 28.99
C HIS B 181 27.88 -8.52 28.60
N ALA B 182 27.72 -9.48 29.52
CA ALA B 182 26.93 -10.66 29.22
C ALA B 182 25.48 -10.29 28.96
N LEU B 183 24.94 -9.38 29.76
CA LEU B 183 23.56 -8.95 29.57
C LEU B 183 23.38 -8.26 28.23
N VAL B 184 24.41 -7.58 27.75
CA VAL B 184 24.36 -7.01 26.41
C VAL B 184 24.37 -8.13 25.37
N GLU B 185 25.31 -9.05 25.48
CA GLU B 185 25.45 -10.11 24.49
C GLU B 185 24.23 -11.00 24.42
N VAL B 186 23.43 -11.05 25.49
CA VAL B 186 22.18 -11.80 25.44
C VAL B 186 21.16 -11.18 24.50
N ALA B 187 21.11 -9.85 24.40
CA ALA B 187 20.06 -9.18 23.64
C ALA B 187 20.12 -9.55 22.17
N ASP B 188 18.95 -9.65 21.55
CA ASP B 188 18.87 -9.98 20.14
C ASP B 188 17.83 -9.16 19.38
N ASN B 189 17.51 -7.96 19.86
CA ASN B 189 16.68 -7.00 19.12
C ASN B 189 15.29 -7.55 18.83
N THR B 190 14.64 -8.05 19.86
CA THR B 190 13.21 -8.33 19.83
C THR B 190 12.55 -7.58 20.98
N ALA B 191 11.24 -7.41 20.88
CA ALA B 191 10.52 -6.56 21.85
C ALA B 191 10.71 -7.08 23.26
N ASP B 192 10.42 -8.36 23.50
CA ASP B 192 10.51 -8.91 24.84
C ASP B 192 11.94 -8.93 25.34
N ASN B 193 12.87 -9.38 24.48
CA ASN B 193 14.26 -9.49 24.90
C ASN B 193 14.83 -8.13 25.24
N THR B 194 14.68 -7.15 24.35
CA THR B 194 15.18 -5.82 24.64
C THR B 194 14.51 -5.25 25.88
N LYS B 195 13.21 -5.49 26.02
CA LYS B 195 12.48 -5.02 27.19
C LYS B 195 13.17 -5.48 28.48
N PHE B 196 13.30 -6.79 28.65
CA PHE B 196 13.78 -7.19 29.97
C PHE B 196 15.27 -6.95 30.10
N VAL B 197 16.03 -6.94 28.99
CA VAL B 197 17.45 -6.66 29.11
C VAL B 197 17.67 -5.24 29.57
N THR B 198 16.92 -4.28 29.02
CA THR B 198 17.02 -2.91 29.49
C THR B 198 16.60 -2.80 30.95
N SER B 199 15.50 -3.46 31.32
CA SER B 199 15.06 -3.40 32.71
C SER B 199 16.13 -3.94 33.65
N MET B 200 16.69 -5.10 33.31
CA MET B 200 17.70 -5.70 34.16
C MET B 200 18.97 -4.87 34.18
N TYR B 201 19.28 -4.20 33.07
CA TYR B 201 20.42 -3.29 33.06
C TYR B 201 20.21 -2.16 34.06
N ASN B 202 19.01 -1.57 34.07
CA ASN B 202 18.69 -0.57 35.08
C ASN B 202 18.89 -1.12 36.48
N GLU B 203 18.35 -2.30 36.74
CA GLU B 203 18.41 -2.86 38.09
C GLU B 203 19.86 -3.10 38.52
N ILE B 204 20.66 -3.69 37.65
CA ILE B 204 22.05 -3.97 38.00
C ILE B 204 22.80 -2.67 38.23
N LEU B 205 22.55 -1.66 37.40
CA LEU B 205 23.25 -0.39 37.58
C LEU B 205 22.91 0.24 38.92
N MET B 206 21.62 0.26 39.26
CA MET B 206 21.21 0.89 40.51
C MET B 206 21.74 0.12 41.72
N LEU B 207 21.72 -1.22 41.65
CA LEU B 207 22.25 -2.01 42.75
C LEU B 207 23.76 -1.80 42.89
N GLY B 208 24.48 -1.70 41.78
CA GLY B 208 25.89 -1.39 41.86
C GLY B 208 26.15 -0.03 42.45
N ALA B 209 25.26 0.93 42.16
CA ALA B 209 25.39 2.25 42.76
C ALA B 209 25.21 2.18 44.27
N LYS B 210 24.16 1.50 44.73
CA LYS B 210 23.93 1.38 46.17
C LYS B 210 25.07 0.65 46.86
N LEU B 211 25.40 -0.54 46.37
CA LEU B 211 26.41 -1.36 47.03
C LEU B 211 27.80 -0.74 46.94
N HIS B 212 28.16 -0.24 45.75
CA HIS B 212 29.47 0.36 45.51
C HIS B 212 29.27 1.72 44.85
N PRO B 213 29.01 2.76 45.65
CA PRO B 213 28.90 4.10 45.07
C PRO B 213 30.17 4.59 44.42
N THR B 214 31.32 4.02 44.78
CA THR B 214 32.61 4.47 44.28
C THR B 214 33.06 3.73 43.03
N LEU B 215 32.23 2.85 42.49
CA LEU B 215 32.59 2.02 41.35
C LEU B 215 31.83 2.45 40.11
N LYS B 216 32.55 2.75 39.03
CA LYS B 216 31.93 3.05 37.74
C LYS B 216 31.72 1.73 37.02
N LEU B 217 30.57 1.11 37.28
CA LEU B 217 30.30 -0.24 36.80
C LEU B 217 30.33 -0.32 35.28
N GLU B 218 29.99 0.78 34.60
CA GLU B 218 29.85 0.76 33.16
C GLU B 218 31.13 1.13 32.43
N GLU B 219 32.26 1.24 33.13
CA GLU B 219 33.52 1.57 32.51
C GLU B 219 34.49 0.42 32.50
N LEU B 220 34.07 -0.76 32.94
CA LEU B 220 34.94 -1.93 32.89
C LEU B 220 34.94 -2.52 31.49
N THR B 221 36.12 -2.90 31.03
CA THR B 221 36.28 -3.44 29.70
C THR B 221 36.68 -4.91 29.78
N ASN B 222 36.17 -5.70 28.84
CA ASN B 222 36.53 -7.11 28.75
C ASN B 222 37.94 -7.21 28.16
N LYS B 223 38.38 -8.43 27.88
CA LYS B 223 39.74 -8.63 27.39
C LYS B 223 39.97 -8.00 26.03
N LYS B 224 38.91 -7.66 25.30
CA LYS B 224 39.04 -6.94 24.04
C LYS B 224 39.01 -5.43 24.23
N GLY B 225 38.99 -4.96 25.47
CA GLY B 225 38.91 -3.53 25.71
C GLY B 225 37.61 -2.91 25.28
N MET B 226 36.49 -3.59 25.52
CA MET B 226 35.18 -3.12 25.11
C MET B 226 34.35 -2.82 26.36
N THR B 227 33.75 -1.64 26.39
CA THR B 227 32.74 -1.35 27.39
C THR B 227 31.41 -1.95 26.97
N PRO B 228 30.46 -2.08 27.89
CA PRO B 228 29.14 -2.56 27.47
C PRO B 228 28.51 -1.72 26.39
N LEU B 229 28.73 -0.41 26.44
CA LEU B 229 28.19 0.47 25.41
C LEU B 229 28.86 0.22 24.07
N ALA B 230 30.20 0.14 24.07
CA ALA B 230 30.92 -0.14 22.84
C ALA B 230 30.54 -1.49 22.29
N LEU B 231 30.41 -2.49 23.16
CA LEU B 231 30.02 -3.82 22.71
C LEU B 231 28.63 -3.82 22.09
N ALA B 232 27.68 -3.14 22.73
CA ALA B 232 26.33 -3.09 22.19
C ALA B 232 26.30 -2.38 20.86
N ALA B 233 27.11 -1.34 20.70
CA ALA B 233 27.17 -0.65 19.41
C ALA B 233 27.79 -1.53 18.34
N GLY B 234 28.91 -2.18 18.67
CA GLY B 234 29.61 -2.98 17.66
C GLY B 234 28.81 -4.18 17.20
N THR B 235 28.17 -4.87 18.14
CA THR B 235 27.49 -6.10 17.77
C THR B 235 26.21 -5.82 17.01
N GLY B 236 25.59 -4.67 17.25
CA GLY B 236 24.39 -4.28 16.56
C GLY B 236 23.12 -4.35 17.37
N LYS B 237 23.20 -4.22 18.69
CA LYS B 237 22.02 -4.28 19.54
C LYS B 237 21.38 -2.90 19.58
N ILE B 238 20.42 -2.67 18.70
CA ILE B 238 19.85 -1.34 18.63
C ILE B 238 19.03 -1.01 19.87
N GLY B 239 18.31 -1.98 20.44
CA GLY B 239 17.49 -1.69 21.59
C GLY B 239 18.31 -1.28 22.80
N VAL B 240 19.36 -2.03 23.09
CA VAL B 240 20.21 -1.72 24.25
C VAL B 240 20.94 -0.41 24.03
N LEU B 241 21.39 -0.17 22.80
CA LEU B 241 22.06 1.10 22.50
C LEU B 241 21.12 2.28 22.71
N ALA B 242 19.89 2.17 22.19
CA ALA B 242 18.92 3.24 22.37
C ALA B 242 18.63 3.47 23.84
N TYR B 243 18.50 2.40 24.61
CA TYR B 243 18.33 2.55 26.05
C TYR B 243 19.49 3.31 26.68
N ILE B 244 20.73 2.86 26.42
CA ILE B 244 21.88 3.44 27.12
C ILE B 244 22.04 4.90 26.77
N LEU B 245 21.89 5.24 25.50
CA LEU B 245 22.16 6.62 25.08
C LEU B 245 21.15 7.59 25.64
N GLN B 246 19.94 7.16 25.96
CA GLN B 246 18.89 8.02 26.47
C GLN B 246 18.48 7.64 27.89
N ARG B 247 19.44 7.16 28.68
CA ARG B 247 19.13 6.63 29.99
C ARG B 247 18.90 7.77 30.96
N GLU B 248 17.66 7.91 31.41
CA GLU B 248 17.25 9.01 32.29
C GLU B 248 16.76 8.41 33.60
N ILE B 249 17.61 8.45 34.62
CA ILE B 249 17.30 7.89 35.93
C ILE B 249 16.85 9.02 36.84
N GLN B 250 15.62 8.93 37.34
CA GLN B 250 15.01 10.02 38.08
C GLN B 250 15.34 9.99 39.57
N GLU B 251 15.70 8.83 40.10
CA GLU B 251 15.91 8.70 41.54
C GLU B 251 17.04 9.62 41.99
N PRO B 252 16.82 10.45 43.01
CA PRO B 252 17.82 11.48 43.36
C PRO B 252 19.15 10.92 43.83
N GLU B 253 19.17 9.77 44.51
CA GLU B 253 20.42 9.26 45.04
C GLU B 253 21.36 8.79 43.93
N CYS B 254 20.82 8.20 42.87
CA CYS B 254 21.62 7.66 41.78
C CYS B 254 21.28 8.35 40.46
N ARG B 255 21.17 9.67 40.49
CA ARG B 255 20.89 10.40 39.26
C ARG B 255 22.11 10.43 38.35
N HIS B 256 23.32 10.43 38.92
CA HIS B 256 24.51 10.56 38.11
C HIS B 256 24.69 9.40 37.14
N LEU B 257 24.00 8.28 37.37
CA LEU B 257 24.06 7.19 36.42
C LEU B 257 23.37 7.54 35.11
N SER B 258 22.51 8.55 35.11
CA SER B 258 21.76 8.86 33.90
C SER B 258 22.66 9.50 32.86
N ARG B 259 22.15 9.54 31.62
CA ARG B 259 22.88 10.09 30.51
C ARG B 259 22.13 11.19 29.78
N LYS B 260 20.88 11.46 30.13
CA LYS B 260 20.09 12.50 29.50
C LYS B 260 19.43 13.29 30.62
N PHE B 261 20.14 14.28 31.12
CA PHE B 261 19.61 15.21 32.11
C PHE B 261 18.73 16.21 31.38
N THR B 262 17.82 16.86 32.10
CA THR B 262 16.95 17.66 31.25
C THR B 262 17.60 18.99 30.94
N GLU B 263 17.34 20.03 31.74
CA GLU B 263 17.99 21.33 31.66
C GLU B 263 17.02 22.30 32.33
N TRP B 264 17.29 23.60 32.26
CA TRP B 264 16.21 24.56 32.34
C TRP B 264 15.00 24.07 31.55
N ALA B 265 13.82 24.29 32.10
CA ALA B 265 12.56 24.01 31.41
C ALA B 265 11.62 25.17 31.69
N TYR B 266 10.73 25.45 30.74
CA TYR B 266 9.85 26.61 30.86
C TYR B 266 8.60 26.36 30.03
N GLY B 267 7.47 26.21 30.69
CA GLY B 267 6.25 25.90 29.99
C GLY B 267 6.40 24.62 29.20
N PRO B 268 6.09 24.68 27.92
CA PRO B 268 6.17 23.47 27.07
C PRO B 268 7.51 23.24 26.41
N VAL B 269 8.51 24.08 26.62
CA VAL B 269 9.81 23.89 26.00
C VAL B 269 10.80 23.47 27.07
N HIS B 270 11.81 22.71 26.66
CA HIS B 270 12.88 22.38 27.59
C HIS B 270 14.09 21.89 26.83
N SER B 271 15.26 22.30 27.30
CA SER B 271 16.49 21.75 26.75
C SER B 271 16.79 20.40 27.39
N SER B 272 17.59 19.61 26.70
CA SER B 272 17.94 18.27 27.14
C SER B 272 19.42 18.09 26.85
N LEU B 273 20.19 17.84 27.90
CA LEU B 273 21.60 17.51 27.74
C LEU B 273 21.73 16.01 27.53
N TYR B 274 22.47 15.62 26.50
CA TYR B 274 22.87 14.24 26.31
C TYR B 274 24.36 14.14 26.61
N ASP B 275 24.73 13.18 27.44
CA ASP B 275 26.14 12.99 27.73
C ASP B 275 26.83 12.43 26.51
N LEU B 276 27.97 12.99 26.16
CA LEU B 276 28.71 12.60 24.96
C LEU B 276 29.94 11.79 25.28
N SER B 277 30.12 11.36 26.53
CA SER B 277 31.30 10.60 26.88
C SER B 277 31.29 9.25 26.16
N CYS B 278 32.44 8.89 25.60
CA CYS B 278 32.61 7.66 24.84
C CYS B 278 31.65 7.55 23.67
N ILE B 279 31.22 8.68 23.12
CA ILE B 279 30.41 8.69 21.91
C ILE B 279 31.14 9.54 20.88
N ASP B 280 31.63 10.69 21.31
CA ASP B 280 32.35 11.59 20.43
C ASP B 280 33.63 10.91 19.93
N THR B 281 34.15 11.41 18.81
CA THR B 281 35.26 10.74 18.15
C THR B 281 36.57 10.87 18.90
N CYS B 282 36.70 11.86 19.79
CA CYS B 282 37.99 12.09 20.43
C CYS B 282 38.36 10.99 21.42
N GLU B 283 37.43 10.11 21.78
CA GLU B 283 37.70 9.03 22.70
C GLU B 283 38.29 7.83 21.97
N LYS B 284 38.37 6.71 22.66
CA LYS B 284 38.89 5.47 22.11
C LYS B 284 37.76 4.43 22.06
N ASN B 285 37.64 3.75 20.92
CA ASN B 285 36.47 2.94 20.62
C ASN B 285 35.19 3.70 20.88
N SER B 286 35.11 4.90 20.30
CA SER B 286 33.89 5.67 20.40
C SER B 286 32.74 4.95 19.72
N VAL B 287 31.51 5.26 20.15
CA VAL B 287 30.34 4.62 19.56
C VAL B 287 30.23 4.97 18.08
N LEU B 288 30.46 6.22 17.73
CA LEU B 288 30.33 6.63 16.33
C LEU B 288 31.35 5.91 15.46
N GLU B 289 32.60 5.86 15.91
CA GLU B 289 33.62 5.18 15.15
C GLU B 289 33.30 3.70 14.97
N VAL B 290 32.83 3.06 16.04
CA VAL B 290 32.53 1.64 15.97
C VAL B 290 31.35 1.36 15.06
N ILE B 291 30.32 2.21 15.11
CA ILE B 291 29.17 2.00 14.24
C ILE B 291 29.55 2.22 12.79
N ALA B 292 30.28 3.29 12.49
CA ALA B 292 30.59 3.60 11.11
C ALA B 292 31.51 2.56 10.49
N TYR B 293 32.52 2.12 11.24
CA TYR B 293 33.53 1.22 10.69
C TYR B 293 33.17 -0.25 10.84
N SER B 294 32.01 -0.56 11.40
CA SER B 294 31.60 -1.96 11.48
C SER B 294 31.29 -2.49 10.10
N SER B 295 31.71 -3.73 9.84
CA SER B 295 31.46 -4.34 8.55
C SER B 295 30.03 -4.84 8.47
N SER B 296 29.57 -5.08 7.24
CA SER B 296 28.14 -5.23 6.97
C SER B 296 27.53 -6.51 7.48
N GLU B 297 28.33 -7.48 7.95
CA GLU B 297 27.72 -8.65 8.55
C GLU B 297 27.02 -8.29 9.85
N THR B 298 27.40 -7.18 10.47
CA THR B 298 26.72 -6.69 11.65
C THR B 298 25.29 -6.31 11.32
N PRO B 299 24.30 -6.85 12.01
CA PRO B 299 22.91 -6.48 11.72
C PRO B 299 22.63 -5.06 12.18
N ASN B 300 21.58 -4.48 11.59
CA ASN B 300 21.11 -3.14 11.96
C ASN B 300 22.22 -2.11 11.84
N ARG B 301 23.13 -2.32 10.89
CA ARG B 301 24.30 -1.45 10.81
C ARG B 301 23.92 -0.02 10.48
N HIS B 302 22.94 0.17 9.60
CA HIS B 302 22.54 1.49 9.15
C HIS B 302 21.28 1.99 9.82
N ASP B 303 20.79 1.29 10.84
CA ASP B 303 19.68 1.79 11.63
C ASP B 303 20.13 2.31 12.98
N MET B 304 21.36 2.03 13.39
CA MET B 304 21.85 2.49 14.68
C MET B 304 22.20 3.96 14.70
N LEU B 305 22.21 4.63 13.55
CA LEU B 305 22.44 6.07 13.53
C LEU B 305 21.15 6.87 13.61
N LEU B 306 20.00 6.21 13.60
CA LEU B 306 18.74 6.88 13.87
C LEU B 306 18.51 7.08 15.36
N VAL B 307 19.37 6.53 16.20
CA VAL B 307 19.21 6.62 17.64
C VAL B 307 19.63 8.01 18.10
N GLU B 308 18.78 8.65 18.88
CA GLU B 308 19.15 9.92 19.48
C GLU B 308 20.26 9.70 20.50
N PRO B 309 21.23 10.62 20.60
CA PRO B 309 21.37 11.85 19.85
C PRO B 309 22.30 11.72 18.65
N LEU B 310 22.55 10.50 18.20
CA LEU B 310 23.60 10.30 17.19
C LEU B 310 23.27 11.03 15.90
N ASN B 311 22.01 11.00 15.49
CA ASN B 311 21.60 11.71 14.27
C ASN B 311 21.92 13.19 14.39
N ARG B 312 21.45 13.83 15.47
CA ARG B 312 21.66 15.25 15.62
C ARG B 312 23.13 15.58 15.82
N LEU B 313 23.87 14.70 16.50
CA LEU B 313 25.28 14.95 16.69
C LEU B 313 26.04 14.95 15.37
N LEU B 314 25.76 13.98 14.51
CA LEU B 314 26.41 13.94 13.21
C LEU B 314 26.01 15.14 12.37
N GLN B 315 24.72 15.49 12.38
CA GLN B 315 24.29 16.65 11.60
C GLN B 315 24.96 17.92 12.11
N ASP B 316 25.13 18.04 13.42
CA ASP B 316 25.82 19.20 13.97
C ASP B 316 27.27 19.26 13.52
N LYS B 317 27.99 18.13 13.59
CA LYS B 317 29.37 18.14 13.12
C LYS B 317 29.44 18.55 11.66
N TRP B 318 28.55 17.99 10.84
CA TRP B 318 28.51 18.34 9.44
C TRP B 318 28.36 19.84 9.26
N ASP B 319 27.19 20.36 9.66
CA ASP B 319 26.87 21.77 9.45
C ASP B 319 27.89 22.69 10.09
N ARG B 320 28.54 22.25 11.16
CA ARG B 320 29.46 23.13 11.85
C ARG B 320 30.78 23.24 11.11
N PHE B 321 31.46 22.12 10.85
CA PHE B 321 32.78 22.28 10.27
C PHE B 321 33.17 21.27 9.20
N VAL B 322 32.28 20.39 8.75
CA VAL B 322 32.64 19.38 7.77
C VAL B 322 32.08 19.70 6.40
N LYS B 323 30.98 20.45 6.35
CA LYS B 323 30.40 20.83 5.08
C LYS B 323 31.40 21.62 4.23
N ARG B 324 32.09 22.58 4.84
CA ARG B 324 33.05 23.39 4.11
C ARG B 324 34.18 22.54 3.56
N ILE B 325 34.72 21.64 4.38
CA ILE B 325 35.86 20.83 3.95
C ILE B 325 35.44 19.86 2.85
N PHE B 326 34.24 19.29 2.97
CA PHE B 326 33.75 18.40 1.94
C PHE B 326 33.59 19.14 0.62
N TYR B 327 33.04 20.35 0.66
CA TYR B 327 32.89 21.12 -0.57
C TYR B 327 34.25 21.48 -1.15
N PHE B 328 35.22 21.80 -0.31
CA PHE B 328 36.54 22.10 -0.82
C PHE B 328 37.17 20.88 -1.48
N ASN B 329 36.98 19.70 -0.89
CA ASN B 329 37.49 18.49 -1.50
C ASN B 329 36.82 18.23 -2.84
N PHE B 330 35.50 18.44 -2.91
CA PHE B 330 34.79 18.30 -4.17
C PHE B 330 35.37 19.23 -5.22
N LEU B 331 35.64 20.48 -4.84
CA LEU B 331 36.21 21.43 -5.78
C LEU B 331 37.59 21.00 -6.25
N VAL B 332 38.43 20.54 -5.33
CA VAL B 332 39.77 20.12 -5.72
C VAL B 332 39.70 18.95 -6.68
N TYR B 333 38.79 18.01 -6.44
CA TYR B 333 38.65 16.89 -7.36
C TYR B 333 38.13 17.34 -8.71
N CYS B 334 37.24 18.32 -8.73
CA CYS B 334 36.78 18.84 -10.01
C CYS B 334 37.91 19.45 -10.81
N LEU B 335 38.75 20.26 -10.17
CA LEU B 335 39.92 20.77 -10.88
C LEU B 335 40.86 19.67 -11.30
N TYR B 336 41.04 18.65 -10.47
CA TYR B 336 41.89 17.54 -10.87
C TYR B 336 41.39 16.89 -12.14
N MET B 337 40.10 16.60 -12.20
CA MET B 337 39.57 15.96 -13.40
C MET B 337 39.56 16.89 -14.60
N ILE B 338 39.37 18.19 -14.39
CA ILE B 338 39.42 19.10 -15.53
C ILE B 338 40.83 19.15 -16.11
N ILE B 339 41.83 19.23 -15.24
CA ILE B 339 43.21 19.23 -15.71
C ILE B 339 43.54 17.92 -16.40
N PHE B 340 43.12 16.80 -15.82
CA PHE B 340 43.37 15.52 -16.45
C PHE B 340 42.70 15.42 -17.81
N THR B 341 41.46 15.89 -17.90
CA THR B 341 40.72 15.83 -19.16
C THR B 341 41.40 16.65 -20.23
N MET B 342 41.85 17.86 -19.89
CA MET B 342 42.52 18.66 -20.91
C MET B 342 43.89 18.09 -21.25
N ALA B 343 44.61 17.53 -20.29
CA ALA B 343 45.92 16.99 -20.59
C ALA B 343 45.83 15.72 -21.43
N ALA B 344 44.71 15.01 -21.36
CA ALA B 344 44.54 13.84 -22.21
C ALA B 344 43.95 14.21 -23.56
N TYR B 345 43.05 15.19 -23.58
CA TYR B 345 42.38 15.58 -24.81
C TYR B 345 43.37 16.18 -25.80
N TYR B 346 44.47 16.75 -25.32
CA TYR B 346 45.45 17.40 -26.17
C TYR B 346 46.71 16.59 -26.32
N ARG B 347 46.63 15.27 -26.14
CA ARG B 347 47.80 14.44 -26.28
C ARG B 347 48.33 14.51 -27.71
N PRO B 348 49.64 14.42 -27.89
CA PRO B 348 50.19 14.33 -29.25
C PRO B 348 49.82 13.01 -29.89
N VAL B 349 49.72 13.04 -31.23
CA VAL B 349 49.26 11.87 -31.97
C VAL B 349 50.30 11.44 -32.99
N ASP B 350 51.57 11.67 -32.70
CA ASP B 350 52.64 11.29 -33.61
C ASP B 350 53.70 10.50 -32.88
N GLY B 351 54.38 9.64 -33.63
CA GLY B 351 55.52 8.92 -33.08
C GLY B 351 55.12 8.01 -31.93
N LEU B 352 56.06 7.84 -31.00
CA LEU B 352 55.88 7.00 -29.83
C LEU B 352 56.23 7.81 -28.59
N PRO B 353 55.64 7.47 -27.45
CA PRO B 353 55.95 8.18 -26.23
C PRO B 353 57.34 7.80 -25.73
N PRO B 354 58.00 8.68 -24.96
CA PRO B 354 57.55 10.02 -24.58
C PRO B 354 57.69 11.01 -25.72
N PHE B 355 57.14 12.21 -25.55
CA PHE B 355 57.15 13.24 -26.58
C PHE B 355 57.87 14.47 -26.08
N LYS B 356 58.73 15.03 -26.91
CA LYS B 356 59.52 16.19 -26.53
C LYS B 356 58.68 17.45 -26.54
N MET B 357 59.13 18.44 -25.79
CA MET B 357 58.41 19.70 -25.65
C MET B 357 58.92 20.70 -26.67
N GLU B 358 58.01 21.30 -27.43
CA GLU B 358 58.37 22.27 -28.46
C GLU B 358 57.85 23.66 -28.14
N LYS B 359 56.55 23.82 -27.94
CA LYS B 359 55.92 25.13 -27.79
C LYS B 359 55.36 25.30 -26.39
N THR B 360 54.67 26.42 -26.18
CA THR B 360 54.04 26.67 -24.89
C THR B 360 52.96 25.64 -24.59
N GLY B 361 52.21 25.24 -25.60
CA GLY B 361 51.21 24.20 -25.40
C GLY B 361 51.80 22.92 -24.88
N ASP B 362 53.01 22.58 -25.34
CA ASP B 362 53.70 21.41 -24.82
C ASP B 362 53.96 21.55 -23.33
N TYR B 363 54.36 22.74 -22.89
CA TYR B 363 54.67 22.91 -21.47
C TYR B 363 53.41 22.86 -20.62
N PHE B 364 52.33 23.49 -21.07
CA PHE B 364 51.07 23.35 -20.32
C PHE B 364 50.61 21.91 -20.27
N ARG B 365 50.71 21.18 -21.38
CA ARG B 365 50.27 19.80 -21.39
C ARG B 365 51.12 18.95 -20.46
N VAL B 366 52.43 19.21 -20.42
CA VAL B 366 53.28 18.46 -19.51
C VAL B 366 52.96 18.79 -18.06
N THR B 367 52.64 20.04 -17.77
CA THR B 367 52.19 20.39 -16.42
C THR B 367 50.94 19.62 -16.05
N GLY B 368 49.98 19.55 -16.98
CA GLY B 368 48.79 18.78 -16.72
C GLY B 368 49.07 17.31 -16.51
N GLU B 369 49.99 16.75 -17.30
CA GLU B 369 50.35 15.35 -17.16
C GLU B 369 50.97 15.08 -15.80
N ILE B 370 51.82 16.00 -15.34
CA ILE B 370 52.44 15.86 -14.03
C ILE B 370 51.40 15.91 -12.92
N LEU B 371 50.47 16.88 -13.02
CA LEU B 371 49.43 16.96 -12.00
C LEU B 371 48.56 15.72 -11.99
N SER B 372 48.24 15.19 -13.17
CA SER B 372 47.43 13.98 -13.23
C SER B 372 48.13 12.80 -12.60
N VAL B 373 49.41 12.62 -12.89
CA VAL B 373 50.10 11.48 -12.29
C VAL B 373 50.25 11.66 -10.79
N LEU B 374 50.44 12.90 -10.33
CA LEU B 374 50.50 13.12 -8.88
C LEU B 374 49.17 12.77 -8.22
N GLY B 375 48.07 13.17 -8.84
CA GLY B 375 46.78 12.76 -8.31
C GLY B 375 46.61 11.26 -8.29
N GLY B 376 47.09 10.58 -9.33
CA GLY B 376 46.98 9.14 -9.37
C GLY B 376 47.76 8.48 -8.25
N VAL B 377 49.00 8.92 -8.02
CA VAL B 377 49.80 8.32 -6.97
C VAL B 377 49.22 8.65 -5.60
N TYR B 378 48.65 9.84 -5.46
CA TYR B 378 48.02 10.21 -4.19
C TYR B 378 46.85 9.29 -3.89
N PHE B 379 46.00 9.05 -4.87
CA PHE B 379 44.87 8.15 -4.64
C PHE B 379 45.35 6.73 -4.39
N PHE B 380 46.42 6.31 -5.05
CA PHE B 380 47.00 5.00 -4.79
C PHE B 380 47.40 4.87 -3.33
N PHE B 381 48.17 5.85 -2.84
CA PHE B 381 48.65 5.78 -1.48
C PHE B 381 47.51 5.87 -0.47
N ARG B 382 46.50 6.70 -0.77
CA ARG B 382 45.39 6.80 0.16
C ARG B 382 44.59 5.51 0.21
N GLY B 383 44.44 4.82 -0.92
CA GLY B 383 43.82 3.51 -0.90
C GLY B 383 44.61 2.49 -0.12
N ILE B 384 45.94 2.49 -0.28
CA ILE B 384 46.76 1.59 0.54
C ILE B 384 46.60 1.91 2.01
N GLN B 385 46.62 3.19 2.37
CA GLN B 385 46.46 3.57 3.76
C GLN B 385 45.11 3.14 4.30
N TYR B 386 44.07 3.23 3.48
CA TYR B 386 42.77 2.70 3.90
C TYR B 386 42.83 1.21 4.16
N PHE B 387 43.45 0.46 3.25
CA PHE B 387 43.54 -0.98 3.45
C PHE B 387 44.35 -1.34 4.68
N LEU B 388 45.34 -0.53 5.03
CA LEU B 388 46.14 -0.82 6.22
C LEU B 388 45.41 -0.44 7.49
N GLN B 389 44.81 0.74 7.53
CA GLN B 389 44.11 1.20 8.73
C GLN B 389 42.91 0.31 9.04
N ARG B 390 42.07 0.05 8.05
CA ARG B 390 40.84 -0.67 8.31
C ARG B 390 41.02 -2.18 8.33
N ARG B 391 42.16 -2.68 7.85
CA ARG B 391 42.45 -4.11 7.74
C ARG B 391 41.21 -4.90 7.30
N PRO B 392 40.51 -4.48 6.26
CA PRO B 392 39.23 -5.12 5.94
C PRO B 392 39.39 -6.51 5.36
N SER B 393 38.39 -7.35 5.59
CA SER B 393 38.38 -8.70 5.05
C SER B 393 37.98 -8.67 3.57
N MET B 394 38.14 -9.81 2.92
CA MET B 394 37.84 -9.90 1.49
C MET B 394 36.38 -9.56 1.21
N LYS B 395 35.46 -10.07 2.03
CA LYS B 395 34.06 -9.70 1.89
C LYS B 395 33.87 -8.20 2.08
N THR B 396 34.64 -7.61 3.00
CA THR B 396 34.55 -6.16 3.17
C THR B 396 35.01 -5.43 1.92
N LEU B 397 36.06 -5.93 1.27
CA LEU B 397 36.50 -5.32 0.02
C LEU B 397 35.41 -5.41 -1.05
N PHE B 398 34.88 -6.61 -1.27
CA PHE B 398 34.05 -6.82 -2.44
C PHE B 398 32.57 -6.61 -2.19
N VAL B 399 32.17 -6.22 -0.98
CA VAL B 399 30.76 -6.10 -0.67
C VAL B 399 30.42 -4.72 -0.14
N ASP B 400 31.40 -4.06 0.49
CA ASP B 400 31.11 -2.84 1.23
C ASP B 400 31.79 -1.61 0.63
N SER B 401 33.12 -1.61 0.53
CA SER B 401 33.85 -0.39 0.20
C SER B 401 34.03 -0.29 -1.31
N TYR B 402 32.94 0.05 -1.99
CA TYR B 402 33.00 0.21 -3.44
C TYR B 402 33.73 1.49 -3.83
N SER B 403 33.57 2.56 -3.07
CA SER B 403 34.19 3.82 -3.43
C SER B 403 35.69 3.75 -3.25
N GLU B 404 36.16 3.17 -2.14
CA GLU B 404 37.59 2.98 -1.96
C GLU B 404 38.15 2.11 -3.08
N MET B 405 37.45 1.04 -3.40
CA MET B 405 37.84 0.16 -4.51
C MET B 405 37.96 0.94 -5.81
N LEU B 406 36.99 1.79 -6.11
CA LEU B 406 36.95 2.46 -7.40
C LEU B 406 38.02 3.53 -7.51
N PHE B 407 38.21 4.32 -6.45
CA PHE B 407 39.29 5.31 -6.50
C PHE B 407 40.64 4.63 -6.59
N PHE B 408 40.84 3.54 -5.84
CA PHE B 408 42.08 2.79 -5.96
C PHE B 408 42.26 2.26 -7.38
N LEU B 409 41.18 1.78 -7.99
CA LEU B 409 41.27 1.24 -9.34
C LEU B 409 41.66 2.31 -10.34
N GLN B 410 41.08 3.50 -10.22
CA GLN B 410 41.47 4.59 -11.11
C GLN B 410 42.94 4.95 -10.92
N SER B 411 43.40 4.94 -9.67
CA SER B 411 44.83 5.19 -9.43
C SER B 411 45.69 4.11 -10.08
N LEU B 412 45.23 2.87 -10.04
CA LEU B 412 45.97 1.79 -10.69
C LEU B 412 46.08 2.02 -12.18
N PHE B 413 44.97 2.43 -12.80
CA PHE B 413 45.01 2.71 -14.23
C PHE B 413 45.94 3.88 -14.54
N MET B 414 45.96 4.89 -13.68
CA MET B 414 46.89 6.00 -13.87
C MET B 414 48.34 5.52 -13.82
N LEU B 415 48.66 4.69 -12.83
CA LEU B 415 50.03 4.20 -12.73
C LEU B 415 50.41 3.34 -13.92
N ALA B 416 49.49 2.49 -14.37
CA ALA B 416 49.76 1.69 -15.56
C ALA B 416 49.98 2.60 -16.77
N THR B 417 49.22 3.69 -16.86
CA THR B 417 49.43 4.64 -17.94
C THR B 417 50.84 5.20 -17.90
N VAL B 418 51.32 5.57 -16.72
CA VAL B 418 52.68 6.10 -16.63
C VAL B 418 53.70 5.05 -17.04
N VAL B 419 53.54 3.83 -16.54
CA VAL B 419 54.50 2.77 -16.85
C VAL B 419 54.56 2.53 -18.36
N LEU B 420 53.39 2.41 -18.99
CA LEU B 420 53.38 2.20 -20.43
C LEU B 420 53.93 3.39 -21.18
N TYR B 421 53.60 4.60 -20.75
CA TYR B 421 54.09 5.80 -21.42
C TYR B 421 55.61 5.86 -21.40
N PHE B 422 56.23 5.35 -20.34
CA PHE B 422 57.68 5.35 -20.30
C PHE B 422 58.29 4.08 -20.89
N SER B 423 57.47 3.17 -21.39
CA SER B 423 57.97 2.00 -22.09
C SER B 423 57.84 2.14 -23.60
N HIS B 424 57.53 3.33 -24.10
CA HIS B 424 57.37 3.59 -25.52
C HIS B 424 56.31 2.68 -26.13
N LEU B 425 55.13 2.70 -25.51
CA LEU B 425 54.00 1.91 -26.00
C LEU B 425 52.82 2.84 -26.28
N LYS B 426 52.14 2.59 -27.40
CA LYS B 426 50.91 3.30 -27.67
C LYS B 426 49.84 2.93 -26.66
N GLU B 427 49.87 1.70 -26.17
CA GLU B 427 48.79 1.13 -25.38
C GLU B 427 48.49 1.97 -24.13
N TYR B 428 49.41 2.89 -23.79
CA TYR B 428 49.14 3.75 -22.65
C TYR B 428 47.82 4.47 -22.82
N VAL B 429 47.55 4.96 -24.03
CA VAL B 429 46.27 5.61 -24.29
C VAL B 429 45.12 4.77 -23.78
N ALA B 430 45.14 3.47 -24.10
CA ALA B 430 44.10 2.57 -23.63
C ALA B 430 43.88 2.73 -22.13
N SER B 431 44.91 2.45 -21.34
CA SER B 431 44.72 2.55 -19.89
C SER B 431 44.25 3.95 -19.53
N MET B 432 44.84 4.95 -20.16
CA MET B 432 44.48 6.34 -19.86
C MET B 432 42.98 6.53 -19.93
N VAL B 433 42.35 6.07 -21.01
CA VAL B 433 40.94 6.43 -21.18
C VAL B 433 40.12 5.81 -20.08
N PHE B 434 40.48 4.60 -19.64
CA PHE B 434 39.76 4.02 -18.51
C PHE B 434 39.90 4.90 -17.29
N SER B 435 41.14 5.27 -16.96
CA SER B 435 41.36 6.15 -15.83
C SER B 435 40.59 7.45 -15.99
N LEU B 436 40.30 7.82 -17.22
CA LEU B 436 39.49 9.01 -17.44
C LEU B 436 38.03 8.73 -17.17
N ALA B 437 37.47 7.70 -17.80
CA ALA B 437 36.04 7.47 -17.67
C ALA B 437 35.67 7.20 -16.22
N LEU B 438 36.35 6.24 -15.60
CA LEU B 438 36.18 5.99 -14.18
C LEU B 438 36.21 7.30 -13.40
N GLY B 439 37.22 8.10 -13.65
CA GLY B 439 37.39 9.33 -12.93
C GLY B 439 36.12 10.14 -12.89
N TRP B 440 35.53 10.37 -14.05
CA TRP B 440 34.36 11.24 -14.08
C TRP B 440 33.20 10.63 -13.32
N THR B 441 33.01 9.33 -13.47
CA THR B 441 31.90 8.71 -12.76
C THR B 441 32.16 8.71 -11.25
N ASN B 442 33.42 8.77 -10.85
CA ASN B 442 33.70 8.86 -9.43
C ASN B 442 33.21 10.15 -8.83
N MET B 443 32.84 11.14 -9.64
CA MET B 443 32.23 12.32 -9.05
C MET B 443 30.90 12.01 -8.41
N LEU B 444 30.25 10.92 -8.75
CA LEU B 444 29.06 10.56 -7.99
C LEU B 444 29.38 10.34 -6.54
N TYR B 445 30.63 9.97 -6.22
CA TYR B 445 31.01 9.88 -4.82
C TYR B 445 30.71 11.16 -4.09
N TYR B 446 30.93 12.30 -4.71
CA TYR B 446 30.74 13.54 -4.01
C TYR B 446 29.28 13.95 -3.94
N THR B 447 28.36 13.02 -4.10
CA THR B 447 26.96 13.35 -3.89
C THR B 447 26.48 13.04 -2.49
N ARG B 448 27.36 12.67 -1.55
CA ARG B 448 26.94 12.61 -0.16
C ARG B 448 26.37 13.93 0.29
N GLY B 449 27.13 15.02 0.10
CA GLY B 449 26.85 16.28 0.74
C GLY B 449 25.49 16.85 0.42
N PHE B 450 24.75 16.25 -0.50
CA PHE B 450 23.45 16.76 -0.90
C PHE B 450 22.45 15.62 -0.73
N GLN B 451 21.43 15.85 0.10
CA GLN B 451 20.56 14.76 0.52
C GLN B 451 19.87 14.11 -0.67
N GLN B 452 19.23 14.93 -1.52
CA GLN B 452 18.47 14.37 -2.62
C GLN B 452 19.37 13.59 -3.57
N MET B 453 20.48 14.19 -3.98
CA MET B 453 21.38 13.51 -4.89
C MET B 453 22.05 12.32 -4.21
N GLY B 454 22.30 12.41 -2.91
CA GLY B 454 22.89 11.28 -2.22
C GLY B 454 21.98 10.08 -2.21
N ILE B 455 20.69 10.29 -1.91
CA ILE B 455 19.75 9.19 -1.93
C ILE B 455 19.60 8.66 -3.35
N TYR B 456 19.65 9.55 -4.35
CA TYR B 456 19.59 9.10 -5.73
C TYR B 456 20.76 8.19 -6.07
N ALA B 457 21.97 8.57 -5.67
CA ALA B 457 23.13 7.74 -5.93
C ALA B 457 23.06 6.41 -5.20
N VAL B 458 22.49 6.41 -4.00
CA VAL B 458 22.34 5.16 -3.27
C VAL B 458 21.39 4.23 -4.01
N MET B 459 20.29 4.76 -4.53
CA MET B 459 19.39 3.91 -5.32
C MET B 459 20.07 3.43 -6.60
N ILE B 460 20.90 4.27 -7.20
CA ILE B 460 21.66 3.85 -8.38
C ILE B 460 22.50 2.62 -8.03
N GLU B 461 23.21 2.68 -6.91
CA GLU B 461 24.01 1.53 -6.50
C GLU B 461 23.16 0.31 -6.25
N LYS B 462 22.06 0.47 -5.52
CA LYS B 462 21.24 -0.68 -5.19
C LYS B 462 20.72 -1.36 -6.43
N MET B 463 20.43 -0.57 -7.47
CA MET B 463 19.85 -1.18 -8.67
C MET B 463 20.90 -1.71 -9.60
N ILE B 464 22.12 -1.20 -9.55
CA ILE B 464 23.21 -1.88 -10.22
C ILE B 464 23.44 -3.24 -9.58
N LEU B 465 23.45 -3.29 -8.25
CA LEU B 465 23.84 -4.52 -7.58
C LEU B 465 22.75 -5.57 -7.58
N ARG B 466 21.49 -5.17 -7.48
CA ARG B 466 20.44 -6.16 -7.23
C ARG B 466 19.46 -6.33 -8.37
N ASP B 467 19.41 -5.42 -9.33
CA ASP B 467 18.49 -5.54 -10.46
C ASP B 467 19.20 -5.62 -11.79
N LEU B 468 20.28 -4.85 -11.98
CA LEU B 468 20.99 -4.92 -13.24
C LEU B 468 21.77 -6.21 -13.37
N CYS B 469 22.30 -6.76 -12.29
CA CYS B 469 23.14 -7.95 -12.39
C CYS B 469 22.32 -9.15 -12.86
N ARG B 470 21.15 -9.36 -12.28
CA ARG B 470 20.32 -10.50 -12.67
C ARG B 470 19.88 -10.37 -14.12
N PHE B 471 19.46 -9.17 -14.50
CA PHE B 471 19.06 -8.92 -15.87
C PHE B 471 20.21 -9.18 -16.82
N MET B 472 21.41 -8.73 -16.47
CA MET B 472 22.53 -8.93 -17.37
C MET B 472 22.88 -10.40 -17.49
N PHE B 473 22.75 -11.17 -16.42
CA PHE B 473 23.03 -12.61 -16.55
C PHE B 473 22.05 -13.26 -17.51
N VAL B 474 20.76 -13.04 -17.31
CA VAL B 474 19.77 -13.66 -18.19
C VAL B 474 19.94 -13.15 -19.62
N TYR B 475 20.23 -11.87 -19.77
CA TYR B 475 20.38 -11.28 -21.09
C TYR B 475 21.59 -11.83 -21.81
N ILE B 476 22.70 -12.03 -21.10
CA ILE B 476 23.85 -12.64 -21.73
C ILE B 476 23.52 -14.05 -22.18
N VAL B 477 22.77 -14.79 -21.37
CA VAL B 477 22.39 -16.14 -21.79
C VAL B 477 21.60 -16.10 -23.10
N PHE B 478 20.56 -15.27 -23.14
CA PHE B 478 19.74 -15.21 -24.35
C PHE B 478 20.54 -14.71 -25.55
N LEU B 479 21.32 -13.65 -25.36
CA LEU B 479 22.06 -13.06 -26.45
C LEU B 479 23.08 -14.04 -27.01
N PHE B 480 23.81 -14.71 -26.13
CA PHE B 480 24.81 -15.65 -26.62
C PHE B 480 24.17 -16.83 -27.31
N GLY B 481 23.08 -17.36 -26.76
CA GLY B 481 22.42 -18.47 -27.42
C GLY B 481 21.95 -18.12 -28.81
N PHE B 482 21.20 -17.03 -28.92
CA PHE B 482 20.66 -16.68 -30.24
C PHE B 482 21.76 -16.22 -31.18
N SER B 483 22.84 -15.65 -30.67
CA SER B 483 23.93 -15.24 -31.54
C SER B 483 24.66 -16.44 -32.11
N THR B 484 24.88 -17.47 -31.29
CA THR B 484 25.47 -18.69 -31.81
C THR B 484 24.55 -19.34 -32.83
N ALA B 485 23.25 -19.35 -32.57
CA ALA B 485 22.31 -19.89 -33.55
C ALA B 485 22.42 -19.14 -34.88
N VAL B 486 22.38 -17.81 -34.83
CA VAL B 486 22.40 -17.03 -36.06
C VAL B 486 23.72 -17.20 -36.79
N VAL B 487 24.84 -17.23 -36.07
CA VAL B 487 26.12 -17.42 -36.73
C VAL B 487 26.18 -18.78 -37.40
N THR B 488 25.68 -19.81 -36.72
CA THR B 488 25.63 -21.13 -37.33
C THR B 488 24.82 -21.10 -38.62
N LEU B 489 23.68 -20.44 -38.60
CA LEU B 489 22.83 -20.40 -39.78
C LEU B 489 23.48 -19.64 -40.93
N ILE B 490 24.30 -18.64 -40.64
CA ILE B 490 24.85 -17.79 -41.68
C ILE B 490 25.93 -18.55 -42.43
N GLU B 491 25.70 -18.80 -43.71
CA GLU B 491 26.67 -19.41 -44.59
C GLU B 491 27.34 -18.29 -45.37
N ASP B 492 28.57 -17.96 -45.01
CA ASP B 492 29.21 -16.82 -45.64
C ASP B 492 29.70 -17.21 -47.02
N GLY B 493 30.58 -16.39 -47.61
CA GLY B 493 30.91 -16.55 -49.02
C GLY B 493 31.67 -17.82 -49.34
N LYS B 494 31.07 -18.96 -49.01
CA LYS B 494 31.56 -20.26 -49.42
C LYS B 494 30.41 -21.26 -49.48
N SER B 517 29.75 -5.95 -44.21
CA SER B 517 30.41 -6.47 -43.02
C SER B 517 30.01 -7.92 -42.77
N SER B 518 30.75 -8.85 -43.38
CA SER B 518 30.43 -10.26 -43.28
C SER B 518 30.23 -10.66 -41.83
N TYR B 519 29.03 -11.15 -41.52
CA TYR B 519 28.63 -11.45 -40.15
C TYR B 519 28.82 -12.90 -39.80
N ASN B 520 29.82 -13.57 -40.38
CA ASN B 520 30.08 -14.97 -40.09
C ASN B 520 31.07 -15.14 -38.96
N SER B 521 31.14 -14.16 -38.06
CA SER B 521 31.91 -14.27 -36.85
C SER B 521 30.99 -14.01 -35.67
N LEU B 522 31.29 -14.66 -34.55
CA LEU B 522 30.42 -14.54 -33.40
C LEU B 522 30.38 -13.11 -32.88
N TYR B 523 31.48 -12.37 -32.99
CA TYR B 523 31.53 -11.02 -32.45
C TYR B 523 30.58 -10.09 -33.19
N SER B 524 30.64 -10.08 -34.52
CA SER B 524 29.83 -9.14 -35.27
C SER B 524 28.34 -9.46 -35.15
N THR B 525 28.00 -10.74 -35.07
CA THR B 525 26.59 -11.09 -34.91
C THR B 525 26.09 -10.79 -33.52
N CYS B 526 26.93 -10.99 -32.50
CA CYS B 526 26.57 -10.52 -31.17
C CYS B 526 26.33 -9.02 -31.20
N LEU B 527 27.16 -8.28 -31.94
CA LEU B 527 26.98 -6.84 -32.02
C LEU B 527 25.65 -6.49 -32.66
N GLU B 528 25.26 -7.18 -33.72
CA GLU B 528 23.97 -6.92 -34.36
C GLU B 528 22.82 -7.20 -33.41
N LEU B 529 22.86 -8.36 -32.76
CA LEU B 529 21.78 -8.71 -31.86
C LEU B 529 21.73 -7.80 -30.65
N PHE B 530 22.84 -7.14 -30.34
CA PHE B 530 22.81 -6.15 -29.26
C PHE B 530 22.26 -4.82 -29.75
N LYS B 531 22.56 -4.46 -30.99
CA LYS B 531 21.94 -3.29 -31.60
C LYS B 531 20.44 -3.43 -31.50
N PHE B 532 19.96 -4.66 -31.62
CA PHE B 532 18.52 -4.88 -31.44
C PHE B 532 18.05 -4.37 -30.08
N THR B 533 18.86 -4.60 -29.05
CA THR B 533 18.46 -4.19 -27.71
C THR B 533 18.52 -2.68 -27.55
N ILE B 534 19.53 -2.04 -28.16
CA ILE B 534 19.65 -0.59 -28.06
C ILE B 534 18.38 0.11 -28.52
N GLY B 535 17.82 -0.34 -29.64
CA GLY B 535 16.70 0.35 -30.23
C GLY B 535 17.10 0.75 -31.63
N MET B 536 18.10 0.05 -32.15
CA MET B 536 18.74 0.36 -33.42
C MET B 536 18.89 -0.90 -34.27
N GLY B 537 18.00 -1.88 -34.09
CA GLY B 537 18.25 -3.19 -34.62
C GLY B 537 17.79 -3.32 -36.06
N ASP B 538 18.61 -3.98 -36.87
CA ASP B 538 18.31 -4.21 -38.27
C ASP B 538 17.89 -5.65 -38.48
N LEU B 539 16.78 -5.85 -39.18
CA LEU B 539 16.27 -7.18 -39.47
C LEU B 539 16.68 -7.67 -40.84
N GLU B 540 17.60 -6.98 -41.51
CA GLU B 540 17.86 -7.26 -42.92
C GLU B 540 19.35 -7.27 -43.22
N PHE B 541 20.15 -7.92 -42.39
CA PHE B 541 21.53 -8.25 -42.76
C PHE B 541 21.58 -9.69 -43.29
N THR B 542 20.90 -9.88 -44.42
CA THR B 542 20.29 -11.16 -44.79
C THR B 542 20.78 -11.65 -46.15
N GLU B 543 22.09 -11.70 -46.34
CA GLU B 543 22.62 -12.09 -47.64
C GLU B 543 23.29 -13.46 -47.64
N ASN B 544 23.24 -14.21 -46.55
CA ASN B 544 24.07 -15.39 -46.43
C ASN B 544 23.28 -16.57 -45.88
N TYR B 545 22.13 -16.85 -46.46
CA TYR B 545 21.30 -17.94 -45.97
C TYR B 545 21.31 -19.13 -46.91
N ASP B 546 20.78 -20.21 -46.37
CA ASP B 546 20.00 -21.17 -47.13
C ASP B 546 18.54 -21.16 -46.71
N PHE B 547 18.19 -20.43 -45.65
CA PHE B 547 16.87 -20.54 -45.02
C PHE B 547 16.47 -19.19 -44.47
N LYS B 548 15.61 -18.47 -45.19
CA LYS B 548 15.18 -17.16 -44.72
C LYS B 548 14.17 -17.26 -43.59
N ALA B 549 13.26 -18.23 -43.69
CA ALA B 549 12.23 -18.36 -42.67
C ALA B 549 12.83 -18.68 -41.31
N VAL B 550 13.82 -19.57 -41.28
CA VAL B 550 14.47 -19.91 -40.02
C VAL B 550 15.11 -18.68 -39.40
N PHE B 551 15.81 -17.90 -40.23
CA PHE B 551 16.47 -16.70 -39.73
C PHE B 551 15.48 -15.72 -39.15
N ILE B 552 14.38 -15.46 -39.86
CA ILE B 552 13.46 -14.45 -39.39
C ILE B 552 12.73 -14.94 -38.15
N ILE B 553 12.48 -16.25 -38.06
CA ILE B 553 11.89 -16.79 -36.83
C ILE B 553 12.84 -16.61 -35.66
N LEU B 554 14.14 -16.87 -35.88
CA LEU B 554 15.10 -16.70 -34.80
C LEU B 554 15.15 -15.26 -34.33
N LEU B 555 15.19 -14.30 -35.26
CA LEU B 555 15.25 -12.91 -34.84
C LEU B 555 13.97 -12.48 -34.15
N LEU B 556 12.81 -12.91 -34.65
CA LEU B 556 11.57 -12.53 -34.00
C LEU B 556 11.49 -13.10 -32.59
N ALA B 557 11.93 -14.34 -32.41
CA ALA B 557 11.95 -14.91 -31.08
C ALA B 557 12.88 -14.13 -30.17
N TYR B 558 14.06 -13.77 -30.67
CA TYR B 558 15.00 -13.02 -29.85
C TYR B 558 14.44 -11.66 -29.47
N VAL B 559 13.81 -10.98 -30.43
CA VAL B 559 13.26 -9.66 -30.18
C VAL B 559 12.15 -9.72 -29.16
N ILE B 560 11.25 -10.69 -29.31
CA ILE B 560 10.13 -10.81 -28.37
C ILE B 560 10.65 -11.16 -26.98
N LEU B 561 11.63 -12.05 -26.91
CA LEU B 561 12.14 -12.46 -25.60
C LEU B 561 12.87 -11.34 -24.91
N THR B 562 13.80 -10.68 -25.59
CA THR B 562 14.62 -9.69 -24.91
C THR B 562 14.02 -8.29 -24.95
N TYR B 563 13.76 -7.77 -26.16
CA TYR B 563 13.34 -6.38 -26.26
C TYR B 563 11.97 -6.16 -25.64
N ILE B 564 10.99 -6.98 -26.00
CA ILE B 564 9.64 -6.75 -25.52
C ILE B 564 9.46 -7.27 -24.10
N LEU B 565 9.96 -8.47 -23.81
CA LEU B 565 9.74 -9.03 -22.49
C LEU B 565 10.78 -8.53 -21.49
N LEU B 566 12.06 -8.79 -21.74
CA LEU B 566 13.07 -8.59 -20.70
C LEU B 566 13.26 -7.14 -20.33
N LEU B 567 13.33 -6.22 -21.30
CA LEU B 567 13.54 -4.82 -20.93
C LEU B 567 12.35 -4.27 -20.17
N ASN B 568 11.14 -4.53 -20.64
CA ASN B 568 9.97 -4.04 -19.93
C ASN B 568 9.86 -4.66 -18.55
N MET B 569 10.18 -5.96 -18.46
CA MET B 569 10.15 -6.60 -17.15
C MET B 569 11.25 -6.06 -16.24
N LEU B 570 12.37 -5.63 -16.81
CA LEU B 570 13.39 -4.95 -16.03
C LEU B 570 12.86 -3.64 -15.48
N ILE B 571 12.14 -2.89 -16.31
CA ILE B 571 11.54 -1.65 -15.85
C ILE B 571 10.59 -1.91 -14.69
N ALA B 572 9.77 -2.97 -14.82
CA ALA B 572 8.82 -3.29 -13.77
C ALA B 572 9.50 -3.68 -12.46
N LEU B 573 10.50 -4.57 -12.54
CA LEU B 573 11.22 -4.98 -11.34
C LEU B 573 11.93 -3.80 -10.70
N MET B 574 12.57 -2.99 -11.51
CA MET B 574 13.28 -1.83 -10.98
C MET B 574 12.31 -0.85 -10.34
N GLY B 575 11.09 -0.76 -10.88
CA GLY B 575 10.08 0.07 -10.27
C GLY B 575 9.65 -0.43 -8.90
N GLU B 576 9.42 -1.74 -8.78
CA GLU B 576 9.02 -2.25 -7.48
C GLU B 576 10.16 -2.12 -6.48
N THR B 577 11.41 -2.27 -6.95
CA THR B 577 12.55 -2.07 -6.05
C THR B 577 12.62 -0.62 -5.59
N VAL B 578 12.37 0.33 -6.48
CA VAL B 578 12.23 1.72 -6.06
C VAL B 578 11.20 1.83 -4.95
N ASN B 579 10.05 1.22 -5.17
CA ASN B 579 8.95 1.29 -4.21
C ASN B 579 9.33 0.66 -2.88
N LYS B 580 10.30 -0.26 -2.86
CA LYS B 580 10.58 -1.01 -1.66
C LYS B 580 11.75 -0.49 -0.84
N ILE B 581 12.70 0.22 -1.45
CA ILE B 581 13.93 0.61 -0.75
C ILE B 581 13.94 2.10 -0.45
N ALA B 582 12.75 2.69 -0.29
CA ALA B 582 12.67 4.13 -0.05
C ALA B 582 13.41 4.53 1.22
N GLN B 583 13.22 3.77 2.30
CA GLN B 583 13.77 4.16 3.59
C GLN B 583 15.20 3.67 3.81
N GLU B 584 15.47 2.42 3.44
CA GLU B 584 16.82 1.92 3.64
C GLU B 584 17.82 2.67 2.77
N SER B 585 17.37 3.25 1.66
CA SER B 585 18.27 4.10 0.87
C SER B 585 18.68 5.34 1.65
N LYS B 586 17.71 5.98 2.31
CA LYS B 586 18.04 7.14 3.13
C LYS B 586 18.97 6.75 4.26
N ASN B 587 18.73 5.59 4.87
CA ASN B 587 19.62 5.13 5.93
C ASN B 587 21.04 4.87 5.42
N ILE B 588 21.16 4.25 4.25
CA ILE B 588 22.48 4.06 3.65
C ILE B 588 23.16 5.39 3.41
N TRP B 589 22.41 6.37 2.92
CA TRP B 589 23.00 7.68 2.67
C TRP B 589 23.51 8.30 3.96
N LYS B 590 22.71 8.22 5.02
CA LYS B 590 23.12 8.81 6.28
C LYS B 590 24.37 8.12 6.82
N LEU B 591 24.46 6.81 6.66
CA LEU B 591 25.67 6.11 7.08
C LEU B 591 26.87 6.50 6.23
N GLN B 592 26.67 6.69 4.93
CA GLN B 592 27.76 7.14 4.07
C GLN B 592 28.27 8.50 4.52
N ARG B 593 27.35 9.41 4.80
CA ARG B 593 27.76 10.73 5.28
C ARG B 593 28.44 10.63 6.64
N ALA B 594 28.00 9.70 7.48
CA ALA B 594 28.66 9.51 8.77
C ALA B 594 30.11 9.08 8.57
N ILE B 595 30.33 8.15 7.65
CA ILE B 595 31.70 7.72 7.39
C ILE B 595 32.53 8.88 6.86
N THR B 596 31.93 9.69 5.98
CA THR B 596 32.63 10.87 5.47
C THR B 596 33.01 11.81 6.59
N ILE B 597 32.08 12.06 7.52
CA ILE B 597 32.33 12.99 8.62
C ILE B 597 33.45 12.46 9.49
N LEU B 598 33.42 11.17 9.82
CA LEU B 598 34.45 10.60 10.68
C LEU B 598 35.81 10.67 10.00
N ASP B 599 35.87 10.35 8.71
CA ASP B 599 37.13 10.41 7.99
C ASP B 599 37.68 11.82 7.96
N THR B 600 36.82 12.80 7.68
CA THR B 600 37.27 14.18 7.64
C THR B 600 37.77 14.65 8.99
N GLU B 601 37.05 14.31 10.06
CA GLU B 601 37.47 14.71 11.39
C GLU B 601 38.81 14.08 11.75
N LYS B 602 38.99 12.80 11.42
CA LYS B 602 40.24 12.13 11.75
C LYS B 602 41.41 12.61 10.89
N SER B 603 41.12 13.26 9.76
CA SER B 603 42.16 13.60 8.80
C SER B 603 42.59 15.06 8.90
N PHE B 604 42.59 15.64 10.09
CA PHE B 604 43.03 17.00 10.28
C PHE B 604 43.96 17.11 11.49
N LEU B 605 44.58 18.29 11.60
CA LEU B 605 45.58 18.51 12.64
C LEU B 605 44.90 18.62 14.01
N LYS B 606 45.69 18.31 15.05
CA LYS B 606 45.13 18.26 16.40
C LYS B 606 44.58 19.60 16.85
N CYS B 607 45.13 20.71 16.33
CA CYS B 607 44.65 22.03 16.73
C CYS B 607 43.17 22.21 16.39
N MET B 608 42.80 21.92 15.14
CA MET B 608 41.41 22.05 14.75
C MET B 608 40.51 21.04 15.46
N ARG B 609 40.98 19.80 15.62
CA ARG B 609 40.16 18.80 16.31
C ARG B 609 39.84 19.21 17.74
N LYS B 610 40.85 19.70 18.47
CA LYS B 610 40.60 20.20 19.82
C LYS B 610 39.73 21.45 19.77
N ALA B 611 39.88 22.26 18.71
CA ALA B 611 39.04 23.43 18.54
C ALA B 611 37.63 23.06 18.07
N PHE B 612 37.38 21.80 17.73
CA PHE B 612 36.11 21.38 17.17
C PHE B 612 35.59 20.13 17.86
N ARG B 613 35.61 20.14 19.20
CA ARG B 613 34.85 19.14 19.95
C ARG B 613 33.37 19.46 19.85
N SER B 614 32.55 18.43 19.99
CA SER B 614 31.10 18.61 19.94
C SER B 614 30.56 18.83 21.34
N GLY B 615 29.52 19.64 21.42
CA GLY B 615 28.94 19.89 22.72
C GLY B 615 29.84 20.80 23.56
N LYS B 616 29.41 20.99 24.79
CA LYS B 616 30.09 21.88 25.72
C LYS B 616 30.28 21.19 27.05
N LEU B 617 31.27 21.66 27.79
CA LEU B 617 31.55 21.13 29.12
C LEU B 617 30.65 21.83 30.13
N LEU B 618 29.71 21.09 30.70
CA LEU B 618 28.69 21.67 31.55
C LEU B 618 28.71 21.00 32.93
N GLN B 619 28.35 21.77 33.95
CA GLN B 619 28.26 21.27 35.31
C GLN B 619 26.91 20.59 35.45
N VAL B 620 26.87 19.28 35.21
CA VAL B 620 25.62 18.56 35.23
C VAL B 620 25.07 18.44 36.64
N GLY B 621 25.90 18.12 37.61
CA GLY B 621 25.40 17.97 38.96
C GLY B 621 26.50 17.60 39.94
N TYR B 622 26.19 16.70 40.87
CA TYR B 622 27.14 16.28 41.88
C TYR B 622 27.26 14.77 41.89
N THR B 623 28.48 14.27 41.92
CA THR B 623 28.72 12.86 42.10
C THR B 623 28.29 12.46 43.51
N PRO B 624 28.06 11.16 43.74
CA PRO B 624 27.75 10.73 45.11
C PRO B 624 28.84 11.10 46.09
N ASP B 625 30.07 11.28 45.63
CA ASP B 625 31.12 11.84 46.47
C ASP B 625 30.89 13.30 46.80
N GLY B 626 29.94 13.95 46.12
CA GLY B 626 29.64 15.34 46.34
C GLY B 626 30.38 16.29 45.42
N LYS B 627 31.41 15.81 44.73
CA LYS B 627 32.17 16.67 43.84
C LYS B 627 31.35 17.01 42.60
N ASP B 628 31.81 18.04 41.88
CA ASP B 628 31.12 18.48 40.69
C ASP B 628 31.24 17.43 39.57
N ASP B 629 30.17 17.29 38.81
CA ASP B 629 30.08 16.30 37.75
C ASP B 629 30.14 17.05 36.42
N TYR B 630 31.36 17.29 35.95
CA TYR B 630 31.57 17.96 34.69
C TYR B 630 31.55 16.94 33.57
N ARG B 631 30.75 17.21 32.55
CA ARG B 631 30.61 16.30 31.43
C ARG B 631 30.55 17.08 30.14
N TRP B 632 30.90 16.43 29.05
CA TRP B 632 30.78 17.01 27.72
C TRP B 632 29.41 16.68 27.19
N CYS B 633 28.52 17.65 27.18
CA CYS B 633 27.12 17.41 26.91
C CYS B 633 26.69 18.12 25.62
N PHE B 634 25.76 17.50 24.93
CA PHE B 634 25.21 18.01 23.68
C PHE B 634 23.77 18.41 23.93
N ARG B 635 23.42 19.64 23.59
CA ARG B 635 22.14 20.22 23.98
C ARG B 635 21.13 20.14 22.86
N VAL B 636 19.93 19.64 23.18
CA VAL B 636 18.82 19.54 22.27
C VAL B 636 17.68 20.35 22.87
N ASP B 637 16.73 20.76 22.04
CA ASP B 637 15.55 21.47 22.52
C ASP B 637 14.30 20.73 22.12
N GLU B 638 13.37 20.59 23.06
CA GLU B 638 12.16 19.80 22.83
C GLU B 638 10.96 20.60 23.25
N VAL B 639 9.81 20.25 22.66
CA VAL B 639 8.55 20.93 22.91
C VAL B 639 7.47 19.87 23.09
N ASN B 640 6.78 19.91 24.22
CA ASN B 640 5.71 18.96 24.51
C ASN B 640 4.47 19.72 24.93
N TRP B 641 3.34 19.41 24.30
CA TRP B 641 2.08 20.09 24.59
C TRP B 641 1.11 19.20 25.37
N THR B 642 1.59 18.09 25.91
CA THR B 642 0.76 17.24 26.77
C THR B 642 1.30 17.17 28.19
N THR B 643 2.56 16.80 28.37
CA THR B 643 3.13 16.64 29.70
C THR B 643 4.20 17.72 29.89
N TRP B 644 3.75 18.90 30.29
CA TRP B 644 4.58 19.92 30.89
C TRP B 644 4.78 19.74 32.38
N ASN B 645 3.89 19.03 33.07
CA ASN B 645 3.92 18.95 34.52
C ASN B 645 5.15 18.21 35.05
N THR B 646 5.88 17.50 34.19
CA THR B 646 7.02 16.69 34.63
C THR B 646 8.20 17.59 34.99
N ASN B 647 8.01 18.35 36.09
CA ASN B 647 8.99 19.33 36.51
C ASN B 647 10.08 18.73 37.40
N VAL B 648 10.07 17.41 37.60
CA VAL B 648 10.98 16.80 38.56
C VAL B 648 12.38 16.69 37.97
N GLY B 649 13.34 17.36 38.60
CA GLY B 649 14.74 17.23 38.27
C GLY B 649 15.11 18.26 37.22
N ILE B 650 15.81 19.32 37.63
CA ILE B 650 16.06 20.45 36.74
C ILE B 650 17.39 21.09 37.08
N ILE B 651 18.28 21.18 36.08
CA ILE B 651 19.48 21.99 36.24
C ILE B 651 19.12 23.43 35.89
N ASN B 652 19.80 24.39 36.52
CA ASN B 652 19.72 25.76 36.03
C ASN B 652 18.30 26.30 36.03
N GLU B 653 17.73 26.54 37.22
CA GLU B 653 16.35 27.00 37.29
C GLU B 653 16.10 28.24 36.44
N ASP B 654 17.14 28.99 36.13
CA ASP B 654 17.00 30.11 35.21
C ASP B 654 17.10 29.62 33.76
N PRO B 655 16.07 29.81 32.94
CA PRO B 655 16.07 29.39 31.54
C PRO B 655 17.22 29.98 30.73
N ARG C 7 -51.55 -45.35 6.58
CA ARG C 7 -50.91 -44.64 5.48
C ARG C 7 -50.75 -43.17 5.85
N SER C 8 -51.84 -42.58 6.34
CA SER C 8 -51.82 -41.17 6.75
C SER C 8 -51.22 -41.03 8.14
N ILE C 9 -50.56 -42.09 8.62
CA ILE C 9 -49.87 -42.02 9.91
C ILE C 9 -48.79 -40.95 9.87
N PHE C 10 -48.11 -40.82 8.72
CA PHE C 10 -47.13 -39.75 8.56
C PHE C 10 -47.79 -38.39 8.72
N GLU C 11 -48.99 -38.23 8.15
CA GLU C 11 -49.71 -36.97 8.29
C GLU C 11 -50.04 -36.68 9.75
N ALA C 12 -50.44 -37.71 10.50
CA ALA C 12 -50.74 -37.53 11.92
C ALA C 12 -49.48 -37.13 12.68
N VAL C 13 -48.35 -37.79 12.39
CA VAL C 13 -47.12 -37.50 13.10
C VAL C 13 -46.62 -36.10 12.77
N ALA C 14 -46.82 -35.64 11.54
CA ALA C 14 -46.37 -34.31 11.15
C ALA C 14 -46.94 -33.23 12.07
N GLN C 15 -48.16 -33.42 12.56
CA GLN C 15 -48.75 -32.53 13.54
C GLN C 15 -48.45 -32.94 14.97
N ASN C 16 -47.68 -34.01 15.17
CA ASN C 16 -47.33 -34.51 16.51
C ASN C 16 -48.58 -34.87 17.30
N ASN C 17 -49.58 -35.43 16.62
CA ASN C 17 -50.82 -35.84 17.26
C ASN C 17 -50.70 -37.28 17.71
N CYS C 18 -50.81 -37.50 19.03
CA CYS C 18 -50.69 -38.84 19.60
C CYS C 18 -52.04 -39.55 19.74
N GLN C 19 -53.14 -38.87 19.42
CA GLN C 19 -54.45 -39.46 19.62
C GLN C 19 -54.69 -40.62 18.66
N ASP C 20 -54.41 -40.43 17.38
CA ASP C 20 -54.72 -41.46 16.39
C ASP C 20 -53.86 -42.71 16.57
N LEU C 21 -52.66 -42.55 17.13
CA LEU C 21 -51.79 -43.70 17.31
C LEU C 21 -52.33 -44.66 18.37
N GLU C 22 -53.09 -44.14 19.34
CA GLU C 22 -53.71 -45.02 20.33
C GLU C 22 -54.69 -45.98 19.68
N SER C 23 -55.52 -45.47 18.77
CA SER C 23 -56.41 -46.34 18.01
C SER C 23 -55.64 -47.20 17.02
N LEU C 24 -54.53 -46.68 16.49
CA LEU C 24 -53.72 -47.44 15.55
C LEU C 24 -53.13 -48.67 16.21
N LEU C 25 -52.73 -48.56 17.48
CA LEU C 25 -52.22 -49.72 18.21
C LEU C 25 -53.27 -50.82 18.29
N LEU C 26 -54.50 -50.44 18.63
CA LEU C 26 -55.58 -51.43 18.70
C LEU C 26 -55.87 -52.01 17.32
N PHE C 27 -55.83 -51.18 16.29
CA PHE C 27 -56.05 -51.68 14.93
C PHE C 27 -54.97 -52.68 14.53
N LEU C 28 -53.72 -52.40 14.87
CA LEU C 28 -52.62 -53.32 14.58
C LEU C 28 -52.79 -54.62 15.34
N GLN C 29 -53.20 -54.54 16.61
CA GLN C 29 -53.45 -55.76 17.38
C GLN C 29 -54.60 -56.56 16.77
N LYS C 30 -55.60 -55.86 16.22
CA LYS C 30 -56.68 -56.54 15.51
C LYS C 30 -56.15 -57.28 14.29
N SER C 31 -55.38 -56.58 13.46
CA SER C 31 -54.83 -57.17 12.25
C SER C 31 -53.60 -58.03 12.52
N LYS C 32 -53.02 -57.94 13.71
CA LYS C 32 -51.78 -58.65 14.04
C LYS C 32 -50.69 -58.36 13.01
N LYS C 33 -50.58 -57.08 12.63
CA LYS C 33 -49.59 -56.63 11.66
C LYS C 33 -48.46 -55.90 12.38
N HIS C 34 -47.47 -55.50 11.59
CA HIS C 34 -46.29 -54.84 12.12
C HIS C 34 -46.09 -53.49 11.43
N LEU C 35 -45.44 -52.57 12.15
CA LEU C 35 -45.16 -51.25 11.59
C LEU C 35 -44.25 -51.33 10.37
N THR C 36 -43.48 -52.40 10.22
CA THR C 36 -42.53 -52.56 9.13
C THR C 36 -43.14 -53.20 7.90
N ASP C 37 -44.45 -53.44 7.90
CA ASP C 37 -45.09 -54.02 6.72
C ASP C 37 -45.13 -53.02 5.59
N ASN C 38 -45.20 -53.55 4.37
CA ASN C 38 -45.10 -52.71 3.17
C ASN C 38 -46.28 -51.76 3.02
N GLU C 39 -47.37 -51.97 3.77
CA GLU C 39 -48.48 -51.04 3.73
C GLU C 39 -48.16 -49.71 4.40
N PHE C 40 -47.03 -49.61 5.09
CA PHE C 40 -46.66 -48.41 5.83
C PHE C 40 -45.31 -47.86 5.38
N LYS C 41 -44.81 -48.30 4.23
CA LYS C 41 -43.58 -47.79 3.65
C LYS C 41 -43.86 -47.18 2.29
N ASP C 42 -43.25 -46.04 2.03
CA ASP C 42 -43.40 -45.41 0.73
C ASP C 42 -42.83 -46.33 -0.35
N PRO C 43 -43.56 -46.59 -1.44
CA PRO C 43 -43.12 -47.60 -2.41
C PRO C 43 -41.75 -47.32 -3.02
N GLU C 44 -41.40 -46.06 -3.25
CA GLU C 44 -40.15 -45.75 -3.92
C GLU C 44 -39.01 -45.42 -2.97
N THR C 45 -39.31 -44.98 -1.74
CA THR C 45 -38.26 -44.59 -0.80
C THR C 45 -38.13 -45.53 0.39
N GLY C 46 -39.09 -46.41 0.62
CA GLY C 46 -39.06 -47.23 1.82
C GLY C 46 -39.16 -46.40 3.08
N LYS C 47 -40.00 -45.38 3.06
CA LYS C 47 -40.09 -44.45 4.18
C LYS C 47 -40.91 -45.06 5.31
N THR C 48 -40.29 -45.19 6.49
CA THR C 48 -40.96 -45.78 7.63
C THR C 48 -41.50 -44.69 8.55
N CYS C 49 -42.41 -45.11 9.44
CA CYS C 49 -43.04 -44.17 10.36
C CYS C 49 -42.02 -43.57 11.31
N LEU C 50 -41.06 -44.37 11.78
CA LEU C 50 -40.05 -43.84 12.69
C LEU C 50 -39.21 -42.76 12.00
N LEU C 51 -38.85 -42.98 10.73
CA LEU C 51 -38.10 -41.99 9.99
C LEU C 51 -38.89 -40.70 9.84
N LYS C 52 -40.15 -40.81 9.42
CA LYS C 52 -40.98 -39.63 9.24
C LYS C 52 -41.16 -38.88 10.55
N ALA C 53 -41.29 -39.61 11.66
CA ALA C 53 -41.33 -38.97 12.97
C ALA C 53 -40.03 -38.24 13.27
N MET C 54 -38.90 -38.83 12.88
CA MET C 54 -37.62 -38.22 13.19
C MET C 54 -37.39 -36.94 12.40
N LEU C 55 -37.74 -36.92 11.12
CA LEU C 55 -37.54 -35.71 10.32
C LEU C 55 -38.46 -34.57 10.77
N ASN C 56 -39.75 -34.85 10.93
CA ASN C 56 -40.73 -33.79 11.21
C ASN C 56 -40.71 -33.43 12.69
N LEU C 57 -39.52 -33.09 13.18
CA LEU C 57 -39.35 -32.72 14.57
C LEU C 57 -39.90 -31.32 14.84
N HIS C 58 -40.24 -31.08 16.10
CA HIS C 58 -40.55 -29.75 16.60
C HIS C 58 -39.67 -29.50 17.82
N ASP C 59 -39.04 -28.32 17.86
CA ASP C 59 -38.14 -27.89 18.93
C ASP C 59 -37.07 -28.94 19.25
N GLY C 60 -36.82 -29.86 18.32
CA GLY C 60 -35.89 -30.94 18.53
C GLY C 60 -36.46 -32.17 19.22
N GLN C 61 -37.74 -32.13 19.62
CA GLN C 61 -38.34 -33.24 20.35
C GLN C 61 -39.76 -33.47 19.84
N ASN C 62 -40.04 -34.69 19.38
CA ASN C 62 -41.36 -35.09 18.95
C ASN C 62 -41.86 -36.18 19.88
N THR C 63 -43.10 -36.01 20.37
CA THR C 63 -43.64 -36.92 21.37
C THR C 63 -44.09 -38.25 20.79
N THR C 64 -44.36 -38.32 19.49
CA THR C 64 -44.89 -39.54 18.91
C THR C 64 -43.84 -40.63 18.76
N ILE C 65 -42.55 -40.29 18.85
CA ILE C 65 -41.48 -41.27 18.62
C ILE C 65 -41.50 -42.36 19.69
N PRO C 66 -41.46 -42.04 21.00
CA PRO C 66 -41.51 -43.13 21.98
C PRO C 66 -42.78 -43.96 21.87
N LEU C 67 -43.92 -43.32 21.61
CA LEU C 67 -45.18 -44.05 21.50
C LEU C 67 -45.14 -45.03 20.34
N LEU C 68 -44.61 -44.59 19.19
CA LEU C 68 -44.40 -45.49 18.07
C LEU C 68 -43.45 -46.62 18.47
N LEU C 69 -42.49 -46.33 19.35
CA LEU C 69 -41.58 -47.36 19.80
C LEU C 69 -42.32 -48.46 20.56
N GLU C 70 -43.18 -48.09 21.52
CA GLU C 70 -43.92 -49.15 22.20
C GLU C 70 -44.87 -49.85 21.25
N ILE C 71 -45.50 -49.12 20.34
CA ILE C 71 -46.42 -49.74 19.38
C ILE C 71 -45.68 -50.81 18.57
N ALA C 72 -44.44 -50.51 18.17
CA ALA C 72 -43.63 -51.53 17.49
C ALA C 72 -43.28 -52.66 18.44
N ARG C 73 -43.00 -52.35 19.71
CA ARG C 73 -42.52 -53.37 20.64
C ARG C 73 -43.59 -54.43 20.91
N GLN C 74 -44.85 -54.00 21.12
CA GLN C 74 -45.91 -55.00 21.28
C GLN C 74 -46.13 -55.82 20.02
N THR C 75 -45.67 -55.34 18.87
CA THR C 75 -45.65 -56.15 17.65
C THR C 75 -44.35 -56.93 17.51
N ASP C 76 -43.45 -56.83 18.49
CA ASP C 76 -42.14 -57.46 18.45
C ASP C 76 -41.38 -57.03 17.18
N SER C 77 -41.16 -55.72 17.07
CA SER C 77 -40.46 -55.17 15.92
C SER C 77 -39.49 -54.07 16.31
N LEU C 78 -39.14 -53.95 17.60
CA LEU C 78 -38.26 -52.88 18.03
C LEU C 78 -36.88 -52.99 17.38
N LYS C 79 -36.29 -54.18 17.40
CA LYS C 79 -34.97 -54.37 16.82
C LYS C 79 -34.97 -54.24 15.30
N GLU C 80 -36.12 -54.39 14.65
CA GLU C 80 -36.21 -54.30 13.20
C GLU C 80 -36.72 -52.96 12.71
N LEU C 81 -37.66 -52.33 13.41
CA LEU C 81 -38.16 -51.03 12.96
C LEU C 81 -37.10 -49.96 13.07
N VAL C 82 -36.35 -49.94 14.17
CA VAL C 82 -35.34 -48.90 14.36
C VAL C 82 -34.25 -49.00 13.30
N ASN C 83 -33.81 -50.21 12.99
CA ASN C 83 -32.77 -50.40 11.99
C ASN C 83 -33.30 -50.34 10.56
N ALA C 84 -34.53 -49.86 10.36
CA ALA C 84 -35.04 -49.68 9.02
C ALA C 84 -34.29 -48.54 8.32
N SER C 85 -34.12 -48.69 7.01
CA SER C 85 -33.34 -47.75 6.23
C SER C 85 -34.09 -47.39 4.95
N TYR C 86 -33.61 -46.35 4.28
CA TYR C 86 -34.17 -45.97 2.99
C TYR C 86 -33.89 -47.06 1.96
N THR C 87 -34.58 -46.97 0.82
CA THR C 87 -34.42 -47.97 -0.22
C THR C 87 -34.03 -47.32 -1.54
N ASP C 88 -34.47 -46.08 -1.76
CA ASP C 88 -34.17 -45.38 -3.00
C ASP C 88 -32.67 -45.18 -3.13
N SER C 89 -32.16 -45.31 -4.35
CA SER C 89 -30.73 -45.24 -4.59
C SER C 89 -30.13 -43.91 -4.15
N TYR C 90 -30.92 -42.84 -4.14
CA TYR C 90 -30.38 -41.54 -3.75
C TYR C 90 -29.94 -41.52 -2.30
N TYR C 91 -30.72 -42.13 -1.39
CA TYR C 91 -30.39 -42.15 0.03
C TYR C 91 -30.14 -43.57 0.53
N LYS C 92 -29.86 -44.51 -0.37
CA LYS C 92 -29.85 -45.93 -0.01
C LYS C 92 -28.80 -46.22 1.06
N GLY C 93 -29.27 -46.53 2.27
CA GLY C 93 -28.42 -46.77 3.41
C GLY C 93 -28.66 -45.83 4.57
N GLN C 94 -29.41 -44.76 4.37
CA GLN C 94 -29.65 -43.80 5.44
C GLN C 94 -30.45 -44.44 6.55
N THR C 95 -30.08 -44.15 7.79
CA THR C 95 -30.69 -44.76 8.96
C THR C 95 -31.18 -43.66 9.89
N ALA C 96 -32.24 -43.98 10.64
CA ALA C 96 -32.78 -43.01 11.59
C ALA C 96 -31.74 -42.53 12.58
N LEU C 97 -30.74 -43.35 12.89
CA LEU C 97 -29.64 -42.87 13.72
C LEU C 97 -28.89 -41.74 13.03
N HIS C 98 -28.70 -41.83 11.71
CA HIS C 98 -28.05 -40.76 10.98
C HIS C 98 -28.84 -39.46 11.08
N ILE C 99 -30.16 -39.56 10.91
CA ILE C 99 -31.00 -38.37 11.00
C ILE C 99 -30.96 -37.80 12.41
N ALA C 100 -30.85 -38.67 13.41
CA ALA C 100 -30.66 -38.20 14.77
C ALA C 100 -29.35 -37.44 14.92
N ILE C 101 -28.29 -37.95 14.31
CA ILE C 101 -26.98 -37.31 14.43
C ILE C 101 -26.99 -35.94 13.78
N GLU C 102 -27.46 -35.86 12.53
CA GLU C 102 -27.34 -34.59 11.80
C GLU C 102 -28.28 -33.53 12.36
N ARG C 103 -29.39 -33.95 12.98
CA ARG C 103 -30.28 -32.98 13.62
C ARG C 103 -29.76 -32.55 14.99
N ARG C 104 -28.69 -33.16 15.48
CA ARG C 104 -28.02 -32.76 16.72
C ARG C 104 -28.97 -32.86 17.91
N ASN C 105 -29.44 -34.08 18.18
CA ASN C 105 -30.32 -34.37 19.31
C ASN C 105 -29.67 -35.45 20.16
N MET C 106 -28.92 -35.01 21.20
CA MET C 106 -28.27 -35.95 22.11
C MET C 106 -29.27 -36.94 22.70
N ALA C 107 -30.38 -36.43 23.24
CA ALA C 107 -31.35 -37.29 23.90
C ALA C 107 -31.91 -38.32 22.93
N LEU C 108 -32.21 -37.90 21.71
CA LEU C 108 -32.75 -38.84 20.73
C LEU C 108 -31.71 -39.85 20.29
N VAL C 109 -30.44 -39.45 20.23
CA VAL C 109 -29.38 -40.42 19.92
C VAL C 109 -29.32 -41.50 21.00
N THR C 110 -29.34 -41.08 22.27
CA THR C 110 -29.34 -42.05 23.36
C THR C 110 -30.56 -42.94 23.29
N LEU C 111 -31.72 -42.35 23.00
CA LEU C 111 -32.96 -43.10 22.91
C LEU C 111 -32.89 -44.16 21.81
N LEU C 112 -32.41 -43.78 20.63
CA LEU C 112 -32.31 -44.76 19.54
C LEU C 112 -31.28 -45.85 19.86
N VAL C 113 -30.14 -45.48 20.43
CA VAL C 113 -29.12 -46.50 20.69
C VAL C 113 -29.58 -47.45 21.79
N GLU C 114 -30.48 -46.99 22.68
CA GLU C 114 -31.03 -47.88 23.69
C GLU C 114 -31.84 -49.01 23.06
N ASN C 115 -32.61 -48.71 22.01
CA ASN C 115 -33.53 -49.65 21.41
C ASN C 115 -32.87 -50.58 20.40
N GLY C 116 -31.55 -50.73 20.47
CA GLY C 116 -30.87 -51.65 19.58
C GLY C 116 -30.53 -51.11 18.22
N ALA C 117 -30.43 -49.78 18.08
CA ALA C 117 -30.03 -49.20 16.82
C ALA C 117 -28.61 -49.61 16.47
N ASP C 118 -28.38 -49.97 15.21
CA ASP C 118 -27.04 -50.33 14.79
C ASP C 118 -26.18 -49.09 14.66
N VAL C 119 -24.97 -49.15 15.21
CA VAL C 119 -24.03 -48.03 15.15
C VAL C 119 -23.01 -48.23 14.05
N GLN C 120 -23.29 -49.11 13.08
CA GLN C 120 -22.40 -49.36 11.96
C GLN C 120 -23.14 -49.32 10.63
N ALA C 121 -24.28 -48.65 10.58
CA ALA C 121 -25.08 -48.61 9.35
C ALA C 121 -24.40 -47.73 8.32
N ALA C 122 -24.08 -48.32 7.18
CA ALA C 122 -23.35 -47.62 6.12
C ALA C 122 -24.32 -46.73 5.36
N ALA C 123 -24.34 -45.43 5.68
CA ALA C 123 -25.12 -44.46 4.93
C ALA C 123 -24.39 -44.22 3.62
N HIS C 124 -24.66 -45.07 2.65
CA HIS C 124 -23.89 -45.16 1.41
C HIS C 124 -24.77 -44.96 0.18
N GLY C 125 -25.71 -44.02 0.26
CA GLY C 125 -26.52 -43.69 -0.88
C GLY C 125 -25.79 -42.79 -1.85
N ASP C 126 -26.50 -42.45 -2.94
CA ASP C 126 -25.94 -41.53 -3.92
C ASP C 126 -25.69 -40.15 -3.34
N PHE C 127 -26.59 -39.69 -2.47
CA PHE C 127 -26.46 -38.36 -1.87
C PHE C 127 -25.21 -38.24 -1.01
N PHE C 128 -24.81 -39.33 -0.34
CA PHE C 128 -23.73 -39.27 0.63
C PHE C 128 -22.38 -39.69 0.04
N LYS C 129 -22.15 -39.41 -1.23
CA LYS C 129 -20.90 -39.70 -1.89
C LYS C 129 -20.28 -38.42 -2.43
N LYS C 130 -18.97 -38.29 -2.25
CA LYS C 130 -18.24 -37.12 -2.76
C LYS C 130 -18.28 -37.14 -4.27
N THR C 131 -19.06 -36.22 -4.85
CA THR C 131 -19.17 -36.13 -6.30
C THR C 131 -19.36 -34.69 -6.70
N LYS C 132 -18.53 -34.21 -7.63
CA LYS C 132 -18.62 -32.84 -8.10
C LYS C 132 -19.85 -32.64 -8.96
N GLY C 133 -20.36 -31.41 -8.96
CA GLY C 133 -21.47 -31.00 -9.79
C GLY C 133 -22.84 -31.24 -9.19
N ARG C 134 -23.01 -32.29 -8.41
CA ARG C 134 -24.34 -32.54 -7.87
C ARG C 134 -24.37 -32.20 -6.39
N PRO C 135 -25.53 -31.82 -5.86
CA PRO C 135 -25.64 -31.58 -4.42
C PRO C 135 -25.37 -32.86 -3.63
N GLY C 136 -24.73 -32.70 -2.48
CA GLY C 136 -24.40 -33.84 -1.65
C GLY C 136 -23.53 -33.41 -0.50
N PHE C 137 -23.22 -34.38 0.36
CA PHE C 137 -22.40 -34.13 1.53
C PHE C 137 -21.71 -35.44 1.91
N TYR C 138 -20.41 -35.53 1.65
CA TYR C 138 -19.64 -36.73 1.98
C TYR C 138 -19.12 -36.62 3.40
N PHE C 139 -19.38 -37.64 4.21
CA PHE C 139 -18.99 -37.60 5.60
C PHE C 139 -18.39 -38.90 6.13
N GLY C 140 -18.31 -39.95 5.32
CA GLY C 140 -17.71 -41.19 5.74
C GLY C 140 -18.65 -42.37 5.91
N GLU C 141 -19.95 -42.19 5.64
CA GLU C 141 -20.93 -43.27 5.58
C GLU C 141 -21.16 -43.96 6.92
N LEU C 142 -20.71 -43.38 8.03
CA LEU C 142 -20.99 -44.00 9.32
C LEU C 142 -21.51 -42.99 10.31
N PRO C 143 -22.37 -43.41 11.24
CA PRO C 143 -22.82 -42.48 12.29
C PRO C 143 -21.69 -41.94 13.12
N LEU C 144 -20.65 -42.75 13.39
CA LEU C 144 -19.46 -42.22 14.03
C LEU C 144 -18.82 -41.13 13.17
N SER C 145 -18.63 -41.43 11.89
CA SER C 145 -18.04 -40.46 10.98
C SER C 145 -18.95 -39.25 10.80
N LEU C 146 -20.26 -39.46 10.75
CA LEU C 146 -21.18 -38.34 10.60
C LEU C 146 -21.18 -37.45 11.83
N ALA C 147 -21.07 -38.05 13.01
CA ALA C 147 -20.94 -37.25 14.23
C ALA C 147 -19.63 -36.48 14.22
N ALA C 148 -18.56 -37.10 13.73
CA ALA C 148 -17.28 -36.40 13.66
C ALA C 148 -17.32 -35.23 12.68
N CYS C 149 -17.87 -35.44 11.50
CA CYS C 149 -17.85 -34.44 10.44
C CYS C 149 -18.88 -33.33 10.64
N THR C 150 -19.69 -33.39 11.69
CA THR C 150 -20.67 -32.36 11.95
C THR C 150 -20.48 -31.70 13.31
N ASN C 151 -19.36 -31.97 13.97
CA ASN C 151 -18.93 -31.24 15.18
C ASN C 151 -19.89 -31.46 16.34
N GLN C 152 -20.14 -32.73 16.65
CA GLN C 152 -20.78 -33.13 17.90
C GLN C 152 -19.74 -33.91 18.69
N LEU C 153 -19.01 -33.22 19.56
CA LEU C 153 -18.03 -33.91 20.41
C LEU C 153 -18.72 -34.78 21.45
N GLY C 154 -19.81 -34.30 22.02
CA GLY C 154 -20.54 -35.07 23.00
C GLY C 154 -21.11 -36.35 22.42
N ILE C 155 -21.70 -36.23 21.22
CA ILE C 155 -22.32 -37.40 20.61
C ILE C 155 -21.27 -38.44 20.23
N VAL C 156 -20.11 -38.01 19.75
CA VAL C 156 -19.07 -38.99 19.42
C VAL C 156 -18.50 -39.63 20.69
N LYS C 157 -18.33 -38.83 21.75
CA LYS C 157 -17.88 -39.39 23.02
C LYS C 157 -18.87 -40.44 23.53
N PHE C 158 -20.17 -40.16 23.36
CA PHE C 158 -21.19 -41.12 23.75
C PHE C 158 -21.13 -42.38 22.89
N LEU C 159 -21.11 -42.20 21.58
CA LEU C 159 -21.11 -43.33 20.66
C LEU C 159 -19.86 -44.19 20.80
N LEU C 160 -18.80 -43.66 21.40
CA LEU C 160 -17.62 -44.46 21.66
C LEU C 160 -17.64 -45.11 23.03
N GLN C 161 -18.37 -44.56 23.99
CA GLN C 161 -18.29 -44.98 25.38
C GLN C 161 -19.68 -45.16 25.99
N ASN C 162 -20.61 -45.71 25.23
CA ASN C 162 -21.93 -46.02 25.78
C ASN C 162 -21.91 -47.43 26.36
N SER C 163 -23.07 -47.90 26.82
CA SER C 163 -23.19 -49.22 27.42
C SER C 163 -23.90 -50.22 26.53
N TRP C 164 -24.94 -49.78 25.81
CA TRP C 164 -25.72 -50.69 24.97
C TRP C 164 -24.88 -51.26 23.84
N GLN C 165 -24.22 -50.40 23.07
CA GLN C 165 -23.42 -50.84 21.94
C GLN C 165 -22.49 -49.73 21.52
N THR C 166 -21.19 -49.99 21.54
CA THR C 166 -20.18 -48.98 21.20
C THR C 166 -19.76 -49.14 19.75
N ALA C 167 -19.61 -48.00 19.06
CA ALA C 167 -19.22 -48.02 17.66
C ALA C 167 -17.75 -48.38 17.52
N ASP C 168 -17.40 -48.91 16.34
CA ASP C 168 -16.03 -49.28 16.05
C ASP C 168 -15.26 -48.07 15.54
N ILE C 169 -14.15 -47.75 16.20
CA ILE C 169 -13.40 -46.55 15.85
C ILE C 169 -12.69 -46.72 14.50
N SER C 170 -12.29 -47.94 14.16
CA SER C 170 -11.50 -48.19 12.96
C SER C 170 -12.32 -48.85 11.86
N ALA C 171 -13.61 -48.56 11.81
CA ALA C 171 -14.47 -49.13 10.77
C ALA C 171 -14.40 -48.29 9.51
N ARG C 172 -14.23 -48.95 8.37
CA ARG C 172 -14.07 -48.27 7.10
C ARG C 172 -15.35 -48.35 6.27
N ASP C 173 -15.53 -47.34 5.43
CA ASP C 173 -16.70 -47.23 4.57
C ASP C 173 -16.43 -47.86 3.21
N SER C 174 -17.29 -47.57 2.24
CA SER C 174 -17.15 -48.16 0.90
C SER C 174 -15.81 -47.78 0.27
N VAL C 175 -15.42 -46.51 0.39
CA VAL C 175 -14.13 -46.08 -0.16
C VAL C 175 -12.99 -46.43 0.78
N GLY C 176 -13.28 -46.99 1.95
CA GLY C 176 -12.25 -47.43 2.86
C GLY C 176 -11.76 -46.38 3.83
N ASN C 177 -12.49 -45.30 4.01
CA ASN C 177 -12.07 -44.25 4.93
C ASN C 177 -12.41 -44.62 6.37
N THR C 178 -11.47 -44.36 7.26
CA THR C 178 -11.75 -44.44 8.69
C THR C 178 -12.45 -43.15 9.09
N VAL C 179 -12.58 -42.92 10.39
CA VAL C 179 -13.11 -41.63 10.82
C VAL C 179 -12.12 -40.52 10.50
N LEU C 180 -10.82 -40.80 10.64
CA LEU C 180 -9.81 -39.77 10.39
C LEU C 180 -9.75 -39.39 8.92
N HIS C 181 -9.89 -40.36 8.01
CA HIS C 181 -9.87 -40.03 6.60
C HIS C 181 -11.03 -39.12 6.21
N ALA C 182 -12.24 -39.43 6.69
CA ALA C 182 -13.38 -38.58 6.41
C ALA C 182 -13.21 -37.22 7.05
N LEU C 183 -12.66 -37.19 8.27
CA LEU C 183 -12.40 -35.93 8.94
C LEU C 183 -11.46 -35.04 8.13
N VAL C 184 -10.40 -35.64 7.57
CA VAL C 184 -9.51 -34.90 6.69
C VAL C 184 -10.24 -34.44 5.45
N GLU C 185 -11.01 -35.35 4.82
CA GLU C 185 -11.63 -35.05 3.54
C GLU C 185 -12.77 -34.04 3.67
N VAL C 186 -13.23 -33.75 4.87
CA VAL C 186 -14.28 -32.75 5.00
C VAL C 186 -13.71 -31.34 5.12
N ALA C 187 -12.45 -31.20 5.52
CA ALA C 187 -11.83 -29.89 5.68
C ALA C 187 -11.71 -29.18 4.34
N ASP C 188 -11.77 -27.84 4.38
CA ASP C 188 -11.69 -27.06 3.15
C ASP C 188 -10.83 -25.80 3.31
N ASN C 189 -9.92 -25.78 4.28
CA ASN C 189 -8.94 -24.69 4.43
C ASN C 189 -9.62 -23.34 4.62
N THR C 190 -10.45 -23.23 5.64
CA THR C 190 -10.92 -21.95 6.14
C THR C 190 -10.52 -21.85 7.61
N ALA C 191 -11.02 -20.82 8.30
CA ALA C 191 -10.59 -20.61 9.68
C ALA C 191 -11.30 -21.54 10.65
N ASP C 192 -12.61 -21.40 10.77
CA ASP C 192 -13.36 -22.19 11.74
C ASP C 192 -13.41 -23.67 11.36
N ASN C 193 -13.51 -23.96 10.07
CA ASN C 193 -13.50 -25.34 9.62
C ASN C 193 -12.21 -26.03 10.03
N THR C 194 -11.07 -25.39 9.75
CA THR C 194 -9.79 -25.96 10.17
C THR C 194 -9.74 -26.07 11.68
N LYS C 195 -10.24 -25.07 12.38
CA LYS C 195 -10.22 -25.09 13.84
C LYS C 195 -10.91 -26.34 14.38
N PHE C 196 -12.16 -26.57 13.96
CA PHE C 196 -12.88 -27.69 14.56
C PHE C 196 -12.40 -29.03 14.02
N VAL C 197 -11.95 -29.08 12.76
CA VAL C 197 -11.42 -30.32 12.24
C VAL C 197 -10.18 -30.75 13.01
N THR C 198 -9.25 -29.82 13.23
CA THR C 198 -8.05 -30.16 14.00
C THR C 198 -8.43 -30.51 15.44
N SER C 199 -9.34 -29.75 16.05
CA SER C 199 -9.75 -30.03 17.41
C SER C 199 -10.27 -31.46 17.54
N MET C 200 -11.21 -31.85 16.69
CA MET C 200 -11.81 -33.15 16.87
C MET C 200 -10.91 -34.27 16.38
N TYR C 201 -10.01 -33.98 15.44
CA TYR C 201 -8.94 -34.93 15.14
C TYR C 201 -8.14 -35.25 16.40
N ASN C 202 -7.73 -34.22 17.13
CA ASN C 202 -7.02 -34.45 18.37
C ASN C 202 -7.89 -35.25 19.35
N GLU C 203 -9.16 -34.87 19.46
CA GLU C 203 -10.04 -35.54 20.42
C GLU C 203 -10.15 -37.03 20.12
N ILE C 204 -10.35 -37.37 18.85
CA ILE C 204 -10.48 -38.77 18.48
C ILE C 204 -9.16 -39.51 18.67
N LEU C 205 -8.03 -38.83 18.47
CA LEU C 205 -6.75 -39.48 18.79
C LEU C 205 -6.65 -39.83 20.26
N MET C 206 -6.99 -38.89 21.16
CA MET C 206 -6.97 -39.25 22.58
C MET C 206 -7.95 -40.37 22.89
N LEU C 207 -9.14 -40.32 22.31
CA LEU C 207 -10.14 -41.34 22.61
C LEU C 207 -9.67 -42.71 22.14
N GLY C 208 -9.06 -42.79 20.96
CA GLY C 208 -8.52 -44.05 20.49
C GLY C 208 -7.35 -44.54 21.33
N ALA C 209 -6.52 -43.61 21.79
CA ALA C 209 -5.42 -44.01 22.67
C ALA C 209 -5.94 -44.60 23.97
N LYS C 210 -7.00 -44.02 24.53
CA LYS C 210 -7.59 -44.56 25.74
C LYS C 210 -8.23 -45.91 25.49
N LEU C 211 -9.07 -46.01 24.46
CA LEU C 211 -9.84 -47.23 24.23
C LEU C 211 -8.96 -48.37 23.76
N HIS C 212 -8.09 -48.11 22.79
CA HIS C 212 -7.28 -49.13 22.16
C HIS C 212 -5.83 -48.68 22.19
N PRO C 213 -5.17 -48.76 23.36
CA PRO C 213 -3.81 -48.25 23.48
C PRO C 213 -2.81 -48.93 22.56
N THR C 214 -3.10 -50.15 22.10
CA THR C 214 -2.19 -50.88 21.23
C THR C 214 -2.50 -50.68 19.75
N LEU C 215 -3.47 -49.82 19.41
CA LEU C 215 -3.88 -49.61 18.03
C LEU C 215 -3.34 -48.29 17.53
N LYS C 216 -2.52 -48.34 16.47
CA LYS C 216 -2.00 -47.15 15.82
C LYS C 216 -3.05 -46.70 14.81
N LEU C 217 -3.99 -45.88 15.29
CA LEU C 217 -5.14 -45.50 14.48
C LEU C 217 -4.74 -44.71 13.23
N GLU C 218 -3.65 -43.96 13.31
CA GLU C 218 -3.32 -43.02 12.25
C GLU C 218 -2.63 -43.66 11.06
N GLU C 219 -2.36 -44.95 11.10
CA GLU C 219 -1.69 -45.63 10.00
C GLU C 219 -2.63 -46.47 9.15
N LEU C 220 -3.91 -46.51 9.47
CA LEU C 220 -4.87 -47.21 8.63
C LEU C 220 -5.00 -46.51 7.28
N THR C 221 -5.06 -47.29 6.22
CA THR C 221 -5.10 -46.75 4.87
C THR C 221 -6.41 -47.11 4.20
N ASN C 222 -6.90 -46.20 3.36
CA ASN C 222 -8.11 -46.45 2.60
C ASN C 222 -7.77 -47.29 1.38
N LYS C 223 -8.72 -47.42 0.45
CA LYS C 223 -8.54 -48.31 -0.68
C LYS C 223 -7.38 -47.89 -1.58
N LYS C 224 -7.01 -46.62 -1.58
CA LYS C 224 -5.84 -46.18 -2.31
C LYS C 224 -4.57 -46.32 -1.51
N GLY C 225 -4.65 -46.89 -0.31
CA GLY C 225 -3.47 -47.05 0.52
C GLY C 225 -2.87 -45.74 0.98
N MET C 226 -3.70 -44.77 1.32
CA MET C 226 -3.24 -43.46 1.76
C MET C 226 -3.60 -43.25 3.22
N THR C 227 -2.58 -43.04 4.05
CA THR C 227 -2.82 -42.67 5.43
C THR C 227 -3.44 -41.28 5.49
N PRO C 228 -4.14 -40.96 6.58
CA PRO C 228 -4.79 -39.63 6.64
C PRO C 228 -3.81 -38.49 6.46
N LEU C 229 -2.59 -38.63 6.97
CA LEU C 229 -1.57 -37.62 6.73
C LEU C 229 -1.29 -37.47 5.24
N ALA C 230 -1.07 -38.60 4.56
CA ALA C 230 -0.78 -38.55 3.13
C ALA C 230 -1.99 -38.06 2.35
N LEU C 231 -3.20 -38.38 2.81
CA LEU C 231 -4.39 -37.89 2.14
C LEU C 231 -4.52 -36.37 2.27
N ALA C 232 -4.22 -35.85 3.45
CA ALA C 232 -4.22 -34.40 3.65
C ALA C 232 -3.19 -33.73 2.78
N ALA C 233 -2.00 -34.33 2.69
CA ALA C 233 -0.98 -33.78 1.81
C ALA C 233 -1.43 -33.81 0.36
N GLY C 234 -2.02 -34.92 -0.09
CA GLY C 234 -2.37 -35.05 -1.49
C GLY C 234 -3.48 -34.10 -1.91
N THR C 235 -4.53 -33.99 -1.10
CA THR C 235 -5.68 -33.22 -1.53
C THR C 235 -5.50 -31.72 -1.37
N GLY C 236 -4.54 -31.30 -0.56
CA GLY C 236 -4.25 -29.90 -0.38
C GLY C 236 -4.86 -29.24 0.82
N LYS C 237 -5.13 -29.99 1.89
CA LYS C 237 -5.68 -29.42 3.11
C LYS C 237 -4.52 -28.91 3.95
N ILE C 238 -4.20 -27.62 3.78
CA ILE C 238 -2.99 -27.08 4.40
C ILE C 238 -3.13 -26.99 5.91
N GLY C 239 -4.30 -26.63 6.42
CA GLY C 239 -4.45 -26.48 7.86
C GLY C 239 -4.32 -27.81 8.60
N VAL C 240 -4.96 -28.85 8.08
CA VAL C 240 -4.86 -30.16 8.69
C VAL C 240 -3.43 -30.65 8.67
N LEU C 241 -2.75 -30.45 7.54
CA LEU C 241 -1.35 -30.84 7.43
C LEU C 241 -0.49 -30.11 8.46
N ALA C 242 -0.70 -28.80 8.58
CA ALA C 242 0.07 -28.01 9.53
C ALA C 242 -0.14 -28.51 10.94
N TYR C 243 -1.39 -28.82 11.30
CA TYR C 243 -1.65 -29.33 12.64
C TYR C 243 -0.98 -30.67 12.85
N ILE C 244 -1.14 -31.59 11.91
CA ILE C 244 -0.65 -32.96 12.11
C ILE C 244 0.85 -32.97 12.25
N LEU C 245 1.55 -32.22 11.40
CA LEU C 245 3.01 -32.29 11.41
C LEU C 245 3.59 -31.72 12.69
N GLN C 246 2.87 -30.82 13.35
CA GLN C 246 3.34 -30.18 14.56
C GLN C 246 2.53 -30.60 15.79
N ARG C 247 1.79 -31.69 15.68
CA ARG C 247 0.91 -32.11 16.75
C ARG C 247 1.71 -32.45 18.00
N GLU C 248 1.50 -31.69 19.06
CA GLU C 248 2.15 -31.92 20.35
C GLU C 248 1.08 -32.14 21.41
N ILE C 249 1.21 -33.23 22.15
CA ILE C 249 0.25 -33.60 23.19
C ILE C 249 0.99 -33.73 24.51
N GLN C 250 0.52 -33.01 25.53
CA GLN C 250 1.21 -32.96 26.81
C GLN C 250 0.73 -34.01 27.80
N GLU C 251 -0.35 -34.71 27.51
CA GLU C 251 -0.85 -35.72 28.43
C GLU C 251 0.12 -36.89 28.49
N PRO C 252 0.57 -37.30 29.67
CA PRO C 252 1.55 -38.39 29.74
C PRO C 252 1.05 -39.70 29.16
N GLU C 253 -0.25 -39.97 29.24
CA GLU C 253 -0.79 -41.20 28.66
C GLU C 253 -0.76 -41.14 27.14
N CYS C 254 -1.06 -39.98 26.56
CA CYS C 254 -1.08 -39.79 25.11
C CYS C 254 0.19 -39.12 24.60
N ARG C 255 1.24 -39.08 25.42
CA ARG C 255 2.48 -38.44 25.00
C ARG C 255 3.10 -39.14 23.81
N HIS C 256 3.00 -40.47 23.75
CA HIS C 256 3.52 -41.19 22.58
C HIS C 256 2.82 -40.79 21.30
N LEU C 257 1.57 -40.33 21.38
CA LEU C 257 0.87 -39.86 20.20
C LEU C 257 1.38 -38.53 19.68
N SER C 258 2.18 -37.82 20.47
CA SER C 258 2.70 -36.55 20.04
C SER C 258 3.64 -36.75 18.86
N ARG C 259 3.79 -35.71 18.05
CA ARG C 259 4.63 -35.77 16.86
C ARG C 259 5.73 -34.73 16.87
N LYS C 260 5.78 -33.87 17.87
CA LYS C 260 6.82 -32.84 17.99
C LYS C 260 7.23 -32.77 19.45
N PHE C 261 8.36 -33.39 19.78
CA PHE C 261 8.82 -33.49 21.15
C PHE C 261 9.88 -32.43 21.45
N THR C 262 10.39 -32.45 22.66
CA THR C 262 11.51 -31.61 23.06
C THR C 262 12.59 -32.47 23.71
N GLU C 263 13.84 -32.03 23.61
CA GLU C 263 14.95 -32.71 24.25
C GLU C 263 15.40 -32.04 25.54
N TRP C 264 15.79 -30.77 25.46
CA TRP C 264 16.22 -30.06 26.65
C TRP C 264 15.86 -28.59 26.51
N ALA C 265 15.71 -27.93 27.66
CA ALA C 265 15.21 -26.57 27.71
C ALA C 265 16.07 -25.72 28.63
N TYR C 266 17.39 -25.81 28.45
CA TYR C 266 18.32 -25.02 29.26
C TYR C 266 18.02 -23.55 29.08
N GLY C 267 17.50 -22.91 30.12
CA GLY C 267 17.18 -21.50 30.07
C GLY C 267 16.14 -21.18 29.03
N PRO C 268 16.48 -20.29 28.10
CA PRO C 268 15.52 -19.89 27.06
C PRO C 268 15.65 -20.64 25.74
N VAL C 269 16.52 -21.63 25.63
CA VAL C 269 16.76 -22.34 24.37
C VAL C 269 16.26 -23.78 24.51
N HIS C 270 15.48 -24.22 23.51
CA HIS C 270 14.95 -25.57 23.46
C HIS C 270 15.44 -26.25 22.20
N SER C 271 15.45 -27.58 22.25
CA SER C 271 15.76 -28.42 21.09
C SER C 271 14.53 -29.24 20.78
N SER C 272 13.73 -28.78 19.84
CA SER C 272 12.51 -29.46 19.47
C SER C 272 12.80 -30.52 18.41
N LEU C 273 12.36 -31.74 18.68
CA LEU C 273 12.48 -32.86 17.76
C LEU C 273 11.19 -32.97 16.97
N TYR C 274 11.31 -33.17 15.66
CA TYR C 274 10.16 -33.44 14.82
C TYR C 274 10.24 -34.88 14.32
N ASP C 275 9.10 -35.55 14.30
CA ASP C 275 9.07 -36.93 13.83
C ASP C 275 9.00 -36.94 12.30
N LEU C 276 9.91 -37.68 11.68
CA LEU C 276 10.00 -37.73 10.23
C LEU C 276 9.29 -38.95 9.64
N SER C 277 8.64 -39.76 10.47
CA SER C 277 7.91 -40.90 9.95
C SER C 277 6.84 -40.43 8.97
N CYS C 278 6.77 -41.08 7.82
CA CYS C 278 5.88 -40.75 6.71
C CYS C 278 6.19 -39.40 6.09
N ILE C 279 7.31 -38.77 6.46
CA ILE C 279 7.70 -37.48 5.92
C ILE C 279 8.89 -37.63 4.97
N ASP C 280 10.00 -38.15 5.47
CA ASP C 280 11.19 -38.32 4.65
C ASP C 280 10.93 -39.27 3.50
N THR C 281 11.49 -38.96 2.35
CA THR C 281 11.19 -39.70 1.12
C THR C 281 11.73 -41.11 1.13
N CYS C 282 12.35 -41.59 2.20
CA CYS C 282 12.76 -42.99 2.24
C CYS C 282 11.57 -43.93 2.29
N GLU C 283 10.41 -43.45 2.70
CA GLU C 283 9.24 -44.28 2.86
C GLU C 283 8.43 -44.30 1.56
N LYS C 284 7.21 -44.84 1.62
CA LYS C 284 6.34 -44.93 0.47
C LYS C 284 5.16 -43.99 0.64
N ASN C 285 4.82 -43.29 -0.45
CA ASN C 285 3.79 -42.26 -0.43
C ASN C 285 4.12 -41.19 0.62
N SER C 286 5.41 -40.91 0.79
CA SER C 286 5.82 -39.93 1.78
C SER C 286 5.26 -38.56 1.41
N VAL C 287 5.07 -37.73 2.45
CA VAL C 287 4.40 -36.45 2.27
C VAL C 287 5.16 -35.58 1.29
N LEU C 288 6.49 -35.62 1.34
CA LEU C 288 7.29 -34.83 0.41
C LEU C 288 7.00 -35.24 -1.02
N GLU C 289 7.08 -36.55 -1.31
CA GLU C 289 6.79 -37.02 -2.65
C GLU C 289 5.36 -36.69 -3.05
N VAL C 290 4.44 -36.79 -2.10
CA VAL C 290 3.04 -36.54 -2.41
C VAL C 290 2.82 -35.09 -2.79
N ILE C 291 3.41 -34.16 -2.06
CA ILE C 291 3.23 -32.75 -2.36
C ILE C 291 3.93 -32.36 -3.65
N ALA C 292 5.19 -32.78 -3.81
CA ALA C 292 5.97 -32.32 -4.95
C ALA C 292 5.38 -32.79 -6.27
N TYR C 293 4.95 -34.05 -6.34
CA TYR C 293 4.45 -34.63 -7.57
C TYR C 293 2.94 -34.44 -7.73
N SER C 294 2.30 -33.70 -6.84
CA SER C 294 0.88 -33.46 -6.96
C SER C 294 0.57 -32.65 -8.19
N SER C 295 -0.51 -33.00 -8.89
CA SER C 295 -0.92 -32.24 -10.05
C SER C 295 -1.41 -30.86 -9.65
N SER C 296 -1.37 -29.93 -10.61
CA SER C 296 -1.68 -28.54 -10.34
C SER C 296 -3.12 -28.31 -9.93
N GLU C 297 -4.00 -29.30 -10.13
CA GLU C 297 -5.39 -29.14 -9.71
C GLU C 297 -5.49 -28.98 -8.20
N THR C 298 -4.65 -29.68 -7.46
CA THR C 298 -4.70 -29.60 -6.00
C THR C 298 -4.32 -28.19 -5.56
N PRO C 299 -5.19 -27.48 -4.85
CA PRO C 299 -4.86 -26.11 -4.43
C PRO C 299 -3.80 -26.12 -3.34
N ASN C 300 -3.30 -24.93 -3.05
CA ASN C 300 -2.32 -24.72 -1.98
C ASN C 300 -1.03 -25.48 -2.22
N ARG C 301 -0.79 -25.92 -3.46
CA ARG C 301 0.35 -26.79 -3.75
C ARG C 301 1.67 -26.10 -3.42
N HIS C 302 1.76 -24.80 -3.66
CA HIS C 302 2.99 -24.07 -3.35
C HIS C 302 3.12 -23.81 -1.85
N ASP C 303 1.99 -23.55 -1.18
CA ASP C 303 2.03 -23.12 0.21
C ASP C 303 2.42 -24.26 1.15
N MET C 304 2.14 -25.50 0.78
CA MET C 304 2.28 -26.62 1.69
C MET C 304 3.72 -26.91 2.08
N LEU C 305 4.69 -26.32 1.40
CA LEU C 305 6.08 -26.51 1.78
C LEU C 305 6.50 -25.57 2.89
N LEU C 306 5.65 -24.61 3.25
CA LEU C 306 5.99 -23.60 4.25
C LEU C 306 5.88 -24.11 5.68
N VAL C 307 5.21 -25.24 5.90
CA VAL C 307 4.93 -25.69 7.25
C VAL C 307 6.14 -26.42 7.80
N GLU C 308 6.42 -26.20 9.08
CA GLU C 308 7.47 -26.93 9.75
C GLU C 308 7.09 -28.40 9.83
N PRO C 309 8.08 -29.31 9.75
CA PRO C 309 9.48 -29.03 9.50
C PRO C 309 9.86 -29.21 8.04
N LEU C 310 8.88 -29.15 7.14
CA LEU C 310 9.15 -29.47 5.75
C LEU C 310 10.21 -28.56 5.15
N ASN C 311 10.07 -27.25 5.33
CA ASN C 311 11.02 -26.32 4.74
C ASN C 311 12.41 -26.56 5.30
N ARG C 312 12.53 -26.72 6.61
CA ARG C 312 13.82 -26.97 7.22
C ARG C 312 14.40 -28.29 6.74
N LEU C 313 13.54 -29.31 6.57
CA LEU C 313 14.03 -30.59 6.11
C LEU C 313 14.59 -30.52 4.70
N LEU C 314 13.87 -29.86 3.80
CA LEU C 314 14.35 -29.70 2.44
C LEU C 314 15.64 -28.89 2.40
N GLN C 315 15.69 -27.81 3.16
CA GLN C 315 16.91 -27.01 3.18
C GLN C 315 18.09 -27.80 3.73
N ASP C 316 17.84 -28.66 4.72
CA ASP C 316 18.91 -29.51 5.22
C ASP C 316 19.41 -30.46 4.16
N LYS C 317 18.49 -31.11 3.44
CA LYS C 317 18.91 -32.00 2.37
C LYS C 317 19.75 -31.26 1.33
N TRP C 318 19.27 -30.08 0.93
CA TRP C 318 19.97 -29.27 -0.06
C TRP C 318 21.38 -28.93 0.42
N ASP C 319 21.47 -28.26 1.56
CA ASP C 319 22.77 -27.85 2.08
C ASP C 319 23.69 -29.03 2.34
N ARG C 320 23.13 -30.23 2.52
CA ARG C 320 24.01 -31.31 2.93
C ARG C 320 24.52 -32.12 1.75
N PHE C 321 23.67 -32.60 0.84
CA PHE C 321 24.23 -33.41 -0.22
C PHE C 321 23.64 -33.19 -1.61
N VAL C 322 22.73 -32.24 -1.81
CA VAL C 322 22.12 -32.04 -3.12
C VAL C 322 22.70 -30.82 -3.81
N LYS C 323 23.17 -29.84 -3.04
CA LYS C 323 23.76 -28.65 -3.64
C LYS C 323 24.93 -29.02 -4.55
N ARG C 324 25.82 -29.88 -4.08
CA ARG C 324 26.97 -30.28 -4.89
C ARG C 324 26.52 -31.01 -6.15
N ILE C 325 25.55 -31.92 -6.03
CA ILE C 325 25.12 -32.68 -7.19
C ILE C 325 24.48 -31.76 -8.22
N PHE C 326 23.69 -30.81 -7.75
CA PHE C 326 23.07 -29.86 -8.66
C PHE C 326 24.12 -29.02 -9.37
N TYR C 327 25.15 -28.58 -8.64
CA TYR C 327 26.21 -27.80 -9.28
C TYR C 327 26.95 -28.64 -10.32
N PHE C 328 27.19 -29.91 -10.01
CA PHE C 328 27.86 -30.77 -10.97
C PHE C 328 27.00 -30.96 -12.22
N ASN C 329 25.69 -31.12 -12.05
CA ASN C 329 24.82 -31.21 -13.22
C ASN C 329 24.87 -29.92 -14.04
N PHE C 330 24.86 -28.78 -13.37
CA PHE C 330 24.97 -27.50 -14.06
C PHE C 330 26.25 -27.43 -14.86
N LEU C 331 27.37 -27.82 -14.26
CA LEU C 331 28.64 -27.79 -14.96
C LEU C 331 28.66 -28.73 -16.15
N VAL C 332 28.13 -29.94 -15.99
CA VAL C 332 28.12 -30.88 -17.09
C VAL C 332 27.27 -30.35 -18.24
N TYR C 333 26.12 -29.76 -17.94
CA TYR C 333 25.31 -29.20 -19.01
C TYR C 333 26.02 -28.03 -19.68
N CYS C 334 26.75 -27.23 -18.92
CA CYS C 334 27.51 -26.14 -19.50
C CYS C 334 28.54 -26.65 -20.49
N LEU C 335 29.29 -27.68 -20.11
CA LEU C 335 30.25 -28.27 -21.06
C LEU C 335 29.54 -28.88 -22.25
N TYR C 336 28.38 -29.50 -22.04
CA TYR C 336 27.66 -30.06 -23.17
C TYR C 336 27.27 -28.99 -24.16
N MET C 337 26.75 -27.86 -23.69
CA MET C 337 26.37 -26.81 -24.62
C MET C 337 27.59 -26.14 -25.23
N ILE C 338 28.69 -26.03 -24.49
CA ILE C 338 29.88 -25.44 -25.08
C ILE C 338 30.39 -26.30 -26.23
N ILE C 339 30.44 -27.61 -26.02
CA ILE C 339 30.89 -28.51 -27.08
C ILE C 339 29.91 -28.50 -28.25
N PHE C 340 28.61 -28.51 -27.96
CA PHE C 340 27.63 -28.45 -29.03
C PHE C 340 27.78 -27.17 -29.85
N THR C 341 27.97 -26.04 -29.18
CA THR C 341 28.12 -24.78 -29.89
C THR C 341 29.37 -24.77 -30.74
N MET C 342 30.49 -25.26 -30.20
CA MET C 342 31.71 -25.28 -31.00
C MET C 342 31.61 -26.24 -32.17
N ALA C 343 30.84 -27.32 -32.01
CA ALA C 343 30.67 -28.24 -33.14
C ALA C 343 29.79 -27.64 -34.22
N ALA C 344 28.67 -27.01 -33.84
CA ALA C 344 27.80 -26.42 -34.84
C ALA C 344 28.43 -25.22 -35.50
N TYR C 345 29.19 -24.44 -34.75
CA TYR C 345 29.80 -23.23 -35.30
C TYR C 345 30.78 -23.55 -36.41
N TYR C 346 31.55 -24.63 -36.24
CA TYR C 346 32.61 -24.98 -37.17
C TYR C 346 32.18 -25.97 -38.24
N ARG C 347 30.90 -26.02 -38.55
CA ARG C 347 30.42 -26.97 -39.53
C ARG C 347 30.98 -26.63 -40.91
N PRO C 348 31.28 -27.62 -41.73
CA PRO C 348 31.70 -27.33 -43.11
C PRO C 348 30.55 -26.76 -43.90
N VAL C 349 30.87 -25.87 -44.83
CA VAL C 349 29.86 -25.10 -45.54
C VAL C 349 29.89 -25.40 -47.04
N ASP C 350 30.27 -26.62 -47.39
CA ASP C 350 30.38 -27.00 -48.80
C ASP C 350 29.84 -28.40 -49.01
N GLY C 351 29.21 -28.61 -50.15
CA GLY C 351 28.71 -29.93 -50.46
C GLY C 351 27.45 -30.28 -49.67
N LEU C 352 27.21 -31.58 -49.56
CA LEU C 352 26.06 -32.08 -48.87
C LEU C 352 26.48 -33.06 -47.78
N PRO C 353 25.73 -33.15 -46.69
CA PRO C 353 26.10 -34.03 -45.59
C PRO C 353 25.83 -35.48 -45.95
N PRO C 354 26.57 -36.43 -45.36
CA PRO C 354 27.66 -36.23 -44.40
C PRO C 354 28.92 -35.72 -45.06
N PHE C 355 29.87 -35.27 -44.25
CA PHE C 355 31.08 -34.65 -44.74
C PHE C 355 32.29 -35.51 -44.38
N LYS C 356 33.31 -35.43 -45.23
CA LYS C 356 34.48 -36.28 -45.07
C LYS C 356 35.38 -35.77 -43.94
N MET C 357 36.19 -36.67 -43.41
CA MET C 357 37.04 -36.42 -42.27
C MET C 357 38.48 -36.28 -42.78
N GLU C 358 38.95 -35.05 -42.93
CA GLU C 358 40.19 -34.78 -43.64
C GLU C 358 41.30 -34.30 -42.71
N LYS C 359 41.08 -33.24 -41.95
CA LYS C 359 42.10 -32.69 -41.08
C LYS C 359 41.87 -33.14 -39.64
N THR C 360 42.83 -32.81 -38.77
CA THR C 360 42.64 -33.08 -37.35
C THR C 360 41.44 -32.30 -36.81
N GLY C 361 41.28 -31.05 -37.26
CA GLY C 361 40.09 -30.30 -36.89
C GLY C 361 38.82 -31.03 -37.26
N ASP C 362 38.83 -31.76 -38.37
CA ASP C 362 37.68 -32.57 -38.72
C ASP C 362 37.44 -33.66 -37.68
N TYR C 363 38.51 -34.27 -37.17
CA TYR C 363 38.36 -35.27 -36.13
C TYR C 363 37.75 -34.67 -34.87
N PHE C 364 38.25 -33.51 -34.46
CA PHE C 364 37.69 -32.84 -33.27
C PHE C 364 36.23 -32.50 -33.48
N ARG C 365 35.89 -31.97 -34.65
CA ARG C 365 34.51 -31.60 -34.91
C ARG C 365 33.60 -32.82 -34.95
N VAL C 366 34.10 -33.95 -35.46
CA VAL C 366 33.31 -35.16 -35.47
C VAL C 366 33.08 -35.64 -34.04
N THR C 367 34.11 -35.54 -33.19
CA THR C 367 33.93 -35.88 -31.78
C THR C 367 32.85 -35.00 -31.15
N GLY C 368 32.89 -33.71 -31.43
CA GLY C 368 31.88 -32.82 -30.91
C GLY C 368 30.48 -33.17 -31.38
N GLU C 369 30.35 -33.51 -32.67
CA GLU C 369 29.04 -33.89 -33.21
C GLU C 369 28.54 -35.16 -32.53
N ILE C 370 29.44 -36.11 -32.29
CA ILE C 370 29.08 -37.35 -31.63
C ILE C 370 28.56 -37.06 -30.22
N LEU C 371 29.30 -36.26 -29.46
CA LEU C 371 28.89 -35.97 -28.10
C LEU C 371 27.57 -35.21 -28.07
N SER C 372 27.37 -34.29 -29.01
CA SER C 372 26.13 -33.55 -29.07
C SER C 372 24.95 -34.48 -29.32
N VAL C 373 25.07 -35.36 -30.30
CA VAL C 373 23.98 -36.29 -30.57
C VAL C 373 23.76 -37.21 -29.37
N LEU C 374 24.83 -37.61 -28.70
CA LEU C 374 24.69 -38.47 -27.53
C LEU C 374 23.90 -37.78 -26.44
N GLY C 375 24.22 -36.52 -26.16
CA GLY C 375 23.46 -35.78 -25.16
C GLY C 375 22.02 -35.58 -25.57
N GLY C 376 21.78 -35.34 -26.86
CA GLY C 376 20.40 -35.23 -27.31
C GLY C 376 19.62 -36.51 -27.10
N VAL C 377 20.24 -37.65 -27.38
CA VAL C 377 19.59 -38.94 -27.13
C VAL C 377 19.32 -39.13 -25.66
N TYR C 378 20.29 -38.76 -24.81
CA TYR C 378 20.10 -38.89 -23.37
C TYR C 378 18.90 -38.08 -22.91
N PHE C 379 18.79 -36.84 -23.36
CA PHE C 379 17.66 -36.02 -22.95
C PHE C 379 16.36 -36.55 -23.51
N PHE C 380 16.38 -37.10 -24.72
CA PHE C 380 15.19 -37.71 -25.28
C PHE C 380 14.69 -38.85 -24.40
N PHE C 381 15.60 -39.74 -24.02
CA PHE C 381 15.21 -40.87 -23.18
C PHE C 381 14.76 -40.42 -21.81
N ARG C 382 15.42 -39.39 -21.25
CA ARG C 382 15.00 -38.89 -19.95
C ARG C 382 13.60 -38.29 -20.01
N GLY C 383 13.28 -37.58 -21.10
CA GLY C 383 11.93 -37.09 -21.27
C GLY C 383 10.92 -38.20 -21.39
N ILE C 384 11.25 -39.25 -22.12
CA ILE C 384 10.35 -40.40 -22.20
C ILE C 384 10.13 -41.01 -20.82
N GLN C 385 11.21 -41.19 -20.06
CA GLN C 385 11.11 -41.79 -18.75
C GLN C 385 10.27 -40.93 -17.82
N TYR C 386 10.41 -39.61 -17.90
CA TYR C 386 9.56 -38.73 -17.12
C TYR C 386 8.11 -38.85 -17.54
N PHE C 387 7.85 -38.94 -18.84
CA PHE C 387 6.47 -39.07 -19.29
C PHE C 387 5.86 -40.40 -18.87
N LEU C 388 6.68 -41.41 -18.65
CA LEU C 388 6.17 -42.69 -18.16
C LEU C 388 5.94 -42.68 -16.66
N GLN C 389 6.98 -42.32 -15.89
CA GLN C 389 6.91 -42.43 -14.44
C GLN C 389 5.83 -41.53 -13.86
N ARG C 390 5.84 -40.24 -14.22
CA ARG C 390 4.73 -39.38 -13.81
C ARG C 390 3.42 -39.83 -14.43
N ARG C 391 3.47 -40.27 -15.68
CA ARG C 391 2.30 -40.49 -16.51
C ARG C 391 1.34 -39.31 -16.37
N PRO C 392 1.80 -38.08 -16.59
CA PRO C 392 0.94 -36.93 -16.37
C PRO C 392 -0.14 -36.84 -17.44
N SER C 393 -1.25 -36.22 -17.07
CA SER C 393 -2.30 -35.97 -18.04
C SER C 393 -1.84 -34.94 -19.05
N MET C 394 -2.57 -34.86 -20.17
CA MET C 394 -2.19 -33.93 -21.23
C MET C 394 -2.20 -32.50 -20.72
N LYS C 395 -3.22 -32.13 -19.96
CA LYS C 395 -3.28 -30.80 -19.38
C LYS C 395 -2.10 -30.55 -18.46
N THR C 396 -1.81 -31.51 -17.57
CA THR C 396 -0.65 -31.39 -16.70
C THR C 396 0.64 -31.39 -17.52
N LEU C 397 0.65 -32.12 -18.64
CA LEU C 397 1.83 -32.16 -19.49
C LEU C 397 2.14 -30.79 -20.07
N PHE C 398 1.11 -30.11 -20.59
CA PHE C 398 1.33 -28.85 -21.28
C PHE C 398 1.09 -27.62 -20.40
N VAL C 399 0.83 -27.80 -19.12
CA VAL C 399 0.49 -26.66 -18.27
C VAL C 399 1.44 -26.60 -17.08
N ASP C 400 2.06 -27.72 -16.74
CA ASP C 400 2.81 -27.80 -15.48
C ASP C 400 4.30 -28.03 -15.67
N SER C 401 4.71 -28.98 -16.50
CA SER C 401 6.13 -29.29 -16.61
C SER C 401 6.92 -28.11 -17.14
N TYR C 402 6.71 -27.78 -18.42
CA TYR C 402 7.27 -26.58 -19.03
C TYR C 402 8.79 -26.59 -19.08
N SER C 403 9.43 -27.59 -18.49
CA SER C 403 10.88 -27.72 -18.61
C SER C 403 11.29 -29.11 -19.03
N GLU C 404 10.64 -30.15 -18.52
CA GLU C 404 10.77 -31.45 -19.15
C GLU C 404 10.32 -31.38 -20.59
N MET C 405 9.28 -30.59 -20.85
CA MET C 405 8.81 -30.39 -22.22
C MET C 405 9.88 -29.69 -23.06
N LEU C 406 10.57 -28.71 -22.49
CA LEU C 406 11.54 -27.94 -23.28
C LEU C 406 12.81 -28.75 -23.54
N PHE C 407 13.31 -29.46 -22.53
CA PHE C 407 14.45 -30.33 -22.76
C PHE C 407 14.09 -31.43 -23.74
N PHE C 408 12.89 -31.98 -23.62
CA PHE C 408 12.45 -32.98 -24.59
C PHE C 408 12.40 -32.40 -25.99
N LEU C 409 11.89 -31.18 -26.13
CA LEU C 409 11.80 -30.55 -27.43
C LEU C 409 13.18 -30.32 -28.03
N GLN C 410 14.14 -29.91 -27.21
CA GLN C 410 15.51 -29.78 -27.69
C GLN C 410 16.03 -31.11 -28.19
N SER C 411 15.76 -32.19 -27.46
CA SER C 411 16.21 -33.51 -27.91
C SER C 411 15.54 -33.90 -29.22
N LEU C 412 14.26 -33.58 -29.37
CA LEU C 412 13.56 -33.85 -30.62
C LEU C 412 14.23 -33.13 -31.78
N PHE C 413 14.58 -31.86 -31.57
CA PHE C 413 15.28 -31.12 -32.62
C PHE C 413 16.63 -31.74 -32.92
N MET C 414 17.35 -32.20 -31.90
CA MET C 414 18.62 -32.86 -32.14
C MET C 414 18.45 -34.12 -32.99
N LEU C 415 17.45 -34.93 -32.68
CA LEU C 415 17.25 -36.16 -33.43
C LEU C 415 16.81 -35.87 -34.86
N ALA C 416 15.93 -34.89 -35.04
CA ALA C 416 15.57 -34.47 -36.39
C ALA C 416 16.80 -33.99 -37.13
N THR C 417 17.71 -33.31 -36.44
CA THR C 417 18.95 -32.86 -37.05
C THR C 417 19.77 -34.03 -37.56
N VAL C 418 19.94 -35.06 -36.73
CA VAL C 418 20.78 -36.17 -37.18
C VAL C 418 20.11 -36.94 -38.31
N VAL C 419 18.78 -37.08 -38.26
CA VAL C 419 18.06 -37.75 -39.34
C VAL C 419 18.25 -37.01 -40.65
N LEU C 420 18.06 -35.69 -40.63
CA LEU C 420 18.25 -34.90 -41.83
C LEU C 420 19.70 -34.94 -42.28
N TYR C 421 20.63 -34.96 -41.33
CA TYR C 421 22.04 -34.97 -41.68
C TYR C 421 22.42 -36.21 -42.45
N PHE C 422 21.91 -37.37 -42.05
CA PHE C 422 22.26 -38.59 -42.75
C PHE C 422 21.38 -38.87 -43.96
N SER C 423 20.38 -38.04 -44.21
CA SER C 423 19.57 -38.15 -45.41
C SER C 423 20.05 -37.23 -46.52
N HIS C 424 21.26 -36.69 -46.40
CA HIS C 424 21.82 -35.77 -47.39
C HIS C 424 20.88 -34.60 -47.66
N LEU C 425 20.38 -34.01 -46.59
CA LEU C 425 19.56 -32.81 -46.68
C LEU C 425 20.32 -31.65 -46.06
N LYS C 426 20.23 -30.48 -46.69
CA LYS C 426 20.83 -29.29 -46.10
C LYS C 426 20.01 -28.80 -44.92
N GLU C 427 18.71 -29.07 -44.95
CA GLU C 427 17.79 -28.54 -43.95
C GLU C 427 18.19 -28.91 -42.54
N TYR C 428 19.16 -29.83 -42.39
CA TYR C 428 19.55 -30.22 -41.05
C TYR C 428 20.01 -29.00 -40.29
N VAL C 429 20.72 -28.09 -40.97
CA VAL C 429 21.19 -26.88 -40.31
C VAL C 429 20.04 -26.18 -39.61
N ALA C 430 18.93 -26.01 -40.34
CA ALA C 430 17.74 -25.42 -39.75
C ALA C 430 17.44 -26.06 -38.41
N SER C 431 17.16 -27.36 -38.42
CA SER C 431 16.82 -28.04 -37.18
C SER C 431 17.88 -27.78 -36.12
N MET C 432 19.15 -27.94 -36.50
CA MET C 432 20.22 -27.82 -35.52
C MET C 432 20.19 -26.46 -34.84
N VAL C 433 20.02 -25.38 -35.62
CA VAL C 433 20.11 -24.07 -34.97
C VAL C 433 18.99 -23.92 -33.97
N PHE C 434 17.80 -24.46 -34.27
CA PHE C 434 16.75 -24.40 -33.28
C PHE C 434 17.18 -25.12 -32.02
N SER C 435 17.66 -26.36 -32.17
CA SER C 435 18.15 -27.11 -31.02
C SER C 435 19.25 -26.36 -30.31
N LEU C 436 20.02 -25.55 -31.03
CA LEU C 436 21.06 -24.79 -30.38
C LEU C 436 20.46 -23.69 -29.54
N ALA C 437 19.52 -22.92 -30.11
CA ALA C 437 18.95 -21.80 -29.37
C ALA C 437 18.28 -22.28 -28.09
N LEU C 438 17.35 -23.23 -28.23
CA LEU C 438 16.72 -23.82 -27.07
C LEU C 438 17.75 -24.28 -26.05
N GLY C 439 18.82 -24.91 -26.53
CA GLY C 439 19.79 -25.43 -25.62
C GLY C 439 20.25 -24.35 -24.68
N TRP C 440 20.68 -23.22 -25.22
CA TRP C 440 21.18 -22.17 -24.34
C TRP C 440 20.07 -21.63 -23.47
N THR C 441 18.89 -21.44 -24.04
CA THR C 441 17.83 -20.88 -23.23
C THR C 441 17.24 -21.88 -22.26
N ASN C 442 17.80 -23.09 -22.20
CA ASN C 442 17.39 -23.99 -21.14
C ASN C 442 18.27 -23.87 -19.90
N MET C 443 19.38 -23.13 -19.98
CA MET C 443 20.18 -22.95 -18.79
C MET C 443 19.45 -22.17 -17.71
N LEU C 444 18.38 -21.44 -18.06
CA LEU C 444 17.59 -20.83 -17.02
C LEU C 444 17.04 -21.85 -16.05
N TYR C 445 16.89 -23.09 -16.49
CA TYR C 445 16.52 -24.16 -15.57
C TYR C 445 17.42 -24.14 -14.35
N TYR C 446 18.73 -24.09 -14.55
CA TYR C 446 19.62 -24.22 -13.40
C TYR C 446 19.57 -23.01 -12.48
N THR C 447 18.91 -21.92 -12.89
CA THR C 447 18.70 -20.83 -11.96
C THR C 447 17.89 -21.27 -10.75
N ARG C 448 17.28 -22.45 -10.78
CA ARG C 448 16.64 -23.01 -9.60
C ARG C 448 17.57 -23.05 -8.41
N GLY C 449 18.86 -23.31 -8.63
CA GLY C 449 19.74 -23.55 -7.51
C GLY C 449 20.12 -22.32 -6.72
N PHE C 450 19.78 -21.13 -7.21
CA PHE C 450 20.13 -19.90 -6.55
C PHE C 450 18.86 -19.09 -6.31
N GLN C 451 18.70 -18.59 -5.10
CA GLN C 451 17.40 -18.05 -4.70
C GLN C 451 16.99 -16.86 -5.53
N GLN C 452 17.87 -15.85 -5.64
CA GLN C 452 17.51 -14.62 -6.34
C GLN C 452 17.24 -14.90 -7.81
N MET C 453 18.15 -15.60 -8.47
CA MET C 453 17.97 -15.91 -9.88
C MET C 453 16.78 -16.84 -10.10
N GLY C 454 16.54 -17.76 -9.16
CA GLY C 454 15.41 -18.65 -9.31
C GLY C 454 14.09 -17.91 -9.26
N ILE C 455 13.96 -17.00 -8.29
CA ILE C 455 12.75 -16.17 -8.23
C ILE C 455 12.63 -15.33 -9.49
N TYR C 456 13.74 -14.82 -9.98
CA TYR C 456 13.72 -14.03 -11.20
C TYR C 456 13.17 -14.85 -12.37
N ALA C 457 13.66 -16.07 -12.54
CA ALA C 457 13.20 -16.91 -13.63
C ALA C 457 11.74 -17.29 -13.47
N VAL C 458 11.29 -17.49 -12.23
CA VAL C 458 9.87 -17.77 -12.01
C VAL C 458 9.03 -16.58 -12.46
N MET C 459 9.48 -15.37 -12.15
CA MET C 459 8.76 -14.19 -12.63
C MET C 459 8.78 -14.11 -14.14
N ILE C 460 9.88 -14.50 -14.77
CA ILE C 460 9.93 -14.49 -16.23
C ILE C 460 8.85 -15.39 -16.80
N GLU C 461 8.75 -16.61 -16.26
CA GLU C 461 7.67 -17.51 -16.64
C GLU C 461 6.30 -16.87 -16.47
N LYS C 462 6.06 -16.29 -15.29
CA LYS C 462 4.75 -15.71 -15.00
C LYS C 462 4.40 -14.62 -15.99
N MET C 463 5.37 -13.76 -16.35
CA MET C 463 5.07 -12.75 -17.36
C MET C 463 4.77 -13.37 -18.70
N ILE C 464 5.59 -14.31 -19.15
CA ILE C 464 5.37 -14.91 -20.46
C ILE C 464 3.96 -15.47 -20.54
N LEU C 465 3.47 -16.06 -19.45
CA LEU C 465 2.16 -16.67 -19.49
C LEU C 465 1.01 -15.70 -19.27
N ARG C 466 1.14 -14.74 -18.36
CA ARG C 466 0.06 -13.80 -18.08
C ARG C 466 0.01 -12.66 -19.10
N ASP C 467 1.08 -11.87 -19.17
CA ASP C 467 1.01 -10.58 -19.83
C ASP C 467 1.39 -10.66 -21.30
N LEU C 468 2.47 -11.38 -21.61
CA LEU C 468 2.96 -11.42 -22.98
C LEU C 468 1.95 -12.06 -23.91
N CYS C 469 1.22 -13.07 -23.45
CA CYS C 469 0.26 -13.73 -24.33
C CYS C 469 -0.86 -12.78 -24.74
N ARG C 470 -1.44 -12.06 -23.77
CA ARG C 470 -2.52 -11.14 -24.06
C ARG C 470 -2.03 -9.99 -24.93
N PHE C 471 -0.87 -9.44 -24.59
CA PHE C 471 -0.30 -8.37 -25.39
C PHE C 471 -0.06 -8.85 -26.81
N MET C 472 0.45 -10.06 -26.97
CA MET C 472 0.74 -10.56 -28.30
C MET C 472 -0.52 -10.76 -29.10
N PHE C 473 -1.60 -11.23 -28.48
CA PHE C 473 -2.83 -11.40 -29.24
C PHE C 473 -3.32 -10.05 -29.76
N VAL C 474 -3.41 -9.06 -28.87
CA VAL C 474 -3.92 -7.77 -29.31
C VAL C 474 -2.98 -7.14 -30.33
N TYR C 475 -1.68 -7.25 -30.11
CA TYR C 475 -0.72 -6.66 -31.03
C TYR C 475 -0.79 -7.32 -32.40
N ILE C 476 -0.97 -8.63 -32.43
CA ILE C 476 -1.09 -9.32 -33.71
C ILE C 476 -2.34 -8.84 -34.44
N VAL C 477 -3.45 -8.68 -33.73
CA VAL C 477 -4.65 -8.18 -34.38
C VAL C 477 -4.40 -6.82 -35.00
N PHE C 478 -3.84 -5.89 -34.23
CA PHE C 478 -3.60 -4.55 -34.76
C PHE C 478 -2.63 -4.57 -35.92
N LEU C 479 -1.52 -5.29 -35.76
CA LEU C 479 -0.49 -5.31 -36.80
C LEU C 479 -1.05 -5.88 -38.09
N PHE C 480 -1.80 -6.97 -38.00
CA PHE C 480 -2.34 -7.56 -39.21
C PHE C 480 -3.37 -6.66 -39.86
N GLY C 481 -4.22 -6.02 -39.07
CA GLY C 481 -5.20 -5.14 -39.65
C GLY C 481 -4.58 -3.98 -40.41
N PHE C 482 -3.63 -3.31 -39.78
CA PHE C 482 -3.02 -2.17 -40.43
C PHE C 482 -2.11 -2.59 -41.57
N SER C 483 -1.48 -3.76 -41.48
CA SER C 483 -0.67 -4.24 -42.60
C SER C 483 -1.54 -4.54 -43.81
N THR C 484 -2.70 -5.16 -43.60
CA THR C 484 -3.61 -5.38 -44.71
C THR C 484 -4.06 -4.05 -45.32
N ALA C 485 -4.37 -3.08 -44.46
CA ALA C 485 -4.80 -1.78 -44.97
C ALA C 485 -3.70 -1.13 -45.80
N VAL C 486 -2.46 -1.19 -45.32
CA VAL C 486 -1.36 -0.52 -46.02
C VAL C 486 -1.06 -1.22 -47.34
N VAL C 487 -1.06 -2.56 -47.34
CA VAL C 487 -0.81 -3.28 -48.58
C VAL C 487 -1.89 -2.99 -49.59
N THR C 488 -3.14 -2.93 -49.14
CA THR C 488 -4.22 -2.58 -50.05
C THR C 488 -3.99 -1.20 -50.64
N LEU C 489 -3.59 -0.24 -49.80
CA LEU C 489 -3.34 1.10 -50.29
C LEU C 489 -2.17 1.13 -51.26
N ILE C 490 -1.11 0.41 -50.96
CA ILE C 490 0.09 0.44 -51.78
C ILE C 490 -0.21 -0.17 -53.14
N GLU C 491 0.11 0.55 -54.20
CA GLU C 491 -0.03 0.06 -55.56
C GLU C 491 1.14 -0.85 -55.89
N ASP C 492 1.35 -1.15 -57.17
CA ASP C 492 2.47 -1.97 -57.61
C ASP C 492 3.74 -1.63 -56.83
N GLY C 493 4.29 -2.64 -56.17
CA GLY C 493 5.48 -2.43 -55.35
C GLY C 493 6.70 -2.01 -56.13
N LYS C 494 6.71 -2.28 -57.43
CA LYS C 494 7.83 -1.90 -58.29
C LYS C 494 7.60 -0.54 -58.93
N SER C 517 11.61 -1.93 -51.68
CA SER C 517 11.70 -3.36 -51.91
C SER C 517 10.34 -3.95 -52.26
N SER C 518 9.55 -3.19 -53.02
CA SER C 518 8.25 -3.67 -53.48
C SER C 518 7.39 -4.14 -52.32
N TYR C 519 6.94 -3.21 -51.49
CA TYR C 519 6.24 -3.57 -50.27
C TYR C 519 4.78 -3.88 -50.58
N ASN C 520 4.49 -4.24 -51.82
CA ASN C 520 3.16 -4.67 -52.24
C ASN C 520 2.88 -6.12 -51.88
N SER C 521 3.67 -6.70 -50.98
CA SER C 521 3.41 -8.03 -50.46
C SER C 521 3.04 -7.92 -48.99
N LEU C 522 2.24 -8.87 -48.53
CA LEU C 522 1.81 -8.80 -47.13
C LEU C 522 2.97 -9.03 -46.18
N TYR C 523 3.90 -9.91 -46.53
CA TYR C 523 5.00 -10.21 -45.62
C TYR C 523 5.90 -9.00 -45.41
N SER C 524 6.34 -8.38 -46.50
CA SER C 524 7.28 -7.28 -46.38
C SER C 524 6.67 -6.10 -45.65
N THR C 525 5.39 -5.82 -45.90
CA THR C 525 4.75 -4.72 -45.20
C THR C 525 4.50 -5.04 -43.74
N CYS C 526 4.15 -6.30 -43.43
CA CYS C 526 4.07 -6.68 -42.02
C CYS C 526 5.41 -6.47 -41.34
N LEU C 527 6.50 -6.80 -42.01
CA LEU C 527 7.82 -6.58 -41.43
C LEU C 527 8.09 -5.10 -41.22
N GLU C 528 7.72 -4.28 -42.20
CA GLU C 528 7.95 -2.84 -42.11
C GLU C 528 7.18 -2.23 -40.95
N LEU C 529 5.93 -2.65 -40.76
CA LEU C 529 5.16 -2.13 -39.64
C LEU C 529 5.59 -2.75 -38.33
N PHE C 530 6.22 -3.92 -38.37
CA PHE C 530 6.75 -4.47 -37.13
C PHE C 530 7.99 -3.72 -36.69
N LYS C 531 8.74 -3.17 -37.64
CA LYS C 531 9.93 -2.40 -37.29
C LYS C 531 9.59 -1.26 -36.36
N PHE C 532 8.39 -0.70 -36.47
CA PHE C 532 7.99 0.40 -35.61
C PHE C 532 8.04 0.00 -34.15
N THR C 533 7.64 -1.23 -33.85
CA THR C 533 7.54 -1.67 -32.46
C THR C 533 8.92 -1.73 -31.81
N ILE C 534 9.94 -2.05 -32.57
CA ILE C 534 11.28 -2.17 -32.03
C ILE C 534 12.05 -0.85 -32.16
N GLY C 535 11.34 0.24 -32.35
CA GLY C 535 11.95 1.55 -32.40
C GLY C 535 12.85 1.76 -33.60
N MET C 536 12.48 1.20 -34.75
CA MET C 536 13.33 1.35 -35.92
C MET C 536 12.47 1.57 -37.17
N GLY C 537 11.24 2.03 -37.00
CA GLY C 537 10.33 2.11 -38.12
C GLY C 537 10.55 3.35 -38.96
N ASP C 538 10.15 3.26 -40.23
CA ASP C 538 10.29 4.34 -41.19
C ASP C 538 8.91 4.80 -41.63
N LEU C 539 8.66 6.11 -41.53
CA LEU C 539 7.34 6.64 -41.84
C LEU C 539 7.15 6.91 -43.32
N GLU C 540 8.18 6.73 -44.14
CA GLU C 540 8.12 7.07 -45.54
C GLU C 540 8.80 5.98 -46.35
N PHE C 541 8.49 4.73 -46.06
CA PHE C 541 9.25 3.63 -46.62
C PHE C 541 8.87 3.29 -48.06
N THR C 542 7.75 3.80 -48.59
CA THR C 542 7.32 3.32 -49.89
C THR C 542 7.23 4.39 -50.96
N GLU C 543 6.58 5.53 -50.70
CA GLU C 543 6.33 6.56 -51.70
C GLU C 543 5.61 6.05 -52.94
N ASN C 544 4.96 4.89 -52.87
CA ASN C 544 4.46 4.19 -54.05
C ASN C 544 2.96 3.99 -53.95
N TYR C 545 2.25 4.97 -53.45
CA TYR C 545 0.81 4.95 -53.28
C TYR C 545 0.18 6.07 -54.11
N ASP C 546 -1.13 6.26 -53.94
CA ASP C 546 -1.84 7.35 -54.59
C ASP C 546 -2.37 8.40 -53.63
N PHE C 547 -2.41 8.13 -52.33
CA PHE C 547 -2.97 9.06 -51.35
C PHE C 547 -2.02 9.16 -50.18
N LYS C 548 -1.13 10.15 -50.22
CA LYS C 548 -0.16 10.34 -49.16
C LYS C 548 -0.85 10.59 -47.83
N ALA C 549 -1.94 11.35 -47.84
CA ALA C 549 -2.64 11.65 -46.61
C ALA C 549 -3.17 10.39 -45.94
N VAL C 550 -3.76 9.48 -46.72
CA VAL C 550 -4.30 8.26 -46.14
C VAL C 550 -3.17 7.41 -45.58
N PHE C 551 -2.06 7.31 -46.31
CA PHE C 551 -0.93 6.52 -45.84
C PHE C 551 -0.41 7.06 -44.52
N ILE C 552 -0.24 8.38 -44.43
CA ILE C 552 0.27 8.98 -43.20
C ILE C 552 -0.71 8.80 -42.06
N ILE C 553 -2.00 8.96 -42.34
CA ILE C 553 -2.99 8.78 -41.28
C ILE C 553 -2.94 7.36 -40.74
N LEU C 554 -2.85 6.38 -41.64
CA LEU C 554 -2.78 4.99 -41.19
C LEU C 554 -1.54 4.73 -40.36
N LEU C 555 -0.38 5.20 -40.83
CA LEU C 555 0.84 4.94 -40.06
C LEU C 555 0.82 5.65 -38.72
N LEU C 556 0.30 6.87 -38.67
CA LEU C 556 0.22 7.57 -37.40
C LEU C 556 -0.72 6.85 -36.44
N ALA C 557 -1.86 6.38 -36.96
CA ALA C 557 -2.78 5.63 -36.11
C ALA C 557 -2.11 4.38 -35.57
N TYR C 558 -1.37 3.67 -36.42
CA TYR C 558 -0.68 2.46 -35.97
C TYR C 558 0.35 2.78 -34.91
N VAL C 559 1.13 3.84 -35.13
CA VAL C 559 2.19 4.20 -34.18
C VAL C 559 1.57 4.57 -32.84
N ILE C 560 0.51 5.37 -32.86
CA ILE C 560 -0.13 5.80 -31.62
C ILE C 560 -0.71 4.59 -30.89
N LEU C 561 -1.38 3.70 -31.62
CA LEU C 561 -2.05 2.58 -30.98
C LEU C 561 -1.05 1.59 -30.39
N THR C 562 -0.05 1.19 -31.16
CA THR C 562 0.83 0.13 -30.68
C THR C 562 2.05 0.66 -29.95
N TYR C 563 2.81 1.55 -30.59
CA TYR C 563 4.06 1.98 -29.98
C TYR C 563 3.81 2.79 -28.71
N ILE C 564 2.92 3.77 -28.77
CA ILE C 564 2.70 4.63 -27.63
C ILE C 564 1.77 3.99 -26.62
N LEU C 565 0.62 3.50 -27.08
CA LEU C 565 -0.38 2.98 -26.15
C LEU C 565 -0.06 1.58 -25.68
N LEU C 566 -0.02 0.62 -26.61
CA LEU C 566 0.04 -0.78 -26.21
C LEU C 566 1.33 -1.14 -25.48
N LEU C 567 2.46 -0.67 -25.97
CA LEU C 567 3.73 -1.10 -25.38
C LEU C 567 3.92 -0.52 -23.99
N ASN C 568 3.60 0.76 -23.82
CA ASN C 568 3.68 1.37 -22.50
C ASN C 568 2.66 0.75 -21.56
N MET C 569 1.48 0.42 -22.07
CA MET C 569 0.50 -0.26 -21.24
C MET C 569 0.99 -1.63 -20.83
N LEU C 570 1.75 -2.29 -21.71
CA LEU C 570 2.36 -3.57 -21.33
C LEU C 570 3.34 -3.38 -20.19
N ILE C 571 4.15 -2.31 -20.26
CA ILE C 571 5.07 -2.04 -19.16
C ILE C 571 4.31 -1.84 -17.86
N ALA C 572 3.21 -1.08 -17.93
CA ALA C 572 2.40 -0.85 -16.73
C ALA C 572 1.84 -2.15 -16.18
N LEU C 573 1.34 -3.02 -17.06
CA LEU C 573 0.75 -4.27 -16.60
C LEU C 573 1.80 -5.20 -16.00
N MET C 574 3.00 -5.24 -16.58
CA MET C 574 4.07 -6.00 -15.95
C MET C 574 4.40 -5.43 -14.58
N GLY C 575 4.37 -4.11 -14.43
CA GLY C 575 4.60 -3.54 -13.12
C GLY C 575 3.58 -4.03 -12.11
N GLU C 576 2.30 -3.99 -12.49
CA GLU C 576 1.26 -4.46 -11.58
C GLU C 576 1.44 -5.94 -11.26
N THR C 577 1.74 -6.75 -12.28
CA THR C 577 1.92 -8.19 -12.07
C THR C 577 3.08 -8.46 -11.13
N VAL C 578 4.20 -7.76 -11.30
CA VAL C 578 5.30 -7.87 -10.37
C VAL C 578 4.81 -7.57 -8.96
N ASN C 579 4.04 -6.50 -8.81
CA ASN C 579 3.55 -6.16 -7.49
C ASN C 579 2.71 -7.27 -6.89
N LYS C 580 1.94 -7.98 -7.72
CA LYS C 580 0.99 -8.96 -7.20
C LYS C 580 1.53 -10.37 -7.05
N ILE C 581 2.70 -10.68 -7.61
CA ILE C 581 3.21 -12.06 -7.53
C ILE C 581 4.52 -12.09 -6.77
N ALA C 582 4.69 -11.18 -5.82
CA ALA C 582 5.93 -11.13 -5.06
C ALA C 582 6.15 -12.41 -4.27
N GLN C 583 5.09 -12.94 -3.65
CA GLN C 583 5.22 -14.09 -2.78
C GLN C 583 4.98 -15.40 -3.50
N GLU C 584 4.06 -15.40 -4.47
CA GLU C 584 3.84 -16.60 -5.26
C GLU C 584 5.11 -17.03 -5.98
N SER C 585 5.92 -16.07 -6.42
CA SER C 585 7.17 -16.42 -7.09
C SER C 585 8.11 -17.14 -6.15
N LYS C 586 8.25 -16.65 -4.92
CA LYS C 586 9.11 -17.30 -3.95
C LYS C 586 8.60 -18.70 -3.63
N ASN C 587 7.29 -18.84 -3.47
CA ASN C 587 6.74 -20.16 -3.19
C ASN C 587 6.98 -21.13 -4.33
N ILE C 588 6.77 -20.67 -5.57
CA ILE C 588 6.98 -21.55 -6.71
C ILE C 588 8.43 -21.93 -6.83
N TRP C 589 9.35 -21.00 -6.56
CA TRP C 589 10.76 -21.35 -6.60
C TRP C 589 11.08 -22.40 -5.55
N LYS C 590 10.54 -22.24 -4.35
CA LYS C 590 10.81 -23.23 -3.32
C LYS C 590 10.29 -24.59 -3.71
N LEU C 591 9.11 -24.63 -4.33
CA LEU C 591 8.57 -25.92 -4.79
C LEU C 591 9.43 -26.51 -5.91
N GLN C 592 9.95 -25.67 -6.79
CA GLN C 592 10.83 -26.15 -7.86
C GLN C 592 12.08 -26.77 -7.27
N ARG C 593 12.69 -26.10 -6.30
CA ARG C 593 13.86 -26.67 -5.64
C ARG C 593 13.49 -27.96 -4.92
N ALA C 594 12.28 -28.03 -4.37
CA ALA C 594 11.84 -29.27 -3.72
C ALA C 594 11.82 -30.42 -4.71
N ILE C 595 11.25 -30.17 -5.90
CA ILE C 595 11.19 -31.23 -6.91
C ILE C 595 12.59 -31.63 -7.33
N THR C 596 13.48 -30.66 -7.50
CA THR C 596 14.85 -30.99 -7.87
C THR C 596 15.51 -31.84 -6.79
N ILE C 597 15.31 -31.49 -5.52
CA ILE C 597 15.92 -32.24 -4.43
C ILE C 597 15.40 -33.67 -4.42
N LEU C 598 14.09 -33.83 -4.57
CA LEU C 598 13.51 -35.17 -4.54
C LEU C 598 14.02 -36.02 -5.69
N ASP C 599 14.03 -35.47 -6.90
CA ASP C 599 14.52 -36.23 -8.04
C ASP C 599 15.98 -36.59 -7.87
N THR C 600 16.80 -35.64 -7.40
CA THR C 600 18.22 -35.93 -7.22
C THR C 600 18.42 -37.03 -6.20
N GLU C 601 17.72 -36.97 -5.08
CA GLU C 601 17.88 -38.02 -4.08
C GLU C 601 17.45 -39.37 -4.63
N LYS C 602 16.33 -39.42 -5.35
CA LYS C 602 15.89 -40.69 -5.90
C LYS C 602 16.88 -41.26 -6.91
N SER C 603 17.40 -40.42 -7.80
CA SER C 603 18.26 -40.93 -8.87
C SER C 603 19.65 -41.30 -8.38
N PHE C 604 20.10 -40.72 -7.28
CA PHE C 604 21.48 -40.90 -6.86
C PHE C 604 21.77 -42.35 -6.53
N LEU C 605 22.97 -42.80 -6.89
CA LEU C 605 23.38 -44.19 -6.74
C LEU C 605 23.23 -44.66 -5.30
N LYS C 606 23.10 -45.99 -5.15
CA LYS C 606 22.75 -46.57 -3.84
C LYS C 606 23.93 -46.62 -2.90
N CYS C 607 25.16 -46.49 -3.41
CA CYS C 607 26.33 -46.62 -2.54
C CYS C 607 26.37 -45.54 -1.47
N MET C 608 25.76 -44.38 -1.74
CA MET C 608 25.64 -43.33 -0.73
C MET C 608 24.23 -42.83 -0.48
N ARG C 609 23.26 -43.15 -1.35
CA ARG C 609 21.92 -42.59 -1.16
C ARG C 609 21.35 -42.99 0.20
N LYS C 610 21.65 -44.20 0.66
CA LYS C 610 21.23 -44.61 1.99
C LYS C 610 22.10 -43.99 3.07
N ALA C 611 23.37 -43.70 2.73
CA ALA C 611 24.30 -43.09 3.68
C ALA C 611 23.92 -41.67 4.06
N PHE C 612 22.97 -41.06 3.35
CA PHE C 612 22.53 -39.71 3.68
C PHE C 612 21.03 -39.66 3.92
N ARG C 613 20.52 -40.57 4.75
CA ARG C 613 19.17 -40.42 5.26
C ARG C 613 19.11 -39.23 6.20
N SER C 614 18.00 -38.51 6.16
CA SER C 614 17.87 -37.26 6.90
C SER C 614 17.36 -37.50 8.31
N GLY C 615 17.90 -36.75 9.26
CA GLY C 615 17.53 -36.91 10.65
C GLY C 615 18.44 -37.86 11.39
N LYS C 616 18.08 -38.11 12.65
CA LYS C 616 18.82 -39.02 13.49
C LYS C 616 17.86 -39.93 14.24
N LEU C 617 18.36 -41.09 14.64
CA LEU C 617 17.56 -42.09 15.35
C LEU C 617 17.68 -41.82 16.84
N LEU C 618 16.59 -41.42 17.47
CA LEU C 618 16.60 -40.99 18.86
C LEU C 618 15.50 -41.70 19.63
N GLN C 619 15.78 -41.94 20.91
CA GLN C 619 14.83 -42.58 21.81
C GLN C 619 13.94 -41.49 22.39
N VAL C 620 12.76 -41.31 21.80
CA VAL C 620 11.88 -40.23 22.24
C VAL C 620 11.34 -40.49 23.64
N GLY C 621 10.85 -41.70 23.89
CA GLY C 621 10.22 -41.99 25.16
C GLY C 621 9.76 -43.42 25.26
N TYR C 622 8.56 -43.63 25.78
CA TYR C 622 8.08 -44.99 26.00
C TYR C 622 6.68 -45.17 25.42
N THR C 623 6.47 -46.32 24.79
CA THR C 623 5.19 -46.66 24.21
C THR C 623 4.16 -46.86 25.32
N PRO C 624 2.87 -46.77 25.00
CA PRO C 624 1.85 -47.00 26.04
C PRO C 624 1.98 -48.34 26.72
N ASP C 625 2.36 -49.38 25.99
CA ASP C 625 2.65 -50.65 26.63
C ASP C 625 3.94 -50.58 27.46
N GLY C 626 4.86 -49.73 27.06
CA GLY C 626 6.13 -49.56 27.77
C GLY C 626 7.28 -50.20 27.05
N LYS C 627 8.04 -49.40 26.31
CA LYS C 627 9.19 -49.84 25.55
C LYS C 627 9.84 -48.61 24.92
N ASP C 628 11.10 -48.74 24.55
CA ASP C 628 11.83 -47.62 23.95
C ASP C 628 11.19 -47.23 22.63
N ASP C 629 10.84 -45.96 22.49
CA ASP C 629 10.21 -45.45 21.27
C ASP C 629 11.25 -44.76 20.40
N TYR C 630 12.07 -45.56 19.74
CA TYR C 630 13.06 -45.02 18.83
C TYR C 630 12.38 -44.47 17.59
N ARG C 631 12.72 -43.25 17.21
CA ARG C 631 12.14 -42.60 16.05
C ARG C 631 13.24 -41.89 15.27
N TRP C 632 12.99 -41.74 13.97
CA TRP C 632 13.87 -40.95 13.11
C TRP C 632 13.41 -39.51 13.19
N CYS C 633 14.09 -38.71 13.99
CA CYS C 633 13.65 -37.35 14.27
C CYS C 633 14.66 -36.34 13.73
N PHE C 634 14.13 -35.16 13.44
CA PHE C 634 14.90 -34.05 12.90
C PHE C 634 14.90 -32.94 13.93
N ARG C 635 16.09 -32.49 14.32
CA ARG C 635 16.27 -31.60 15.45
C ARG C 635 16.36 -30.16 15.01
N VAL C 636 15.59 -29.29 15.66
CA VAL C 636 15.64 -27.85 15.40
C VAL C 636 15.80 -27.13 16.73
N ASP C 637 16.77 -26.23 16.81
CA ASP C 637 17.05 -25.49 18.04
C ASP C 637 16.40 -24.11 17.94
N GLU C 638 15.56 -23.79 18.91
CA GLU C 638 14.85 -22.52 18.92
C GLU C 638 15.01 -21.87 20.28
N VAL C 639 14.62 -20.60 20.36
CA VAL C 639 14.78 -19.79 21.56
C VAL C 639 13.51 -19.01 21.83
N ASN C 640 13.07 -18.99 23.08
CA ASN C 640 11.88 -18.26 23.47
C ASN C 640 12.18 -17.45 24.73
N TRP C 641 11.66 -16.23 24.78
CA TRP C 641 12.00 -15.31 25.86
C TRP C 641 10.79 -14.98 26.72
N THR C 642 10.01 -15.99 27.08
CA THR C 642 8.94 -15.86 28.06
C THR C 642 9.29 -16.63 29.33
N THR C 643 10.57 -16.62 29.70
CA THR C 643 11.07 -17.34 30.87
C THR C 643 12.49 -16.89 31.21
N ARG D 2 22.46 39.02 64.99
CA ARG D 2 22.69 38.10 63.87
C ARG D 2 22.73 38.83 62.54
N LEU D 3 23.93 38.92 61.97
CA LEU D 3 24.09 39.58 60.68
C LEU D 3 23.39 38.77 59.59
N TYR D 4 22.87 39.48 58.60
CA TYR D 4 22.21 38.86 57.46
C TYR D 4 22.78 39.40 56.15
N ASP D 5 22.97 38.52 55.19
CA ASP D 5 23.50 38.86 53.88
C ASP D 5 22.64 38.24 52.79
N ARG D 6 22.89 38.70 51.55
CA ARG D 6 22.16 38.16 50.41
C ARG D 6 22.37 36.65 50.29
N ARG D 7 23.62 36.20 50.42
CA ARG D 7 23.89 34.78 50.28
C ARG D 7 23.15 33.98 51.34
N SER D 8 23.16 34.46 52.58
CA SER D 8 22.51 33.75 53.67
C SER D 8 21.01 33.62 53.42
N ILE D 9 20.35 34.73 53.09
CA ILE D 9 18.91 34.68 52.86
C ILE D 9 18.57 33.83 51.65
N PHE D 10 19.36 33.92 50.59
CA PHE D 10 19.06 33.15 49.40
C PHE D 10 19.21 31.66 49.66
N GLU D 11 20.27 31.25 50.36
CA GLU D 11 20.43 29.83 50.66
C GLU D 11 19.35 29.35 51.61
N ALA D 12 18.95 30.18 52.59
CA ALA D 12 17.89 29.77 53.50
C ALA D 12 16.58 29.59 52.74
N VAL D 13 16.28 30.51 51.83
CA VAL D 13 15.08 30.41 51.03
C VAL D 13 15.10 29.17 50.14
N ALA D 14 16.23 28.89 49.53
CA ALA D 14 16.31 27.76 48.61
C ALA D 14 16.03 26.44 49.31
N GLN D 15 16.57 26.25 50.51
CA GLN D 15 16.39 25.00 51.23
C GLN D 15 15.04 24.89 51.91
N ASN D 16 14.14 25.85 51.72
CA ASN D 16 12.81 25.84 52.33
C ASN D 16 12.93 25.79 53.86
N ASN D 17 13.91 26.50 54.39
CA ASN D 17 14.21 26.48 55.82
C ASN D 17 13.85 27.84 56.39
N CYS D 18 12.59 27.99 56.79
CA CYS D 18 12.10 29.27 57.30
C CYS D 18 12.63 29.60 58.68
N GLN D 19 13.09 28.60 59.44
CA GLN D 19 13.49 28.84 60.83
C GLN D 19 14.69 29.77 60.93
N ASP D 20 15.44 29.96 59.84
CA ASP D 20 16.54 30.91 59.84
C ASP D 20 16.10 32.33 59.56
N LEU D 21 14.83 32.53 59.22
CA LEU D 21 14.34 33.83 58.76
C LEU D 21 13.72 34.68 59.86
N GLU D 22 13.71 34.20 61.11
CA GLU D 22 13.05 34.94 62.17
C GLU D 22 13.82 36.22 62.52
N SER D 23 15.14 36.11 62.63
CA SER D 23 15.93 37.24 63.12
C SER D 23 15.95 38.40 62.14
N LEU D 24 15.76 38.13 60.85
CA LEU D 24 16.05 39.15 59.84
C LEU D 24 15.10 40.33 59.95
N LEU D 25 13.87 40.11 60.39
CA LEU D 25 12.92 41.20 60.50
C LEU D 25 13.40 42.24 61.49
N LEU D 26 13.74 41.80 62.70
CA LEU D 26 14.34 42.69 63.68
C LEU D 26 15.67 43.24 63.19
N PHE D 27 16.43 42.43 62.45
CA PHE D 27 17.70 42.88 61.90
C PHE D 27 17.53 44.10 61.00
N LEU D 28 16.63 44.00 60.03
CA LEU D 28 16.43 45.10 59.10
C LEU D 28 15.76 46.28 59.79
N GLN D 29 14.89 46.02 60.78
CA GLN D 29 14.30 47.13 61.53
C GLN D 29 15.37 47.90 62.28
N LYS D 30 16.34 47.19 62.86
CA LYS D 30 17.48 47.86 63.48
C LYS D 30 18.29 48.61 62.45
N SER D 31 18.51 48.02 61.28
CA SER D 31 19.31 48.66 60.24
C SER D 31 18.48 49.54 59.32
N LYS D 32 17.17 49.62 59.53
CA LYS D 32 16.28 50.50 58.74
C LYS D 32 16.38 50.19 57.26
N LYS D 33 16.45 48.91 56.93
CA LYS D 33 16.56 48.47 55.54
C LYS D 33 15.26 47.85 55.07
N HIS D 34 15.15 47.69 53.75
CA HIS D 34 14.00 47.07 53.11
C HIS D 34 14.47 45.86 52.31
N LEU D 35 13.56 44.90 52.13
CA LEU D 35 13.89 43.71 51.36
C LEU D 35 14.24 44.04 49.91
N THR D 36 13.73 45.15 49.39
CA THR D 36 13.98 45.54 48.02
C THR D 36 15.27 46.33 47.85
N ASP D 37 16.03 46.52 48.93
CA ASP D 37 17.28 47.25 48.82
C ASP D 37 18.33 46.42 48.07
N ASN D 38 19.32 47.12 47.51
CA ASN D 38 20.31 46.47 46.67
C ASN D 38 21.14 45.44 47.41
N GLU D 39 21.15 45.48 48.74
CA GLU D 39 21.89 44.48 49.50
C GLU D 39 21.32 43.08 49.34
N PHE D 40 20.10 42.96 48.81
CA PHE D 40 19.43 41.68 48.71
C PHE D 40 18.96 41.36 47.31
N LYS D 41 19.30 42.19 46.32
CA LYS D 41 18.98 41.93 44.93
C LYS D 41 20.24 41.43 44.22
N ASP D 42 20.09 40.36 43.45
CA ASP D 42 21.21 39.82 42.70
C ASP D 42 21.76 40.88 41.75
N PRO D 43 23.05 41.22 41.84
CA PRO D 43 23.54 42.40 41.11
C PRO D 43 23.38 42.32 39.60
N GLU D 44 23.52 41.13 39.02
CA GLU D 44 23.51 41.02 37.56
C GLU D 44 22.13 40.73 36.99
N THR D 45 21.13 40.44 37.82
CA THR D 45 19.79 40.13 37.34
C THR D 45 18.68 40.88 38.03
N GLY D 46 18.96 41.66 39.08
CA GLY D 46 17.89 42.25 39.83
C GLY D 46 17.03 41.25 40.56
N LYS D 47 17.51 40.03 40.71
CA LYS D 47 16.73 38.96 41.32
C LYS D 47 16.53 39.23 42.80
N THR D 48 15.29 39.14 43.26
CA THR D 48 14.95 39.38 44.65
C THR D 48 14.78 38.07 45.40
N CYS D 49 14.58 38.19 46.71
CA CYS D 49 14.36 37.01 47.52
C CYS D 49 13.07 36.30 47.13
N LEU D 50 12.01 37.06 46.86
CA LEU D 50 10.73 36.44 46.53
C LEU D 50 10.81 35.66 45.23
N LEU D 51 11.52 36.18 44.24
CA LEU D 51 11.68 35.45 42.98
C LEU D 51 12.41 34.13 43.23
N LYS D 52 13.50 34.17 43.98
CA LYS D 52 14.23 32.96 44.31
C LYS D 52 13.33 31.97 45.03
N ALA D 53 12.47 32.46 45.90
CA ALA D 53 11.53 31.59 46.60
C ALA D 53 10.55 30.96 45.63
N MET D 54 10.05 31.75 44.67
CA MET D 54 9.07 31.22 43.72
C MET D 54 9.69 30.15 42.84
N LEU D 55 10.96 30.32 42.47
CA LEU D 55 11.61 29.32 41.63
C LEU D 55 11.75 27.99 42.37
N ASN D 56 12.24 28.02 43.61
CA ASN D 56 12.48 26.81 44.38
C ASN D 56 11.24 26.45 45.16
N LEU D 57 10.41 25.59 44.58
CA LEU D 57 9.25 25.04 45.27
C LEU D 57 9.44 23.54 45.45
N HIS D 58 8.96 23.05 46.59
CA HIS D 58 8.89 21.62 46.86
C HIS D 58 7.44 21.20 46.75
N ASP D 59 7.19 20.12 46.00
CA ASP D 59 5.86 19.59 45.68
C ASP D 59 4.86 20.70 45.36
N GLY D 60 5.33 21.79 44.77
CA GLY D 60 4.46 22.90 44.46
C GLY D 60 4.12 23.81 45.62
N GLN D 61 4.85 23.73 46.72
CA GLN D 61 4.57 24.57 47.88
C GLN D 61 5.86 24.90 48.60
N ASN D 62 6.06 26.19 48.89
CA ASN D 62 7.23 26.65 49.61
C ASN D 62 6.78 27.32 50.91
N THR D 63 7.42 26.96 52.02
CA THR D 63 6.96 27.43 53.32
C THR D 63 7.53 28.77 53.71
N THR D 64 8.56 29.25 53.02
CA THR D 64 9.18 30.52 53.42
C THR D 64 8.52 31.72 52.77
N ILE D 65 7.74 31.52 51.71
CA ILE D 65 7.11 32.65 51.03
C ILE D 65 6.11 33.39 51.91
N PRO D 66 5.19 32.74 52.65
CA PRO D 66 4.25 33.55 53.44
C PRO D 66 4.97 34.31 54.54
N LEU D 67 5.99 33.69 55.14
CA LEU D 67 6.75 34.34 56.20
C LEU D 67 7.49 35.56 55.66
N LEU D 68 8.17 35.42 54.54
CA LEU D 68 8.88 36.54 53.95
C LEU D 68 7.91 37.63 53.51
N LEU D 69 6.75 37.23 53.01
CA LEU D 69 5.74 38.18 52.58
C LEU D 69 5.20 38.97 53.77
N GLU D 70 4.99 38.30 54.90
CA GLU D 70 4.57 38.98 56.12
C GLU D 70 5.63 39.95 56.58
N ILE D 71 6.90 39.56 56.50
CA ILE D 71 7.99 40.46 56.85
C ILE D 71 7.94 41.71 55.97
N ALA D 72 7.77 41.50 54.67
CA ALA D 72 7.69 42.64 53.74
C ALA D 72 6.52 43.54 54.09
N ARG D 73 5.38 42.95 54.44
CA ARG D 73 4.22 43.74 54.85
C ARG D 73 4.55 44.59 56.07
N GLN D 74 5.19 43.99 57.07
CA GLN D 74 5.57 44.75 58.26
C GLN D 74 6.68 45.75 57.96
N THR D 75 7.33 45.66 56.81
CA THR D 75 8.27 46.68 56.36
C THR D 75 7.62 47.67 55.39
N ASP D 76 6.29 47.64 55.26
CA ASP D 76 5.53 48.52 54.38
C ASP D 76 6.16 48.63 52.99
N SER D 77 6.59 47.47 52.47
CA SER D 77 7.26 47.41 51.18
C SER D 77 6.64 46.35 50.28
N LEU D 78 5.41 45.91 50.58
CA LEU D 78 4.81 44.81 49.85
C LEU D 78 4.65 45.13 48.36
N LYS D 79 4.19 46.34 48.05
CA LYS D 79 3.93 46.69 46.67
C LYS D 79 5.19 46.62 45.82
N GLU D 80 6.31 47.12 46.33
CA GLU D 80 7.54 47.12 45.56
C GLU D 80 8.15 45.73 45.50
N LEU D 81 8.05 44.96 46.58
CA LEU D 81 8.64 43.62 46.58
C LEU D 81 7.91 42.71 45.61
N VAL D 82 6.58 42.65 45.70
CA VAL D 82 5.84 41.70 44.87
C VAL D 82 5.95 42.07 43.41
N ASN D 83 5.78 43.34 43.08
CA ASN D 83 5.85 43.80 41.70
C ASN D 83 7.28 44.07 41.25
N ALA D 84 8.27 43.56 41.98
CA ALA D 84 9.65 43.62 41.50
C ALA D 84 9.84 42.64 40.35
N SER D 85 10.85 42.90 39.54
CA SER D 85 11.06 42.13 38.32
C SER D 85 12.54 42.04 38.03
N TYR D 86 12.88 41.19 37.07
CA TYR D 86 14.26 41.08 36.62
C TYR D 86 14.71 42.37 35.97
N THR D 87 16.02 42.52 35.82
CA THR D 87 16.57 43.76 35.27
C THR D 87 17.43 43.48 34.05
N ASP D 88 18.07 42.31 34.00
CA ASP D 88 18.91 42.00 32.86
C ASP D 88 18.08 41.82 31.60
N SER D 89 18.71 42.08 30.46
CA SER D 89 17.99 42.09 29.20
C SER D 89 17.37 40.74 28.87
N TYR D 90 17.99 39.66 29.32
CA TYR D 90 17.56 38.34 28.87
C TYR D 90 16.23 37.93 29.48
N TYR D 91 15.99 38.27 30.75
CA TYR D 91 14.72 37.98 31.40
C TYR D 91 13.98 39.25 31.78
N LYS D 92 14.27 40.35 31.09
CA LYS D 92 13.73 41.65 31.49
C LYS D 92 12.21 41.62 31.54
N GLY D 93 11.65 42.07 32.66
CA GLY D 93 10.23 42.17 32.84
C GLY D 93 9.58 41.02 33.56
N GLN D 94 10.28 39.90 33.72
CA GLN D 94 9.69 38.74 34.37
C GLN D 94 9.38 39.05 35.83
N THR D 95 8.20 38.64 36.27
CA THR D 95 7.68 38.97 37.59
C THR D 95 7.26 37.69 38.28
N ALA D 96 7.28 37.71 39.61
CA ALA D 96 6.90 36.54 40.39
C ALA D 96 5.55 35.99 39.98
N LEU D 97 4.65 36.82 39.48
CA LEU D 97 3.40 36.33 38.94
C LEU D 97 3.64 35.45 37.71
N HIS D 98 4.58 35.83 36.85
CA HIS D 98 4.92 34.99 35.71
C HIS D 98 5.43 33.64 36.16
N ILE D 99 6.32 33.64 37.16
CA ILE D 99 6.86 32.38 37.66
C ILE D 99 5.74 31.54 38.26
N ALA D 100 4.83 32.16 38.98
CA ALA D 100 3.72 31.42 39.56
C ALA D 100 2.86 30.78 38.48
N ILE D 101 2.53 31.53 37.43
CA ILE D 101 1.68 30.97 36.38
C ILE D 101 2.40 29.87 35.63
N GLU D 102 3.69 30.03 35.41
CA GLU D 102 4.44 29.00 34.71
C GLU D 102 4.56 27.74 35.56
N ARG D 103 4.82 27.89 36.85
CA ARG D 103 4.90 26.73 37.74
C ARG D 103 3.55 26.07 37.96
N ARG D 104 2.47 26.69 37.51
CA ARG D 104 1.13 26.11 37.53
C ARG D 104 0.58 26.01 38.95
N ASN D 105 0.96 26.95 39.80
CA ASN D 105 0.50 26.97 41.18
C ASN D 105 -0.66 27.95 41.28
N MET D 106 -1.89 27.44 41.22
CA MET D 106 -3.06 28.29 41.35
C MET D 106 -3.08 29.00 42.69
N ALA D 107 -2.68 28.30 43.76
CA ALA D 107 -2.66 28.90 45.09
C ALA D 107 -1.71 30.08 45.13
N LEU D 108 -0.53 29.94 44.51
CA LEU D 108 0.39 31.08 44.49
C LEU D 108 -0.13 32.21 43.63
N VAL D 109 -0.86 31.90 42.56
CA VAL D 109 -1.45 32.96 41.76
C VAL D 109 -2.40 33.79 42.63
N THR D 110 -3.30 33.11 43.34
CA THR D 110 -4.21 33.81 44.23
C THR D 110 -3.43 34.62 45.27
N LEU D 111 -2.48 33.98 45.94
CA LEU D 111 -1.75 34.65 47.01
C LEU D 111 -1.04 35.89 46.51
N LEU D 112 -0.36 35.79 45.37
CA LEU D 112 0.36 36.94 44.83
C LEU D 112 -0.60 38.05 44.45
N VAL D 113 -1.66 37.73 43.71
CA VAL D 113 -2.52 38.81 43.21
C VAL D 113 -3.25 39.48 44.36
N GLU D 114 -3.56 38.74 45.43
CA GLU D 114 -4.27 39.34 46.56
C GLU D 114 -3.41 40.39 47.25
N ASN D 115 -2.09 40.22 47.22
CA ASN D 115 -1.17 41.15 47.86
C ASN D 115 -0.69 42.24 46.92
N GLY D 116 -1.47 42.58 45.90
CA GLY D 116 -1.13 43.69 45.03
C GLY D 116 -0.21 43.36 43.89
N ALA D 117 -0.21 42.12 43.41
CA ALA D 117 0.60 41.77 42.26
C ALA D 117 0.01 42.37 40.99
N ASP D 118 0.82 43.11 40.24
CA ASP D 118 0.35 43.67 39.00
C ASP D 118 0.09 42.56 37.99
N VAL D 119 -1.07 42.62 37.33
CA VAL D 119 -1.44 41.61 36.35
C VAL D 119 -1.29 42.16 34.94
N GLN D 120 -0.49 43.21 34.76
CA GLN D 120 -0.20 43.75 33.44
C GLN D 120 1.29 43.87 33.23
N ALA D 121 2.08 43.03 33.92
CA ALA D 121 3.52 43.09 33.79
C ALA D 121 3.93 42.51 32.43
N ALA D 122 4.62 43.32 31.65
CA ALA D 122 5.06 42.91 30.31
C ALA D 122 6.43 42.28 30.44
N ALA D 123 6.51 40.96 30.25
CA ALA D 123 7.79 40.25 30.34
C ALA D 123 8.48 40.34 29.00
N HIS D 124 8.98 41.53 28.68
CA HIS D 124 9.60 41.81 27.39
C HIS D 124 11.10 41.58 27.43
N GLY D 125 11.54 40.42 27.88
CA GLY D 125 12.93 40.07 27.85
C GLY D 125 13.34 39.49 26.51
N ASP D 126 14.64 39.22 26.39
CA ASP D 126 15.12 38.57 25.17
C ASP D 126 14.65 37.14 25.10
N PHE D 127 14.52 36.47 26.25
CA PHE D 127 14.08 35.08 26.25
C PHE D 127 12.62 34.94 25.85
N PHE D 128 11.79 35.94 26.15
CA PHE D 128 10.36 35.86 25.92
C PHE D 128 9.96 36.43 24.56
N LYS D 129 10.86 36.37 23.59
CA LYS D 129 10.58 36.80 22.23
C LYS D 129 10.92 35.67 21.27
N LYS D 130 10.32 35.73 20.09
CA LYS D 130 10.48 34.66 19.11
C LYS D 130 11.73 34.93 18.28
N THR D 131 12.66 33.99 18.31
CA THR D 131 13.89 34.08 17.53
C THR D 131 14.25 32.68 17.04
N LYS D 132 14.50 32.56 15.74
CA LYS D 132 14.74 31.25 15.14
C LYS D 132 15.99 30.62 15.72
N GLY D 133 15.90 29.34 16.10
CA GLY D 133 17.04 28.64 16.64
C GLY D 133 17.37 29.05 18.07
N ARG D 134 17.43 30.35 18.28
CA ARG D 134 17.78 30.91 19.58
C ARG D 134 16.72 30.51 20.58
N PRO D 135 17.07 29.89 21.71
CA PRO D 135 16.04 29.35 22.60
C PRO D 135 15.14 30.43 23.19
N GLY D 136 13.89 30.09 23.37
CA GLY D 136 12.94 31.03 23.94
C GLY D 136 11.53 30.51 23.81
N PHE D 137 10.62 31.18 24.50
CA PHE D 137 9.20 30.86 24.44
C PHE D 137 8.43 32.16 24.32
N TYR D 138 7.67 32.32 23.25
CA TYR D 138 6.87 33.52 23.06
C TYR D 138 5.42 33.22 23.40
N PHE D 139 4.90 33.92 24.39
CA PHE D 139 3.53 33.70 24.84
C PHE D 139 2.68 34.95 24.83
N GLY D 140 3.25 36.12 24.54
CA GLY D 140 2.50 37.35 24.56
C GLY D 140 2.88 38.31 25.65
N GLU D 141 3.90 38.01 26.45
CA GLU D 141 4.47 38.92 27.45
C GLU D 141 3.49 39.34 28.53
N LEU D 142 2.31 38.74 28.59
CA LEU D 142 1.33 39.14 29.59
C LEU D 142 0.91 37.95 30.43
N PRO D 143 0.68 38.16 31.73
CA PRO D 143 0.28 37.04 32.58
C PRO D 143 -0.97 36.34 32.11
N LEU D 144 -1.97 37.07 31.63
CA LEU D 144 -3.13 36.41 31.05
C LEU D 144 -2.76 35.63 29.81
N SER D 145 -1.92 36.21 28.95
CA SER D 145 -1.47 35.50 27.77
C SER D 145 -0.66 34.27 28.14
N LEU D 146 0.20 34.39 29.15
CA LEU D 146 0.99 33.25 29.58
C LEU D 146 0.11 32.13 30.11
N ALA D 147 -0.93 32.49 30.86
CA ALA D 147 -1.86 31.48 31.36
C ALA D 147 -2.60 30.82 30.22
N ALA D 148 -3.01 31.60 29.22
CA ALA D 148 -3.76 31.01 28.12
C ALA D 148 -2.88 30.14 27.24
N CYS D 149 -1.61 30.52 27.06
CA CYS D 149 -0.70 29.77 26.20
C CYS D 149 -0.02 28.62 26.91
N THR D 150 -0.27 28.41 28.19
CA THR D 150 0.20 27.23 28.89
C THR D 150 -0.96 26.33 29.31
N ASN D 151 -2.12 26.52 28.72
CA ASN D 151 -3.29 25.66 28.94
C ASN D 151 -3.64 25.57 30.42
N GLN D 152 -3.98 26.72 31.00
CA GLN D 152 -4.46 26.81 32.37
C GLN D 152 -5.75 27.62 32.35
N LEU D 153 -6.87 26.96 32.09
CA LEU D 153 -8.14 27.67 32.03
C LEU D 153 -8.50 28.26 33.38
N GLY D 154 -8.24 27.54 34.46
CA GLY D 154 -8.59 28.01 35.79
C GLY D 154 -7.93 29.33 36.12
N ILE D 155 -6.63 29.42 35.88
CA ILE D 155 -5.93 30.67 36.17
C ILE D 155 -6.42 31.78 35.26
N VAL D 156 -6.77 31.45 34.02
CA VAL D 156 -7.32 32.48 33.12
C VAL D 156 -8.60 33.05 33.70
N LYS D 157 -9.53 32.19 34.07
CA LYS D 157 -10.79 32.65 34.64
C LYS D 157 -10.53 33.46 35.90
N PHE D 158 -9.62 32.99 36.75
CA PHE D 158 -9.33 33.70 37.98
C PHE D 158 -8.78 35.10 37.69
N LEU D 159 -7.86 35.21 36.74
CA LEU D 159 -7.34 36.52 36.38
C LEU D 159 -8.40 37.43 35.80
N LEU D 160 -9.37 36.88 35.08
CA LEU D 160 -10.40 37.74 34.51
C LEU D 160 -11.43 38.18 35.54
N GLN D 161 -11.76 37.33 36.50
CA GLN D 161 -12.87 37.58 37.42
C GLN D 161 -12.40 37.45 38.87
N ASN D 162 -11.29 38.06 39.21
CA ASN D 162 -10.85 38.08 40.60
C ASN D 162 -11.55 39.23 41.31
N SER D 163 -11.11 39.53 42.53
CA SER D 163 -11.69 40.60 43.32
C SER D 163 -10.76 41.77 43.56
N TRP D 164 -9.46 41.61 43.30
CA TRP D 164 -8.47 42.63 43.58
C TRP D 164 -8.05 43.41 42.35
N GLN D 165 -7.78 42.71 41.24
CA GLN D 165 -7.37 43.39 40.02
C GLN D 165 -7.61 42.45 38.85
N THR D 166 -8.50 42.85 37.94
CA THR D 166 -8.82 42.05 36.77
C THR D 166 -7.87 42.39 35.64
N ALA D 167 -7.37 41.35 34.97
CA ALA D 167 -6.52 41.55 33.80
C ALA D 167 -7.37 42.01 32.64
N ASP D 168 -6.85 42.98 31.88
CA ASP D 168 -7.58 43.54 30.76
C ASP D 168 -7.51 42.58 29.57
N ILE D 169 -8.66 42.05 29.16
CA ILE D 169 -8.68 41.04 28.12
C ILE D 169 -8.22 41.58 26.78
N SER D 170 -8.24 42.89 26.58
CA SER D 170 -7.86 43.48 25.32
C SER D 170 -6.52 44.20 25.37
N ALA D 171 -5.75 44.00 26.44
CA ALA D 171 -4.43 44.59 26.51
C ALA D 171 -3.50 43.94 25.50
N ARG D 172 -2.47 44.67 25.09
CA ARG D 172 -1.58 44.23 24.05
C ARG D 172 -0.13 44.22 24.53
N ASP D 173 0.66 43.34 23.95
CA ASP D 173 2.08 43.26 24.25
C ASP D 173 2.82 44.32 23.43
N SER D 174 4.15 44.22 23.40
CA SER D 174 4.94 45.18 22.63
C SER D 174 4.61 45.12 21.15
N VAL D 175 4.51 43.90 20.60
CA VAL D 175 4.21 43.75 19.18
C VAL D 175 2.76 44.08 18.88
N GLY D 176 1.94 44.28 19.90
CA GLY D 176 0.53 44.54 19.71
C GLY D 176 -0.33 43.30 19.72
N ASN D 177 0.26 42.12 19.84
CA ASN D 177 -0.52 40.90 19.91
C ASN D 177 -1.43 40.91 21.12
N THR D 178 -2.70 40.58 20.89
CA THR D 178 -3.66 40.40 21.97
C THR D 178 -3.45 39.00 22.52
N VAL D 179 -4.28 38.57 23.47
CA VAL D 179 -4.18 37.19 23.93
C VAL D 179 -4.54 36.24 22.80
N LEU D 180 -5.50 36.61 21.95
CA LEU D 180 -5.86 35.75 20.83
C LEU D 180 -4.72 35.68 19.81
N HIS D 181 -4.04 36.79 19.55
CA HIS D 181 -2.91 36.76 18.64
C HIS D 181 -1.81 35.86 19.18
N ALA D 182 -1.49 35.98 20.46
CA ALA D 182 -0.48 35.12 21.05
C ALA D 182 -0.90 33.67 20.99
N LEU D 183 -2.17 33.42 21.24
CA LEU D 183 -2.67 32.05 21.25
C LEU D 183 -2.63 31.43 19.87
N VAL D 184 -2.83 32.24 18.82
CA VAL D 184 -2.61 31.75 17.46
C VAL D 184 -1.13 31.52 17.21
N GLU D 185 -0.28 32.46 17.62
CA GLU D 185 1.16 32.33 17.42
C GLU D 185 1.69 31.05 18.04
N VAL D 186 1.08 30.60 19.14
CA VAL D 186 1.53 29.38 19.80
C VAL D 186 1.23 28.13 18.99
N ALA D 187 0.13 28.10 18.25
CA ALA D 187 -0.28 26.89 17.55
C ALA D 187 0.77 26.45 16.54
N ASP D 188 0.92 25.13 16.40
CA ASP D 188 1.91 24.58 15.49
C ASP D 188 1.40 23.37 14.71
N ASN D 189 0.09 23.22 14.58
CA ASN D 189 -0.54 22.22 13.72
C ASN D 189 -0.28 20.78 14.14
N THR D 190 0.07 20.53 15.39
CA THR D 190 0.01 19.16 15.87
C THR D 190 -1.44 18.83 16.24
N ALA D 191 -1.64 17.71 16.92
CA ALA D 191 -3.00 17.32 17.29
C ALA D 191 -3.38 17.89 18.66
N ASP D 192 -2.60 17.54 19.69
CA ASP D 192 -2.86 18.02 21.04
C ASP D 192 -2.78 19.54 21.12
N ASN D 193 -1.78 20.13 20.47
CA ASN D 193 -1.63 21.57 20.52
C ASN D 193 -2.81 22.26 19.87
N THR D 194 -3.20 21.81 18.69
CA THR D 194 -4.39 22.36 18.04
C THR D 194 -5.61 22.20 18.93
N LYS D 195 -5.73 21.06 19.58
CA LYS D 195 -6.88 20.81 20.43
C LYS D 195 -6.98 21.85 21.53
N PHE D 196 -5.91 22.02 22.32
CA PHE D 196 -6.12 22.90 23.46
C PHE D 196 -6.14 24.35 23.01
N VAL D 197 -5.47 24.66 21.88
CA VAL D 197 -5.51 26.03 21.39
C VAL D 197 -6.92 26.41 20.96
N THR D 198 -7.60 25.52 20.23
CA THR D 198 -8.97 25.81 19.85
C THR D 198 -9.86 25.91 21.09
N SER D 199 -9.68 25.01 22.04
CA SER D 199 -10.50 25.06 23.25
C SER D 199 -10.29 26.37 24.00
N MET D 200 -9.03 26.75 24.22
CA MET D 200 -8.73 27.96 24.96
C MET D 200 -9.18 29.20 24.21
N TYR D 201 -9.06 29.18 22.88
CA TYR D 201 -9.57 30.29 22.08
C TYR D 201 -11.06 30.46 22.27
N ASN D 202 -11.80 29.36 22.22
CA ASN D 202 -13.23 29.43 22.43
C ASN D 202 -13.56 29.98 23.81
N GLU D 203 -12.84 29.50 24.84
CA GLU D 203 -13.13 29.91 26.20
C GLU D 203 -12.84 31.39 26.40
N ILE D 204 -11.68 31.85 25.90
CA ILE D 204 -11.36 33.27 25.98
C ILE D 204 -12.43 34.09 25.27
N LEU D 205 -12.89 33.60 24.11
CA LEU D 205 -13.86 34.36 23.35
C LEU D 205 -15.16 34.52 24.11
N MET D 206 -15.66 33.43 24.70
CA MET D 206 -16.90 33.51 25.46
C MET D 206 -16.74 34.36 26.72
N LEU D 207 -15.61 34.24 27.39
CA LEU D 207 -15.38 35.06 28.57
C LEU D 207 -15.35 36.54 28.22
N GLY D 208 -14.72 36.89 27.10
CA GLY D 208 -14.75 38.25 26.64
C GLY D 208 -16.14 38.71 26.27
N ALA D 209 -16.96 37.80 25.73
CA ALA D 209 -18.35 38.15 25.44
C ALA D 209 -19.10 38.48 26.72
N LYS D 210 -18.92 37.67 27.77
CA LYS D 210 -19.66 37.90 29.01
C LYS D 210 -19.17 39.15 29.72
N LEU D 211 -17.86 39.30 29.86
CA LEU D 211 -17.32 40.46 30.57
C LEU D 211 -17.62 41.75 29.81
N HIS D 212 -17.43 41.75 28.50
CA HIS D 212 -17.64 42.93 27.67
C HIS D 212 -18.54 42.55 26.50
N PRO D 213 -19.85 42.66 26.66
CA PRO D 213 -20.75 42.34 25.53
C PRO D 213 -20.55 43.25 24.34
N THR D 214 -19.91 44.39 24.50
CA THR D 214 -19.71 45.36 23.43
C THR D 214 -18.33 45.28 22.82
N LEU D 215 -17.57 44.23 23.10
CA LEU D 215 -16.20 44.12 22.64
C LEU D 215 -16.12 43.21 21.43
N LYS D 216 -15.56 43.72 20.34
CA LYS D 216 -15.23 42.92 19.17
C LYS D 216 -13.82 42.38 19.36
N LEU D 217 -13.70 41.43 20.28
CA LEU D 217 -12.38 40.96 20.70
C LEU D 217 -11.59 40.39 19.53
N GLU D 218 -12.26 39.92 18.50
CA GLU D 218 -11.60 39.24 17.39
C GLU D 218 -11.21 40.20 16.27
N GLU D 219 -11.52 41.49 16.42
CA GLU D 219 -11.19 42.48 15.40
C GLU D 219 -9.99 43.33 15.77
N LEU D 220 -9.48 43.23 17.00
CA LEU D 220 -8.30 43.97 17.37
C LEU D 220 -7.11 43.50 16.53
N THR D 221 -6.28 44.44 16.12
CA THR D 221 -5.15 44.15 15.25
C THR D 221 -3.85 44.48 15.97
N ASN D 222 -2.81 43.74 15.62
CA ASN D 222 -1.49 44.02 16.14
C ASN D 222 -0.83 45.12 15.31
N LYS D 223 0.45 45.39 15.60
CA LYS D 223 1.14 46.48 14.93
C LYS D 223 1.27 46.25 13.43
N LYS D 224 1.27 45.00 12.98
CA LYS D 224 1.28 44.71 11.56
C LYS D 224 -0.10 44.78 10.93
N GLY D 225 -1.10 45.21 11.69
CA GLY D 225 -2.46 45.27 11.18
C GLY D 225 -3.04 43.94 10.80
N MET D 226 -2.82 42.91 11.61
CA MET D 226 -3.28 41.57 11.34
C MET D 226 -4.25 41.15 12.43
N THR D 227 -5.44 40.73 12.03
CA THR D 227 -6.37 40.14 12.98
C THR D 227 -5.99 38.69 13.21
N PRO D 228 -6.44 38.09 14.33
CA PRO D 228 -6.07 36.69 14.59
C PRO D 228 -6.45 35.74 13.48
N LEU D 229 -7.59 35.97 12.83
CA LEU D 229 -7.94 35.16 11.68
C LEU D 229 -6.94 35.34 10.55
N ALA D 230 -6.66 36.59 10.20
CA ALA D 230 -5.70 36.86 9.13
C ALA D 230 -4.31 36.39 9.53
N LEU D 231 -3.95 36.52 10.80
CA LEU D 231 -2.65 36.03 11.25
C LEU D 231 -2.55 34.53 11.10
N ALA D 232 -3.61 33.81 11.47
CA ALA D 232 -3.60 32.36 11.34
C ALA D 232 -3.50 31.95 9.88
N ALA D 233 -4.21 32.66 9.00
CA ALA D 233 -4.11 32.36 7.57
C ALA D 233 -2.71 32.63 7.05
N GLY D 234 -2.11 33.75 7.45
CA GLY D 234 -0.79 34.08 6.94
C GLY D 234 0.28 33.13 7.43
N THR D 235 0.27 32.79 8.71
CA THR D 235 1.33 31.97 9.25
C THR D 235 1.11 30.49 8.95
N GLY D 236 -0.06 30.12 8.44
CA GLY D 236 -0.29 28.76 8.00
C GLY D 236 -0.85 27.82 9.04
N LYS D 237 -1.36 28.33 10.16
CA LYS D 237 -1.92 27.47 11.19
C LYS D 237 -3.25 26.94 10.70
N ILE D 238 -3.22 25.76 10.07
CA ILE D 238 -4.41 25.26 9.40
C ILE D 238 -5.46 24.80 10.42
N GLY D 239 -5.04 24.26 11.56
CA GLY D 239 -6.03 23.82 12.54
C GLY D 239 -6.83 24.97 13.11
N VAL D 240 -6.14 26.04 13.51
CA VAL D 240 -6.82 27.20 14.06
C VAL D 240 -7.71 27.84 13.00
N LEU D 241 -7.24 27.88 11.77
CA LEU D 241 -8.04 28.42 10.69
C LEU D 241 -9.33 27.62 10.49
N ALA D 242 -9.19 26.29 10.45
CA ALA D 242 -10.35 25.44 10.25
C ALA D 242 -11.34 25.59 11.39
N TYR D 243 -10.83 25.81 12.61
CA TYR D 243 -11.73 26.03 13.73
C TYR D 243 -12.45 27.37 13.60
N ILE D 244 -11.70 28.44 13.33
CA ILE D 244 -12.28 29.78 13.32
C ILE D 244 -13.31 29.90 12.22
N LEU D 245 -13.02 29.38 11.03
CA LEU D 245 -13.93 29.57 9.91
C LEU D 245 -15.26 28.86 10.14
N GLN D 246 -15.30 27.94 11.08
CA GLN D 246 -16.45 27.05 11.24
C GLN D 246 -16.96 27.01 12.66
N ARG D 247 -16.55 27.96 13.51
CA ARG D 247 -16.88 27.84 14.92
C ARG D 247 -18.38 28.01 15.12
N GLU D 248 -18.96 27.09 15.88
CA GLU D 248 -20.39 27.06 16.13
C GLU D 248 -20.58 27.17 17.63
N ILE D 249 -21.28 28.22 18.07
CA ILE D 249 -21.50 28.47 19.49
C ILE D 249 -22.98 28.35 19.76
N GLN D 250 -23.33 27.48 20.72
CA GLN D 250 -24.72 27.16 21.00
C GLN D 250 -25.32 27.98 22.13
N GLU D 251 -24.49 28.57 22.98
CA GLU D 251 -24.98 29.37 24.09
C GLU D 251 -25.81 30.53 23.56
N PRO D 252 -27.06 30.69 23.99
CA PRO D 252 -27.90 31.75 23.43
C PRO D 252 -27.38 33.15 23.68
N GLU D 253 -26.54 33.34 24.69
CA GLU D 253 -25.96 34.65 24.95
C GLU D 253 -24.64 34.87 24.22
N CYS D 254 -24.21 33.92 23.39
CA CYS D 254 -22.96 34.04 22.67
C CYS D 254 -23.08 33.59 21.22
N ARG D 255 -24.31 33.40 20.71
CA ARG D 255 -24.46 32.98 19.34
C ARG D 255 -23.96 34.00 18.33
N HIS D 256 -23.95 35.29 18.70
CA HIS D 256 -23.43 36.29 17.78
C HIS D 256 -21.94 36.08 17.50
N LEU D 257 -21.26 35.30 18.34
CA LEU D 257 -19.87 34.96 18.08
C LEU D 257 -19.72 33.86 17.06
N SER D 258 -20.80 33.15 16.73
CA SER D 258 -20.70 32.04 15.81
C SER D 258 -20.30 32.52 14.42
N ARG D 259 -19.58 31.66 13.71
CA ARG D 259 -19.18 31.93 12.35
C ARG D 259 -19.98 31.12 11.34
N LYS D 260 -20.65 30.07 11.78
CA LYS D 260 -21.53 29.27 10.94
C LYS D 260 -22.90 29.21 11.59
N PHE D 261 -23.95 29.08 10.77
CA PHE D 261 -25.31 29.03 11.27
C PHE D 261 -26.09 28.02 10.47
N THR D 262 -27.27 27.66 10.96
CA THR D 262 -28.18 26.75 10.26
C THR D 262 -29.47 27.51 9.97
N GLU D 263 -29.69 27.86 8.72
CA GLU D 263 -30.83 28.69 8.36
C GLU D 263 -32.14 27.93 8.53
N TRP D 264 -32.16 26.65 8.14
CA TRP D 264 -33.32 25.80 8.39
C TRP D 264 -32.89 24.34 8.33
N ALA D 265 -33.67 23.49 8.98
CA ALA D 265 -33.30 22.10 9.20
C ALA D 265 -34.48 21.17 8.93
N TYR D 266 -35.13 21.34 7.79
CA TYR D 266 -36.33 20.55 7.50
C TYR D 266 -35.97 19.08 7.38
N GLY D 267 -36.27 18.30 8.41
CA GLY D 267 -36.05 16.87 8.35
C GLY D 267 -34.59 16.51 8.51
N PRO D 268 -34.05 15.78 7.54
CA PRO D 268 -32.63 15.41 7.59
C PRO D 268 -31.69 16.34 6.84
N VAL D 269 -32.21 17.41 6.24
CA VAL D 269 -31.40 18.34 5.44
C VAL D 269 -31.23 19.64 6.21
N HIS D 270 -30.09 20.28 6.03
CA HIS D 270 -29.82 21.57 6.63
C HIS D 270 -29.28 22.51 5.57
N SER D 271 -29.42 23.80 5.83
CA SER D 271 -28.88 24.84 4.96
C SER D 271 -27.97 25.71 5.81
N SER D 272 -26.70 25.35 5.90
CA SER D 272 -25.77 26.12 6.69
C SER D 272 -25.40 27.41 5.98
N LEU D 273 -25.18 28.45 6.76
CA LEU D 273 -24.67 29.72 6.28
C LEU D 273 -23.29 29.93 6.89
N TYR D 274 -22.33 30.32 6.05
CA TYR D 274 -21.00 30.67 6.53
C TYR D 274 -20.82 32.17 6.43
N ASP D 275 -20.20 32.75 7.45
CA ASP D 275 -19.96 34.18 7.44
C ASP D 275 -18.71 34.47 6.62
N LEU D 276 -18.85 35.37 5.65
CA LEU D 276 -17.76 35.73 4.76
C LEU D 276 -17.05 37.00 5.19
N SER D 277 -17.24 37.42 6.43
CA SER D 277 -16.55 38.61 6.91
C SER D 277 -15.07 38.33 7.03
N CYS D 278 -14.25 39.21 6.45
CA CYS D 278 -12.80 39.10 6.45
C CYS D 278 -12.30 37.87 5.71
N ILE D 279 -13.10 37.31 4.81
CA ILE D 279 -12.70 36.20 3.96
C ILE D 279 -12.79 36.59 2.48
N ASP D 280 -13.95 37.07 2.06
CA ASP D 280 -14.13 37.55 0.71
C ASP D 280 -13.14 38.67 0.42
N THR D 281 -12.95 38.96 -0.87
CA THR D 281 -11.89 39.84 -1.32
C THR D 281 -12.28 41.31 -1.32
N CYS D 282 -13.48 41.64 -0.84
CA CYS D 282 -13.94 43.03 -0.92
C CYS D 282 -13.21 43.96 0.03
N GLU D 283 -12.40 43.44 0.95
CA GLU D 283 -11.69 44.29 1.90
C GLU D 283 -10.21 43.99 1.92
N LYS D 284 -9.48 44.58 2.86
CA LYS D 284 -8.05 44.42 2.98
C LYS D 284 -7.71 43.23 3.86
N ASN D 285 -6.56 42.61 3.58
CA ASN D 285 -6.03 41.51 4.39
C ASN D 285 -7.01 40.35 4.47
N SER D 286 -7.78 40.15 3.40
CA SER D 286 -8.71 39.03 3.38
C SER D 286 -7.94 37.72 3.42
N VAL D 287 -8.59 36.70 3.99
CA VAL D 287 -7.94 35.40 4.13
C VAL D 287 -7.60 34.83 2.76
N LEU D 288 -8.46 35.04 1.77
CA LEU D 288 -8.18 34.51 0.44
C LEU D 288 -6.90 35.09 -0.13
N GLU D 289 -6.76 36.41 -0.09
CA GLU D 289 -5.53 37.03 -0.59
C GLU D 289 -4.33 36.59 0.22
N VAL D 290 -4.48 36.52 1.54
CA VAL D 290 -3.36 36.19 2.39
C VAL D 290 -2.87 34.78 2.13
N ILE D 291 -3.79 33.86 1.86
CA ILE D 291 -3.37 32.50 1.54
C ILE D 291 -2.76 32.43 0.15
N ALA D 292 -3.44 32.99 -0.84
CA ALA D 292 -2.98 32.86 -2.22
C ALA D 292 -1.65 33.56 -2.43
N TYR D 293 -1.51 34.76 -1.88
CA TYR D 293 -0.31 35.57 -2.10
C TYR D 293 0.76 35.32 -1.06
N SER D 294 0.58 34.33 -0.20
CA SER D 294 1.61 33.99 0.77
C SER D 294 2.81 33.39 0.06
N SER D 295 3.99 33.72 0.57
CA SER D 295 5.22 33.19 0.00
C SER D 295 5.31 31.68 0.23
N SER D 296 6.36 31.08 -0.32
CA SER D 296 6.51 29.63 -0.24
C SER D 296 6.95 29.16 1.14
N GLU D 297 7.42 30.05 2.01
CA GLU D 297 7.89 29.61 3.31
C GLU D 297 6.73 29.15 4.20
N THR D 298 5.56 29.74 4.05
CA THR D 298 4.46 29.43 4.94
C THR D 298 4.06 27.97 4.78
N PRO D 299 4.12 27.16 5.83
CA PRO D 299 3.74 25.76 5.71
C PRO D 299 2.25 25.59 5.51
N ASN D 300 1.87 24.42 5.03
CA ASN D 300 0.48 24.06 4.79
C ASN D 300 -0.20 25.03 3.84
N ARG D 301 0.59 25.63 2.93
CA ARG D 301 0.05 26.65 2.04
C ARG D 301 -1.00 26.09 1.11
N HIS D 302 -0.78 24.89 0.58
CA HIS D 302 -1.74 24.30 -0.35
C HIS D 302 -2.97 23.78 0.34
N ASP D 303 -2.83 23.27 1.56
CA ASP D 303 -3.94 22.62 2.25
C ASP D 303 -4.98 23.61 2.73
N MET D 304 -4.60 24.88 2.93
CA MET D 304 -5.48 25.83 3.58
C MET D 304 -6.69 26.20 2.73
N LEU D 305 -6.71 25.83 1.46
CA LEU D 305 -7.90 26.06 0.64
C LEU D 305 -8.84 24.88 0.64
N LEU D 306 -8.53 23.82 1.37
CA LEU D 306 -9.47 22.73 1.53
C LEU D 306 -10.49 22.99 2.62
N VAL D 307 -10.27 24.00 3.45
CA VAL D 307 -11.16 24.27 4.57
C VAL D 307 -12.43 24.93 4.06
N GLU D 308 -13.58 24.37 4.43
CA GLU D 308 -14.83 25.02 4.09
C GLU D 308 -14.96 26.33 4.87
N PRO D 309 -15.54 27.36 4.26
CA PRO D 309 -16.15 27.37 2.93
C PRO D 309 -15.23 27.79 1.81
N LEU D 310 -13.92 27.84 2.06
CA LEU D 310 -13.00 28.42 1.08
C LEU D 310 -13.08 27.70 -0.24
N ASN D 311 -13.08 26.38 -0.23
CA ASN D 311 -13.10 25.63 -1.48
C ASN D 311 -14.38 25.89 -2.25
N ARG D 312 -15.53 25.76 -1.60
CA ARG D 312 -16.79 25.95 -2.30
C ARG D 312 -16.97 27.41 -2.68
N LEU D 313 -16.43 28.33 -1.88
CA LEU D 313 -16.50 29.74 -2.23
C LEU D 313 -15.74 30.02 -3.52
N LEU D 314 -14.52 29.48 -3.63
CA LEU D 314 -13.74 29.70 -4.83
C LEU D 314 -14.39 29.04 -6.04
N GLN D 315 -14.92 27.84 -5.87
CA GLN D 315 -15.63 27.20 -6.98
C GLN D 315 -16.84 28.01 -7.40
N ASP D 316 -17.53 28.62 -6.43
CA ASP D 316 -18.66 29.48 -6.76
C ASP D 316 -18.22 30.68 -7.58
N LYS D 317 -17.15 31.35 -7.16
CA LYS D 317 -16.66 32.48 -7.93
C LYS D 317 -16.29 32.06 -9.35
N TRP D 318 -15.59 30.93 -9.47
CA TRP D 318 -15.22 30.43 -10.78
C TRP D 318 -16.44 30.24 -11.64
N ASP D 319 -17.31 29.30 -11.27
CA ASP D 319 -18.48 28.96 -12.07
C ASP D 319 -19.40 30.14 -12.28
N ARG D 320 -19.35 31.14 -11.40
CA ARG D 320 -20.28 32.24 -11.52
C ARG D 320 -19.81 33.26 -12.54
N PHE D 321 -18.59 33.78 -12.42
CA PHE D 321 -18.17 34.75 -13.41
C PHE D 321 -16.71 34.69 -13.85
N VAL D 322 -15.90 33.76 -13.37
CA VAL D 322 -14.48 33.84 -13.68
C VAL D 322 -14.17 32.93 -14.85
N LYS D 323 -14.99 31.89 -15.02
CA LYS D 323 -14.75 30.93 -16.08
C LYS D 323 -14.82 31.58 -17.46
N ARG D 324 -15.82 32.44 -17.68
CA ARG D 324 -15.95 33.08 -18.97
C ARG D 324 -14.75 33.97 -19.28
N ILE D 325 -14.31 34.76 -18.29
CA ILE D 325 -13.18 35.63 -18.53
C ILE D 325 -11.92 34.81 -18.79
N PHE D 326 -11.76 33.70 -18.07
CA PHE D 326 -10.58 32.87 -18.29
C PHE D 326 -10.59 32.26 -19.68
N TYR D 327 -11.75 31.77 -20.14
CA TYR D 327 -11.81 31.21 -21.47
C TYR D 327 -11.57 32.26 -22.53
N PHE D 328 -12.07 33.48 -22.31
CA PHE D 328 -11.80 34.54 -23.26
C PHE D 328 -10.31 34.88 -23.30
N ASN D 329 -9.66 34.90 -22.15
CA ASN D 329 -8.23 35.15 -22.12
C ASN D 329 -7.47 34.06 -22.86
N PHE D 330 -7.88 32.81 -22.67
CA PHE D 330 -7.28 31.69 -23.39
C PHE D 330 -7.44 31.88 -24.88
N LEU D 331 -8.63 32.27 -25.32
CA LEU D 331 -8.88 32.45 -26.75
C LEU D 331 -8.04 33.59 -27.32
N VAL D 332 -7.92 34.69 -26.59
CA VAL D 332 -7.13 35.81 -27.08
C VAL D 332 -5.66 35.42 -27.16
N TYR D 333 -5.16 34.67 -26.19
CA TYR D 333 -3.79 34.21 -26.27
C TYR D 333 -3.60 33.29 -27.48
N CYS D 334 -4.55 32.41 -27.72
CA CYS D 334 -4.44 31.53 -28.89
C CYS D 334 -4.42 32.32 -30.18
N LEU D 335 -5.29 33.31 -30.34
CA LEU D 335 -5.26 34.13 -31.55
C LEU D 335 -3.95 34.88 -31.68
N TYR D 336 -3.47 35.46 -30.59
CA TYR D 336 -2.19 36.18 -30.64
C TYR D 336 -1.08 35.24 -31.07
N MET D 337 -1.09 34.01 -30.59
CA MET D 337 0.01 33.12 -30.88
C MET D 337 -0.10 32.55 -32.30
N ILE D 338 -1.32 32.38 -32.80
CA ILE D 338 -1.49 32.02 -34.22
C ILE D 338 -0.96 33.13 -35.10
N ILE D 339 -1.30 34.37 -34.78
CA ILE D 339 -0.81 35.49 -35.58
C ILE D 339 0.71 35.57 -35.52
N PHE D 340 1.28 35.40 -34.33
CA PHE D 340 2.72 35.40 -34.19
C PHE D 340 3.35 34.30 -35.02
N THR D 341 2.80 33.10 -34.97
CA THR D 341 3.35 31.98 -35.72
C THR D 341 3.30 32.22 -37.21
N MET D 342 2.18 32.71 -37.71
CA MET D 342 2.08 32.96 -39.15
C MET D 342 2.96 34.10 -39.58
N ALA D 343 3.17 35.11 -38.73
CA ALA D 343 4.04 36.21 -39.10
C ALA D 343 5.49 35.78 -39.11
N ALA D 344 5.89 34.93 -38.17
CA ALA D 344 7.27 34.45 -38.16
C ALA D 344 7.52 33.45 -39.27
N TYR D 345 6.51 32.65 -39.61
CA TYR D 345 6.68 31.60 -40.60
C TYR D 345 6.97 32.16 -41.98
N TYR D 346 6.29 33.24 -42.37
CA TYR D 346 6.42 33.82 -43.69
C TYR D 346 7.47 34.93 -43.73
N ARG D 347 8.45 34.90 -42.84
CA ARG D 347 9.45 35.94 -42.83
C ARG D 347 10.23 35.91 -44.15
N PRO D 348 10.62 37.07 -44.66
CA PRO D 348 11.46 37.09 -45.86
C PRO D 348 12.83 36.53 -45.56
N VAL D 349 13.43 35.93 -46.59
CA VAL D 349 14.64 35.15 -46.39
C VAL D 349 15.79 35.71 -47.22
N ASP D 350 15.76 37.01 -47.48
CA ASP D 350 16.81 37.66 -48.25
C ASP D 350 17.19 38.99 -47.61
N GLY D 351 18.36 39.50 -47.99
CA GLY D 351 18.75 40.80 -47.53
C GLY D 351 18.96 40.85 -46.02
N LEU D 352 18.85 42.05 -45.48
CA LEU D 352 18.96 42.27 -44.06
C LEU D 352 17.76 43.07 -43.56
N PRO D 353 17.34 42.87 -42.32
CA PRO D 353 16.20 43.61 -41.81
C PRO D 353 16.58 45.05 -41.52
N PRO D 354 15.62 45.98 -41.57
CA PRO D 354 14.22 45.78 -41.92
C PRO D 354 14.01 45.57 -43.41
N PHE D 355 12.88 45.00 -43.78
CA PHE D 355 12.59 44.63 -45.15
C PHE D 355 11.52 45.55 -45.73
N LYS D 356 11.83 46.19 -46.84
CA LYS D 356 10.83 47.00 -47.53
C LYS D 356 9.69 46.11 -47.99
N MET D 357 8.48 46.64 -47.88
CA MET D 357 7.26 45.87 -48.05
C MET D 357 6.53 46.37 -49.30
N GLU D 358 6.43 45.50 -50.30
CA GLU D 358 5.85 45.86 -51.59
C GLU D 358 4.63 45.00 -51.94
N LYS D 359 4.76 43.68 -51.88
CA LYS D 359 3.66 42.80 -52.22
C LYS D 359 2.53 42.97 -51.22
N THR D 360 1.31 42.65 -51.66
CA THR D 360 0.14 42.78 -50.79
C THR D 360 0.28 41.93 -49.54
N GLY D 361 0.89 40.75 -49.66
CA GLY D 361 1.08 39.90 -48.50
C GLY D 361 1.99 40.51 -47.47
N ASP D 362 2.88 41.41 -47.90
CA ASP D 362 3.76 42.08 -46.94
C ASP D 362 2.98 42.96 -45.99
N TYR D 363 1.85 43.51 -46.45
CA TYR D 363 1.00 44.29 -45.56
C TYR D 363 0.51 43.42 -44.40
N PHE D 364 0.00 42.24 -44.73
CA PHE D 364 -0.48 41.33 -43.70
C PHE D 364 0.67 40.88 -42.79
N ARG D 365 1.83 40.62 -43.37
CA ARG D 365 2.95 40.17 -42.56
C ARG D 365 3.40 41.25 -41.59
N VAL D 366 3.42 42.51 -42.04
CA VAL D 366 3.80 43.59 -41.14
C VAL D 366 2.73 43.79 -40.07
N THR D 367 1.46 43.61 -40.43
CA THR D 367 0.40 43.64 -39.42
C THR D 367 0.65 42.61 -38.34
N GLY D 368 0.97 41.37 -38.75
CA GLY D 368 1.27 40.35 -37.76
C GLY D 368 2.49 40.67 -36.93
N GLU D 369 3.51 41.27 -37.55
CA GLU D 369 4.72 41.63 -36.84
C GLU D 369 4.43 42.65 -35.75
N ILE D 370 3.66 43.69 -36.09
CA ILE D 370 3.36 44.73 -35.10
C ILE D 370 2.44 44.19 -34.01
N LEU D 371 1.46 43.34 -34.38
CA LEU D 371 0.59 42.77 -33.35
C LEU D 371 1.39 41.89 -32.39
N SER D 372 2.33 41.11 -32.93
CA SER D 372 3.17 40.30 -32.06
C SER D 372 3.98 41.19 -31.13
N VAL D 373 4.55 42.27 -31.65
CA VAL D 373 5.34 43.16 -30.81
C VAL D 373 4.47 43.77 -29.71
N LEU D 374 3.23 44.13 -30.04
CA LEU D 374 2.33 44.66 -29.03
C LEU D 374 2.07 43.63 -27.93
N GLY D 375 1.82 42.39 -28.32
CA GLY D 375 1.65 41.35 -27.33
C GLY D 375 2.87 41.20 -26.45
N GLY D 376 4.05 41.29 -27.06
CA GLY D 376 5.28 41.15 -26.29
C GLY D 376 5.46 42.26 -25.29
N VAL D 377 5.23 43.50 -25.70
CA VAL D 377 5.38 44.62 -24.77
C VAL D 377 4.32 44.54 -23.68
N TYR D 378 3.12 44.07 -24.02
CA TYR D 378 2.09 43.90 -23.02
C TYR D 378 2.53 42.91 -21.96
N PHE D 379 3.07 41.77 -22.37
CA PHE D 379 3.53 40.80 -21.39
C PHE D 379 4.71 41.33 -20.60
N PHE D 380 5.57 42.13 -21.22
CA PHE D 380 6.67 42.74 -20.49
C PHE D 380 6.15 43.63 -19.37
N PHE D 381 5.19 44.48 -19.69
CA PHE D 381 4.65 45.39 -18.69
C PHE D 381 3.92 44.63 -17.60
N ARG D 382 3.17 43.59 -17.97
CA ARG D 382 2.47 42.82 -16.95
C ARG D 382 3.44 42.10 -16.03
N GLY D 383 4.55 41.60 -16.56
CA GLY D 383 5.56 41.03 -15.70
C GLY D 383 6.20 42.05 -14.78
N ILE D 384 6.41 43.25 -15.27
CA ILE D 384 6.91 44.32 -14.39
C ILE D 384 5.91 44.61 -13.29
N GLN D 385 4.62 44.70 -13.63
CA GLN D 385 3.59 44.92 -12.62
C GLN D 385 3.62 43.82 -11.58
N TYR D 386 3.76 42.57 -12.01
CA TYR D 386 3.83 41.49 -11.04
C TYR D 386 5.04 41.63 -10.13
N PHE D 387 6.20 41.91 -10.70
CA PHE D 387 7.39 42.04 -9.85
C PHE D 387 7.34 43.29 -8.99
N LEU D 388 6.44 44.22 -9.29
CA LEU D 388 6.36 45.48 -8.56
C LEU D 388 5.34 45.42 -7.44
N GLN D 389 4.08 45.13 -7.77
CA GLN D 389 3.02 45.12 -6.77
C GLN D 389 3.04 43.87 -5.92
N ARG D 390 4.03 43.01 -6.09
CA ARG D 390 4.27 41.91 -5.18
C ARG D 390 5.55 42.05 -4.38
N ARG D 391 6.52 42.79 -4.90
CA ARG D 391 7.86 42.88 -4.33
C ARG D 391 8.37 41.53 -3.84
N PRO D 392 8.29 40.48 -4.65
CA PRO D 392 8.69 39.16 -4.17
C PRO D 392 10.20 39.06 -4.04
N SER D 393 10.64 38.22 -3.11
CA SER D 393 12.06 37.98 -2.95
C SER D 393 12.60 37.16 -4.12
N MET D 394 13.92 37.19 -4.27
CA MET D 394 14.54 36.43 -5.35
C MET D 394 14.24 34.95 -5.22
N LYS D 395 14.25 34.44 -3.99
CA LYS D 395 13.92 33.04 -3.76
C LYS D 395 12.50 32.74 -4.24
N THR D 396 11.57 33.65 -3.96
CA THR D 396 10.20 33.47 -4.46
C THR D 396 10.16 33.51 -5.97
N LEU D 397 10.96 34.38 -6.58
CA LEU D 397 10.99 34.46 -8.04
C LEU D 397 11.44 33.15 -8.65
N PHE D 398 12.51 32.55 -8.11
CA PHE D 398 13.07 31.35 -8.71
C PHE D 398 12.52 30.07 -8.11
N VAL D 399 11.55 30.16 -7.19
CA VAL D 399 11.02 28.95 -6.59
C VAL D 399 9.50 28.87 -6.80
N ASP D 400 8.84 30.03 -6.91
CA ASP D 400 7.39 30.05 -6.92
C ASP D 400 6.79 30.53 -8.22
N SER D 401 7.13 31.74 -8.66
CA SER D 401 6.43 32.37 -9.78
C SER D 401 7.05 31.89 -11.09
N TYR D 402 6.77 30.63 -11.42
CA TYR D 402 7.30 30.09 -12.67
C TYR D 402 6.55 30.62 -13.87
N SER D 403 5.22 30.70 -13.80
CA SER D 403 4.46 31.16 -14.95
C SER D 403 4.73 32.63 -15.26
N GLU D 404 4.78 33.46 -14.21
CA GLU D 404 5.13 34.86 -14.42
C GLU D 404 6.52 34.98 -15.02
N MET D 405 7.47 34.22 -14.50
CA MET D 405 8.83 34.27 -15.01
C MET D 405 8.87 33.86 -16.48
N LEU D 406 8.11 32.85 -16.85
CA LEU D 406 8.18 32.35 -18.22
C LEU D 406 7.52 33.31 -19.21
N PHE D 407 6.37 33.87 -18.85
CA PHE D 407 5.78 34.86 -19.73
C PHE D 407 6.66 36.09 -19.86
N PHE D 408 7.25 36.53 -18.75
CA PHE D 408 8.18 37.65 -18.81
C PHE D 408 9.37 37.32 -19.70
N LEU D 409 9.89 36.10 -19.60
CA LEU D 409 11.04 35.70 -20.39
C LEU D 409 10.70 35.70 -21.87
N GLN D 410 9.52 35.22 -22.23
CA GLN D 410 9.11 35.27 -23.63
C GLN D 410 9.03 36.72 -24.11
N SER D 411 8.50 37.61 -23.27
CA SER D 411 8.45 39.01 -23.66
C SER D 411 9.85 39.59 -23.84
N LEU D 412 10.77 39.21 -22.96
CA LEU D 412 12.16 39.65 -23.10
C LEU D 412 12.73 39.22 -24.44
N PHE D 413 12.49 37.97 -24.81
CA PHE D 413 12.99 37.46 -26.08
C PHE D 413 12.42 38.26 -27.23
N MET D 414 11.15 38.62 -27.17
CA MET D 414 10.57 39.33 -28.31
C MET D 414 11.04 40.76 -28.38
N LEU D 415 11.25 41.41 -27.24
CA LEU D 415 11.83 42.75 -27.27
C LEU D 415 13.24 42.71 -27.82
N ALA D 416 14.03 41.72 -27.44
CA ALA D 416 15.36 41.56 -28.04
C ALA D 416 15.24 41.34 -29.54
N THR D 417 14.21 40.62 -29.97
CA THR D 417 13.98 40.43 -31.40
C THR D 417 13.77 41.75 -32.11
N VAL D 418 12.96 42.63 -31.52
CA VAL D 418 12.73 43.93 -32.15
C VAL D 418 14.02 44.73 -32.20
N VAL D 419 14.76 44.74 -31.10
CA VAL D 419 16.00 45.51 -31.04
C VAL D 419 16.96 45.05 -32.13
N LEU D 420 17.12 43.73 -32.26
CA LEU D 420 18.01 43.20 -33.29
C LEU D 420 17.47 43.47 -34.68
N TYR D 421 16.16 43.40 -34.87
CA TYR D 421 15.58 43.59 -36.19
C TYR D 421 15.79 45.00 -36.70
N PHE D 422 15.70 46.00 -35.83
CA PHE D 422 15.93 47.35 -36.27
C PHE D 422 17.40 47.75 -36.21
N SER D 423 18.26 46.86 -35.74
CA SER D 423 19.70 47.07 -35.75
C SER D 423 20.37 46.39 -36.93
N HIS D 424 19.60 45.95 -37.92
CA HIS D 424 20.13 45.31 -39.12
C HIS D 424 20.99 44.10 -38.78
N LEU D 425 20.37 43.12 -38.15
CA LEU D 425 21.05 41.89 -37.76
C LEU D 425 20.18 40.70 -38.11
N LYS D 426 20.81 39.67 -38.67
CA LYS D 426 20.07 38.43 -38.94
C LYS D 426 19.83 37.66 -37.66
N GLU D 427 20.67 37.85 -36.65
CA GLU D 427 20.57 37.13 -35.39
C GLU D 427 19.21 37.30 -34.76
N TYR D 428 18.44 38.29 -35.22
CA TYR D 428 17.10 38.49 -34.68
C TYR D 428 16.29 37.21 -34.79
N VAL D 429 16.41 36.51 -35.91
CA VAL D 429 15.67 35.26 -36.08
C VAL D 429 15.91 34.34 -34.90
N ALA D 430 17.18 34.22 -34.52
CA ALA D 430 17.53 33.42 -33.35
C ALA D 430 16.59 33.73 -32.19
N SER D 431 16.63 34.97 -31.70
CA SER D 431 15.81 35.30 -30.55
C SER D 431 14.35 34.99 -30.84
N MET D 432 13.89 35.35 -32.03
CA MET D 432 12.49 35.15 -32.38
C MET D 432 12.07 33.71 -32.14
N VAL D 433 12.87 32.75 -32.61
CA VAL D 433 12.37 31.38 -32.54
C VAL D 433 12.27 30.95 -31.09
N PHE D 434 13.17 31.40 -30.22
CA PHE D 434 13.00 31.10 -28.81
C PHE D 434 11.70 31.70 -28.30
N SER D 435 11.46 32.97 -28.62
CA SER D 435 10.22 33.60 -28.21
C SER D 435 9.02 32.86 -28.76
N LEU D 436 9.21 32.13 -29.85
CA LEU D 436 8.10 31.37 -30.40
C LEU D 436 7.93 30.06 -29.65
N ALA D 437 9.03 29.35 -29.39
CA ALA D 437 8.94 28.07 -28.70
C ALA D 437 8.28 28.24 -27.34
N LEU D 438 8.93 29.00 -26.45
CA LEU D 438 8.33 29.38 -25.19
C LEU D 438 6.86 29.72 -25.37
N GLY D 439 6.56 30.53 -26.39
CA GLY D 439 5.20 30.95 -26.61
C GLY D 439 4.23 29.80 -26.55
N TRP D 440 4.40 28.84 -27.46
CA TRP D 440 3.47 27.72 -27.52
C TRP D 440 3.52 26.92 -26.23
N THR D 441 4.70 26.79 -25.64
CA THR D 441 4.80 26.06 -24.40
C THR D 441 4.02 26.75 -23.29
N ASN D 442 4.07 28.08 -23.26
CA ASN D 442 3.29 28.79 -22.25
C ASN D 442 1.81 28.55 -22.42
N MET D 443 1.39 27.97 -23.54
CA MET D 443 0.01 27.59 -23.72
C MET D 443 -0.46 26.69 -22.60
N LEU D 444 0.44 25.85 -22.07
CA LEU D 444 0.07 24.95 -21.00
C LEU D 444 -0.42 25.68 -19.77
N TYR D 445 -0.06 26.95 -19.61
CA TYR D 445 -0.59 27.72 -18.50
C TYR D 445 -2.10 27.60 -18.43
N TYR D 446 -2.76 27.70 -19.58
CA TYR D 446 -4.21 27.77 -19.53
C TYR D 446 -4.85 26.46 -19.11
N THR D 447 -4.06 25.39 -18.96
CA THR D 447 -4.61 24.19 -18.35
C THR D 447 -5.06 24.43 -16.92
N ARG D 448 -4.84 25.63 -16.37
CA ARG D 448 -5.48 25.95 -15.10
C ARG D 448 -6.98 25.74 -15.17
N GLY D 449 -7.60 26.00 -16.32
CA GLY D 449 -9.04 26.09 -16.35
C GLY D 449 -9.76 24.77 -16.34
N PHE D 450 -9.06 23.66 -16.43
CA PHE D 450 -9.68 22.35 -16.54
C PHE D 450 -9.02 21.41 -15.55
N GLN D 451 -9.84 20.73 -14.75
CA GLN D 451 -9.32 20.01 -13.59
C GLN D 451 -8.36 18.90 -14.00
N GLN D 452 -8.78 18.04 -14.92
CA GLN D 452 -7.93 16.92 -15.32
C GLN D 452 -6.63 17.42 -15.92
N MET D 453 -6.71 18.36 -16.85
CA MET D 453 -5.51 18.88 -17.48
C MET D 453 -4.70 19.70 -16.50
N GLY D 454 -5.35 20.41 -15.59
CA GLY D 454 -4.61 21.19 -14.61
C GLY D 454 -3.77 20.32 -13.71
N ILE D 455 -4.35 19.24 -13.20
CA ILE D 455 -3.60 18.32 -12.38
C ILE D 455 -2.49 17.66 -13.20
N TYR D 456 -2.77 17.39 -14.47
CA TYR D 456 -1.74 16.83 -15.34
C TYR D 456 -0.55 17.77 -15.46
N ALA D 457 -0.82 19.06 -15.70
CA ALA D 457 0.27 20.01 -15.83
C ALA D 457 1.03 20.19 -14.53
N VAL D 458 0.33 20.16 -13.40
CA VAL D 458 1.03 20.24 -12.11
C VAL D 458 1.96 19.05 -11.95
N MET D 459 1.50 17.86 -12.33
CA MET D 459 2.35 16.69 -12.28
C MET D 459 3.55 16.84 -13.20
N ILE D 460 3.36 17.46 -14.36
CA ILE D 460 4.48 17.71 -15.27
C ILE D 460 5.54 18.55 -14.58
N GLU D 461 5.10 19.64 -13.94
CA GLU D 461 6.05 20.49 -13.24
C GLU D 461 6.77 19.76 -12.14
N LYS D 462 6.04 18.97 -11.36
CA LYS D 462 6.66 18.23 -10.27
C LYS D 462 7.69 17.25 -10.81
N MET D 463 7.40 16.59 -11.92
CA MET D 463 8.38 15.70 -12.53
C MET D 463 9.63 16.46 -12.91
N ILE D 464 9.47 17.58 -13.61
CA ILE D 464 10.63 18.34 -14.05
C ILE D 464 11.49 18.74 -12.86
N LEU D 465 10.85 19.15 -11.77
CA LEU D 465 11.63 19.71 -10.66
C LEU D 465 12.20 18.64 -9.74
N ARG D 466 11.58 17.47 -9.64
CA ARG D 466 12.11 16.42 -8.77
C ARG D 466 12.99 15.42 -9.51
N ASP D 467 12.46 14.78 -10.55
CA ASP D 467 13.15 13.64 -11.14
C ASP D 467 14.07 14.05 -12.28
N LEU D 468 13.58 14.91 -13.17
CA LEU D 468 14.35 15.25 -14.35
C LEU D 468 15.65 15.94 -13.97
N CYS D 469 15.65 16.81 -12.97
CA CYS D 469 16.87 17.52 -12.62
C CYS D 469 17.95 16.57 -12.11
N ARG D 470 17.58 15.67 -11.20
CA ARG D 470 18.54 14.70 -10.68
C ARG D 470 19.05 13.79 -11.79
N PHE D 471 18.13 13.32 -12.63
CA PHE D 471 18.53 12.46 -13.72
C PHE D 471 19.48 13.19 -14.65
N MET D 472 19.20 14.46 -14.96
CA MET D 472 20.06 15.18 -15.89
C MET D 472 21.42 15.44 -15.29
N PHE D 473 21.50 15.67 -13.99
CA PHE D 473 22.82 15.84 -13.40
C PHE D 473 23.66 14.58 -13.58
N VAL D 474 23.09 13.43 -13.18
CA VAL D 474 23.86 12.19 -13.27
C VAL D 474 24.17 11.86 -14.73
N TYR D 475 23.20 12.06 -15.60
CA TYR D 475 23.38 11.76 -17.02
C TYR D 475 24.44 12.64 -17.64
N ILE D 476 24.48 13.92 -17.27
CA ILE D 476 25.50 14.81 -17.80
C ILE D 476 26.88 14.35 -17.34
N VAL D 477 27.00 13.96 -16.07
CA VAL D 477 28.29 13.48 -15.60
C VAL D 477 28.74 12.27 -16.43
N PHE D 478 27.86 11.28 -16.59
CA PHE D 478 28.23 10.09 -17.35
C PHE D 478 28.57 10.43 -18.79
N LEU D 479 27.73 11.23 -19.44
CA LEU D 479 27.91 11.53 -20.84
C LEU D 479 29.22 12.28 -21.06
N PHE D 480 29.52 13.26 -20.21
CA PHE D 480 30.76 14.00 -20.39
C PHE D 480 31.96 13.12 -20.13
N GLY D 481 31.91 12.27 -19.11
CA GLY D 481 33.04 11.41 -18.84
C GLY D 481 33.35 10.48 -20.00
N PHE D 482 32.32 9.80 -20.49
CA PHE D 482 32.56 8.86 -21.58
C PHE D 482 32.88 9.57 -22.88
N SER D 483 32.33 10.76 -23.11
CA SER D 483 32.69 11.52 -24.29
C SER D 483 34.15 11.91 -24.28
N THR D 484 34.65 12.40 -23.14
CA THR D 484 36.05 12.74 -23.07
C THR D 484 36.93 11.50 -23.26
N ALA D 485 36.53 10.38 -22.66
CA ALA D 485 37.31 9.16 -22.85
C ALA D 485 37.37 8.75 -24.31
N VAL D 486 36.22 8.77 -24.98
CA VAL D 486 36.16 8.35 -26.38
C VAL D 486 36.97 9.30 -27.25
N VAL D 487 36.86 10.61 -27.01
CA VAL D 487 37.60 11.56 -27.83
C VAL D 487 39.09 11.37 -27.66
N THR D 488 39.57 11.21 -26.43
CA THR D 488 41.00 10.97 -26.26
C THR D 488 41.41 9.66 -26.91
N LEU D 489 40.51 8.68 -26.95
CA LEU D 489 40.82 7.44 -27.66
C LEU D 489 40.95 7.68 -29.16
N ILE D 490 40.02 8.43 -29.73
CA ILE D 490 39.97 8.62 -31.17
C ILE D 490 41.15 9.47 -31.62
N GLU D 491 41.92 8.98 -32.59
CA GLU D 491 43.01 9.75 -33.15
C GLU D 491 42.45 10.77 -34.10
N ASP D 492 43.30 11.40 -34.91
CA ASP D 492 42.85 12.44 -35.83
C ASP D 492 41.56 12.07 -36.54
N GLY D 493 40.59 12.98 -36.50
CA GLY D 493 39.28 12.69 -37.03
C GLY D 493 39.20 13.00 -38.51
N LYS D 494 39.72 12.11 -39.34
CA LYS D 494 39.74 12.34 -40.78
C LYS D 494 38.89 11.31 -41.52
N SER D 518 34.02 15.14 -38.72
CA SER D 518 34.33 13.86 -38.08
C SER D 518 34.16 13.94 -36.58
N TYR D 519 34.89 13.10 -35.86
CA TYR D 519 34.60 12.84 -34.46
C TYR D 519 35.82 13.02 -33.57
N ASN D 520 36.67 13.99 -33.87
CA ASN D 520 37.81 14.28 -33.02
C ASN D 520 37.60 15.57 -32.22
N SER D 521 36.35 16.01 -32.12
CA SER D 521 35.99 17.17 -31.33
C SER D 521 35.01 16.71 -30.27
N LEU D 522 35.00 17.43 -29.15
CA LEU D 522 34.14 17.03 -28.05
C LEU D 522 32.67 17.16 -28.41
N TYR D 523 32.32 18.12 -29.26
CA TYR D 523 30.93 18.33 -29.62
C TYR D 523 30.37 17.14 -30.40
N SER D 524 31.09 16.71 -31.44
CA SER D 524 30.60 15.63 -32.28
C SER D 524 30.43 14.34 -31.49
N THR D 525 31.41 14.02 -30.65
CA THR D 525 31.34 12.78 -29.89
C THR D 525 30.26 12.85 -28.81
N CYS D 526 30.11 14.01 -28.17
CA CYS D 526 29.00 14.16 -27.24
C CYS D 526 27.67 13.95 -27.96
N LEU D 527 27.54 14.48 -29.17
CA LEU D 527 26.31 14.31 -29.92
C LEU D 527 26.05 12.85 -30.25
N GLU D 528 27.10 12.12 -30.62
CA GLU D 528 26.94 10.69 -30.91
C GLU D 528 26.48 9.93 -29.66
N LEU D 529 27.16 10.16 -28.55
CA LEU D 529 26.79 9.44 -27.34
C LEU D 529 25.41 9.85 -26.85
N PHE D 530 24.94 11.03 -27.24
CA PHE D 530 23.57 11.37 -26.90
C PHE D 530 22.57 10.68 -27.82
N LYS D 531 22.93 10.54 -29.10
CA LYS D 531 22.12 9.77 -30.03
C LYS D 531 21.88 8.39 -29.45
N PHE D 532 22.89 7.87 -28.75
CA PHE D 532 22.71 6.59 -28.08
C PHE D 532 21.50 6.59 -27.16
N THR D 533 21.31 7.68 -26.42
CA THR D 533 20.16 7.77 -25.52
C THR D 533 18.86 7.95 -26.27
N ILE D 534 18.90 8.68 -27.40
CA ILE D 534 17.70 8.88 -28.20
C ILE D 534 17.06 7.57 -28.65
N GLY D 535 17.82 6.47 -28.68
CA GLY D 535 17.41 5.28 -29.37
C GLY D 535 17.85 5.25 -30.80
N MET D 536 18.87 6.04 -31.14
CA MET D 536 19.35 6.19 -32.50
C MET D 536 20.87 6.04 -32.54
N GLY D 537 21.44 5.34 -31.56
CA GLY D 537 22.89 5.34 -31.39
C GLY D 537 23.57 4.36 -32.31
N ASP D 538 24.67 4.80 -32.90
CA ASP D 538 25.45 3.98 -33.81
C ASP D 538 26.71 3.52 -33.11
N LEU D 539 26.95 2.21 -33.11
CA LEU D 539 28.12 1.65 -32.48
C LEU D 539 29.33 1.64 -33.40
N GLU D 540 29.22 2.19 -34.60
CA GLU D 540 30.25 2.02 -35.60
C GLU D 540 30.60 3.33 -36.30
N PHE D 541 30.84 4.39 -35.55
CA PHE D 541 31.55 5.55 -36.10
C PHE D 541 33.04 5.40 -35.82
N THR D 542 33.58 4.27 -36.30
CA THR D 542 34.69 3.59 -35.64
C THR D 542 35.90 3.38 -36.52
N GLU D 543 36.01 4.06 -37.64
CA GLU D 543 37.13 3.70 -38.48
C GLU D 543 38.46 4.18 -37.94
N ASN D 544 38.48 5.01 -36.91
CA ASN D 544 39.59 5.93 -36.75
C ASN D 544 40.15 5.93 -35.34
N TYR D 545 40.45 4.75 -34.81
CA TYR D 545 41.19 4.61 -33.56
C TYR D 545 42.30 3.58 -33.75
N ASP D 546 42.92 3.17 -32.65
CA ASP D 546 43.92 2.12 -32.69
C ASP D 546 43.55 0.90 -31.86
N PHE D 547 42.53 0.98 -31.01
CA PHE D 547 42.19 -0.12 -30.10
C PHE D 547 40.68 -0.33 -30.15
N LYS D 548 40.25 -1.29 -30.97
CA LYS D 548 38.82 -1.54 -31.08
C LYS D 548 38.26 -2.12 -29.80
N ALA D 549 39.04 -2.92 -29.10
CA ALA D 549 38.55 -3.53 -27.87
C ALA D 549 38.22 -2.47 -26.82
N VAL D 550 39.10 -1.49 -26.65
CA VAL D 550 38.85 -0.43 -25.68
C VAL D 550 37.62 0.37 -26.08
N PHE D 551 37.52 0.71 -27.37
CA PHE D 551 36.40 1.50 -27.85
C PHE D 551 35.09 0.79 -27.59
N ILE D 552 35.01 -0.50 -27.91
CA ILE D 552 33.77 -1.23 -27.73
C ILE D 552 33.45 -1.42 -26.26
N ILE D 553 34.46 -1.73 -25.44
CA ILE D 553 34.22 -1.87 -24.01
C ILE D 553 33.65 -0.57 -23.46
N LEU D 554 34.20 0.55 -23.91
CA LEU D 554 33.81 1.83 -23.36
C LEU D 554 32.40 2.21 -23.79
N LEU D 555 32.07 1.97 -25.06
CA LEU D 555 30.70 2.23 -25.51
C LEU D 555 29.71 1.31 -24.84
N LEU D 556 30.05 0.05 -24.64
CA LEU D 556 29.13 -0.87 -23.98
C LEU D 556 28.89 -0.44 -22.53
N ALA D 557 29.95 0.00 -21.85
CA ALA D 557 29.77 0.51 -20.51
C ALA D 557 28.84 1.71 -20.51
N TYR D 558 29.02 2.62 -21.46
CA TYR D 558 28.15 3.79 -21.53
C TYR D 558 26.70 3.38 -21.76
N VAL D 559 26.47 2.47 -22.71
CA VAL D 559 25.12 2.07 -23.06
C VAL D 559 24.45 1.39 -21.88
N ILE D 560 25.17 0.48 -21.22
CA ILE D 560 24.60 -0.22 -20.08
C ILE D 560 24.26 0.75 -18.96
N LEU D 561 25.17 1.69 -18.70
CA LEU D 561 24.97 2.58 -17.56
C LEU D 561 23.86 3.58 -17.80
N THR D 562 23.72 4.08 -19.04
CA THR D 562 22.74 5.14 -19.24
C THR D 562 21.45 4.64 -19.88
N TYR D 563 21.56 3.92 -20.99
CA TYR D 563 20.34 3.51 -21.69
C TYR D 563 19.57 2.46 -20.88
N ILE D 564 20.27 1.42 -20.42
CA ILE D 564 19.58 0.35 -19.73
C ILE D 564 19.29 0.73 -18.29
N LEU D 565 20.28 1.28 -17.60
CA LEU D 565 20.10 1.58 -16.18
C LEU D 565 19.39 2.91 -15.95
N LEU D 566 19.97 4.00 -16.43
CA LEU D 566 19.50 5.31 -16.00
C LEU D 566 18.10 5.62 -16.51
N LEU D 567 17.80 5.35 -17.78
CA LEU D 567 16.48 5.70 -18.29
C LEU D 567 15.40 4.86 -17.63
N ASN D 568 15.63 3.57 -17.47
CA ASN D 568 14.62 2.73 -16.85
C ASN D 568 14.43 3.09 -15.39
N MET D 569 15.53 3.43 -14.71
CA MET D 569 15.41 3.87 -13.33
C MET D 569 14.68 5.20 -13.23
N LEU D 570 14.86 6.06 -14.24
CA LEU D 570 14.08 7.29 -14.28
C LEU D 570 12.60 7.00 -14.39
N ILE D 571 12.24 6.03 -15.25
CA ILE D 571 10.83 5.65 -15.37
C ILE D 571 10.30 5.14 -14.04
N ALA D 572 11.10 4.32 -13.36
CA ALA D 572 10.70 3.79 -12.06
C ALA D 572 10.49 4.91 -11.04
N LEU D 573 11.42 5.86 -10.98
CA LEU D 573 11.30 6.95 -10.02
C LEU D 573 10.10 7.82 -10.33
N MET D 574 9.84 8.08 -11.61
CA MET D 574 8.67 8.87 -11.95
C MET D 574 7.39 8.14 -11.57
N GLY D 575 7.38 6.81 -11.68
CA GLY D 575 6.24 6.06 -11.20
C GLY D 575 6.03 6.22 -9.71
N GLU D 576 7.12 6.14 -8.96
CA GLU D 576 7.02 6.35 -7.51
C GLU D 576 6.50 7.75 -7.19
N THR D 577 7.00 8.75 -7.89
CA THR D 577 6.56 10.12 -7.65
C THR D 577 5.07 10.27 -7.96
N VAL D 578 4.60 9.67 -9.05
CA VAL D 578 3.17 9.69 -9.34
C VAL D 578 2.39 9.07 -8.21
N ASN D 579 2.82 7.90 -7.73
CA ASN D 579 2.10 7.29 -6.61
C ASN D 579 2.21 8.10 -5.35
N LYS D 580 3.12 9.07 -5.29
CA LYS D 580 3.31 9.85 -4.07
C LYS D 580 2.61 11.21 -4.09
N ILE D 581 2.37 11.80 -5.25
CA ILE D 581 1.85 13.17 -5.30
C ILE D 581 0.47 13.21 -5.94
N ALA D 582 -0.31 12.14 -5.76
CA ALA D 582 -1.64 12.09 -6.37
C ALA D 582 -2.54 13.20 -5.84
N GLN D 583 -2.49 13.45 -4.53
CA GLN D 583 -3.36 14.42 -3.89
C GLN D 583 -2.72 15.80 -3.77
N GLU D 584 -1.42 15.84 -3.50
CA GLU D 584 -0.72 17.11 -3.45
C GLU D 584 -0.85 17.87 -4.75
N SER D 585 -0.84 17.16 -5.88
CA SER D 585 -0.99 17.82 -7.16
C SER D 585 -2.36 18.45 -7.30
N LYS D 586 -3.41 17.77 -6.85
CA LYS D 586 -4.74 18.37 -6.91
C LYS D 586 -4.82 19.60 -6.03
N ASN D 587 -4.22 19.54 -4.84
CA ASN D 587 -4.20 20.71 -3.99
C ASN D 587 -3.47 21.87 -4.65
N ILE D 588 -2.34 21.60 -5.29
CA ILE D 588 -1.59 22.66 -5.94
C ILE D 588 -2.38 23.23 -7.10
N TRP D 589 -3.10 22.40 -7.82
CA TRP D 589 -3.92 22.91 -8.91
C TRP D 589 -5.02 23.82 -8.37
N LYS D 590 -5.64 23.42 -7.27
CA LYS D 590 -6.68 24.26 -6.70
C LYS D 590 -6.10 25.60 -6.25
N LEU D 591 -4.89 25.58 -5.71
CA LEU D 591 -4.25 26.84 -5.34
C LEU D 591 -3.94 27.70 -6.56
N GLN D 592 -3.53 27.07 -7.66
CA GLN D 592 -3.27 27.82 -8.88
C GLN D 592 -4.53 28.48 -9.40
N ARG D 593 -5.63 27.73 -9.40
CA ARG D 593 -6.89 28.31 -9.84
C ARG D 593 -7.34 29.41 -8.88
N ALA D 594 -7.04 29.28 -7.59
CA ALA D 594 -7.37 30.34 -6.65
C ALA D 594 -6.62 31.61 -6.98
N ILE D 595 -5.32 31.48 -7.29
CA ILE D 595 -4.55 32.66 -7.66
C ILE D 595 -5.12 33.27 -8.93
N THR D 596 -5.50 32.44 -9.90
CA THR D 596 -6.10 32.96 -11.12
C THR D 596 -7.39 33.72 -10.83
N ILE D 597 -8.24 33.16 -9.95
CA ILE D 597 -9.51 33.80 -9.64
C ILE D 597 -9.27 35.14 -8.96
N LEU D 598 -8.35 35.19 -8.00
CA LEU D 598 -8.08 36.45 -7.33
C LEU D 598 -7.53 37.48 -8.30
N ASP D 599 -6.65 37.07 -9.20
CA ASP D 599 -6.14 38.00 -10.20
C ASP D 599 -7.27 38.54 -11.07
N THR D 600 -8.10 37.65 -11.60
CA THR D 600 -9.17 38.08 -12.48
C THR D 600 -10.14 39.02 -11.78
N GLU D 601 -10.54 38.67 -10.55
CA GLU D 601 -11.47 39.51 -9.82
C GLU D 601 -10.86 40.87 -9.53
N LYS D 602 -9.61 40.89 -9.05
CA LYS D 602 -8.96 42.15 -8.75
C LYS D 602 -8.62 42.95 -10.01
N SER D 603 -8.50 42.28 -11.16
CA SER D 603 -8.13 42.95 -12.39
C SER D 603 -9.30 43.64 -13.08
N PHE D 604 -10.51 43.48 -12.58
CA PHE D 604 -11.68 44.08 -13.24
C PHE D 604 -12.31 45.14 -12.33
N LEU D 605 -13.27 45.85 -12.92
CA LEU D 605 -13.78 47.06 -12.31
C LEU D 605 -14.53 46.77 -11.02
N LYS D 606 -14.52 47.75 -10.11
CA LYS D 606 -15.22 47.61 -8.84
C LYS D 606 -16.72 47.49 -9.04
N CYS D 607 -17.27 48.07 -10.12
CA CYS D 607 -18.69 47.99 -10.36
C CYS D 607 -19.15 46.55 -10.56
N MET D 608 -18.42 45.80 -11.39
CA MET D 608 -18.70 44.37 -11.48
C MET D 608 -18.36 43.64 -10.18
N ARG D 609 -17.27 44.03 -9.52
CA ARG D 609 -16.90 43.36 -8.27
C ARG D 609 -18.05 43.37 -7.28
N LYS D 610 -18.67 44.54 -7.07
CA LYS D 610 -19.86 44.61 -6.25
C LYS D 610 -21.03 43.89 -6.91
N ALA D 611 -21.18 44.04 -8.23
CA ALA D 611 -22.24 43.36 -8.94
C ALA D 611 -22.02 41.85 -9.01
N PHE D 612 -20.81 41.39 -8.73
CA PHE D 612 -20.48 39.97 -8.69
C PHE D 612 -19.74 39.63 -7.40
N ARG D 613 -20.29 40.08 -6.28
CA ARG D 613 -19.77 39.72 -4.96
C ARG D 613 -20.43 38.45 -4.45
N SER D 614 -19.63 37.61 -3.81
CA SER D 614 -20.09 36.28 -3.42
C SER D 614 -21.08 36.36 -2.27
N GLY D 615 -21.93 35.35 -2.18
CA GLY D 615 -22.87 35.28 -1.09
C GLY D 615 -23.95 36.32 -1.21
N LYS D 616 -24.69 36.47 -0.11
CA LYS D 616 -25.77 37.43 -0.02
C LYS D 616 -25.86 37.95 1.40
N LEU D 617 -26.38 39.16 1.53
CA LEU D 617 -26.53 39.80 2.83
C LEU D 617 -27.79 39.25 3.49
N LEU D 618 -27.60 38.48 4.56
CA LEU D 618 -28.70 37.82 5.23
C LEU D 618 -28.71 38.22 6.70
N GLN D 619 -29.90 38.34 7.27
CA GLN D 619 -30.02 38.53 8.70
C GLN D 619 -29.74 37.21 9.39
N VAL D 620 -28.80 37.22 10.33
CA VAL D 620 -28.41 36.02 11.05
C VAL D 620 -29.11 35.92 12.39
N GLY D 621 -29.20 37.01 13.12
CA GLY D 621 -29.86 37.01 14.40
C GLY D 621 -29.89 38.39 15.00
N TYR D 622 -29.71 38.47 16.30
CA TYR D 622 -29.70 39.75 17.00
C TYR D 622 -28.41 39.90 17.77
N THR D 623 -27.73 41.01 17.57
CA THR D 623 -26.58 41.35 18.39
C THR D 623 -27.04 41.52 19.84
N PRO D 624 -26.18 41.24 20.82
CA PRO D 624 -26.59 41.39 22.22
C PRO D 624 -27.09 42.78 22.54
N ASP D 625 -26.77 43.79 21.74
CA ASP D 625 -27.37 45.11 21.91
C ASP D 625 -28.82 45.14 21.45
N GLY D 626 -29.30 44.10 20.79
CA GLY D 626 -30.68 43.99 20.37
C GLY D 626 -30.92 44.30 18.90
N LYS D 627 -29.97 44.93 18.23
CA LYS D 627 -30.16 45.26 16.82
C LYS D 627 -30.07 43.99 15.97
N ASP D 628 -30.43 44.14 14.70
CA ASP D 628 -30.27 43.05 13.75
C ASP D 628 -28.81 42.81 13.43
N ASP D 629 -28.46 41.55 13.19
CA ASP D 629 -27.11 41.17 12.82
C ASP D 629 -27.13 40.80 11.35
N TYR D 630 -26.61 41.69 10.51
CA TYR D 630 -26.57 41.47 9.08
C TYR D 630 -25.16 41.08 8.67
N ARG D 631 -25.04 39.93 8.01
CA ARG D 631 -23.74 39.40 7.65
C ARG D 631 -23.79 38.94 6.20
N TRP D 632 -22.65 39.06 5.53
CA TRP D 632 -22.52 38.54 4.16
C TRP D 632 -22.26 37.05 4.28
N CYS D 633 -23.28 36.26 3.97
CA CYS D 633 -23.24 34.83 4.23
C CYS D 633 -23.27 34.05 2.94
N PHE D 634 -22.60 32.91 2.95
CA PHE D 634 -22.51 32.01 1.81
C PHE D 634 -23.20 30.72 2.20
N ARG D 635 -24.18 30.30 1.39
CA ARG D 635 -25.09 29.24 1.76
C ARG D 635 -24.66 27.91 1.16
N VAL D 636 -24.60 26.88 1.99
CA VAL D 636 -24.31 25.53 1.54
C VAL D 636 -25.34 24.58 2.14
N ASP D 637 -25.93 23.74 1.29
CA ASP D 637 -26.95 22.79 1.71
C ASP D 637 -26.29 21.43 1.91
N GLU D 638 -26.59 20.78 3.03
CA GLU D 638 -26.04 19.47 3.32
C GLU D 638 -27.13 18.56 3.87
N VAL D 639 -26.81 17.28 3.98
CA VAL D 639 -27.77 16.26 4.38
C VAL D 639 -27.11 15.34 5.39
N ASN D 640 -27.84 15.03 6.47
CA ASN D 640 -27.36 14.10 7.48
C ASN D 640 -28.47 13.13 7.83
N TRP D 641 -28.11 11.88 8.07
CA TRP D 641 -29.08 10.82 8.39
C TRP D 641 -28.83 10.26 9.78
N THR D 642 -28.51 11.12 10.73
CA THR D 642 -28.42 10.75 12.14
C THR D 642 -29.47 11.50 12.95
N THR D 643 -30.65 11.70 12.35
CA THR D 643 -31.79 12.32 13.01
C THR D 643 -33.06 12.01 12.24
C10 A1LZ2 E . -13.74 2.14 -27.12
C13 A1LZ2 E . -15.07 -1.83 -27.58
C15 A1LZ2 E . -14.10 -1.73 -30.01
C20 A1LZ2 E . -9.49 -0.76 -28.72
C21 A1LZ2 E . -10.18 0.49 -28.72
C22 A1LZ2 E . -11.40 0.59 -29.63
C26 A1LZ2 E . -10.39 4.22 -32.69
C28 A1LZ2 E . -10.01 4.74 -33.93
C01 A1LZ2 E . -20.84 -0.66 -22.85
C02 A1LZ2 E . -20.16 0.28 -21.85
C03 A1LZ2 E . -18.81 0.66 -21.99
C05 A1LZ2 E . -18.32 0.65 -24.48
C06 A1LZ2 E . -17.68 0.18 -25.80
C08 A1LZ2 E . -15.38 0.91 -25.56
C09 A1LZ2 E . -13.98 0.93 -26.21
C11 A1LZ2 E . -12.37 2.82 -26.94
C12 A1LZ2 E . -15.99 -0.61 -27.28
C14 A1LZ2 E . -15.17 -2.33 -29.05
C16 A1LZ2 E . -13.04 -0.85 -29.28
C18 A1LZ2 E . -11.25 -1.84 -30.01
C19 A1LZ2 E . -9.75 -1.53 -29.91
C23 A1LZ2 E . -10.96 1.31 -30.93
C25 A1LZ2 E . -9.74 3.10 -32.19
C27 A1LZ2 E . -11.49 4.91 -31.89
C29 A1LZ2 E . -9.01 4.13 -34.66
C30 A1LZ2 E . -8.37 3.00 -34.17
C31 A1LZ2 E . -8.75 2.50 -32.93
C32 A1LZ2 E . -8.06 1.27 -32.36
C34 A1LZ2 E . -15.95 -1.35 -24.96
C35 A1LZ2 E . -17.03 -2.42 -24.85
C36 A1LZ2 E . -18.44 -2.06 -25.17
C37 A1LZ2 E . -18.57 -0.98 -26.17
C39 A1LZ2 E . -18.27 1.52 -21.04
C40 A1LZ2 E . -16.82 1.95 -21.13
C41 A1LZ2 E . -19.02 1.99 -19.99
C42 A1LZ2 E . -20.34 1.61 -19.86
C43 A1LZ2 E . -20.92 0.76 -20.79
N04 A1LZ2 E . -18.05 0.13 -23.12
N07 A1LZ2 E . -16.24 -0.24 -25.90
N17 A1LZ2 E . -12.06 -0.66 -29.99
N24 A1LZ2 E . -10.11 2.51 -30.90
O33 A1LZ2 E . -11.31 0.90 -31.99
O38 A1LZ2 E . -19.16 1.47 -24.56
C03 6OU F . 0.65 13.06 -33.35
C04 6OU F . 0.65 13.45 -34.84
C05 6OU F . 1.96 14.14 -35.25
C06 6OU F . 2.28 13.93 -36.74
C07 6OU F . 2.36 15.26 -37.50
C08 6OU F . 2.55 15.08 -39.01
C09 6OU F . 1.62 16.02 -39.80
C10 6OU F . 1.47 17.39 -39.09
C11 6OU F . 1.34 18.58 -40.07
C12 6OU F . -0.03 19.26 -39.99
C13 6OU F . 0.05 20.77 -40.26
C14 6OU F . 0.28 21.07 -41.75
C15 6OU F . -0.65 20.26 -42.66
C16 6OU F . -0.59 20.72 -44.13
O17 6OU F . -1.57 20.76 -44.78
O18 6OU F . 0.64 21.09 -44.69
C19 6OU F . 0.63 21.14 -46.11
C20 6OU F . 1.46 19.98 -46.63
C21 6OU F . 2.65 20.51 -47.46
O22 6OU F . 2.66 19.74 -48.67
P23 6OU F . 3.83 18.55 -48.86
O24 6OU F . 5.10 18.96 -48.16
O25 6OU F . 3.32 17.25 -48.25
O26 6OU F . 4.11 18.31 -50.48
C27 6OU F . 2.98 18.02 -51.31
C28 6OU F . 3.09 18.89 -52.57
O30 6OU F . 0.68 19.16 -47.45
C31 6OU F . 0.07 18.03 -46.78
O32 6OU F . -0.58 18.19 -45.80
C33 6OU F . 0.28 16.58 -47.33
C34 6OU F . -0.67 15.57 -46.63
C35 6OU F . 0.07 14.69 -45.58
C36 6OU F . -0.66 14.61 -44.22
C37 6OU F . -1.77 15.71 -44.07
C38 6OU F . -2.76 15.44 -42.90
C39 6OU F . -2.31 14.24 -41.98
C40 6OU F . -1.61 14.82 -40.73
C41 6OU F . -2.15 14.63 -39.50
C42 6OU F . -3.47 13.84 -39.33
C43 6OU F . -3.59 13.34 -37.84
C44 6OU F . -3.35 11.82 -37.71
C45 6OU F . -3.68 11.28 -36.30
C46 6OU F . -4.61 10.03 -36.35
C47 6OU F . -4.98 9.52 -34.94
C48 6OU F . -6.14 8.53 -34.94
C49 6OU F . -7.00 8.61 -36.20
NA NA G . 15.83 3.66 -33.21
C10 A1LZ2 H . 28.26 1.77 -6.44
C13 A1LZ2 H . 29.91 4.78 -5.33
C15 A1LZ2 H . 30.55 5.59 -7.74
C20 A1LZ2 H . 27.46 3.94 -11.05
C21 A1LZ2 H . 28.60 3.18 -11.44
C22 A1LZ2 H . 29.84 3.35 -10.55
C26 A1LZ2 H . 32.41 0.42 -13.52
C28 A1LZ2 H . 33.38 0.06 -14.46
C01 A1LZ2 H . 27.21 -0.56 0.17
C02 A1LZ2 H . 27.57 0.27 1.39
C03 A1LZ2 H . 28.54 1.28 1.33
C05 A1LZ2 H . 28.70 2.21 -1.09
C06 A1LZ2 H . 29.66 2.45 -2.27
C08 A1LZ2 H . 28.12 2.91 -4.14
C09 A1LZ2 H . 28.57 1.68 -4.95
C11 A1LZ2 H . 28.76 0.54 -7.21
C12 A1LZ2 H . 30.31 3.72 -4.28
C14 A1LZ2 H . 31.05 5.15 -6.34
C16 A1LZ2 H . 30.62 4.45 -8.82
C18 A1LZ2 H . 28.77 5.30 -9.56
C19 A1LZ2 H . 27.81 5.30 -10.74
C23 A1LZ2 H . 31.00 3.06 -11.55
C25 A1LZ2 H . 31.81 1.67 -13.59
C27 A1LZ2 H . 32.01 -0.56 -12.42
C29 A1LZ2 H . 33.75 0.94 -15.46
C30 A1LZ2 H . 33.15 2.18 -15.54
C31 A1LZ2 H . 32.19 2.55 -14.61
C32 A1LZ2 H . 31.56 3.92 -14.72
C34 A1LZ2 H . 28.89 4.70 -2.70
C35 A1LZ2 H . 30.09 5.19 -1.87
C36 A1LZ2 H . 30.59 4.21 -0.87
C37 A1LZ2 H . 30.89 2.92 -1.53
C39 A1LZ2 H . 28.84 2.00 2.47
C40 A1LZ2 H . 29.90 3.10 2.42
C41 A1LZ2 H . 28.17 1.75 3.65
C42 A1LZ2 H . 27.20 0.76 3.71
C43 A1LZ2 H . 26.90 0.02 2.57
N04 A1LZ2 H . 29.28 1.57 0.11
N07 A1LZ2 H . 29.24 3.43 -3.33
N17 A1LZ2 H . 30.00 4.63 -9.86
N24 A1LZ2 H . 30.79 2.04 -12.61
O33 A1LZ2 H . 32.04 3.64 -11.48
O38 A1LZ2 H . 27.56 2.50 -1.10
C01 6OU I . 29.14 -2.09 -15.17
C02 6OU I . 29.55 -1.76 -16.60
C03 6OU I . 30.69 -2.65 -17.10
C04 6OU I . 30.57 -2.94 -18.61
C05 6OU I . 31.75 -3.74 -19.18
C06 6OU I . 31.32 -4.67 -20.33
C07 6OU I . 32.50 -5.09 -21.21
C08 6OU I . 32.30 -6.47 -21.86
C09 6OU I . 32.54 -6.43 -23.38
C10 6OU I . 33.62 -7.45 -23.84
C11 6OU I . 33.61 -7.67 -25.37
C12 6OU I . 34.61 -6.77 -26.09
C13 6OU I . 35.54 -7.59 -27.01
C14 6OU I . 35.47 -7.14 -28.48
C15 6OU I . 36.85 -6.79 -29.05
C16 6OU I . 37.22 -7.62 -30.28
O17 6OU I . 37.25 -7.12 -31.35
O18 6OU I . 37.54 -8.99 -30.16
C19 6OU I . 36.56 -9.86 -30.68
C20 6OU I . 37.25 -11.03 -31.35
C21 6OU I . 37.84 -10.56 -32.71
O22 6OU I . 36.87 -10.87 -33.72
P23 6OU I . 37.03 -10.18 -35.24
O24 6OU I . 37.71 -11.16 -36.16
O25 6OU I . 35.66 -9.84 -35.79
O26 6OU I . 37.95 -8.79 -35.13
C27 6OU I . 37.31 -7.58 -34.74
C28 6OU I . 38.40 -6.59 -34.33
O30 6OU I . 36.32 -12.04 -31.62
C31 6OU I . 36.35 -13.12 -30.65
O32 6OU I . 36.20 -12.88 -29.51
C33 6OU I . 36.59 -14.58 -31.13
C34 6OU I . 35.29 -15.43 -31.21
C35 6OU I . 34.72 -15.74 -29.80
C36 6OU I . 33.57 -14.76 -29.41
C37 6OU I . 33.55 -14.45 -27.88
C38 6OU I . 33.52 -12.92 -27.58
C39 6OU I . 32.46 -12.17 -28.45
C40 6OU I . 31.16 -12.04 -27.62
C41 6OU I . 30.60 -10.83 -27.38
C42 6OU I . 31.27 -9.53 -27.93
C43 6OU I . 30.55 -8.29 -27.34
C44 6OU I . 29.42 -7.76 -28.27
C45 6OU I . 28.24 -7.16 -27.46
C46 6OU I . 28.07 -7.87 -26.09
C47 6OU I . 27.08 -7.13 -25.18
C48 6OU I . 27.16 -7.63 -23.74
C49 6OU I . 26.34 -6.77 -22.79
C01 6OU J . 5.01 -10.25 -33.56
C02 6OU J . 5.18 -11.15 -34.76
C03 6OU J . 4.73 -10.45 -36.04
C04 6OU J . 5.92 -10.03 -36.90
C05 6OU J . 5.59 -10.08 -38.39
C06 6OU J . 6.84 -10.29 -39.26
C07 6OU J . 6.74 -11.62 -40.00
C08 6OU J . 5.65 -11.57 -41.09
C09 6OU J . 4.56 -12.63 -40.83
C10 6OU J . 3.21 -12.23 -41.48
C11 6OU J . 2.55 -13.45 -42.16
C12 6OU J . 1.80 -13.07 -43.43
C13 6OU J . 2.73 -13.17 -44.66
C14 6OU J . 2.76 -14.58 -45.25
C15 6OU J . 4.14 -15.24 -45.02
C16 6OU J . 4.29 -16.60 -45.71
O17 6OU J . 3.60 -17.51 -45.38
O18 6OU J . 5.24 -16.76 -46.74
C19 6OU J . 5.38 -15.63 -47.57
C20 6OU J . 6.82 -15.18 -47.52
C21 6OU J . 7.19 -14.49 -48.86
O22 6OU J . 8.36 -13.69 -48.65
P23 6OU J . 9.81 -14.23 -49.30
O24 6OU J . 10.00 -15.69 -48.99
O25 6OU J . 10.96 -13.43 -48.72
O26 6OU J . 9.77 -14.03 -50.96
C27 6OU J . 9.28 -15.11 -51.74
C28 6OU J . 8.06 -14.63 -52.53
O30 6OU J . 7.66 -16.29 -47.32
C31 6OU J . 8.58 -16.13 -46.22
O32 6OU J . 9.42 -15.30 -46.27
C33 6OU J . 8.46 -17.04 -44.96
C34 6OU J . 8.69 -16.22 -43.65
C35 6OU J . 7.43 -15.41 -43.28
C36 6OU J . 6.90 -15.71 -41.86
C37 6OU J . 7.66 -16.88 -41.18
C38 6OU J . 7.52 -16.86 -39.63
C39 6OU J . 6.82 -15.57 -39.07
C40 6OU J . 5.62 -16.00 -38.20
C41 6OU J . 5.78 -16.12 -36.85
C42 6OU J . 7.17 -15.85 -36.21
C43 6OU J . 7.02 -15.67 -34.66
C44 6OU J . 7.92 -16.66 -33.87
C45 6OU J . 8.31 -16.07 -32.47
C46 6OU J . 8.51 -17.17 -31.40
C47 6OU J . 8.60 -16.56 -29.99
C48 6OU J . 8.22 -17.56 -28.90
C49 6OU J . 8.14 -16.91 -27.53
C10 A1LZ2 K . 8.21 -21.02 -18.90
C13 A1LZ2 K . 11.87 -22.75 -17.49
C15 A1LZ2 K . 13.43 -21.98 -19.43
C20 A1LZ2 K . 12.00 -17.88 -21.60
C21 A1LZ2 K . 11.12 -18.86 -22.17
C22 A1LZ2 K . 11.69 -20.28 -22.14
C26 A1LZ2 K . 11.13 -20.93 -26.92
C28 A1LZ2 K . 11.51 -21.16 -28.24
C01 A1LZ2 K . 4.61 -24.13 -14.28
C02 A1LZ2 K . 5.08 -24.84 -13.02
C03 A1LZ2 K . 6.33 -25.47 -12.96
C05 A1LZ2 K . 7.94 -24.28 -14.59
C06 A1LZ2 K . 8.93 -24.46 -15.75
C08 A1LZ2 K . 8.91 -22.19 -16.74
C09 A1LZ2 K . 8.58 -22.34 -18.24
C11 A1LZ2 K . 7.71 -21.21 -20.34
C12 A1LZ2 K . 10.67 -23.71 -17.24
C14 A1LZ2 K . 12.69 -23.18 -18.75
C16 A1LZ2 K . 12.85 -21.64 -20.85
C18 A1LZ2 K . 12.38 -19.70 -19.96
C19 A1LZ2 K . 12.41 -18.20 -20.25
C23 A1LZ2 K . 12.16 -20.53 -23.60
C25 A1LZ2 K . 11.89 -20.10 -26.11
C27 A1LZ2 K . 9.86 -21.59 -26.37
C29 A1LZ2 K . 12.66 -20.57 -28.75
C30 A1LZ2 K . 13.41 -19.74 -27.94
C31 A1LZ2 K . 13.03 -19.51 -26.63
C32 A1LZ2 K . 13.88 -18.59 -25.75
C34 A1LZ2 K . 10.56 -22.69 -15.09
C35 A1LZ2 K . 11.27 -23.74 -14.23
C36 A1LZ2 K . 10.39 -24.89 -13.90
C37 A1LZ2 K . 9.82 -25.50 -15.11
C39 A1LZ2 K . 6.72 -26.12 -11.80
C40 A1LZ2 K . 8.08 -26.80 -11.74
C41 A1LZ2 K . 5.89 -26.13 -10.69
C42 A1LZ2 K . 4.65 -25.51 -10.75
C43 A1LZ2 K . 4.25 -24.86 -11.92
N04 A1LZ2 K . 7.28 -25.50 -14.09
N07 A1LZ2 K . 9.76 -23.27 -16.20
N17 A1LZ2 K . 12.72 -20.46 -21.13
N24 A1LZ2 K . 11.47 -19.87 -24.72
O33 A1LZ2 K . 13.07 -21.25 -23.84
O38 A1LZ2 K . 7.71 -23.25 -14.08
C10 A1LZ2 L . 7.79 25.35 -14.80
C13 A1LZ2 L . 4.76 27.03 -16.64
C15 A1LZ2 L . 4.61 26.36 -19.13
C20 A1LZ2 L . 7.17 22.11 -19.16
C21 A1LZ2 L . 8.12 23.06 -19.63
C22 A1LZ2 L . 7.76 24.51 -19.28
C26 A1LZ2 L . 10.85 25.52 -22.87
C28 A1LZ2 L . 11.79 26.22 -23.63
C01 A1LZ2 L . 4.00 25.41 -8.51
C02 A1LZ2 L . 3.48 26.84 -8.41
C03 A1LZ2 L . 2.98 27.51 -9.54
C05 A1LZ2 L . 3.44 27.19 -12.15
C06 A1LZ2 L . 3.14 26.19 -13.30
C08 A1LZ2 L . 5.50 25.97 -13.89
C09 A1LZ2 L . 6.38 24.87 -14.48
C11 A1LZ2 L . 8.86 24.27 -14.61
C12 A1LZ2 L . 3.98 27.19 -15.30
C14 A1LZ2 L . 3.87 26.99 -17.92
C16 A1LZ2 L . 6.03 25.82 -18.80
C18 A1LZ2 L . 5.44 23.81 -19.07
C19 A1LZ2 L . 5.84 22.43 -19.59
C23 A1LZ2 L . 8.73 25.35 -20.17
C25 A1LZ2 L . 10.95 25.47 -21.48
C27 A1LZ2 L . 9.73 24.81 -23.61
C29 A1LZ2 L . 12.82 26.88 -23.00
C30 A1LZ2 L . 12.93 26.84 -21.61
C31 A1LZ2 L . 11.99 26.14 -20.85
C32 A1LZ2 L . 12.12 26.10 -19.33
C34 A1LZ2 L . 3.87 24.84 -15.22
C35 A1LZ2 L . 2.48 24.26 -15.01
C36 A1LZ2 L . 2.30 23.84 -13.59
C37 A1LZ2 L . 2.88 24.84 -12.65
C39 A1LZ2 L . 2.51 28.81 -9.40
C40 A1LZ2 L . 1.93 29.59 -10.57
C41 A1LZ2 L . 2.56 29.43 -8.16
C42 A1LZ2 L . 3.06 28.76 -7.04
C43 A1LZ2 L . 3.53 27.46 -7.18
N04 A1LZ2 L . 2.91 26.80 -10.83
N07 A1LZ2 L . 4.13 26.06 -14.42
N17 A1LZ2 L . 6.35 24.84 -19.46
N24 A1LZ2 L . 9.98 24.74 -20.65
O33 A1LZ2 L . 8.49 26.47 -20.48
O38 A1LZ2 L . 4.01 28.20 -12.32
C01 6OU M . 21.75 18.34 -21.72
C02 6OU M . 22.03 16.94 -22.26
C03 6OU M . 22.21 16.97 -23.78
C04 6OU M . 23.62 16.56 -24.19
C05 6OU M . 23.88 16.87 -25.68
C06 6OU M . 25.28 17.45 -25.87
C07 6OU M . 25.52 17.98 -27.30
C08 6OU M . 26.39 19.23 -27.27
C09 6OU M . 27.55 19.08 -26.26
C10 6OU M . 28.76 19.95 -26.62
C11 6OU M . 29.31 20.72 -25.39
C12 6OU M . 30.77 20.35 -25.09
C13 6OU M . 31.70 21.54 -25.36
C14 6OU M . 31.94 21.73 -26.87
C15 6OU M . 31.35 23.05 -27.39
C16 6OU M . 31.94 23.41 -28.78
O17 6OU M . 33.05 23.13 -29.03
O18 6OU M . 31.14 24.08 -29.73
C19 6OU M . 31.89 24.72 -30.73
C20 6OU M . 31.64 24.00 -32.04
C21 6OU M . 32.95 23.99 -32.88
O22 6OU M . 33.72 22.84 -32.53
P23 6OU M . 34.48 22.03 -33.78
O24 6OU M . 34.88 23.01 -34.85
O25 6OU M . 33.53 21.01 -34.37
O26 6OU M . 35.84 21.26 -33.19
C27 6OU M . 36.96 22.04 -32.82
C28 6OU M . 37.63 21.39 -31.60
O30 6OU M . 30.64 24.67 -32.75
C31 6OU M . 29.82 23.82 -33.59
O32 6OU M . 30.30 23.19 -34.46
C33 6OU M . 28.29 23.71 -33.30
C34 6OU M . 27.99 23.71 -31.78
C35 6OU M . 27.80 25.15 -31.22
C36 6OU M . 26.94 25.18 -29.93
C37 6OU M . 26.39 23.77 -29.53
C38 6OU M . 26.62 23.49 -28.02
C39 6OU M . 25.40 23.93 -27.15
C40 6OU M . 24.35 22.80 -27.20
C41 6OU M . 23.84 22.28 -26.05
C42 6OU M . 24.30 22.81 -24.67
C43 6OU M . 23.03 23.08 -23.81
C44 6OU M . 21.87 22.10 -24.13
C45 6OU M . 20.69 22.24 -23.13
C46 6OU M . 19.31 22.23 -23.82
C47 6OU M . 18.21 22.80 -22.91
#